data_7MHS
#
_entry.id   7MHS
#
_cell.length_a   1.00
_cell.length_b   1.00
_cell.length_c   1.00
_cell.angle_alpha   90.00
_cell.angle_beta   90.00
_cell.angle_gamma   90.00
#
_symmetry.space_group_name_H-M   'P 1'
#
loop_
_entity.id
_entity.type
_entity.pdbx_description
1 polymer 'Transitional endoplasmic reticulum ATPase'
2 polymer 'Unknown substrate'
3 non-polymer "ADENOSINE-5'-DIPHOSPHATE"
4 non-polymer 'BERYLLIUM TRIFLUORIDE ION'
5 non-polymer 'MAGNESIUM ION'
#
loop_
_entity_poly.entity_id
_entity_poly.type
_entity_poly.pdbx_seq_one_letter_code
_entity_poly.pdbx_strand_id
1 'polypeptide(L)'
;MASGADSKGDDLSTAILKQKNRPNRLIVDEAINEDNSVVSLSQPKMDELQLFRGDTVLLKGKKRREAVCIVLSDDTCSDE
KIRMNRVVRNNLRVRLGDVISIQPCPDVKYGKRIHVLPIDDTVEGITGNLFEVYLKPYFLEAYRPIRKGDIFLVRGGMRA
VEFKVVETDPSPYCIVAPDTVIHCEGEPIKREDEEESLNEVGYDDIGGCRKQLAQIKEMVELPLRHPALFKAIGVKPPRG
ILLYGPPGTGKTLIARAVANETGAFFFLINGPEIMSKLAGESESNLRKAFEEAEKNAPAIIFIDELDAIAPKREKTHGEV
ERRIVSQLLTLMDGLKQRAHVIVMAATNRPNSIDPALRRFGRFDREVDIGIPDATGRLEILQIHTKNMKLADDVDLEQVA
NETHGHVGADLAALCSEAALQAIRKKMDLIDLEDETIDAEVMNSLAVTMDDFRWALSQSNPSALRETVVEVPQVTWEDIG
GLEDVKRELQELVQYPVEHPDKFLKFGMTPSKGVLFYGPPGCGKTLLAKAIANECQANFISIKGPELLTMWFGESEANVR
EIFDKARQAAPCVLFFDELDSIAKARGGNIGDGGGAADRVINQILTEMDGMSTKKNVFIIGATNRPDIIDPAILRPGRLD
QLIYIPLPDEKSRVAILKANLRKSPVAKDVDLEFLAKMTNGFSGADLTEICQRACKLAIRESIESEIRRERERQTNPSAM
EVEEDDPVPEIRRDHFEEAMRFARRSVSDNDIRKYEMFAQTLQQSRGFGSFRFPSGNQGGAGPSQGSGGGTGGSVYTEDN
DDDLYG
;
A,B,C,D,E
2 'polypeptide(L)'
;(UNK)(UNK)(UNK)(UNK)(UNK)(UNK)(UNK)(UNK)(UNK)(UNK)(UNK)(UNK)(UNK)(UNK)(UNK)(UNK)
(UNK)(UNK)(UNK)(UNK)(UNK)(UNK)
;
G
#
loop_
_chem_comp.id
_chem_comp.type
_chem_comp.name
_chem_comp.formula
ADP non-polymer ADENOSINE-5'-DIPHOSPHATE 'C10 H15 N5 O10 P2'
BEF non-polymer 'BERYLLIUM TRIFLUORIDE ION' 'Be F3 -1'
MG non-polymer 'MAGNESIUM ION' 'Mg 2'
#
# COMPACT_ATOMS: atom_id res chain seq x y z
N GLU A 200 -37.28 -40.42 -32.57
CA GLU A 200 -37.31 -39.91 -31.21
C GLU A 200 -36.38 -40.71 -30.30
N VAL A 201 -35.94 -40.08 -29.21
CA VAL A 201 -35.03 -40.74 -28.28
C VAL A 201 -35.75 -41.91 -27.61
N GLY A 202 -35.01 -43.00 -27.39
CA GLY A 202 -35.50 -44.17 -26.70
C GLY A 202 -34.53 -44.61 -25.63
N TYR A 203 -34.54 -45.92 -25.38
CA TYR A 203 -33.63 -46.53 -24.41
C TYR A 203 -32.45 -47.25 -25.07
N ASP A 204 -32.49 -47.45 -26.39
CA ASP A 204 -31.43 -48.13 -27.10
C ASP A 204 -30.33 -47.20 -27.59
N ASP A 205 -30.47 -45.89 -27.39
CA ASP A 205 -29.52 -44.89 -27.87
C ASP A 205 -28.78 -44.24 -26.70
N ILE A 206 -28.44 -45.02 -25.68
CA ILE A 206 -27.73 -44.52 -24.51
C ILE A 206 -26.67 -45.54 -24.12
N GLY A 207 -25.51 -45.05 -23.70
CA GLY A 207 -24.43 -45.93 -23.29
C GLY A 207 -23.57 -45.29 -22.22
N GLY A 208 -22.82 -46.13 -21.51
CA GLY A 208 -21.91 -45.67 -20.49
C GLY A 208 -22.49 -45.59 -19.10
N CYS A 209 -23.79 -45.80 -18.95
CA CYS A 209 -24.45 -45.75 -17.64
C CYS A 209 -25.41 -46.92 -17.51
N ARG A 210 -24.92 -48.13 -17.84
CA ARG A 210 -25.79 -49.29 -17.84
C ARG A 210 -26.42 -49.51 -16.47
N LYS A 211 -25.60 -49.54 -15.41
CA LYS A 211 -26.13 -49.81 -14.07
C LYS A 211 -27.04 -48.68 -13.60
N GLN A 212 -26.59 -47.44 -13.77
CA GLN A 212 -27.39 -46.30 -13.32
C GLN A 212 -28.71 -46.23 -14.08
N LEU A 213 -28.66 -46.39 -15.40
CA LEU A 213 -29.88 -46.36 -16.19
C LEU A 213 -30.81 -47.50 -15.79
N ALA A 214 -30.26 -48.69 -15.59
CA ALA A 214 -31.09 -49.83 -15.21
C ALA A 214 -31.79 -49.57 -13.89
N GLN A 215 -31.05 -49.16 -12.87
CA GLN A 215 -31.65 -48.99 -11.55
C GLN A 215 -32.66 -47.84 -11.55
N ILE A 216 -32.33 -46.73 -12.21
CA ILE A 216 -33.25 -45.59 -12.23
C ILE A 216 -34.54 -45.97 -12.95
N LYS A 217 -34.43 -46.64 -14.11
CA LYS A 217 -35.63 -47.06 -14.82
C LYS A 217 -36.45 -48.02 -13.97
N GLU A 218 -35.79 -48.96 -13.29
CA GLU A 218 -36.51 -49.91 -12.46
C GLU A 218 -37.31 -49.20 -11.38
N MET A 219 -36.67 -48.26 -10.68
CA MET A 219 -37.35 -47.65 -9.55
C MET A 219 -38.32 -46.56 -9.95
N VAL A 220 -38.27 -46.06 -11.19
CA VAL A 220 -39.31 -45.14 -11.65
C VAL A 220 -40.46 -45.88 -12.31
N GLU A 221 -40.23 -47.10 -12.81
CA GLU A 221 -41.28 -47.85 -13.48
C GLU A 221 -42.08 -48.72 -12.51
N LEU A 222 -41.40 -49.38 -11.57
CA LEU A 222 -42.13 -50.25 -10.64
C LEU A 222 -43.19 -49.50 -9.84
N PRO A 223 -42.92 -48.30 -9.30
CA PRO A 223 -43.98 -47.62 -8.53
C PRO A 223 -45.26 -47.39 -9.34
N LEU A 224 -45.12 -47.06 -10.62
CA LEU A 224 -46.29 -46.77 -11.46
C LEU A 224 -46.80 -47.98 -12.23
N ARG A 225 -46.13 -49.13 -12.10
CA ARG A 225 -46.57 -50.37 -12.75
C ARG A 225 -47.16 -51.36 -11.76
N HIS A 226 -46.42 -51.71 -10.71
CA HIS A 226 -46.87 -52.68 -9.72
C HIS A 226 -46.34 -52.26 -8.36
N PRO A 227 -47.04 -51.35 -7.68
CA PRO A 227 -46.58 -50.88 -6.36
C PRO A 227 -46.92 -51.85 -5.24
N ALA A 228 -47.31 -53.08 -5.60
CA ALA A 228 -47.62 -54.09 -4.59
C ALA A 228 -46.38 -54.41 -3.76
N LEU A 229 -45.22 -54.49 -4.41
CA LEU A 229 -43.99 -54.78 -3.66
C LEU A 229 -43.66 -53.65 -2.69
N PHE A 230 -43.84 -52.40 -3.12
CA PHE A 230 -43.63 -51.28 -2.20
C PHE A 230 -44.61 -51.33 -1.03
N LYS A 231 -45.87 -51.64 -1.31
CA LYS A 231 -46.85 -51.76 -0.23
C LYS A 231 -46.46 -52.85 0.75
N ALA A 232 -45.99 -53.99 0.23
CA ALA A 232 -45.61 -55.10 1.09
C ALA A 232 -44.39 -54.74 1.95
N ILE A 233 -43.36 -54.17 1.34
CA ILE A 233 -42.15 -53.84 2.09
C ILE A 233 -42.44 -52.76 3.12
N GLY A 234 -43.31 -51.81 2.78
CA GLY A 234 -43.69 -50.78 3.72
C GLY A 234 -43.00 -49.45 3.48
N VAL A 235 -41.74 -49.51 3.06
CA VAL A 235 -40.99 -48.29 2.79
C VAL A 235 -41.49 -47.69 1.48
N LYS A 236 -41.97 -46.46 1.55
CA LYS A 236 -42.46 -45.79 0.35
C LYS A 236 -41.28 -45.47 -0.58
N PRO A 237 -41.53 -45.40 -1.88
CA PRO A 237 -40.44 -45.13 -2.83
C PRO A 237 -39.83 -43.76 -2.56
N PRO A 238 -38.52 -43.62 -2.68
CA PRO A 238 -37.91 -42.29 -2.53
C PRO A 238 -38.37 -41.36 -3.64
N ARG A 239 -39.08 -40.30 -3.24
CA ARG A 239 -39.64 -39.34 -4.18
C ARG A 239 -38.68 -38.16 -4.36
N GLY A 240 -37.46 -38.48 -4.80
CA GLY A 240 -36.47 -37.46 -5.09
C GLY A 240 -35.27 -38.02 -5.80
N ILE A 241 -34.86 -37.39 -6.91
CA ILE A 241 -33.73 -37.84 -7.70
C ILE A 241 -32.95 -36.61 -8.15
N LEU A 242 -31.62 -36.68 -8.02
CA LEU A 242 -30.73 -35.64 -8.51
C LEU A 242 -29.82 -36.21 -9.59
N LEU A 243 -29.80 -35.53 -10.74
CA LEU A 243 -28.93 -35.89 -11.86
C LEU A 243 -27.83 -34.83 -11.93
N TYR A 244 -26.75 -35.06 -11.20
CA TYR A 244 -25.63 -34.13 -11.12
C TYR A 244 -24.40 -34.72 -11.79
N GLY A 245 -23.73 -33.90 -12.59
CA GLY A 245 -22.55 -34.33 -13.30
C GLY A 245 -21.93 -33.20 -14.08
N PRO A 246 -20.81 -33.47 -14.75
CA PRO A 246 -20.15 -32.44 -15.54
C PRO A 246 -21.03 -32.02 -16.71
N PRO A 247 -20.84 -30.82 -17.25
CA PRO A 247 -21.70 -30.36 -18.34
C PRO A 247 -21.61 -31.28 -19.55
N GLY A 248 -22.74 -31.45 -20.23
CA GLY A 248 -22.78 -32.25 -21.43
C GLY A 248 -22.47 -33.72 -21.21
N THR A 249 -23.08 -34.32 -20.18
CA THR A 249 -22.90 -35.73 -19.89
C THR A 249 -24.03 -36.61 -20.37
N GLY A 250 -25.24 -36.07 -20.48
CA GLY A 250 -26.38 -36.85 -20.95
C GLY A 250 -27.54 -36.85 -19.97
N LYS A 251 -27.49 -35.97 -18.97
CA LYS A 251 -28.59 -35.88 -18.01
C LYS A 251 -29.90 -35.51 -18.69
N THR A 252 -29.87 -34.47 -19.54
CA THR A 252 -31.08 -34.08 -20.25
C THR A 252 -31.52 -35.17 -21.22
N LEU A 253 -30.57 -35.87 -21.82
CA LEU A 253 -30.93 -36.97 -22.71
C LEU A 253 -31.65 -38.07 -21.95
N ILE A 254 -31.18 -38.41 -20.74
CA ILE A 254 -31.85 -39.39 -19.91
C ILE A 254 -33.25 -38.91 -19.56
N ALA A 255 -33.39 -37.63 -19.21
CA ALA A 255 -34.70 -37.10 -18.88
C ALA A 255 -35.65 -37.22 -20.06
N ARG A 256 -35.20 -36.85 -21.26
CA ARG A 256 -36.04 -36.97 -22.44
C ARG A 256 -36.41 -38.42 -22.69
N ALA A 257 -35.46 -39.34 -22.56
CA ALA A 257 -35.72 -40.74 -22.84
C ALA A 257 -36.76 -41.30 -21.87
N VAL A 258 -36.62 -41.00 -20.59
CA VAL A 258 -37.58 -41.50 -19.61
C VAL A 258 -38.95 -40.86 -19.83
N ALA A 259 -38.97 -39.58 -20.20
CA ALA A 259 -40.25 -38.92 -20.46
C ALA A 259 -40.97 -39.55 -21.66
N ASN A 260 -40.23 -39.83 -22.73
CA ASN A 260 -40.86 -40.35 -23.94
C ASN A 260 -41.25 -41.82 -23.78
N GLU A 261 -40.42 -42.61 -23.08
CA GLU A 261 -40.69 -44.04 -22.98
C GLU A 261 -41.84 -44.32 -22.02
N THR A 262 -41.70 -43.90 -20.76
CA THR A 262 -42.73 -44.20 -19.77
C THR A 262 -44.06 -43.56 -20.16
N GLY A 263 -45.13 -44.32 -20.04
CA GLY A 263 -46.45 -43.86 -20.44
C GLY A 263 -47.08 -42.87 -19.47
N ALA A 264 -46.51 -42.70 -18.29
CA ALA A 264 -47.05 -41.74 -17.34
C ALA A 264 -46.90 -40.32 -17.87
N PHE A 265 -47.84 -39.46 -17.49
CA PHE A 265 -47.81 -38.08 -17.94
C PHE A 265 -46.52 -37.40 -17.48
N PHE A 266 -45.99 -36.51 -18.32
CA PHE A 266 -44.73 -35.84 -18.05
C PHE A 266 -44.95 -34.33 -18.14
N PHE A 267 -44.37 -33.60 -17.19
CA PHE A 267 -44.44 -32.14 -17.15
C PHE A 267 -43.04 -31.58 -17.00
N LEU A 268 -42.76 -30.51 -17.74
CA LEU A 268 -41.45 -29.88 -17.75
C LEU A 268 -41.51 -28.55 -17.01
N ILE A 269 -40.45 -28.25 -16.26
CA ILE A 269 -40.31 -26.99 -15.55
C ILE A 269 -38.85 -26.56 -15.63
N ASN A 270 -38.64 -25.26 -15.81
CA ASN A 270 -37.30 -24.68 -15.85
C ASN A 270 -37.19 -23.62 -14.77
N GLY A 271 -35.99 -23.53 -14.17
CA GLY A 271 -35.77 -22.62 -13.07
C GLY A 271 -36.19 -21.20 -13.38
N PRO A 272 -35.49 -20.56 -14.33
CA PRO A 272 -35.84 -19.19 -14.73
C PRO A 272 -37.01 -19.11 -15.70
N GLU A 273 -38.11 -19.76 -15.35
CA GLU A 273 -39.30 -19.77 -16.20
C GLU A 273 -40.54 -19.38 -15.41
N ILE A 274 -40.55 -19.67 -14.10
CA ILE A 274 -41.74 -19.44 -13.29
C ILE A 274 -41.90 -18.00 -12.84
N MET A 275 -40.88 -17.16 -13.02
CA MET A 275 -40.99 -15.77 -12.62
C MET A 275 -42.01 -15.04 -13.49
N SER A 276 -42.62 -14.01 -12.92
CA SER A 276 -43.56 -13.17 -13.64
C SER A 276 -43.50 -11.75 -13.08
N LYS A 277 -43.93 -10.79 -13.89
CA LYS A 277 -43.86 -9.39 -13.48
C LYS A 277 -44.76 -9.12 -12.28
N LEU A 278 -45.96 -9.70 -12.27
CA LEU A 278 -46.88 -9.47 -11.16
C LEU A 278 -46.37 -10.16 -9.91
N ALA A 279 -46.46 -9.44 -8.79
CA ALA A 279 -45.95 -9.97 -7.52
C ALA A 279 -46.74 -11.21 -7.11
N GLY A 280 -46.01 -12.28 -6.80
CA GLY A 280 -46.62 -13.50 -6.31
C GLY A 280 -47.21 -14.40 -7.37
N GLU A 281 -47.12 -14.04 -8.65
CA GLU A 281 -47.67 -14.90 -9.69
C GLU A 281 -46.81 -16.13 -9.90
N SER A 282 -45.51 -16.06 -9.60
CA SER A 282 -44.68 -17.25 -9.65
C SER A 282 -45.15 -18.28 -8.63
N GLU A 283 -45.53 -17.83 -7.43
CA GLU A 283 -46.04 -18.73 -6.43
C GLU A 283 -47.27 -19.48 -6.95
N SER A 284 -48.24 -18.74 -7.49
CA SER A 284 -49.45 -19.36 -8.00
C SER A 284 -49.15 -20.28 -9.17
N ASN A 285 -48.23 -19.87 -10.06
CA ASN A 285 -47.89 -20.70 -11.20
C ASN A 285 -47.33 -22.05 -10.74
N LEU A 286 -46.36 -22.02 -9.82
CA LEU A 286 -45.77 -23.25 -9.32
C LEU A 286 -46.82 -24.11 -8.62
N ARG A 287 -47.64 -23.49 -7.77
CA ARG A 287 -48.64 -24.24 -7.02
C ARG A 287 -49.64 -24.92 -7.97
N LYS A 288 -50.13 -24.18 -8.97
CA LYS A 288 -51.09 -24.75 -9.90
C LYS A 288 -50.46 -25.84 -10.76
N ALA A 289 -49.20 -25.64 -11.17
CA ALA A 289 -48.53 -26.68 -11.95
C ALA A 289 -48.42 -27.97 -11.15
N PHE A 290 -47.97 -27.86 -9.89
CA PHE A 290 -47.87 -29.05 -9.07
C PHE A 290 -49.23 -29.70 -8.86
N GLU A 291 -50.25 -28.88 -8.61
CA GLU A 291 -51.59 -29.43 -8.33
C GLU A 291 -52.12 -30.17 -9.55
N GLU A 292 -52.01 -29.56 -10.74
CA GLU A 292 -52.52 -30.21 -11.94
C GLU A 292 -51.74 -31.47 -12.25
N ALA A 293 -50.40 -31.44 -12.09
CA ALA A 293 -49.62 -32.63 -12.35
C ALA A 293 -50.01 -33.76 -11.41
N GLU A 294 -50.21 -33.44 -10.12
CA GLU A 294 -50.60 -34.47 -9.17
C GLU A 294 -51.99 -35.02 -9.47
N LYS A 295 -52.93 -34.15 -9.85
CA LYS A 295 -54.31 -34.59 -10.04
C LYS A 295 -54.50 -35.37 -11.33
N ASN A 296 -53.81 -34.99 -12.40
CA ASN A 296 -54.04 -35.63 -13.69
C ASN A 296 -53.72 -37.12 -13.64
N ALA A 297 -52.55 -37.47 -13.12
CA ALA A 297 -52.09 -38.86 -13.14
C ALA A 297 -50.80 -38.98 -12.35
N PRO A 298 -50.32 -40.19 -12.07
CA PRO A 298 -49.01 -40.32 -11.41
C PRO A 298 -47.88 -39.88 -12.32
N ALA A 299 -47.78 -38.57 -12.53
CA ALA A 299 -46.84 -38.00 -13.48
C ALA A 299 -45.45 -37.88 -12.86
N ILE A 300 -44.49 -37.48 -13.69
CA ILE A 300 -43.11 -37.24 -13.27
C ILE A 300 -42.77 -35.79 -13.56
N ILE A 301 -42.29 -35.08 -12.55
CA ILE A 301 -41.92 -33.67 -12.68
C ILE A 301 -40.43 -33.58 -12.90
N PHE A 302 -40.03 -32.88 -13.96
CA PHE A 302 -38.64 -32.63 -14.28
C PHE A 302 -38.35 -31.15 -14.13
N ILE A 303 -37.34 -30.83 -13.31
CA ILE A 303 -36.87 -29.47 -13.13
C ILE A 303 -35.38 -29.45 -13.50
N ASP A 304 -35.03 -28.58 -14.45
CA ASP A 304 -33.65 -28.44 -14.90
C ASP A 304 -33.11 -27.07 -14.51
N GLU A 305 -31.82 -27.03 -14.20
CA GLU A 305 -31.17 -25.81 -13.75
C GLU A 305 -31.87 -25.24 -12.52
N LEU A 306 -32.17 -26.12 -11.56
CA LEU A 306 -32.80 -25.69 -10.31
C LEU A 306 -31.86 -24.84 -9.47
N ASP A 307 -30.57 -24.78 -9.83
CA ASP A 307 -29.65 -23.87 -9.14
C ASP A 307 -30.14 -22.44 -9.25
N ALA A 308 -30.90 -22.11 -10.30
CA ALA A 308 -31.45 -20.78 -10.44
C ALA A 308 -32.53 -20.48 -9.41
N ILE A 309 -33.13 -21.51 -8.81
CA ILE A 309 -34.17 -21.32 -7.81
C ILE A 309 -33.72 -21.69 -6.40
N ALA A 310 -32.58 -22.37 -6.25
CA ALA A 310 -32.06 -22.76 -4.94
C ALA A 310 -30.60 -22.32 -4.83
N PRO A 311 -30.35 -21.01 -4.68
CA PRO A 311 -28.98 -20.50 -4.56
C PRO A 311 -28.44 -20.52 -3.12
N LYS A 312 -28.64 -21.66 -2.44
CA LYS A 312 -28.10 -21.89 -1.10
C LYS A 312 -28.77 -21.02 -0.04
N ARG A 313 -29.64 -20.10 -0.45
CA ARG A 313 -30.37 -19.25 0.49
C ARG A 313 -29.43 -18.39 1.34
N GLU A 314 -28.13 -18.46 1.09
CA GLU A 314 -27.14 -17.77 1.92
C GLU A 314 -26.29 -16.79 1.14
N LYS A 315 -25.73 -17.20 0.00
CA LYS A 315 -24.77 -16.35 -0.71
C LYS A 315 -25.42 -15.05 -1.14
N THR A 316 -26.64 -15.10 -1.66
CA THR A 316 -27.37 -13.93 -2.10
C THR A 316 -28.37 -13.48 -1.04
N HIS A 317 -28.93 -12.29 -1.24
CA HIS A 317 -29.79 -11.62 -0.26
C HIS A 317 -31.08 -11.15 -0.91
N GLY A 318 -31.72 -12.02 -1.68
CA GLY A 318 -33.01 -11.71 -2.26
C GLY A 318 -34.14 -11.97 -1.29
N GLU A 319 -35.36 -11.80 -1.79
CA GLU A 319 -36.57 -12.15 -1.04
C GLU A 319 -37.51 -13.04 -1.85
N VAL A 320 -37.66 -12.77 -3.14
CA VAL A 320 -38.52 -13.61 -3.98
C VAL A 320 -37.97 -15.03 -4.03
N GLU A 321 -36.64 -15.16 -4.09
CA GLU A 321 -36.03 -16.49 -4.12
C GLU A 321 -36.33 -17.25 -2.83
N ARG A 322 -36.24 -16.59 -1.68
CA ARG A 322 -36.59 -17.25 -0.43
C ARG A 322 -38.06 -17.66 -0.43
N ARG A 323 -38.94 -16.79 -0.95
CA ARG A 323 -40.35 -17.15 -0.99
C ARG A 323 -40.58 -18.37 -1.89
N ILE A 324 -39.94 -18.42 -3.04
CA ILE A 324 -40.07 -19.58 -3.92
C ILE A 324 -39.59 -20.84 -3.21
N VAL A 325 -38.42 -20.76 -2.57
CA VAL A 325 -37.87 -21.93 -1.89
C VAL A 325 -38.81 -22.40 -0.79
N SER A 326 -39.34 -21.47 -0.01
CA SER A 326 -40.23 -21.83 1.09
C SER A 326 -41.50 -22.49 0.57
N GLN A 327 -42.12 -21.90 -0.45
CA GLN A 327 -43.35 -22.50 -0.97
C GLN A 327 -43.08 -23.88 -1.56
N LEU A 328 -41.97 -24.03 -2.28
CA LEU A 328 -41.64 -25.33 -2.86
C LEU A 328 -41.45 -26.37 -1.77
N LEU A 329 -40.71 -26.02 -0.72
CA LEU A 329 -40.48 -26.97 0.38
C LEU A 329 -41.80 -27.34 1.05
N THR A 330 -42.66 -26.37 1.32
CA THR A 330 -43.94 -26.66 1.97
C THR A 330 -44.80 -27.55 1.08
N LEU A 331 -44.86 -27.25 -0.22
CA LEU A 331 -45.68 -28.04 -1.13
C LEU A 331 -45.16 -29.47 -1.22
N MET A 332 -43.84 -29.65 -1.28
CA MET A 332 -43.28 -30.99 -1.42
C MET A 332 -43.44 -31.78 -0.13
N ASP A 333 -42.84 -31.31 0.95
CA ASP A 333 -42.93 -32.00 2.23
C ASP A 333 -43.23 -31.01 3.36
N ALA A 339 -49.62 -37.26 -4.43
CA ALA A 339 -49.49 -38.68 -4.16
C ALA A 339 -49.18 -39.45 -5.45
N HIS A 340 -48.38 -40.50 -5.33
CA HIS A 340 -48.00 -41.33 -6.47
C HIS A 340 -47.33 -40.50 -7.57
N VAL A 341 -46.50 -39.55 -7.15
CA VAL A 341 -45.76 -38.68 -8.07
C VAL A 341 -44.29 -38.75 -7.71
N ILE A 342 -43.45 -38.94 -8.72
CA ILE A 342 -42.00 -39.00 -8.56
C ILE A 342 -41.39 -37.79 -9.23
N VAL A 343 -40.56 -37.05 -8.49
CA VAL A 343 -39.93 -35.83 -8.97
C VAL A 343 -38.45 -36.10 -9.15
N MET A 344 -37.90 -35.71 -10.31
CA MET A 344 -36.49 -35.84 -10.58
C MET A 344 -35.97 -34.56 -11.22
N ALA A 345 -34.71 -34.23 -10.94
CA ALA A 345 -34.14 -32.97 -11.37
C ALA A 345 -32.65 -33.19 -11.65
N ALA A 346 -32.06 -32.22 -12.35
CA ALA A 346 -30.65 -32.28 -12.73
C ALA A 346 -30.01 -30.93 -12.49
N THR A 347 -28.70 -30.94 -12.23
CA THR A 347 -27.96 -29.73 -11.94
C THR A 347 -26.54 -29.88 -12.44
N ASN A 348 -26.00 -28.80 -13.01
CA ASN A 348 -24.60 -28.79 -13.42
C ASN A 348 -23.68 -28.96 -12.22
N ARG A 349 -23.99 -28.28 -11.12
CA ARG A 349 -23.19 -28.31 -9.92
C ARG A 349 -24.04 -28.77 -8.74
N PRO A 350 -23.66 -29.81 -8.00
CA PRO A 350 -24.45 -30.22 -6.84
C PRO A 350 -24.06 -29.44 -5.58
N ASN A 351 -22.85 -28.91 -5.55
CA ASN A 351 -22.38 -28.20 -4.37
C ASN A 351 -23.23 -26.96 -4.09
N SER A 352 -23.59 -26.22 -5.14
CA SER A 352 -24.34 -24.97 -4.98
C SER A 352 -25.84 -25.23 -5.01
N ILE A 353 -26.29 -26.07 -4.07
CA ILE A 353 -27.69 -26.37 -3.89
C ILE A 353 -28.01 -26.30 -2.40
N ASP A 354 -29.28 -26.04 -2.11
CA ASP A 354 -29.70 -25.84 -0.72
C ASP A 354 -29.51 -27.12 0.09
N PRO A 355 -28.80 -27.07 1.22
CA PRO A 355 -28.76 -28.25 2.09
C PRO A 355 -30.15 -28.67 2.56
N ALA A 356 -31.07 -27.73 2.74
CA ALA A 356 -32.43 -28.09 3.11
C ALA A 356 -33.07 -28.99 2.06
N LEU A 357 -32.90 -28.63 0.79
CA LEU A 357 -33.41 -29.49 -0.29
C LEU A 357 -32.66 -30.82 -0.31
N ARG A 358 -31.35 -30.78 -0.12
CA ARG A 358 -30.55 -32.01 -0.12
C ARG A 358 -30.85 -32.91 1.07
N ARG A 359 -31.56 -32.41 2.08
CA ARG A 359 -31.81 -33.21 3.27
C ARG A 359 -32.60 -34.47 2.91
N PHE A 360 -32.28 -35.57 3.61
CA PHE A 360 -32.97 -36.82 3.38
C PHE A 360 -34.45 -36.68 3.70
N GLY A 361 -35.29 -37.31 2.89
CA GLY A 361 -36.72 -37.22 3.03
C GLY A 361 -37.37 -36.52 1.86
N ARG A 362 -36.71 -35.47 1.36
CA ARG A 362 -37.17 -34.74 0.17
C ARG A 362 -36.40 -35.19 -1.07
N PHE A 363 -35.07 -35.12 -1.01
CA PHE A 363 -34.19 -35.55 -2.11
C PHE A 363 -33.09 -36.39 -1.49
N ASP A 364 -33.33 -37.69 -1.38
CA ASP A 364 -32.40 -38.60 -0.73
C ASP A 364 -31.51 -39.36 -1.71
N ARG A 365 -32.07 -39.87 -2.81
CA ARG A 365 -31.30 -40.64 -3.76
C ARG A 365 -30.54 -39.72 -4.70
N GLU A 366 -29.22 -39.78 -4.64
CA GLU A 366 -28.34 -38.99 -5.51
C GLU A 366 -27.60 -39.94 -6.43
N VAL A 367 -27.67 -39.68 -7.73
CA VAL A 367 -27.01 -40.49 -8.75
C VAL A 367 -26.01 -39.61 -9.48
N ASP A 368 -24.77 -40.08 -9.57
CA ASP A 368 -23.70 -39.34 -10.22
C ASP A 368 -23.54 -39.83 -11.65
N ILE A 369 -23.77 -38.95 -12.61
CA ILE A 369 -23.56 -39.26 -14.03
C ILE A 369 -22.12 -38.84 -14.33
N GLY A 370 -21.18 -39.74 -14.05
CA GLY A 370 -19.78 -39.46 -14.26
C GLY A 370 -19.35 -39.65 -15.69
N ILE A 371 -18.07 -39.39 -15.94
CA ILE A 371 -17.49 -39.53 -17.27
C ILE A 371 -17.54 -41.01 -17.66
N PRO A 372 -17.71 -41.34 -18.95
CA PRO A 372 -17.73 -42.75 -19.33
C PRO A 372 -16.37 -43.42 -19.23
N ASP A 373 -16.31 -44.68 -19.64
CA ASP A 373 -15.07 -45.46 -19.68
C ASP A 373 -14.78 -45.82 -21.14
N ALA A 374 -13.79 -46.69 -21.35
CA ALA A 374 -13.46 -47.10 -22.70
C ALA A 374 -14.66 -47.74 -23.39
N THR A 375 -15.30 -48.71 -22.73
CA THR A 375 -16.47 -49.36 -23.31
C THR A 375 -17.62 -48.38 -23.48
N GLY A 376 -17.81 -47.49 -22.51
CA GLY A 376 -18.87 -46.50 -22.64
C GLY A 376 -18.69 -45.61 -23.85
N ARG A 377 -17.46 -45.14 -24.06
CA ARG A 377 -17.17 -44.32 -25.24
C ARG A 377 -17.35 -45.12 -26.52
N LEU A 378 -16.94 -46.39 -26.51
CA LEU A 378 -17.12 -47.23 -27.69
C LEU A 378 -18.59 -47.35 -28.05
N GLU A 379 -19.43 -47.64 -27.06
CA GLU A 379 -20.86 -47.80 -27.34
C GLU A 379 -21.50 -46.48 -27.71
N ILE A 380 -21.06 -45.37 -27.11
CA ILE A 380 -21.59 -44.06 -27.51
C ILE A 380 -21.26 -43.78 -28.96
N LEU A 381 -20.02 -44.04 -29.37
CA LEU A 381 -19.62 -43.83 -30.76
C LEU A 381 -20.43 -44.71 -31.70
N GLN A 382 -20.62 -45.98 -31.33
CA GLN A 382 -21.43 -46.88 -32.15
C GLN A 382 -22.86 -46.36 -32.29
N ILE A 383 -23.44 -45.90 -31.18
CA ILE A 383 -24.80 -45.39 -31.22
C ILE A 383 -24.90 -44.15 -32.10
N HIS A 384 -23.89 -43.28 -32.02
CA HIS A 384 -23.92 -42.08 -32.85
C HIS A 384 -23.75 -42.39 -34.32
N THR A 385 -22.89 -43.37 -34.63
CA THR A 385 -22.59 -43.70 -36.03
C THR A 385 -23.58 -44.66 -36.66
N LYS A 386 -24.47 -45.28 -35.87
CA LYS A 386 -25.43 -46.22 -36.46
C LYS A 386 -26.32 -45.55 -37.48
N ASN A 387 -26.61 -44.26 -37.31
CA ASN A 387 -27.55 -43.58 -38.20
C ASN A 387 -27.03 -43.53 -39.62
N MET A 388 -25.73 -43.29 -39.81
CA MET A 388 -25.15 -43.01 -41.11
C MET A 388 -24.13 -44.07 -41.48
N LYS A 389 -24.08 -44.42 -42.76
CA LYS A 389 -23.01 -45.26 -43.27
C LYS A 389 -21.71 -44.47 -43.32
N LEU A 390 -20.62 -45.08 -42.86
CA LEU A 390 -19.34 -44.40 -42.71
C LEU A 390 -18.28 -44.96 -43.65
N ALA A 391 -18.01 -46.26 -43.59
CA ALA A 391 -17.03 -46.88 -44.47
C ALA A 391 -17.00 -48.37 -44.18
N ASP A 392 -16.24 -49.10 -45.00
CA ASP A 392 -16.08 -50.54 -44.86
C ASP A 392 -14.76 -50.92 -44.17
N ASP A 393 -13.97 -49.94 -43.77
CA ASP A 393 -12.65 -50.17 -43.17
C ASP A 393 -12.51 -49.36 -41.88
N VAL A 394 -13.53 -49.38 -41.03
CA VAL A 394 -13.56 -48.55 -39.83
C VAL A 394 -13.59 -49.44 -38.59
N ASP A 395 -12.67 -49.17 -37.67
CA ASP A 395 -12.59 -49.83 -36.38
C ASP A 395 -12.70 -48.77 -35.29
N LEU A 396 -13.72 -48.90 -34.45
CA LEU A 396 -13.94 -47.95 -33.37
C LEU A 396 -13.17 -48.29 -32.09
N GLU A 397 -12.55 -49.49 -32.03
CA GLU A 397 -11.83 -49.88 -30.82
C GLU A 397 -10.70 -48.91 -30.52
N GLN A 398 -9.89 -48.58 -31.52
CA GLN A 398 -8.77 -47.67 -31.31
C GLN A 398 -9.26 -46.28 -30.91
N VAL A 399 -10.32 -45.80 -31.57
CA VAL A 399 -10.85 -44.48 -31.26
C VAL A 399 -11.33 -44.43 -29.81
N ALA A 400 -12.06 -45.44 -29.38
CA ALA A 400 -12.52 -45.49 -28.00
C ALA A 400 -11.34 -45.56 -27.05
N ASN A 401 -10.33 -46.35 -27.38
CA ASN A 401 -9.17 -46.49 -26.50
C ASN A 401 -8.44 -45.16 -26.32
N GLU A 402 -8.24 -44.42 -27.41
CA GLU A 402 -7.50 -43.17 -27.35
C GLU A 402 -8.36 -41.98 -26.95
N THR A 403 -9.68 -42.15 -26.87
CA THR A 403 -10.57 -41.12 -26.34
C THR A 403 -10.67 -41.33 -24.84
N HIS A 404 -10.10 -40.41 -24.06
CA HIS A 404 -9.96 -40.59 -22.63
C HIS A 404 -10.80 -39.61 -21.81
N GLY A 405 -10.60 -38.31 -22.01
CA GLY A 405 -11.22 -37.32 -21.14
C GLY A 405 -12.46 -36.67 -21.72
N HIS A 406 -13.06 -37.28 -22.73
CA HIS A 406 -14.23 -36.72 -23.37
C HIS A 406 -15.48 -37.03 -22.55
N VAL A 407 -16.23 -35.99 -22.20
CA VAL A 407 -17.36 -36.14 -21.30
C VAL A 407 -18.48 -36.99 -21.89
N GLY A 408 -18.47 -37.21 -23.21
CA GLY A 408 -19.51 -37.98 -23.86
C GLY A 408 -20.25 -37.16 -24.90
N ALA A 409 -20.50 -35.89 -24.60
CA ALA A 409 -21.07 -35.00 -25.60
C ALA A 409 -20.05 -34.67 -26.68
N ASP A 410 -18.77 -34.64 -26.32
CA ASP A 410 -17.73 -34.32 -27.29
C ASP A 410 -17.58 -35.41 -28.35
N LEU A 411 -18.09 -36.62 -28.11
CA LEU A 411 -18.07 -37.64 -29.14
C LEU A 411 -18.93 -37.23 -30.34
N ALA A 412 -20.09 -36.64 -30.07
CA ALA A 412 -20.92 -36.13 -31.16
C ALA A 412 -20.19 -35.05 -31.94
N ALA A 413 -19.48 -34.15 -31.24
CA ALA A 413 -18.72 -33.13 -31.91
C ALA A 413 -17.62 -33.74 -32.78
N LEU A 414 -16.95 -34.78 -32.27
CA LEU A 414 -15.91 -35.45 -33.04
C LEU A 414 -16.49 -36.06 -34.31
N CYS A 415 -17.63 -36.74 -34.19
CA CYS A 415 -18.26 -37.33 -35.37
C CYS A 415 -18.67 -36.25 -36.37
N SER A 416 -19.21 -35.14 -35.87
CA SER A 416 -19.59 -34.05 -36.75
C SER A 416 -18.38 -33.47 -37.47
N GLU A 417 -17.26 -33.31 -36.76
CA GLU A 417 -16.05 -32.81 -37.39
C GLU A 417 -15.57 -33.77 -38.46
N ALA A 418 -15.65 -35.08 -38.19
CA ALA A 418 -15.28 -36.06 -39.20
C ALA A 418 -16.17 -35.92 -40.44
N ALA A 419 -17.47 -35.75 -40.24
CA ALA A 419 -18.37 -35.58 -41.38
C ALA A 419 -18.05 -34.32 -42.16
N LEU A 420 -17.76 -33.21 -41.47
CA LEU A 420 -17.39 -31.98 -42.15
C LEU A 420 -16.11 -32.17 -42.96
N GLN A 421 -15.12 -32.85 -42.40
CA GLN A 421 -13.89 -33.11 -43.15
C GLN A 421 -14.18 -33.95 -44.38
N ALA A 422 -15.01 -34.99 -44.23
CA ALA A 422 -15.33 -35.84 -45.37
C ALA A 422 -16.00 -35.06 -46.48
N ILE A 423 -16.98 -34.22 -46.13
CA ILE A 423 -17.67 -33.43 -47.17
C ILE A 423 -16.71 -32.43 -47.80
N ARG A 424 -15.89 -31.76 -46.98
CA ARG A 424 -14.98 -30.77 -47.52
C ARG A 424 -13.90 -31.39 -48.41
N LYS A 425 -13.63 -32.68 -48.24
CA LYS A 425 -12.65 -33.35 -49.11
C LYS A 425 -13.08 -33.25 -50.57
N LYS A 426 -14.37 -33.15 -50.85
CA LYS A 426 -14.90 -33.06 -52.21
C LYS A 426 -15.36 -31.64 -52.51
N MET A 427 -14.62 -30.64 -51.99
CA MET A 427 -15.03 -29.25 -52.16
C MET A 427 -15.09 -28.86 -53.64
N ASP A 428 -14.07 -29.24 -54.40
CA ASP A 428 -14.06 -28.92 -55.83
C ASP A 428 -15.21 -29.62 -56.55
N LEU A 429 -15.47 -30.88 -56.21
CA LEU A 429 -16.56 -31.61 -56.87
C LEU A 429 -17.90 -30.96 -56.59
N ILE A 430 -18.14 -30.55 -55.35
CA ILE A 430 -19.41 -29.92 -54.99
C ILE A 430 -19.44 -28.48 -55.49
N GLU A 440 -24.26 -37.71 -58.13
CA GLU A 440 -23.17 -38.67 -58.22
C GLU A 440 -22.32 -38.65 -56.96
N VAL A 441 -21.93 -37.46 -56.52
CA VAL A 441 -21.09 -37.33 -55.34
C VAL A 441 -21.85 -37.76 -54.09
N MET A 442 -23.15 -37.42 -54.01
CA MET A 442 -23.90 -37.67 -52.80
C MET A 442 -23.91 -39.15 -52.42
N ASN A 443 -23.91 -40.03 -53.42
CA ASN A 443 -23.97 -41.47 -53.18
C ASN A 443 -22.60 -42.13 -53.13
N SER A 444 -21.52 -41.36 -53.21
CA SER A 444 -20.17 -41.91 -53.23
C SER A 444 -19.29 -41.42 -52.08
N LEU A 445 -19.50 -40.21 -51.58
CA LEU A 445 -18.63 -39.67 -50.54
C LEU A 445 -18.77 -40.47 -49.25
N ALA A 446 -17.65 -40.70 -48.57
CA ALA A 446 -17.66 -41.43 -47.30
C ALA A 446 -16.48 -40.95 -46.45
N VAL A 447 -16.58 -41.20 -45.15
CA VAL A 447 -15.56 -40.79 -44.19
C VAL A 447 -14.42 -41.79 -44.21
N THR A 448 -13.30 -41.46 -43.57
CA THR A 448 -12.09 -42.28 -43.64
C THR A 448 -11.31 -42.15 -42.34
N MET A 449 -10.40 -43.10 -42.11
CA MET A 449 -9.49 -43.01 -40.96
C MET A 449 -8.62 -41.77 -40.96
N ASP A 450 -8.14 -41.32 -42.12
CA ASP A 450 -7.40 -40.07 -42.08
C ASP A 450 -8.28 -38.96 -41.54
N ASP A 451 -9.56 -38.93 -41.96
CA ASP A 451 -10.49 -37.92 -41.48
C ASP A 451 -10.73 -38.05 -39.99
N PHE A 452 -10.97 -39.27 -39.50
CA PHE A 452 -11.18 -39.45 -38.06
C PHE A 452 -9.95 -39.04 -37.26
N ARG A 453 -8.77 -39.43 -37.74
CA ARG A 453 -7.54 -39.07 -37.04
C ARG A 453 -7.37 -37.56 -36.98
N TRP A 454 -7.61 -36.88 -38.10
CA TRP A 454 -7.51 -35.43 -38.10
C TRP A 454 -8.51 -34.81 -37.13
N ALA A 455 -9.76 -35.31 -37.15
CA ALA A 455 -10.79 -34.73 -36.30
C ALA A 455 -10.45 -34.91 -34.83
N LEU A 456 -9.95 -36.09 -34.45
CA LEU A 456 -9.63 -36.32 -33.04
C LEU A 456 -8.34 -35.60 -32.65
N SER A 457 -7.44 -35.36 -33.59
CA SER A 457 -6.28 -34.53 -33.30
C SER A 457 -6.70 -33.09 -33.03
N GLN A 458 -7.64 -32.57 -33.82
CA GLN A 458 -8.15 -31.22 -33.58
C GLN A 458 -9.10 -31.16 -32.39
N SER A 459 -9.58 -32.31 -31.92
CA SER A 459 -10.53 -32.33 -30.81
C SER A 459 -9.89 -31.81 -29.54
N ASN A 460 -10.71 -31.17 -28.71
CA ASN A 460 -10.28 -30.67 -27.41
C ASN A 460 -11.41 -30.91 -26.41
N PRO A 461 -11.17 -31.61 -25.30
CA PRO A 461 -12.25 -31.87 -24.36
C PRO A 461 -12.89 -30.59 -23.86
N SER A 462 -14.21 -30.63 -23.68
CA SER A 462 -14.95 -29.42 -23.32
C SER A 462 -14.48 -28.86 -21.99
N ALA A 463 -14.25 -29.73 -21.00
CA ALA A 463 -13.89 -29.26 -19.67
C ALA A 463 -12.60 -28.44 -19.69
N LEU A 464 -11.62 -28.90 -20.47
CA LEU A 464 -10.29 -28.27 -20.48
C LEU A 464 -10.18 -27.14 -21.50
N ARG A 465 -11.28 -26.74 -22.13
CA ARG A 465 -11.21 -25.70 -23.14
C ARG A 465 -10.68 -24.39 -22.56
N GLU A 466 -11.10 -24.04 -21.33
CA GLU A 466 -10.68 -22.79 -20.73
C GLU A 466 -9.17 -22.72 -20.57
N THR A 467 -8.51 -23.87 -20.34
CA THR A 467 -7.08 -23.92 -20.07
C THR A 467 -6.29 -24.41 -21.29
N VAL A 468 -6.69 -24.02 -22.48
CA VAL A 468 -6.01 -24.42 -23.70
C VAL A 468 -4.93 -23.40 -24.03
N VAL A 469 -3.69 -23.87 -24.18
CA VAL A 469 -2.56 -23.03 -24.55
C VAL A 469 -1.76 -23.75 -25.63
N GLU A 470 -1.41 -23.04 -26.69
CA GLU A 470 -0.65 -23.65 -27.79
C GLU A 470 0.67 -24.18 -27.27
N VAL A 471 1.04 -25.37 -27.73
CA VAL A 471 2.26 -26.05 -27.32
C VAL A 471 3.07 -26.37 -28.57
N PRO A 472 4.34 -25.97 -28.66
CA PRO A 472 5.12 -26.35 -29.83
C PRO A 472 5.26 -27.85 -29.95
N GLN A 473 5.33 -28.34 -31.19
CA GLN A 473 5.46 -29.76 -31.44
C GLN A 473 6.87 -30.23 -31.09
N VAL A 474 6.98 -31.20 -30.18
CA VAL A 474 8.24 -31.76 -29.77
C VAL A 474 8.12 -33.28 -29.76
N THR A 475 9.06 -33.95 -30.42
CA THR A 475 9.10 -35.40 -30.47
C THR A 475 10.10 -35.94 -29.46
N TRP A 476 10.01 -37.25 -29.19
CA TRP A 476 10.92 -37.86 -28.23
C TRP A 476 12.36 -37.78 -28.73
N GLU A 477 12.57 -37.98 -30.03
CA GLU A 477 13.92 -37.88 -30.57
C GLU A 477 14.52 -36.50 -30.41
N ASP A 478 13.69 -35.47 -30.27
CA ASP A 478 14.19 -34.11 -30.15
C ASP A 478 15.03 -33.90 -28.89
N ILE A 479 14.86 -34.74 -27.87
CA ILE A 479 15.59 -34.61 -26.62
C ILE A 479 16.82 -35.51 -26.70
N GLY A 480 18.01 -34.91 -26.56
CA GLY A 480 19.24 -35.66 -26.60
C GLY A 480 19.66 -36.14 -25.22
N GLY A 481 20.21 -37.36 -25.18
CA GLY A 481 20.64 -37.91 -23.91
C GLY A 481 19.45 -38.18 -22.99
N LEU A 482 19.76 -38.25 -21.71
CA LEU A 482 18.74 -38.46 -20.68
C LEU A 482 17.93 -39.72 -20.97
N GLU A 483 18.62 -40.77 -21.44
CA GLU A 483 17.92 -41.99 -21.84
C GLU A 483 17.20 -42.63 -20.66
N ASP A 484 17.88 -42.73 -19.51
CA ASP A 484 17.26 -43.36 -18.36
C ASP A 484 16.07 -42.54 -17.86
N VAL A 485 16.21 -41.22 -17.82
CA VAL A 485 15.11 -40.37 -17.37
C VAL A 485 13.91 -40.53 -18.32
N LYS A 486 14.18 -40.52 -19.63
CA LYS A 486 13.09 -40.68 -20.59
C LYS A 486 12.40 -42.01 -20.42
N ARG A 487 13.18 -43.09 -20.25
CA ARG A 487 12.58 -44.41 -20.09
C ARG A 487 11.74 -44.48 -18.81
N GLU A 488 12.26 -43.95 -17.71
CA GLU A 488 11.50 -43.99 -16.46
C GLU A 488 10.23 -43.17 -16.55
N LEU A 489 10.30 -41.99 -17.17
CA LEU A 489 9.10 -41.16 -17.30
C LEU A 489 8.07 -41.82 -18.20
N GLN A 490 8.52 -42.43 -19.30
CA GLN A 490 7.58 -43.14 -20.17
C GLN A 490 6.94 -44.30 -19.42
N GLU A 491 7.73 -45.06 -18.66
CA GLU A 491 7.17 -46.11 -17.83
C GLU A 491 6.09 -45.58 -16.91
N LEU A 492 6.41 -44.52 -16.15
CA LEU A 492 5.50 -44.00 -15.15
C LEU A 492 4.25 -43.40 -15.76
N VAL A 493 4.34 -42.87 -16.98
CA VAL A 493 3.18 -42.25 -17.60
C VAL A 493 2.37 -43.22 -18.45
N GLN A 494 2.93 -44.38 -18.81
CA GLN A 494 2.25 -45.35 -19.65
C GLN A 494 1.62 -46.48 -18.84
N TYR A 495 2.43 -47.20 -18.05
CA TYR A 495 1.89 -48.38 -17.38
C TYR A 495 0.67 -48.08 -16.53
N PRO A 496 0.62 -47.02 -15.72
CA PRO A 496 -0.60 -46.78 -14.92
C PRO A 496 -1.86 -46.66 -15.76
N VAL A 497 -1.75 -46.14 -16.98
CA VAL A 497 -2.90 -46.01 -17.86
C VAL A 497 -2.95 -47.12 -18.91
N GLU A 498 -2.17 -48.19 -18.72
CA GLU A 498 -2.15 -49.27 -19.70
C GLU A 498 -2.43 -50.63 -19.08
N HIS A 499 -1.85 -50.91 -17.90
CA HIS A 499 -1.96 -52.21 -17.24
C HIS A 499 -2.55 -52.06 -15.84
N PRO A 500 -3.74 -51.45 -15.72
CA PRO A 500 -4.38 -51.37 -14.41
C PRO A 500 -4.68 -52.73 -13.81
N ASP A 501 -5.00 -53.72 -14.64
CA ASP A 501 -5.25 -55.06 -14.14
C ASP A 501 -3.99 -55.63 -13.48
N LYS A 502 -2.84 -55.49 -14.14
CA LYS A 502 -1.60 -55.99 -13.56
C LYS A 502 -1.25 -55.26 -12.28
N PHE A 503 -1.43 -53.94 -12.24
CA PHE A 503 -1.15 -53.21 -11.02
C PHE A 503 -2.09 -53.62 -9.88
N LEU A 504 -3.37 -53.81 -10.16
CA LEU A 504 -4.26 -54.30 -9.11
C LEU A 504 -3.83 -55.68 -8.64
N LYS A 505 -3.37 -56.52 -9.58
CA LYS A 505 -2.92 -57.86 -9.20
C LYS A 505 -1.70 -57.79 -8.28
N PHE A 506 -0.71 -56.97 -8.63
CA PHE A 506 0.50 -56.89 -7.82
C PHE A 506 0.23 -56.21 -6.48
N GLY A 507 -0.66 -55.22 -6.45
CA GLY A 507 -1.06 -54.59 -5.20
C GLY A 507 -0.20 -53.42 -4.76
N MET A 508 0.58 -52.81 -5.65
CA MET A 508 1.40 -51.66 -5.32
C MET A 508 0.81 -50.42 -5.97
N THR A 509 0.57 -49.39 -5.16
CA THR A 509 -0.01 -48.16 -5.68
C THR A 509 1.02 -47.42 -6.53
N PRO A 510 0.60 -46.80 -7.63
CA PRO A 510 1.56 -46.04 -8.45
C PRO A 510 1.93 -44.73 -7.78
N SER A 511 3.11 -44.23 -8.14
CA SER A 511 3.61 -42.95 -7.63
C SER A 511 3.05 -41.83 -8.49
N LYS A 512 2.14 -41.05 -7.92
CA LYS A 512 1.48 -39.97 -8.64
C LYS A 512 2.25 -38.66 -8.59
N GLY A 513 3.38 -38.62 -7.91
CA GLY A 513 4.15 -37.40 -7.78
C GLY A 513 5.54 -37.50 -8.36
N VAL A 514 5.85 -36.65 -9.33
CA VAL A 514 7.17 -36.57 -9.94
C VAL A 514 7.63 -35.12 -9.87
N LEU A 515 8.83 -34.91 -9.34
CA LEU A 515 9.41 -33.58 -9.22
C LEU A 515 10.68 -33.50 -10.03
N PHE A 516 10.80 -32.45 -10.85
CA PHE A 516 11.99 -32.22 -11.66
C PHE A 516 12.79 -31.08 -11.01
N TYR A 517 14.07 -31.34 -10.75
CA TYR A 517 14.94 -30.32 -10.19
C TYR A 517 16.34 -30.49 -10.77
N GLY A 518 16.93 -29.37 -11.19
CA GLY A 518 18.25 -29.37 -11.77
C GLY A 518 18.67 -27.98 -12.16
N PRO A 519 19.93 -27.81 -12.54
CA PRO A 519 20.42 -26.47 -12.92
C PRO A 519 19.64 -25.95 -14.11
N PRO A 520 19.42 -24.63 -14.20
CA PRO A 520 18.63 -24.10 -15.30
C PRO A 520 19.23 -24.46 -16.64
N GLY A 521 18.37 -24.84 -17.58
CA GLY A 521 18.80 -25.19 -18.92
C GLY A 521 19.32 -26.61 -19.06
N CYS A 522 18.48 -27.59 -18.75
CA CYS A 522 18.85 -29.00 -18.95
C CYS A 522 17.77 -29.74 -19.73
N GLY A 523 16.53 -29.25 -19.70
CA GLY A 523 15.48 -29.84 -20.51
C GLY A 523 14.24 -30.28 -19.76
N LYS A 524 14.00 -29.72 -18.57
CA LYS A 524 12.74 -30.02 -17.87
C LYS A 524 11.54 -29.57 -18.69
N THR A 525 11.59 -28.35 -19.21
CA THR A 525 10.51 -27.86 -20.05
C THR A 525 10.39 -28.69 -21.33
N LEU A 526 11.53 -29.10 -21.89
CA LEU A 526 11.48 -29.96 -23.08
C LEU A 526 10.79 -31.28 -22.77
N LEU A 527 11.09 -31.87 -21.61
CA LEU A 527 10.43 -33.11 -21.23
C LEU A 527 8.93 -32.92 -21.06
N ALA A 528 8.54 -31.80 -20.44
CA ALA A 528 7.12 -31.51 -20.28
C ALA A 528 6.43 -31.38 -21.64
N LYS A 529 7.06 -30.63 -22.56
CA LYS A 529 6.49 -30.46 -23.89
C LYS A 529 6.40 -31.79 -24.62
N ALA A 530 7.44 -32.61 -24.53
CA ALA A 530 7.43 -33.91 -25.20
C ALA A 530 6.33 -34.80 -24.65
N ILE A 531 6.14 -34.78 -23.33
CA ILE A 531 5.05 -35.56 -22.73
C ILE A 531 3.72 -35.09 -23.27
N ALA A 532 3.50 -33.77 -23.25
CA ALA A 532 2.23 -33.23 -23.73
C ALA A 532 1.99 -33.62 -25.18
N ASN A 533 3.05 -33.61 -26.00
CA ASN A 533 2.88 -33.87 -27.42
C ASN A 533 2.69 -35.35 -27.73
N GLU A 534 3.37 -36.23 -27.01
CA GLU A 534 3.42 -37.65 -27.35
C GLU A 534 3.10 -38.52 -26.13
N CYS A 535 2.06 -38.15 -25.38
CA CYS A 535 1.48 -39.06 -24.41
C CYS A 535 -0.02 -39.14 -24.62
N GLN A 536 -0.61 -40.26 -24.21
CA GLN A 536 -2.02 -40.54 -24.42
C GLN A 536 -2.90 -39.99 -23.31
N ALA A 537 -2.42 -38.99 -22.58
CA ALA A 537 -3.17 -38.40 -21.48
C ALA A 537 -3.27 -36.89 -21.69
N ASN A 538 -4.41 -36.33 -21.26
CA ASN A 538 -4.61 -34.89 -21.37
C ASN A 538 -3.55 -34.14 -20.57
N PHE A 539 -3.11 -33.02 -21.10
CA PHE A 539 -2.10 -32.19 -20.47
C PHE A 539 -2.71 -30.85 -20.11
N ILE A 540 -2.52 -30.42 -18.86
CA ILE A 540 -2.99 -29.12 -18.39
C ILE A 540 -1.77 -28.29 -18.02
N SER A 541 -1.51 -27.24 -18.79
CA SER A 541 -0.37 -26.36 -18.55
C SER A 541 -0.86 -25.20 -17.68
N ILE A 542 -0.42 -25.18 -16.43
CA ILE A 542 -0.78 -24.11 -15.50
C ILE A 542 0.51 -23.38 -15.12
N LYS A 543 0.52 -22.06 -15.32
CA LYS A 543 1.63 -21.23 -14.88
C LYS A 543 1.55 -21.03 -13.38
N GLY A 544 2.71 -20.93 -12.74
CA GLY A 544 2.78 -20.99 -11.30
C GLY A 544 1.94 -19.94 -10.58
N PRO A 545 2.37 -18.68 -10.63
CA PRO A 545 1.62 -17.63 -9.92
C PRO A 545 0.32 -17.22 -10.57
N GLU A 546 -0.11 -17.94 -11.61
CA GLU A 546 -1.36 -17.61 -12.28
C GLU A 546 -2.55 -17.75 -11.34
N LEU A 547 -2.42 -18.55 -10.27
CA LEU A 547 -3.54 -18.83 -9.38
C LEU A 547 -3.86 -17.67 -8.46
N LEU A 548 -2.86 -16.94 -7.98
CA LEU A 548 -3.08 -15.93 -6.96
C LEU A 548 -3.84 -14.73 -7.52
N THR A 549 -4.65 -14.10 -6.67
CA THR A 549 -5.35 -12.88 -7.03
C THR A 549 -5.61 -12.07 -5.77
N MET A 550 -5.84 -10.77 -5.97
CA MET A 550 -5.95 -9.86 -4.84
C MET A 550 -7.24 -10.07 -4.05
N TRP A 551 -8.31 -10.50 -4.71
CA TRP A 551 -9.57 -10.68 -4.01
C TRP A 551 -9.43 -11.76 -2.94
N PHE A 552 -10.22 -11.64 -1.88
CA PHE A 552 -10.10 -12.50 -0.72
C PHE A 552 -10.77 -13.85 -1.00
N GLY A 553 -9.99 -14.93 -0.91
CA GLY A 553 -10.51 -16.27 -1.10
C GLY A 553 -10.57 -16.72 -2.54
N GLU A 554 -10.44 -15.80 -3.51
CA GLU A 554 -10.55 -16.19 -4.91
C GLU A 554 -9.38 -17.05 -5.35
N SER A 555 -8.20 -16.88 -4.75
CA SER A 555 -7.08 -17.76 -5.07
C SER A 555 -7.38 -19.19 -4.68
N GLU A 556 -7.90 -19.40 -3.47
CA GLU A 556 -8.28 -20.74 -3.05
C GLU A 556 -9.40 -21.28 -3.92
N ALA A 557 -10.36 -20.43 -4.28
CA ALA A 557 -11.44 -20.87 -5.16
C ALA A 557 -10.89 -21.34 -6.51
N ASN A 558 -9.94 -20.59 -7.07
CA ASN A 558 -9.34 -20.97 -8.34
C ASN A 558 -8.58 -22.28 -8.23
N VAL A 559 -7.83 -22.46 -7.14
CA VAL A 559 -7.08 -23.70 -6.95
C VAL A 559 -8.04 -24.87 -6.88
N ARG A 560 -9.11 -24.73 -6.09
CA ARG A 560 -10.08 -25.80 -5.98
C ARG A 560 -10.73 -26.09 -7.32
N GLU A 561 -11.06 -25.04 -8.09
CA GLU A 561 -11.69 -25.24 -9.38
C GLU A 561 -10.77 -25.99 -10.33
N ILE A 562 -9.50 -25.62 -10.39
CA ILE A 562 -8.58 -26.29 -11.32
C ILE A 562 -8.37 -27.74 -10.91
N PHE A 563 -8.19 -28.00 -9.62
CA PHE A 563 -8.01 -29.39 -9.19
C PHE A 563 -9.27 -30.21 -9.43
N ASP A 564 -10.45 -29.64 -9.18
CA ASP A 564 -11.68 -30.36 -9.47
C ASP A 564 -11.82 -30.65 -10.95
N LYS A 565 -11.48 -29.68 -11.80
CA LYS A 565 -11.54 -29.89 -13.24
C LYS A 565 -10.62 -31.01 -13.67
N ALA A 566 -9.39 -31.02 -13.17
CA ALA A 566 -8.46 -32.10 -13.50
C ALA A 566 -8.99 -33.44 -13.02
N ARG A 567 -9.51 -33.47 -11.79
CA ARG A 567 -9.99 -34.72 -11.21
C ARG A 567 -11.16 -35.28 -12.02
N GLN A 568 -12.09 -34.43 -12.44
CA GLN A 568 -13.26 -34.88 -13.17
C GLN A 568 -13.00 -35.07 -14.66
N ALA A 569 -11.90 -34.54 -15.19
CA ALA A 569 -11.52 -34.77 -16.58
C ALA A 569 -10.39 -35.79 -16.72
N ALA A 570 -9.96 -36.40 -15.62
CA ALA A 570 -8.90 -37.40 -15.65
C ALA A 570 -9.20 -38.47 -16.70
N PRO A 571 -8.18 -39.19 -17.20
CA PRO A 571 -6.77 -39.08 -16.82
C PRO A 571 -6.12 -37.80 -17.33
N CYS A 572 -5.28 -37.20 -16.50
CA CYS A 572 -4.65 -35.92 -16.83
C CYS A 572 -3.32 -35.83 -16.12
N VAL A 573 -2.47 -34.92 -16.60
CA VAL A 573 -1.19 -34.62 -15.98
C VAL A 573 -1.09 -33.12 -15.80
N LEU A 574 -0.73 -32.69 -14.60
CA LEU A 574 -0.55 -31.28 -14.29
C LEU A 574 0.93 -30.97 -14.18
N PHE A 575 1.37 -29.91 -14.86
CA PHE A 575 2.75 -29.46 -14.82
C PHE A 575 2.78 -28.13 -14.09
N PHE A 576 3.18 -28.15 -12.82
CA PHE A 576 3.24 -26.95 -11.99
C PHE A 576 4.61 -26.31 -12.16
N ASP A 577 4.74 -25.52 -13.23
CA ASP A 577 5.97 -24.80 -13.48
C ASP A 577 6.21 -23.78 -12.36
N GLU A 578 7.46 -23.65 -11.94
CA GLU A 578 7.83 -22.77 -10.84
C GLU A 578 7.14 -23.20 -9.55
N LEU A 579 7.43 -24.45 -9.16
CA LEU A 579 6.86 -24.98 -7.93
C LEU A 579 7.29 -24.14 -6.73
N ASP A 580 8.46 -23.51 -6.80
CA ASP A 580 8.86 -22.59 -5.75
C ASP A 580 7.89 -21.40 -5.67
N SER A 581 7.46 -20.90 -6.82
CA SER A 581 6.44 -19.85 -6.82
C SER A 581 5.13 -20.35 -6.25
N ILE A 582 4.74 -21.57 -6.60
CA ILE A 582 3.51 -22.15 -6.04
C ILE A 582 3.59 -22.21 -4.52
N ALA A 583 4.67 -22.81 -4.01
CA ALA A 583 4.82 -23.03 -2.58
C ALA A 583 6.22 -22.59 -2.14
N LYS A 584 6.28 -21.92 -1.01
CA LYS A 584 7.52 -21.37 -0.47
C LYS A 584 7.71 -21.85 0.95
N ALA A 585 8.97 -21.96 1.36
CA ALA A 585 9.27 -22.39 2.72
C ALA A 585 8.64 -21.45 3.73
N ARG A 586 8.20 -22.02 4.85
CA ARG A 586 7.49 -21.23 5.85
C ARG A 586 8.35 -20.06 6.32
N GLY A 587 7.71 -18.90 6.46
CA GLY A 587 8.41 -17.71 6.88
C GLY A 587 7.43 -16.65 7.36
N GLY A 588 7.98 -15.55 7.84
CA GLY A 588 7.17 -14.45 8.34
C GLY A 588 6.32 -13.81 7.27
N GLY A 593 2.75 -10.24 4.94
CA GLY A 593 2.52 -10.63 3.57
C GLY A 593 1.07 -10.95 3.27
N GLY A 594 0.17 -10.40 4.09
CA GLY A 594 -1.25 -10.61 3.92
C GLY A 594 -1.77 -11.92 4.46
N GLY A 595 -0.88 -12.82 4.88
CA GLY A 595 -1.33 -14.09 5.45
C GLY A 595 -2.17 -14.92 4.51
N ALA A 596 -1.83 -14.91 3.21
CA ALA A 596 -2.56 -15.67 2.22
C ALA A 596 -1.74 -16.81 1.61
N ALA A 597 -0.41 -16.68 1.58
CA ALA A 597 0.41 -17.77 1.06
C ALA A 597 0.26 -19.02 1.92
N ASP A 598 0.24 -18.87 3.24
CA ASP A 598 0.04 -20.03 4.10
C ASP A 598 -1.24 -20.76 3.74
N ARG A 599 -2.34 -20.01 3.57
CA ARG A 599 -3.60 -20.62 3.19
C ARG A 599 -3.50 -21.30 1.82
N VAL A 600 -2.83 -20.65 0.87
CA VAL A 600 -2.76 -21.20 -0.48
C VAL A 600 -2.05 -22.55 -0.48
N ILE A 601 -0.86 -22.60 0.14
CA ILE A 601 -0.12 -23.86 0.17
C ILE A 601 -0.85 -24.90 1.01
N ASN A 602 -1.50 -24.49 2.10
CA ASN A 602 -2.23 -25.46 2.90
C ASN A 602 -3.39 -26.07 2.10
N GLN A 603 -4.09 -25.24 1.33
CA GLN A 603 -5.16 -25.75 0.49
C GLN A 603 -4.61 -26.67 -0.60
N ILE A 604 -3.48 -26.29 -1.19
CA ILE A 604 -2.83 -27.17 -2.16
C ILE A 604 -2.56 -28.53 -1.52
N LEU A 605 -1.99 -28.51 -0.32
CA LEU A 605 -1.64 -29.76 0.36
C LEU A 605 -2.87 -30.61 0.60
N THR A 606 -3.91 -30.02 1.21
CA THR A 606 -5.08 -30.82 1.55
C THR A 606 -5.76 -31.37 0.31
N GLU A 607 -5.86 -30.57 -0.75
CA GLU A 607 -6.58 -31.02 -1.93
C GLU A 607 -5.79 -32.09 -2.69
N MET A 608 -4.47 -31.96 -2.76
CA MET A 608 -3.70 -33.01 -3.44
C MET A 608 -3.64 -34.27 -2.60
N ASP A 609 -3.71 -34.15 -1.27
CA ASP A 609 -3.73 -35.34 -0.42
C ASP A 609 -5.08 -36.04 -0.49
N GLY A 610 -6.17 -35.29 -0.68
CA GLY A 610 -7.49 -35.89 -0.72
C GLY A 610 -7.71 -36.82 -1.89
N MET A 611 -6.87 -36.73 -2.92
CA MET A 611 -7.03 -37.56 -4.11
C MET A 611 -6.79 -39.02 -3.75
N SER A 612 -7.49 -39.92 -4.46
CA SER A 612 -7.43 -41.35 -4.23
C SER A 612 -6.68 -42.04 -5.37
N THR A 613 -6.59 -43.36 -5.27
CA THR A 613 -5.88 -44.14 -6.29
C THR A 613 -6.58 -44.05 -7.63
N LYS A 614 -7.91 -44.02 -7.63
CA LYS A 614 -8.65 -44.03 -8.87
C LYS A 614 -8.39 -42.77 -9.69
N LYS A 615 -8.51 -42.90 -11.01
CA LYS A 615 -8.37 -41.86 -12.01
C LYS A 615 -6.91 -41.50 -12.29
N ASN A 616 -5.96 -42.04 -11.54
CA ASN A 616 -4.52 -41.94 -11.84
C ASN A 616 -4.15 -40.55 -12.35
N VAL A 617 -4.38 -39.56 -11.50
CA VAL A 617 -3.98 -38.18 -11.78
C VAL A 617 -2.53 -37.99 -11.36
N PHE A 618 -1.71 -37.48 -12.27
CA PHE A 618 -0.29 -37.28 -12.04
C PHE A 618 0.00 -35.79 -11.84
N ILE A 619 0.87 -35.50 -10.88
CA ILE A 619 1.33 -34.14 -10.60
C ILE A 619 2.80 -34.05 -10.96
N ILE A 620 3.15 -33.08 -11.80
CA ILE A 620 4.51 -32.87 -12.25
C ILE A 620 4.93 -31.46 -11.84
N GLY A 621 6.10 -31.34 -11.24
CA GLY A 621 6.62 -30.06 -10.82
C GLY A 621 8.06 -29.88 -11.28
N ALA A 622 8.42 -28.67 -11.63
CA ALA A 622 9.78 -28.45 -12.02
C ALA A 622 10.27 -27.22 -11.33
N THR A 623 11.44 -27.26 -10.72
CA THR A 623 11.94 -26.06 -10.11
C THR A 623 13.42 -25.89 -10.37
N ASN A 624 13.81 -24.71 -10.83
CA ASN A 624 15.20 -24.44 -11.08
C ASN A 624 16.00 -24.46 -9.80
N ARG A 625 15.47 -23.83 -8.76
CA ARG A 625 16.15 -23.79 -7.47
C ARG A 625 15.37 -24.73 -6.60
N PRO A 626 15.94 -25.89 -6.30
CA PRO A 626 15.36 -26.96 -5.51
C PRO A 626 15.12 -26.70 -4.04
N ASP A 627 16.02 -26.00 -3.39
CA ASP A 627 15.96 -25.80 -1.94
C ASP A 627 14.76 -25.07 -1.35
N ILE A 628 14.36 -23.99 -1.96
CA ILE A 628 13.30 -23.17 -1.42
C ILE A 628 11.98 -23.89 -1.20
N ILE A 629 11.66 -24.86 -2.04
CA ILE A 629 10.40 -25.58 -1.91
C ILE A 629 10.18 -26.21 -0.54
N ASP A 630 9.03 -25.91 0.02
CA ASP A 630 8.56 -26.33 1.32
C ASP A 630 8.74 -27.85 1.46
N PRO A 631 9.46 -28.33 2.48
CA PRO A 631 9.62 -29.79 2.62
C PRO A 631 8.31 -30.52 2.86
N ALA A 632 7.25 -29.82 3.25
CA ALA A 632 6.00 -30.50 3.57
C ALA A 632 5.54 -31.39 2.44
N ILE A 633 5.52 -30.86 1.20
CA ILE A 633 5.10 -31.66 0.06
C ILE A 633 6.09 -32.80 -0.18
N LEU A 634 7.38 -32.54 0.04
CA LEU A 634 8.40 -33.55 -0.22
C LEU A 634 8.22 -34.78 0.64
N ARG A 635 7.47 -34.69 1.74
CA ARG A 635 7.27 -35.85 2.58
C ARG A 635 6.54 -36.94 1.79
N PRO A 636 6.83 -38.21 2.03
CA PRO A 636 6.19 -39.27 1.26
C PRO A 636 4.68 -39.23 1.38
N GLY A 637 4.00 -39.58 0.29
CA GLY A 637 2.56 -39.61 0.21
C GLY A 637 1.96 -38.57 -0.71
N ARG A 638 2.69 -37.48 -0.98
CA ARG A 638 2.20 -36.42 -1.86
C ARG A 638 3.04 -36.29 -3.12
N LEU A 639 4.35 -36.09 -2.97
CA LEU A 639 5.28 -36.11 -4.09
C LEU A 639 6.45 -37.00 -3.72
N ASP A 640 6.70 -38.03 -4.52
CA ASP A 640 7.63 -39.09 -4.17
C ASP A 640 8.84 -39.18 -5.08
N GLN A 641 8.62 -39.13 -6.40
CA GLN A 641 9.70 -39.37 -7.37
C GLN A 641 10.46 -38.08 -7.57
N LEU A 642 11.70 -38.04 -7.05
CA LEU A 642 12.60 -36.91 -7.28
C LEU A 642 13.61 -37.30 -8.35
N ILE A 643 13.66 -36.53 -9.42
CA ILE A 643 14.52 -36.80 -10.56
C ILE A 643 15.49 -35.64 -10.72
N TYR A 644 16.79 -35.95 -10.77
CA TYR A 644 17.84 -34.96 -10.97
C TYR A 644 18.37 -35.09 -12.38
N ILE A 645 18.49 -33.95 -13.07
CA ILE A 645 18.96 -33.94 -14.45
C ILE A 645 20.34 -33.28 -14.48
N PRO A 646 21.42 -34.05 -14.49
CA PRO A 646 22.76 -33.45 -14.47
C PRO A 646 23.10 -32.85 -15.83
N LEU A 647 24.17 -32.07 -15.83
CA LEU A 647 24.64 -31.46 -17.07
C LEU A 647 25.12 -32.57 -18.02
N PRO A 648 24.92 -32.39 -19.33
CA PRO A 648 25.26 -33.47 -20.26
C PRO A 648 26.74 -33.82 -20.23
N ASP A 649 27.03 -35.10 -20.44
CA ASP A 649 28.39 -35.57 -20.65
C ASP A 649 28.73 -35.47 -22.13
N GLU A 650 29.83 -36.08 -22.55
CA GLU A 650 30.25 -35.97 -23.95
C GLU A 650 29.23 -36.62 -24.89
N LYS A 651 28.84 -37.85 -24.61
CA LYS A 651 27.87 -38.53 -25.47
C LYS A 651 26.53 -37.82 -25.47
N SER A 652 26.08 -37.37 -24.30
CA SER A 652 24.82 -36.64 -24.22
C SER A 652 24.88 -35.36 -25.03
N ARG A 653 26.00 -34.64 -24.95
CA ARG A 653 26.13 -33.40 -25.70
C ARG A 653 26.14 -33.67 -27.19
N VAL A 654 26.81 -34.74 -27.62
CA VAL A 654 26.79 -35.12 -29.03
C VAL A 654 25.36 -35.41 -29.47
N ALA A 655 24.61 -36.14 -28.65
CA ALA A 655 23.22 -36.44 -28.99
C ALA A 655 22.39 -35.17 -29.09
N ILE A 656 22.61 -34.23 -28.17
CA ILE A 656 21.86 -32.97 -28.19
C ILE A 656 22.17 -32.20 -29.47
N LEU A 657 23.45 -32.11 -29.84
CA LEU A 657 23.80 -31.40 -31.06
C LEU A 657 23.17 -32.07 -32.28
N LYS A 658 23.23 -33.40 -32.34
CA LYS A 658 22.63 -34.11 -33.48
C LYS A 658 21.14 -33.86 -33.54
N ALA A 659 20.45 -33.90 -32.39
CA ALA A 659 19.02 -33.64 -32.38
C ALA A 659 18.71 -32.21 -32.83
N ASN A 660 19.52 -31.24 -32.39
CA ASN A 660 19.29 -29.86 -32.78
C ASN A 660 19.48 -29.67 -34.27
N LEU A 661 20.47 -30.35 -34.86
CA LEU A 661 20.76 -30.22 -36.28
C LEU A 661 20.00 -31.24 -37.13
N ARG A 662 18.86 -31.74 -36.65
CA ARG A 662 18.09 -32.70 -37.43
C ARG A 662 17.61 -32.09 -38.73
N LYS A 663 17.06 -30.88 -38.68
CA LYS A 663 16.55 -30.18 -39.84
C LYS A 663 17.43 -28.95 -40.08
N SER A 664 18.53 -29.17 -40.78
CA SER A 664 19.46 -28.08 -41.08
C SER A 664 20.50 -28.55 -42.09
N PRO A 665 20.88 -27.73 -43.07
CA PRO A 665 21.94 -28.13 -44.01
C PRO A 665 23.31 -27.98 -43.36
N VAL A 666 23.92 -29.11 -43.00
CA VAL A 666 25.18 -29.15 -42.26
C VAL A 666 26.22 -29.85 -43.13
N ALA A 667 27.36 -29.20 -43.32
CA ALA A 667 28.44 -29.81 -44.07
C ALA A 667 28.99 -31.02 -43.32
N LYS A 668 29.40 -32.03 -44.08
CA LYS A 668 29.94 -33.24 -43.46
C LYS A 668 31.23 -32.97 -42.70
N ASP A 669 31.92 -31.86 -43.00
CA ASP A 669 33.22 -31.60 -42.38
C ASP A 669 33.10 -31.23 -40.91
N VAL A 670 31.90 -30.90 -40.44
CA VAL A 670 31.74 -30.50 -39.05
C VAL A 670 32.01 -31.69 -38.13
N ASP A 671 32.70 -31.44 -37.03
CA ASP A 671 33.05 -32.47 -36.06
C ASP A 671 32.25 -32.23 -34.79
N LEU A 672 31.02 -32.75 -34.76
CA LEU A 672 30.19 -32.63 -33.57
C LEU A 672 30.84 -33.30 -32.38
N GLU A 673 31.46 -34.46 -32.60
CA GLU A 673 32.15 -35.13 -31.51
C GLU A 673 33.28 -34.27 -30.96
N PHE A 674 34.06 -33.64 -31.84
CA PHE A 674 35.14 -32.79 -31.38
C PHE A 674 34.61 -31.60 -30.59
N LEU A 675 33.55 -30.97 -31.08
CA LEU A 675 32.97 -29.84 -30.35
C LEU A 675 32.49 -30.28 -28.98
N ALA A 676 31.82 -31.43 -28.90
CA ALA A 676 31.31 -31.91 -27.63
C ALA A 676 32.45 -32.22 -26.68
N LYS A 677 33.52 -32.84 -27.19
CA LYS A 677 34.68 -33.12 -26.34
C LYS A 677 35.30 -31.84 -25.81
N MET A 678 35.44 -30.83 -26.66
CA MET A 678 36.04 -29.58 -26.22
C MET A 678 35.20 -28.90 -25.16
N THR A 679 33.89 -28.82 -25.38
CA THR A 679 32.99 -28.19 -24.42
C THR A 679 32.74 -29.14 -23.26
N ASN A 680 32.97 -28.67 -22.03
CA ASN A 680 32.81 -29.49 -20.84
C ASN A 680 31.67 -29.01 -19.96
N GLY A 681 31.68 -27.75 -19.53
CA GLY A 681 30.65 -27.24 -18.64
C GLY A 681 29.40 -26.74 -19.32
N PHE A 682 29.34 -26.80 -20.64
CA PHE A 682 28.18 -26.29 -21.37
C PHE A 682 26.96 -27.17 -21.10
N SER A 683 25.79 -26.63 -21.42
CA SER A 683 24.52 -27.32 -21.26
C SER A 683 23.76 -27.27 -22.58
N GLY A 684 22.59 -27.93 -22.59
CA GLY A 684 21.79 -27.97 -23.80
C GLY A 684 21.42 -26.58 -24.30
N ALA A 685 21.10 -25.67 -23.37
CA ALA A 685 20.80 -24.31 -23.77
C ALA A 685 22.00 -23.66 -24.46
N ASP A 686 23.20 -23.87 -23.94
CA ASP A 686 24.39 -23.29 -24.56
C ASP A 686 24.63 -23.87 -25.94
N LEU A 687 24.44 -25.19 -26.09
CA LEU A 687 24.61 -25.80 -27.41
C LEU A 687 23.59 -25.25 -28.41
N THR A 688 22.34 -25.09 -27.97
CA THR A 688 21.33 -24.52 -28.85
C THR A 688 21.68 -23.09 -29.22
N GLU A 689 22.20 -22.31 -28.27
CA GLU A 689 22.62 -20.96 -28.57
C GLU A 689 23.75 -20.93 -29.59
N ILE A 690 24.71 -21.86 -29.45
CA ILE A 690 25.78 -21.94 -30.43
C ILE A 690 25.24 -22.23 -31.81
N CYS A 691 24.31 -23.19 -31.90
CA CYS A 691 23.73 -23.51 -33.20
C CYS A 691 22.98 -22.32 -33.79
N GLN A 692 22.22 -21.61 -32.96
CA GLN A 692 21.49 -20.44 -33.44
C GLN A 692 22.43 -19.36 -33.93
N ARG A 693 23.54 -19.15 -33.22
CA ARG A 693 24.53 -18.15 -33.65
C ARG A 693 25.16 -18.56 -34.97
N ALA A 694 25.45 -19.86 -35.15
CA ALA A 694 25.97 -20.31 -36.43
C ALA A 694 24.97 -20.04 -37.55
N CYS A 695 23.69 -20.31 -37.29
CA CYS A 695 22.67 -20.03 -38.29
C CYS A 695 22.61 -18.55 -38.63
N LYS A 696 22.68 -17.68 -37.61
CA LYS A 696 22.61 -16.25 -37.86
C LYS A 696 23.81 -15.78 -38.68
N LEU A 697 25.01 -16.30 -38.37
CA LEU A 697 26.18 -15.94 -39.16
C LEU A 697 26.03 -16.40 -40.60
N ALA A 698 25.52 -17.60 -40.81
CA ALA A 698 25.31 -18.09 -42.17
C ALA A 698 24.33 -17.21 -42.92
N ILE A 699 23.24 -16.81 -42.27
CA ILE A 699 22.25 -15.96 -42.93
C ILE A 699 22.86 -14.60 -43.25
N ARG A 700 23.66 -14.05 -42.33
CA ARG A 700 24.31 -12.78 -42.60
C ARG A 700 25.20 -12.87 -43.82
N GLU A 701 26.02 -13.92 -43.90
CA GLU A 701 26.89 -14.09 -45.05
C GLU A 701 26.07 -14.23 -46.34
N SER A 702 24.99 -15.02 -46.29
CA SER A 702 24.17 -15.23 -47.47
C SER A 702 23.55 -13.93 -47.96
N ILE A 703 23.00 -13.14 -47.03
CA ILE A 703 22.34 -11.89 -47.43
C ILE A 703 23.37 -10.89 -47.95
N GLU A 704 24.56 -10.85 -47.33
CA GLU A 704 25.60 -9.97 -47.84
C GLU A 704 25.98 -10.35 -49.26
N SER A 705 26.17 -11.65 -49.51
CA SER A 705 26.50 -12.11 -50.85
C SER A 705 25.40 -11.76 -51.84
N GLU A 706 24.14 -11.96 -51.46
CA GLU A 706 23.03 -11.67 -52.37
C GLU A 706 22.95 -10.19 -52.69
N ILE A 707 23.10 -9.33 -51.68
CA ILE A 707 23.00 -7.90 -51.93
C ILE A 707 24.17 -7.42 -52.79
N ARG A 708 25.37 -7.95 -52.54
CA ARG A 708 26.50 -7.57 -53.38
C ARG A 708 26.29 -8.03 -54.82
N ARG A 709 25.76 -9.25 -55.00
CA ARG A 709 25.49 -9.76 -56.33
C ARG A 709 24.49 -8.86 -57.06
N GLU A 710 23.42 -8.48 -56.36
CA GLU A 710 22.42 -7.61 -56.97
C GLU A 710 23.04 -6.26 -57.33
N ARG A 711 23.81 -5.68 -56.41
CA ARG A 711 24.41 -4.37 -56.66
C ARG A 711 25.32 -4.41 -57.88
N GLU A 712 26.16 -5.44 -57.99
CA GLU A 712 27.00 -5.56 -59.17
C GLU A 712 26.16 -5.82 -60.42
N ARG A 713 25.03 -6.50 -60.28
CA ARG A 713 24.14 -6.70 -61.42
C ARG A 713 23.62 -5.37 -61.95
N GLN A 714 23.20 -4.48 -61.04
CA GLN A 714 22.82 -3.12 -61.44
C GLN A 714 23.89 -2.13 -61.00
N ASP A 726 22.28 -19.72 -54.20
CA ASP A 726 22.61 -20.21 -52.86
C ASP A 726 24.12 -20.36 -52.70
N PRO A 727 24.83 -19.23 -52.53
CA PRO A 727 26.28 -19.30 -52.36
C PRO A 727 26.71 -20.13 -51.16
N VAL A 728 25.92 -20.17 -50.09
CA VAL A 728 26.27 -20.89 -48.88
C VAL A 728 25.12 -21.81 -48.50
N PRO A 729 24.91 -22.91 -49.23
CA PRO A 729 23.76 -23.78 -48.92
C PRO A 729 23.85 -24.47 -47.57
N GLU A 730 25.04 -24.58 -46.98
CA GLU A 730 25.23 -25.33 -45.76
C GLU A 730 26.02 -24.52 -44.75
N ILE A 731 25.72 -24.72 -43.46
CA ILE A 731 26.51 -24.11 -42.42
C ILE A 731 27.94 -24.61 -42.52
N ARG A 732 28.89 -23.74 -42.17
CA ARG A 732 30.29 -23.98 -42.48
C ARG A 732 31.15 -24.03 -41.21
N ARG A 733 32.31 -24.67 -41.35
CA ARG A 733 33.22 -24.85 -40.24
C ARG A 733 33.67 -23.51 -39.67
N ASP A 734 33.86 -22.50 -40.53
CA ASP A 734 34.24 -21.19 -40.04
C ASP A 734 33.12 -20.58 -39.19
N HIS A 735 31.87 -20.76 -39.60
CA HIS A 735 30.75 -20.27 -38.80
C HIS A 735 30.74 -20.95 -37.44
N PHE A 736 30.90 -22.28 -37.43
CA PHE A 736 30.93 -22.99 -36.15
C PHE A 736 32.12 -22.55 -35.30
N GLU A 737 33.25 -22.25 -35.95
CA GLU A 737 34.42 -21.78 -35.22
C GLU A 737 34.16 -20.44 -34.57
N GLU A 738 33.50 -19.53 -35.28
CA GLU A 738 33.15 -18.25 -34.67
C GLU A 738 32.20 -18.42 -33.49
N ALA A 739 31.19 -19.29 -33.65
CA ALA A 739 30.27 -19.55 -32.56
C ALA A 739 31.01 -20.10 -31.34
N MET A 740 31.94 -21.04 -31.57
CA MET A 740 32.76 -21.55 -30.48
C MET A 740 33.61 -20.44 -29.88
N ARG A 741 34.11 -19.53 -30.71
CA ARG A 741 34.97 -18.46 -30.23
C ARG A 741 34.25 -17.58 -29.22
N PHE A 742 33.04 -17.15 -29.55
CA PHE A 742 32.29 -16.26 -28.66
C PHE A 742 31.02 -16.89 -28.12
N ALA A 743 31.11 -18.17 -27.73
CA ALA A 743 30.09 -18.80 -26.90
C ALA A 743 30.43 -18.57 -25.42
N ARG A 744 29.64 -19.15 -24.53
CA ARG A 744 29.83 -18.98 -23.10
C ARG A 744 29.14 -20.12 -22.36
N ARG A 745 29.45 -20.24 -21.07
CA ARG A 745 28.86 -21.26 -20.21
C ARG A 745 27.70 -20.68 -19.42
N SER A 746 26.62 -21.46 -19.31
CA SER A 746 25.42 -20.97 -18.65
C SER A 746 25.60 -20.86 -17.15
N VAL A 747 26.14 -21.90 -16.51
CA VAL A 747 26.25 -21.96 -15.06
C VAL A 747 27.67 -22.35 -14.66
N SER A 748 28.02 -22.05 -13.42
CA SER A 748 29.35 -22.28 -12.91
C SER A 748 29.37 -23.46 -11.94
N ASP A 749 30.58 -24.00 -11.72
CA ASP A 749 30.73 -25.14 -10.81
C ASP A 749 30.33 -24.77 -9.40
N ASN A 750 30.70 -23.58 -8.94
CA ASN A 750 30.30 -23.14 -7.61
C ASN A 750 28.79 -23.13 -7.48
N ASP A 751 28.08 -22.76 -8.55
CA ASP A 751 26.63 -22.74 -8.51
C ASP A 751 26.06 -24.15 -8.51
N ILE A 752 26.59 -25.04 -9.37
CA ILE A 752 26.03 -26.38 -9.45
C ILE A 752 26.32 -27.19 -8.20
N ARG A 753 27.34 -26.80 -7.42
CA ARG A 753 27.63 -27.53 -6.19
C ARG A 753 26.40 -27.61 -5.27
N LYS A 754 25.53 -26.60 -5.33
CA LYS A 754 24.38 -26.56 -4.44
C LYS A 754 23.45 -27.75 -4.67
N TYR A 755 23.23 -28.11 -5.93
CA TYR A 755 22.36 -29.26 -6.21
C TYR A 755 22.96 -30.55 -5.68
N GLU A 756 24.27 -30.73 -5.83
CA GLU A 756 24.93 -31.90 -5.27
C GLU A 756 24.77 -31.93 -3.76
N MET A 757 24.93 -30.77 -3.10
CA MET A 757 24.77 -30.72 -1.65
C MET A 757 23.35 -31.08 -1.25
N PHE A 758 22.36 -30.57 -1.97
CA PHE A 758 20.97 -30.88 -1.65
C PHE A 758 20.70 -32.37 -1.82
N ALA A 759 21.22 -32.97 -2.88
CA ALA A 759 21.07 -34.41 -3.06
C ALA A 759 21.75 -35.18 -1.94
N GLN A 760 22.92 -34.72 -1.50
CA GLN A 760 23.62 -35.38 -0.41
C GLN A 760 22.85 -35.28 0.89
N THR A 761 22.11 -34.19 1.08
CA THR A 761 21.39 -34.00 2.34
C THR A 761 20.40 -35.13 2.59
N LEU A 762 19.66 -35.55 1.58
CA LEU A 762 18.71 -36.65 1.71
C LEU A 762 19.45 -37.99 1.67
N ASN B 199 -23.78 1.57 -50.52
CA ASN B 199 -22.63 1.30 -49.67
C ASN B 199 -22.80 -0.04 -48.96
N GLU B 200 -23.43 -0.99 -49.65
CA GLU B 200 -23.62 -2.32 -49.08
C GLU B 200 -22.28 -3.00 -48.83
N VAL B 201 -22.19 -3.73 -47.72
CA VAL B 201 -20.97 -4.42 -47.33
C VAL B 201 -21.20 -5.92 -47.47
N GLY B 202 -20.32 -6.59 -48.20
CA GLY B 202 -20.43 -8.02 -48.42
C GLY B 202 -19.12 -8.74 -48.21
N TYR B 203 -19.07 -10.03 -48.58
CA TYR B 203 -17.84 -10.80 -48.39
C TYR B 203 -16.68 -10.22 -49.17
N ASP B 204 -16.94 -9.44 -50.21
CA ASP B 204 -15.86 -8.79 -50.96
C ASP B 204 -15.27 -7.60 -50.21
N ASP B 205 -15.89 -7.17 -49.11
CA ASP B 205 -15.43 -6.03 -48.33
C ASP B 205 -14.67 -6.44 -47.09
N ILE B 206 -14.28 -7.70 -46.97
CA ILE B 206 -13.49 -8.20 -45.85
C ILE B 206 -12.25 -8.90 -46.37
N GLY B 207 -11.11 -8.65 -45.71
CA GLY B 207 -9.87 -9.26 -46.11
C GLY B 207 -8.99 -9.51 -44.91
N GLY B 208 -7.93 -10.28 -45.14
CA GLY B 208 -7.00 -10.64 -44.08
C GLY B 208 -7.41 -11.81 -43.23
N CYS B 209 -8.57 -12.41 -43.48
CA CYS B 209 -9.06 -13.56 -42.72
C CYS B 209 -9.67 -14.54 -43.73
N ARG B 210 -8.86 -15.50 -44.18
CA ARG B 210 -9.29 -16.44 -45.19
C ARG B 210 -9.89 -17.71 -44.59
N LYS B 211 -9.18 -18.35 -43.66
CA LYS B 211 -9.66 -19.60 -43.09
C LYS B 211 -10.95 -19.38 -42.30
N GLN B 212 -10.96 -18.38 -41.42
CA GLN B 212 -12.15 -18.11 -40.61
C GLN B 212 -13.34 -17.72 -41.49
N LEU B 213 -13.10 -16.85 -42.47
CA LEU B 213 -14.18 -16.44 -43.36
C LEU B 213 -14.72 -17.63 -44.13
N ALA B 214 -13.83 -18.51 -44.60
CA ALA B 214 -14.29 -19.70 -45.32
C ALA B 214 -15.12 -20.60 -44.42
N GLN B 215 -14.69 -20.79 -43.17
CA GLN B 215 -15.46 -21.61 -42.25
C GLN B 215 -16.86 -21.04 -42.02
N ILE B 216 -16.93 -19.74 -41.72
CA ILE B 216 -18.24 -19.13 -41.49
C ILE B 216 -19.09 -19.20 -42.75
N LYS B 217 -18.48 -18.96 -43.91
CA LYS B 217 -19.22 -18.96 -45.16
C LYS B 217 -19.81 -20.34 -45.44
N GLU B 218 -19.00 -21.38 -45.37
CA GLU B 218 -19.51 -22.71 -45.65
C GLU B 218 -20.57 -23.10 -44.61
N MET B 219 -20.35 -22.76 -43.34
CA MET B 219 -21.33 -23.11 -42.32
C MET B 219 -22.68 -22.44 -42.58
N VAL B 220 -22.65 -21.16 -42.96
CA VAL B 220 -23.90 -20.43 -43.13
C VAL B 220 -24.55 -20.70 -44.48
N GLU B 221 -23.80 -21.20 -45.46
CA GLU B 221 -24.34 -21.49 -46.78
C GLU B 221 -24.79 -22.93 -46.93
N LEU B 222 -23.89 -23.90 -46.75
CA LEU B 222 -24.20 -25.29 -47.06
C LEU B 222 -25.56 -25.71 -46.53
N PRO B 223 -25.83 -25.65 -45.22
CA PRO B 223 -27.18 -26.03 -44.75
C PRO B 223 -28.27 -25.21 -45.40
N LEU B 224 -28.05 -23.91 -45.62
CA LEU B 224 -29.09 -23.08 -46.20
C LEU B 224 -29.23 -23.33 -47.70
N ARG B 225 -28.11 -23.44 -48.42
CA ARG B 225 -28.19 -23.61 -49.87
C ARG B 225 -28.76 -24.98 -50.24
N HIS B 226 -28.34 -26.03 -49.54
CA HIS B 226 -29.00 -27.33 -49.72
C HIS B 226 -28.83 -28.19 -48.47
N PRO B 227 -29.91 -28.44 -47.70
CA PRO B 227 -29.81 -29.42 -46.61
C PRO B 227 -29.87 -30.86 -47.09
N ALA B 228 -30.06 -31.11 -48.39
CA ALA B 228 -30.19 -32.47 -48.88
C ALA B 228 -28.92 -33.28 -48.64
N LEU B 229 -27.76 -32.67 -48.88
CA LEU B 229 -26.51 -33.41 -48.69
C LEU B 229 -26.33 -33.80 -47.23
N PHE B 230 -26.59 -32.87 -46.31
CA PHE B 230 -26.42 -33.19 -44.90
C PHE B 230 -27.47 -34.21 -44.43
N LYS B 231 -28.68 -34.15 -44.98
CA LYS B 231 -29.66 -35.18 -44.66
C LYS B 231 -29.20 -36.54 -45.15
N ALA B 232 -28.61 -36.60 -46.34
CA ALA B 232 -28.08 -37.86 -46.86
C ALA B 232 -26.96 -38.38 -45.98
N ILE B 233 -26.05 -37.50 -45.54
CA ILE B 233 -24.98 -37.92 -44.64
C ILE B 233 -25.56 -38.45 -43.34
N GLY B 234 -26.54 -37.74 -42.77
CA GLY B 234 -27.22 -38.22 -41.58
C GLY B 234 -26.97 -37.37 -40.35
N VAL B 235 -25.73 -36.92 -40.15
CA VAL B 235 -25.38 -36.12 -38.99
C VAL B 235 -25.74 -34.67 -39.25
N LYS B 236 -26.47 -34.05 -38.33
CA LYS B 236 -26.86 -32.67 -38.49
C LYS B 236 -25.64 -31.76 -38.37
N PRO B 237 -25.63 -30.63 -39.08
CA PRO B 237 -24.49 -29.70 -38.98
C PRO B 237 -24.52 -28.94 -37.67
N PRO B 238 -23.41 -28.30 -37.30
CA PRO B 238 -23.41 -27.50 -36.07
C PRO B 238 -24.36 -26.32 -36.16
N ARG B 239 -24.86 -25.88 -35.01
CA ARG B 239 -25.82 -24.80 -34.90
C ARG B 239 -25.39 -23.80 -33.83
N GLY B 240 -24.12 -23.39 -33.87
CA GLY B 240 -23.62 -22.41 -32.94
C GLY B 240 -22.15 -22.10 -33.15
N ILE B 241 -21.78 -20.83 -33.05
CA ILE B 241 -20.40 -20.41 -33.22
C ILE B 241 -20.14 -19.18 -32.37
N LEU B 242 -18.93 -19.08 -31.83
CA LEU B 242 -18.50 -17.96 -31.01
C LEU B 242 -17.28 -17.33 -31.65
N LEU B 243 -17.35 -16.03 -31.91
CA LEU B 243 -16.26 -15.28 -32.50
C LEU B 243 -15.52 -14.55 -31.39
N TYR B 244 -14.25 -14.89 -31.19
CA TYR B 244 -13.44 -14.32 -30.13
C TYR B 244 -12.12 -13.81 -30.70
N GLY B 245 -11.64 -12.70 -30.16
CA GLY B 245 -10.40 -12.11 -30.61
C GLY B 245 -10.17 -10.75 -29.98
N PRO B 246 -9.03 -10.13 -30.31
CA PRO B 246 -8.73 -8.81 -29.76
C PRO B 246 -9.68 -7.77 -30.30
N PRO B 247 -9.85 -6.65 -29.59
CA PRO B 247 -10.83 -5.65 -30.03
C PRO B 247 -10.49 -5.10 -31.41
N GLY B 248 -11.53 -4.84 -32.19
CA GLY B 248 -11.37 -4.23 -33.49
C GLY B 248 -10.62 -5.09 -34.48
N THR B 249 -10.98 -6.37 -34.58
CA THR B 249 -10.39 -7.26 -35.57
C THR B 249 -11.31 -7.52 -36.75
N GLY B 250 -12.62 -7.37 -36.58
CA GLY B 250 -13.56 -7.54 -37.67
C GLY B 250 -14.73 -8.46 -37.35
N LYS B 251 -14.93 -8.77 -36.07
CA LYS B 251 -16.02 -9.66 -35.70
C LYS B 251 -17.38 -9.07 -36.08
N THR B 252 -17.62 -7.83 -35.68
CA THR B 252 -18.88 -7.18 -36.03
C THR B 252 -19.02 -6.99 -37.52
N LEU B 253 -17.91 -6.73 -38.22
CA LEU B 253 -17.98 -6.62 -39.67
C LEU B 253 -18.44 -7.93 -40.30
N ILE B 254 -17.88 -9.04 -39.83
CA ILE B 254 -18.31 -10.35 -40.33
C ILE B 254 -19.79 -10.56 -40.03
N ALA B 255 -20.21 -10.24 -38.81
CA ALA B 255 -21.60 -10.44 -38.43
C ALA B 255 -22.53 -9.65 -39.35
N ARG B 256 -22.24 -8.36 -39.56
CA ARG B 256 -23.13 -7.54 -40.36
C ARG B 256 -23.08 -7.95 -41.82
N ALA B 257 -21.92 -8.36 -42.33
CA ALA B 257 -21.84 -8.82 -43.70
C ALA B 257 -22.69 -10.07 -43.92
N VAL B 258 -22.58 -11.03 -43.00
CA VAL B 258 -23.39 -12.24 -43.11
C VAL B 258 -24.87 -11.90 -43.02
N ALA B 259 -25.22 -10.99 -42.10
CA ALA B 259 -26.62 -10.61 -41.95
C ALA B 259 -27.16 -9.97 -43.22
N ASN B 260 -26.37 -9.07 -43.84
CA ASN B 260 -26.85 -8.31 -44.98
C ASN B 260 -26.75 -9.08 -46.29
N GLU B 261 -25.99 -10.18 -46.33
CA GLU B 261 -25.85 -10.95 -47.54
C GLU B 261 -26.68 -12.23 -47.55
N THR B 262 -26.89 -12.85 -46.39
CA THR B 262 -27.65 -14.09 -46.35
C THR B 262 -29.12 -13.83 -46.66
N GLY B 263 -29.74 -14.78 -47.36
CA GLY B 263 -31.16 -14.66 -47.66
C GLY B 263 -32.08 -15.01 -46.50
N ALA B 264 -31.58 -15.75 -45.51
CA ALA B 264 -32.38 -16.13 -44.37
C ALA B 264 -32.62 -14.92 -43.45
N PHE B 265 -33.71 -14.99 -42.69
CA PHE B 265 -34.03 -13.93 -41.76
C PHE B 265 -32.94 -13.79 -40.70
N PHE B 266 -32.68 -12.55 -40.29
CA PHE B 266 -31.65 -12.24 -39.32
C PHE B 266 -32.25 -11.47 -38.15
N PHE B 267 -31.85 -11.83 -36.94
CA PHE B 267 -32.31 -11.17 -35.73
C PHE B 267 -31.09 -10.74 -34.92
N LEU B 268 -31.13 -9.52 -34.40
CA LEU B 268 -30.03 -8.94 -33.65
C LEU B 268 -30.46 -8.70 -32.21
N ILE B 269 -29.58 -9.06 -31.27
CA ILE B 269 -29.85 -8.86 -29.86
C ILE B 269 -28.60 -8.30 -29.19
N ASN B 270 -28.58 -6.99 -28.95
CA ASN B 270 -27.50 -6.41 -28.19
C ASN B 270 -27.47 -7.02 -26.79
N GLY B 271 -26.28 -7.29 -26.29
CA GLY B 271 -26.14 -7.96 -25.02
C GLY B 271 -26.82 -7.21 -23.90
N PRO B 272 -26.32 -6.02 -23.57
CA PRO B 272 -26.91 -5.22 -22.49
C PRO B 272 -28.19 -4.47 -22.91
N GLU B 273 -29.13 -5.20 -23.50
CA GLU B 273 -30.38 -4.60 -23.98
C GLU B 273 -31.62 -5.38 -23.58
N ILE B 274 -31.49 -6.63 -23.16
CA ILE B 274 -32.67 -7.46 -22.90
C ILE B 274 -33.34 -7.07 -21.60
N MET B 275 -32.57 -7.00 -20.51
CA MET B 275 -33.15 -6.83 -19.19
C MET B 275 -33.89 -5.50 -19.08
N SER B 276 -34.98 -5.51 -18.31
CA SER B 276 -35.83 -4.34 -18.11
C SER B 276 -36.12 -4.19 -16.63
N LYS B 277 -36.79 -3.08 -16.29
CA LYS B 277 -37.05 -2.77 -14.88
C LYS B 277 -37.93 -3.83 -14.23
N LEU B 278 -38.99 -4.26 -14.91
CA LEU B 278 -39.93 -5.19 -14.32
C LEU B 278 -39.24 -6.51 -13.97
N ALA B 279 -39.57 -7.06 -12.80
CA ALA B 279 -38.98 -8.31 -12.38
C ALA B 279 -39.38 -9.43 -13.34
N GLY B 280 -38.42 -10.30 -13.63
CA GLY B 280 -38.70 -11.42 -14.53
C GLY B 280 -39.09 -10.99 -15.92
N GLU B 281 -38.38 -10.01 -16.49
CA GLU B 281 -38.65 -9.52 -17.83
C GLU B 281 -37.57 -9.86 -18.84
N SER B 282 -36.31 -9.98 -18.40
CA SER B 282 -35.25 -10.34 -19.33
C SER B 282 -35.47 -11.72 -19.90
N GLU B 283 -35.87 -12.68 -19.06
CA GLU B 283 -36.15 -14.02 -19.55
C GLU B 283 -37.30 -14.01 -20.53
N SER B 284 -38.34 -13.23 -20.23
CA SER B 284 -39.47 -13.12 -21.16
C SER B 284 -39.03 -12.54 -22.49
N ASN B 285 -38.17 -11.53 -22.47
CA ASN B 285 -37.68 -10.93 -23.71
C ASN B 285 -36.88 -11.94 -24.52
N LEU B 286 -35.99 -12.69 -23.85
CA LEU B 286 -35.21 -13.71 -24.55
C LEU B 286 -36.12 -14.76 -25.18
N ARG B 287 -37.11 -15.23 -24.42
CA ARG B 287 -38.02 -16.24 -24.95
C ARG B 287 -38.78 -15.71 -26.16
N LYS B 288 -39.29 -14.47 -26.06
CA LYS B 288 -40.03 -13.90 -27.17
C LYS B 288 -39.14 -13.76 -28.40
N ALA B 289 -37.91 -13.29 -28.22
CA ALA B 289 -37.00 -13.14 -29.35
C ALA B 289 -36.74 -14.49 -30.01
N PHE B 290 -36.39 -15.50 -29.21
CA PHE B 290 -36.06 -16.80 -29.79
C PHE B 290 -37.26 -17.41 -30.50
N GLU B 291 -38.43 -17.38 -29.88
CA GLU B 291 -39.60 -18.00 -30.49
C GLU B 291 -40.00 -17.26 -31.76
N GLU B 292 -39.96 -15.92 -31.75
CA GLU B 292 -40.30 -15.18 -32.95
C GLU B 292 -39.33 -15.49 -34.08
N ALA B 293 -38.03 -15.53 -33.78
CA ALA B 293 -37.05 -15.82 -34.82
C ALA B 293 -37.24 -17.21 -35.39
N GLU B 294 -37.43 -18.21 -34.52
CA GLU B 294 -37.58 -19.58 -35.01
C GLU B 294 -38.86 -19.73 -35.82
N LYS B 295 -39.96 -19.12 -35.36
CA LYS B 295 -41.22 -19.22 -36.09
C LYS B 295 -41.12 -18.54 -37.45
N ASN B 296 -40.45 -17.38 -37.51
CA ASN B 296 -40.43 -16.61 -38.75
C ASN B 296 -39.85 -17.42 -39.90
N ALA B 297 -38.69 -18.04 -39.69
CA ALA B 297 -37.99 -18.75 -40.75
C ALA B 297 -36.79 -19.47 -40.17
N PRO B 298 -36.09 -20.31 -40.95
CA PRO B 298 -34.81 -20.84 -40.47
C PRO B 298 -33.78 -19.73 -40.37
N ALA B 299 -33.93 -18.90 -39.35
CA ALA B 299 -33.20 -17.65 -39.25
C ALA B 299 -31.90 -17.85 -38.47
N ILE B 300 -31.19 -16.74 -38.26
CA ILE B 300 -29.91 -16.72 -37.56
C ILE B 300 -29.98 -15.68 -36.46
N ILE B 301 -29.49 -16.05 -35.28
CA ILE B 301 -29.46 -15.16 -34.12
C ILE B 301 -28.05 -14.68 -33.92
N PHE B 302 -27.89 -13.38 -33.66
CA PHE B 302 -26.59 -12.78 -33.38
C PHE B 302 -26.68 -12.03 -32.06
N ILE B 303 -25.84 -12.40 -31.11
CA ILE B 303 -25.72 -11.70 -29.83
C ILE B 303 -24.35 -11.03 -29.80
N ASP B 304 -24.34 -9.74 -29.49
CA ASP B 304 -23.10 -8.95 -29.46
C ASP B 304 -22.70 -8.70 -28.02
N GLU B 305 -21.45 -9.01 -27.69
CA GLU B 305 -20.89 -8.80 -26.35
C GLU B 305 -21.71 -9.56 -25.31
N LEU B 306 -21.82 -10.87 -25.50
CA LEU B 306 -22.57 -11.69 -24.55
C LEU B 306 -21.84 -11.90 -23.24
N ASP B 307 -20.56 -11.51 -23.15
CA ASP B 307 -19.87 -11.56 -21.87
C ASP B 307 -20.50 -10.63 -20.85
N ALA B 308 -21.32 -9.68 -21.30
CA ALA B 308 -22.09 -8.83 -20.40
C ALA B 308 -23.32 -9.50 -19.83
N ILE B 309 -23.74 -10.63 -20.40
CA ILE B 309 -24.94 -11.32 -19.95
C ILE B 309 -24.67 -12.76 -19.52
N ALA B 310 -23.43 -13.24 -19.65
CA ALA B 310 -23.05 -14.57 -19.15
C ALA B 310 -21.76 -14.49 -18.34
N PRO B 311 -21.81 -13.89 -17.12
CA PRO B 311 -20.63 -13.83 -16.26
C PRO B 311 -20.28 -15.14 -15.55
N LYS B 312 -20.21 -16.23 -16.30
CA LYS B 312 -19.67 -17.48 -15.80
C LYS B 312 -20.57 -18.16 -14.76
N ARG B 313 -21.65 -17.51 -14.36
CA ARG B 313 -22.62 -18.12 -13.46
C ARG B 313 -22.05 -18.43 -12.08
N GLU B 314 -20.80 -18.04 -11.82
CA GLU B 314 -20.17 -18.30 -10.54
C GLU B 314 -19.80 -17.01 -9.80
N LYS B 315 -19.06 -16.12 -10.46
CA LYS B 315 -18.65 -14.88 -9.81
C LYS B 315 -19.78 -13.86 -9.72
N THR B 316 -20.82 -14.01 -10.54
CA THR B 316 -21.93 -13.07 -10.51
C THR B 316 -22.68 -13.15 -9.18
N HIS B 317 -23.08 -12.00 -8.67
CA HIS B 317 -23.81 -11.91 -7.41
C HIS B 317 -25.30 -11.69 -7.60
N GLY B 318 -25.67 -10.67 -8.37
CA GLY B 318 -27.07 -10.36 -8.60
C GLY B 318 -27.83 -11.54 -9.17
N GLU B 319 -29.00 -11.84 -8.59
CA GLU B 319 -29.78 -12.99 -9.04
C GLU B 319 -30.30 -12.85 -10.45
N VAL B 320 -30.46 -11.62 -10.95
CA VAL B 320 -30.95 -11.44 -12.31
C VAL B 320 -29.97 -12.03 -13.31
N GLU B 321 -28.67 -11.80 -13.11
CA GLU B 321 -27.67 -12.35 -14.02
C GLU B 321 -27.70 -13.87 -14.01
N ARG B 322 -27.76 -14.48 -12.83
CA ARG B 322 -27.84 -15.93 -12.75
C ARG B 322 -29.07 -16.46 -13.45
N ARG B 323 -30.22 -15.82 -13.22
CA ARG B 323 -31.46 -16.30 -13.84
C ARG B 323 -31.38 -16.18 -15.35
N ILE B 324 -30.85 -15.08 -15.88
CA ILE B 324 -30.82 -14.91 -17.33
C ILE B 324 -29.84 -15.89 -17.96
N VAL B 325 -28.68 -16.11 -17.34
CA VAL B 325 -27.73 -17.07 -17.92
C VAL B 325 -28.31 -18.47 -17.88
N SER B 326 -28.98 -18.83 -16.78
CA SER B 326 -29.59 -20.16 -16.69
C SER B 326 -30.69 -20.31 -17.73
N GLN B 327 -31.48 -19.26 -17.94
CA GLN B 327 -32.54 -19.32 -18.95
C GLN B 327 -31.95 -19.50 -20.34
N LEU B 328 -30.87 -18.78 -20.64
CA LEU B 328 -30.21 -18.96 -21.93
C LEU B 328 -29.72 -20.39 -22.10
N LEU B 329 -29.08 -20.93 -21.07
CA LEU B 329 -28.58 -22.30 -21.13
C LEU B 329 -29.72 -23.28 -21.40
N THR B 330 -30.81 -23.15 -20.64
CA THR B 330 -31.93 -24.09 -20.79
C THR B 330 -32.57 -23.96 -22.16
N LEU B 331 -32.74 -22.73 -22.66
CA LEU B 331 -33.35 -22.54 -23.96
C LEU B 331 -32.46 -23.12 -25.06
N MET B 332 -31.15 -22.94 -24.96
CA MET B 332 -30.24 -23.48 -25.96
C MET B 332 -30.22 -25.00 -25.92
N ASP B 333 -30.24 -25.60 -24.73
CA ASP B 333 -30.17 -27.05 -24.56
C ASP B 333 -31.29 -27.48 -23.61
N GLY B 334 -32.36 -28.04 -24.19
CA GLY B 334 -33.47 -28.54 -23.41
C GLY B 334 -34.05 -29.79 -24.04
N LEU B 335 -35.37 -29.82 -24.21
CA LEU B 335 -36.05 -30.90 -24.91
C LEU B 335 -36.78 -30.31 -26.11
N LYS B 336 -36.53 -30.89 -27.29
CA LYS B 336 -37.14 -30.43 -28.53
C LYS B 336 -37.13 -28.90 -28.61
N GLN B 337 -35.93 -28.33 -28.44
CA GLN B 337 -35.81 -26.88 -28.31
C GLN B 337 -35.79 -26.19 -29.68
N ARG B 338 -34.80 -26.51 -30.51
CA ARG B 338 -34.55 -25.78 -31.74
C ARG B 338 -34.57 -26.71 -32.94
N ALA B 339 -34.78 -26.11 -34.11
CA ALA B 339 -34.77 -26.85 -35.36
C ALA B 339 -34.49 -25.86 -36.49
N HIS B 340 -33.34 -26.02 -37.15
CA HIS B 340 -32.98 -25.18 -38.29
C HIS B 340 -32.77 -23.72 -37.87
N VAL B 341 -31.94 -23.51 -36.86
CA VAL B 341 -31.59 -22.17 -36.41
C VAL B 341 -30.14 -22.18 -35.96
N ILE B 342 -29.43 -21.10 -36.27
CA ILE B 342 -28.02 -20.95 -35.93
C ILE B 342 -27.86 -19.67 -35.12
N VAL B 343 -27.09 -19.76 -34.02
CA VAL B 343 -26.85 -18.63 -33.13
C VAL B 343 -25.38 -18.25 -33.25
N MET B 344 -25.13 -16.97 -33.50
CA MET B 344 -23.76 -16.44 -33.52
C MET B 344 -23.46 -15.75 -32.19
N ALA B 345 -22.25 -15.23 -32.09
CA ALA B 345 -21.80 -14.51 -30.90
C ALA B 345 -20.59 -13.66 -31.28
N ALA B 346 -20.22 -12.77 -30.36
CA ALA B 346 -19.04 -11.93 -30.56
C ALA B 346 -18.65 -11.36 -29.21
N THR B 347 -17.42 -11.63 -28.78
CA THR B 347 -16.95 -11.14 -27.49
C THR B 347 -15.45 -10.94 -27.55
N ASN B 348 -14.96 -10.13 -26.61
CA ASN B 348 -13.53 -9.82 -26.53
C ASN B 348 -12.82 -10.62 -25.45
N ARG B 349 -13.55 -11.20 -24.50
CA ARG B 349 -12.96 -11.92 -23.37
C ARG B 349 -13.65 -13.27 -23.25
N PRO B 350 -13.30 -14.22 -24.12
CA PRO B 350 -13.93 -15.55 -24.04
C PRO B 350 -13.64 -16.27 -22.74
N ASN B 351 -12.57 -15.90 -22.03
CA ASN B 351 -12.24 -16.60 -20.79
C ASN B 351 -13.36 -16.45 -19.77
N SER B 352 -13.99 -15.28 -19.70
CA SER B 352 -15.05 -15.02 -18.73
C SER B 352 -16.42 -15.37 -19.31
N ILE B 353 -16.55 -16.64 -19.69
CA ILE B 353 -17.81 -17.20 -20.17
C ILE B 353 -18.05 -18.52 -19.47
N ASP B 354 -19.31 -18.91 -19.36
CA ASP B 354 -19.67 -20.12 -18.64
C ASP B 354 -19.19 -21.34 -19.43
N PRO B 355 -18.43 -22.25 -18.81
CA PRO B 355 -18.06 -23.49 -19.53
C PRO B 355 -19.28 -24.29 -19.96
N ALA B 356 -20.34 -24.29 -19.17
CA ALA B 356 -21.56 -24.99 -19.58
C ALA B 356 -22.11 -24.39 -20.87
N LEU B 357 -21.99 -23.08 -21.03
CA LEU B 357 -22.42 -22.42 -22.26
C LEU B 357 -21.45 -22.68 -23.40
N ARG B 358 -20.17 -22.89 -23.08
CA ARG B 358 -19.15 -23.07 -24.10
C ARG B 358 -19.01 -24.51 -24.58
N ARG B 359 -19.57 -25.48 -23.87
CA ARG B 359 -19.44 -26.86 -24.27
C ARG B 359 -20.27 -27.13 -25.53
N PHE B 360 -20.10 -28.32 -26.09
CA PHE B 360 -20.69 -28.63 -27.39
C PHE B 360 -22.22 -28.66 -27.31
N GLY B 361 -22.86 -28.09 -28.34
CA GLY B 361 -24.30 -28.02 -28.42
C GLY B 361 -24.86 -26.64 -28.23
N ARG B 362 -24.12 -25.74 -27.56
CA ARG B 362 -24.52 -24.36 -27.38
C ARG B 362 -23.58 -23.41 -28.14
N PHE B 363 -22.29 -23.47 -27.85
CA PHE B 363 -21.26 -22.78 -28.64
C PHE B 363 -20.10 -23.77 -28.74
N ASP B 364 -20.13 -24.60 -29.78
CA ASP B 364 -19.19 -25.69 -29.89
C ASP B 364 -17.88 -25.28 -30.55
N ARG B 365 -17.95 -24.45 -31.59
CA ARG B 365 -16.76 -24.01 -32.31
C ARG B 365 -16.46 -22.55 -31.97
N GLU B 366 -15.18 -22.26 -31.77
CA GLU B 366 -14.70 -20.94 -31.41
C GLU B 366 -13.72 -20.50 -32.49
N VAL B 367 -14.24 -19.85 -33.53
CA VAL B 367 -13.38 -19.36 -34.61
C VAL B 367 -12.53 -18.21 -34.08
N ASP B 368 -11.22 -18.30 -34.31
CA ASP B 368 -10.27 -17.32 -33.80
C ASP B 368 -9.98 -16.30 -34.91
N ILE B 369 -10.50 -15.09 -34.75
CA ILE B 369 -10.23 -14.00 -35.69
C ILE B 369 -9.07 -13.21 -35.11
N GLY B 370 -7.86 -13.60 -35.49
CA GLY B 370 -6.65 -13.01 -34.94
C GLY B 370 -6.13 -11.85 -35.78
N ILE B 371 -4.92 -11.41 -35.42
CA ILE B 371 -4.26 -10.30 -36.07
C ILE B 371 -3.79 -10.75 -37.45
N PRO B 372 -3.81 -9.90 -38.47
CA PRO B 372 -3.38 -10.31 -39.81
C PRO B 372 -1.87 -10.34 -39.92
N ASP B 373 -1.40 -10.64 -41.14
CA ASP B 373 0.01 -10.65 -41.49
C ASP B 373 0.24 -9.60 -42.57
N ALA B 374 1.43 -9.62 -43.17
CA ALA B 374 1.74 -8.65 -44.22
C ALA B 374 0.72 -8.71 -45.36
N THR B 375 0.42 -9.92 -45.83
CA THR B 375 -0.55 -10.06 -46.91
C THR B 375 -1.93 -9.61 -46.48
N GLY B 376 -2.32 -9.93 -45.25
CA GLY B 376 -3.61 -9.48 -44.76
C GLY B 376 -3.71 -7.96 -44.70
N ARG B 377 -2.66 -7.31 -44.24
CA ARG B 377 -2.65 -5.85 -44.21
C ARG B 377 -2.70 -5.27 -45.61
N LEU B 378 -1.99 -5.88 -46.55
CA LEU B 378 -2.05 -5.41 -47.94
C LEU B 378 -3.48 -5.52 -48.47
N GLU B 379 -4.14 -6.66 -48.21
CA GLU B 379 -5.51 -6.83 -48.67
C GLU B 379 -6.45 -5.82 -48.02
N ILE B 380 -6.28 -5.59 -46.72
CA ILE B 380 -7.14 -4.63 -46.03
C ILE B 380 -6.94 -3.23 -46.60
N LEU B 381 -5.70 -2.84 -46.84
CA LEU B 381 -5.44 -1.54 -47.43
C LEU B 381 -6.04 -1.42 -48.81
N GLN B 382 -5.94 -2.48 -49.62
CA GLN B 382 -6.58 -2.45 -50.94
C GLN B 382 -8.07 -2.25 -50.81
N ILE B 383 -8.71 -2.99 -49.89
CA ILE B 383 -10.15 -2.88 -49.71
C ILE B 383 -10.53 -1.46 -49.30
N HIS B 384 -9.79 -0.87 -48.36
CA HIS B 384 -10.14 0.45 -47.85
C HIS B 384 -9.88 1.54 -48.88
N THR B 385 -8.81 1.42 -49.66
CA THR B 385 -8.44 2.44 -50.61
C THR B 385 -9.10 2.28 -51.97
N LYS B 386 -9.79 1.17 -52.23
CA LYS B 386 -10.40 0.97 -53.53
C LYS B 386 -11.42 2.05 -53.86
N ASN B 387 -12.22 2.44 -52.87
CA ASN B 387 -13.33 3.36 -53.13
C ASN B 387 -12.88 4.79 -53.38
N MET B 388 -11.62 5.13 -53.15
CA MET B 388 -11.14 6.50 -53.28
C MET B 388 -10.03 6.58 -54.31
N LYS B 389 -9.99 7.70 -55.03
CA LYS B 389 -8.94 7.99 -55.99
C LYS B 389 -7.71 8.43 -55.21
N LEU B 390 -6.75 7.52 -55.02
CA LEU B 390 -5.61 7.83 -54.18
C LEU B 390 -4.54 8.61 -54.94
N ALA B 391 -3.95 7.99 -55.97
CA ALA B 391 -2.90 8.65 -56.74
C ALA B 391 -2.42 7.75 -57.87
N ASP B 392 -1.48 8.24 -58.67
CA ASP B 392 -0.84 7.45 -59.71
C ASP B 392 0.50 6.89 -59.28
N ASP B 393 0.91 7.12 -58.03
CA ASP B 393 2.20 6.62 -57.54
C ASP B 393 2.05 6.33 -56.05
N VAL B 394 1.81 5.06 -55.73
CA VAL B 394 1.68 4.60 -54.35
C VAL B 394 2.26 3.20 -54.24
N ASP B 395 2.92 2.91 -53.12
CA ASP B 395 3.48 1.60 -52.84
C ASP B 395 2.72 1.01 -51.66
N LEU B 396 1.56 0.41 -51.96
CA LEU B 396 0.78 -0.24 -50.92
C LEU B 396 1.53 -1.44 -50.33
N GLU B 397 2.34 -2.12 -51.13
CA GLU B 397 3.17 -3.20 -50.59
C GLU B 397 4.14 -2.65 -49.54
N GLN B 398 4.79 -1.53 -49.84
CA GLN B 398 5.71 -0.93 -48.87
C GLN B 398 4.97 -0.48 -47.62
N VAL B 399 3.78 0.12 -47.80
CA VAL B 399 3.01 0.56 -46.63
C VAL B 399 2.63 -0.63 -45.76
N ALA B 400 2.20 -1.73 -46.38
CA ALA B 400 1.86 -2.93 -45.62
C ALA B 400 3.08 -3.49 -44.90
N ASN B 401 4.24 -3.50 -45.57
CA ASN B 401 5.45 -3.96 -44.91
C ASN B 401 5.79 -3.11 -43.70
N GLU B 402 5.68 -1.79 -43.83
CA GLU B 402 5.97 -0.91 -42.70
C GLU B 402 4.98 -1.14 -41.56
N THR B 403 3.70 -1.29 -41.89
CA THR B 403 2.67 -1.48 -40.87
C THR B 403 2.81 -2.87 -40.26
N HIS B 404 3.02 -2.92 -38.94
CA HIS B 404 3.32 -4.18 -38.27
C HIS B 404 2.25 -4.61 -37.28
N GLY B 405 1.92 -3.79 -36.29
CA GLY B 405 1.05 -4.23 -35.21
C GLY B 405 -0.39 -3.78 -35.32
N HIS B 406 -0.81 -3.36 -36.51
CA HIS B 406 -2.14 -2.80 -36.69
C HIS B 406 -3.18 -3.92 -36.84
N VAL B 407 -4.45 -3.55 -36.67
CA VAL B 407 -5.52 -4.53 -36.51
C VAL B 407 -6.67 -4.25 -37.48
N GLY B 408 -6.36 -3.65 -38.63
CA GLY B 408 -7.38 -3.36 -39.62
C GLY B 408 -8.14 -2.08 -39.33
N ALA B 409 -8.71 -1.98 -38.13
CA ALA B 409 -9.31 -0.72 -37.73
C ALA B 409 -8.27 0.40 -37.73
N ASP B 410 -7.04 0.08 -37.30
CA ASP B 410 -5.99 1.07 -37.35
C ASP B 410 -5.56 1.37 -38.78
N LEU B 411 -5.65 0.39 -39.68
CA LEU B 411 -5.41 0.69 -41.09
C LEU B 411 -6.45 1.69 -41.62
N ALA B 412 -7.71 1.49 -41.24
CA ALA B 412 -8.74 2.45 -41.61
C ALA B 412 -8.44 3.83 -41.04
N ALA B 413 -7.99 3.88 -39.79
CA ALA B 413 -7.61 5.16 -39.18
C ALA B 413 -6.47 5.81 -39.95
N LEU B 414 -5.48 5.02 -40.36
CA LEU B 414 -4.36 5.55 -41.13
C LEU B 414 -4.84 6.12 -42.46
N CYS B 415 -5.74 5.41 -43.14
CA CYS B 415 -6.27 5.92 -44.40
C CYS B 415 -7.01 7.24 -44.18
N SER B 416 -7.81 7.32 -43.12
CA SER B 416 -8.53 8.56 -42.84
C SER B 416 -7.58 9.70 -42.54
N GLU B 417 -6.52 9.43 -41.78
CA GLU B 417 -5.53 10.46 -41.49
C GLU B 417 -4.83 10.92 -42.76
N ALA B 418 -4.50 9.99 -43.65
CA ALA B 418 -3.88 10.38 -44.91
C ALA B 418 -4.81 11.27 -45.73
N ALA B 419 -6.09 10.91 -45.78
CA ALA B 419 -7.06 11.74 -46.50
C ALA B 419 -7.14 13.14 -45.88
N LEU B 420 -7.18 13.21 -44.55
CA LEU B 420 -7.26 14.51 -43.89
C LEU B 420 -6.03 15.36 -44.19
N GLN B 421 -4.84 14.74 -44.18
CA GLN B 421 -3.63 15.47 -44.49
C GLN B 421 -3.66 15.98 -45.94
N ALA B 422 -4.15 15.14 -46.86
CA ALA B 422 -4.28 15.60 -48.24
C ALA B 422 -5.21 16.80 -48.34
N ILE B 423 -6.33 16.76 -47.63
CA ILE B 423 -7.27 17.88 -47.66
C ILE B 423 -6.60 19.13 -47.08
N ARG B 424 -5.91 18.99 -45.95
CA ARG B 424 -5.25 20.14 -45.34
C ARG B 424 -4.16 20.70 -46.24
N LYS B 425 -3.58 19.88 -47.11
CA LYS B 425 -2.58 20.38 -48.03
C LYS B 425 -3.15 21.44 -48.96
N LYS B 426 -4.47 21.52 -49.10
CA LYS B 426 -5.14 22.55 -49.87
C LYS B 426 -5.78 23.61 -48.98
N MET B 427 -5.30 23.76 -47.74
CA MET B 427 -5.92 24.69 -46.81
C MET B 427 -5.85 26.12 -47.33
N ASP B 428 -4.70 26.52 -47.86
CA ASP B 428 -4.56 27.88 -48.38
C ASP B 428 -5.51 28.11 -49.55
N LEU B 429 -5.61 27.13 -50.46
CA LEU B 429 -6.49 27.29 -51.61
C LEU B 429 -7.94 27.38 -51.19
N ILE B 430 -8.37 26.55 -50.26
CA ILE B 430 -9.75 26.57 -49.79
C ILE B 430 -9.95 27.73 -48.82
N GLU B 440 -12.97 23.11 -59.05
CA GLU B 440 -11.73 22.82 -59.74
C GLU B 440 -10.69 22.20 -58.80
N VAL B 441 -11.05 22.11 -57.51
CA VAL B 441 -10.16 21.54 -56.50
C VAL B 441 -10.55 20.10 -56.16
N MET B 442 -11.85 19.81 -56.11
CA MET B 442 -12.30 18.47 -55.76
C MET B 442 -11.83 17.45 -56.79
N ASN B 443 -11.84 17.83 -58.07
CA ASN B 443 -11.42 16.89 -59.11
C ASN B 443 -9.95 16.50 -58.94
N SER B 444 -9.10 17.46 -58.61
CA SER B 444 -7.67 17.22 -58.49
C SER B 444 -7.25 16.73 -57.11
N LEU B 445 -8.19 16.61 -56.17
CA LEU B 445 -7.83 16.14 -54.84
C LEU B 445 -7.32 14.71 -54.91
N ALA B 446 -6.21 14.45 -54.20
CA ALA B 446 -5.59 13.14 -54.20
C ALA B 446 -4.70 13.02 -52.97
N VAL B 447 -4.32 11.78 -52.67
CA VAL B 447 -3.44 11.46 -51.55
C VAL B 447 -2.18 10.82 -52.13
N THR B 448 -1.02 11.31 -51.70
CA THR B 448 0.25 10.93 -52.28
C THR B 448 1.13 10.23 -51.24
N MET B 449 2.31 9.80 -51.70
CA MET B 449 3.25 9.15 -50.79
C MET B 449 3.62 10.06 -49.64
N ASP B 450 3.62 11.38 -49.85
CA ASP B 450 4.00 12.30 -48.78
C ASP B 450 3.06 12.17 -47.58
N ASP B 451 1.75 12.29 -47.82
CA ASP B 451 0.82 12.22 -46.69
C ASP B 451 0.66 10.79 -46.21
N PHE B 452 0.81 9.80 -47.09
CA PHE B 452 0.87 8.43 -46.61
C PHE B 452 1.98 8.24 -45.59
N ARG B 453 3.19 8.73 -45.91
CA ARG B 453 4.30 8.60 -44.98
C ARG B 453 4.06 9.40 -43.71
N TRP B 454 3.48 10.58 -43.83
CA TRP B 454 3.20 11.39 -42.63
C TRP B 454 2.25 10.65 -41.69
N ALA B 455 1.13 10.15 -42.23
CA ALA B 455 0.17 9.43 -41.41
C ALA B 455 0.80 8.16 -40.84
N LEU B 456 1.63 7.48 -41.63
CA LEU B 456 2.28 6.27 -41.16
C LEU B 456 3.21 6.58 -39.98
N SER B 457 3.96 7.68 -40.08
CA SER B 457 4.85 8.06 -38.99
C SER B 457 4.04 8.38 -37.73
N GLN B 458 2.92 9.07 -37.88
CA GLN B 458 2.10 9.39 -36.72
C GLN B 458 1.27 8.22 -36.22
N SER B 459 1.18 7.13 -36.96
CA SER B 459 0.27 6.04 -36.61
C SER B 459 0.92 5.10 -35.61
N ASN B 460 0.13 4.67 -34.63
CA ASN B 460 0.52 3.65 -33.68
C ASN B 460 -0.63 2.66 -33.49
N PRO B 461 -0.33 1.40 -33.17
CA PRO B 461 -1.41 0.42 -33.00
C PRO B 461 -2.33 0.78 -31.85
N SER B 462 -3.60 0.41 -32.00
CA SER B 462 -4.59 0.75 -30.98
C SER B 462 -4.28 0.06 -29.65
N ALA B 463 -3.66 -1.11 -29.69
CA ALA B 463 -3.35 -1.83 -28.45
C ALA B 463 -2.36 -1.07 -27.59
N LEU B 464 -1.36 -0.44 -28.22
CA LEU B 464 -0.28 0.22 -27.50
C LEU B 464 -0.61 1.66 -27.11
N ARG B 465 -1.83 2.14 -27.40
CA ARG B 465 -2.20 3.49 -27.01
C ARG B 465 -2.07 3.70 -25.50
N GLU B 466 -2.15 2.62 -24.72
CA GLU B 466 -2.12 2.75 -23.27
C GLU B 466 -0.72 3.07 -22.77
N THR B 467 0.31 2.46 -23.37
CA THR B 467 1.68 2.53 -22.87
C THR B 467 2.59 3.23 -23.87
N VAL B 468 2.13 4.34 -24.44
CA VAL B 468 2.93 5.15 -25.36
C VAL B 468 3.46 6.36 -24.60
N VAL B 469 4.78 6.55 -24.65
CA VAL B 469 5.43 7.67 -24.00
C VAL B 469 6.39 8.29 -25.01
N GLU B 470 6.36 9.62 -25.13
CA GLU B 470 7.27 10.30 -26.04
C GLU B 470 8.71 10.08 -25.60
N VAL B 471 9.60 9.94 -26.58
CA VAL B 471 11.02 9.78 -26.31
C VAL B 471 11.80 10.77 -27.17
N PRO B 472 12.97 11.23 -26.74
CA PRO B 472 13.73 12.18 -27.55
C PRO B 472 14.18 11.56 -28.86
N GLN B 473 14.27 12.40 -29.88
CA GLN B 473 14.71 11.95 -31.20
C GLN B 473 16.23 11.79 -31.20
N VAL B 474 16.70 10.64 -31.69
CA VAL B 474 18.12 10.37 -31.82
C VAL B 474 18.31 9.39 -32.97
N THR B 475 19.47 9.46 -33.61
CA THR B 475 19.77 8.66 -34.79
C THR B 475 21.13 8.01 -34.62
N TRP B 476 21.36 6.94 -35.39
CA TRP B 476 22.59 6.17 -35.24
C TRP B 476 23.83 7.03 -35.36
N GLU B 477 23.78 8.10 -36.16
CA GLU B 477 24.94 9.00 -36.25
C GLU B 477 25.20 9.74 -34.95
N ASP B 478 24.23 9.78 -34.04
CA ASP B 478 24.42 10.47 -32.77
C ASP B 478 25.25 9.68 -31.77
N ILE B 479 25.50 8.40 -32.02
CA ILE B 479 26.29 7.55 -31.12
C ILE B 479 27.66 7.36 -31.74
N GLY B 480 28.70 7.61 -30.95
CA GLY B 480 30.08 7.44 -31.39
C GLY B 480 30.62 6.08 -31.00
N GLY B 481 31.39 5.48 -31.89
CA GLY B 481 31.92 4.16 -31.62
C GLY B 481 30.83 3.12 -31.51
N LEU B 482 31.11 2.07 -30.75
CA LEU B 482 30.16 0.99 -30.53
C LEU B 482 29.68 0.41 -31.87
N GLU B 483 30.61 0.29 -32.81
CA GLU B 483 30.26 -0.24 -34.13
C GLU B 483 29.76 -1.68 -34.02
N ASP B 484 30.44 -2.51 -33.23
CA ASP B 484 30.03 -3.90 -33.08
C ASP B 484 28.64 -4.00 -32.48
N VAL B 485 28.38 -3.24 -31.42
CA VAL B 485 27.08 -3.31 -30.76
C VAL B 485 25.99 -2.81 -31.71
N LYS B 486 26.25 -1.72 -32.42
CA LYS B 486 25.26 -1.19 -33.35
C LYS B 486 24.94 -2.22 -34.43
N ARG B 487 25.98 -2.83 -35.01
CA ARG B 487 25.75 -3.82 -36.06
C ARG B 487 24.96 -5.00 -35.53
N GLU B 488 25.33 -5.50 -34.34
CA GLU B 488 24.63 -6.66 -33.79
C GLU B 488 23.17 -6.33 -33.52
N LEU B 489 22.89 -5.16 -32.93
CA LEU B 489 21.50 -4.80 -32.66
C LEU B 489 20.72 -4.66 -33.96
N GLN B 490 21.30 -4.01 -34.97
CA GLN B 490 20.59 -3.83 -36.23
C GLN B 490 20.27 -5.18 -36.87
N GLU B 491 21.25 -6.08 -36.92
CA GLU B 491 21.01 -7.39 -37.51
C GLU B 491 19.95 -8.15 -36.72
N LEU B 492 20.05 -8.13 -35.38
CA LEU B 492 19.10 -8.87 -34.55
C LEU B 492 17.68 -8.38 -34.77
N VAL B 493 17.50 -7.05 -34.87
CA VAL B 493 16.15 -6.52 -35.00
C VAL B 493 15.65 -6.54 -36.43
N GLN B 494 16.53 -6.71 -37.42
CA GLN B 494 16.12 -6.71 -38.82
C GLN B 494 15.88 -8.11 -39.38
N TYR B 495 16.85 -9.01 -39.22
CA TYR B 495 16.76 -10.31 -39.90
C TYR B 495 15.48 -11.06 -39.55
N PRO B 496 15.08 -11.21 -38.29
CA PRO B 496 13.87 -12.00 -38.00
C PRO B 496 12.63 -11.47 -38.69
N VAL B 497 12.52 -10.15 -38.87
CA VAL B 497 11.34 -9.55 -39.47
C VAL B 497 11.58 -9.15 -40.93
N GLU B 498 12.73 -9.52 -41.50
CA GLU B 498 13.08 -9.15 -42.86
C GLU B 498 13.31 -10.34 -43.77
N HIS B 499 13.96 -11.40 -43.26
CA HIS B 499 14.24 -12.60 -44.04
C HIS B 499 13.81 -13.84 -43.27
N PRO B 500 12.52 -13.97 -42.98
CA PRO B 500 12.03 -15.20 -42.33
C PRO B 500 12.23 -16.44 -43.19
N ASP B 501 12.30 -16.29 -44.52
CA ASP B 501 12.44 -17.44 -45.39
C ASP B 501 13.75 -18.16 -45.14
N LYS B 502 14.85 -17.42 -44.99
CA LYS B 502 16.14 -18.05 -44.74
C LYS B 502 16.15 -18.76 -43.39
N PHE B 503 15.58 -18.13 -42.37
CA PHE B 503 15.50 -18.78 -41.07
C PHE B 503 14.70 -20.08 -41.16
N LEU B 504 13.57 -20.05 -41.85
CA LEU B 504 12.75 -21.25 -42.00
C LEU B 504 13.52 -22.33 -42.75
N LYS B 505 14.22 -21.95 -43.82
CA LYS B 505 14.97 -22.93 -44.61
C LYS B 505 16.06 -23.58 -43.77
N PHE B 506 16.81 -22.79 -43.00
CA PHE B 506 17.85 -23.35 -42.16
C PHE B 506 17.26 -24.22 -41.06
N GLY B 507 16.16 -23.78 -40.46
CA GLY B 507 15.41 -24.64 -39.55
C GLY B 507 15.68 -24.42 -38.07
N MET B 508 15.75 -23.16 -37.64
CA MET B 508 15.85 -22.86 -36.22
C MET B 508 15.58 -21.38 -36.01
N THR B 509 14.79 -21.07 -34.98
CA THR B 509 14.48 -19.69 -34.66
C THR B 509 15.73 -18.98 -34.13
N PRO B 510 15.84 -17.67 -34.34
CA PRO B 510 17.05 -16.96 -33.90
C PRO B 510 16.96 -16.43 -32.48
N SER B 511 18.04 -15.83 -32.00
CA SER B 511 18.05 -15.26 -30.66
C SER B 511 17.08 -14.09 -30.56
N LYS B 512 16.58 -13.86 -29.36
CA LYS B 512 15.61 -12.80 -29.13
C LYS B 512 16.01 -11.84 -28.03
N GLY B 513 16.66 -12.32 -26.97
CA GLY B 513 17.00 -11.48 -25.84
C GLY B 513 18.40 -10.91 -25.93
N VAL B 514 18.58 -9.75 -25.30
CA VAL B 514 19.88 -9.09 -25.21
C VAL B 514 19.95 -8.35 -23.88
N LEU B 515 21.14 -8.29 -23.31
CA LEU B 515 21.35 -7.58 -22.05
C LEU B 515 22.59 -6.70 -22.17
N PHE B 516 22.49 -5.47 -21.67
CA PHE B 516 23.59 -4.52 -21.65
C PHE B 516 24.06 -4.35 -20.21
N TYR B 517 25.33 -4.62 -19.96
CA TYR B 517 25.94 -4.41 -18.66
C TYR B 517 27.25 -3.67 -18.83
N GLY B 518 27.43 -2.58 -18.08
CA GLY B 518 28.63 -1.79 -18.16
C GLY B 518 28.59 -0.64 -17.19
N PRO B 519 29.72 0.05 -17.03
CA PRO B 519 29.77 1.16 -16.08
C PRO B 519 28.81 2.26 -16.50
N PRO B 520 28.24 2.99 -15.54
CA PRO B 520 27.22 3.99 -15.87
C PRO B 520 27.85 5.17 -16.60
N GLY B 521 27.35 5.45 -17.80
CA GLY B 521 27.88 6.52 -18.61
C GLY B 521 28.52 6.04 -19.89
N CYS B 522 28.03 4.94 -20.44
CA CYS B 522 28.59 4.35 -21.66
C CYS B 522 27.66 4.44 -22.86
N GLY B 523 26.35 4.47 -22.64
CA GLY B 523 25.41 4.66 -23.74
C GLY B 523 24.36 3.57 -23.89
N LYS B 524 24.03 2.87 -22.81
CA LYS B 524 22.97 1.88 -22.88
C LYS B 524 21.63 2.54 -23.21
N THR B 525 21.27 3.58 -22.46
CA THR B 525 20.02 4.28 -22.75
C THR B 525 20.07 4.97 -24.11
N LEU B 526 21.25 5.45 -24.52
CA LEU B 526 21.38 6.05 -25.84
C LEU B 526 21.09 5.03 -26.93
N LEU B 527 21.63 3.82 -26.79
CA LEU B 527 21.34 2.78 -27.77
C LEU B 527 19.86 2.41 -27.75
N ALA B 528 19.25 2.39 -26.56
CA ALA B 528 17.82 2.14 -26.48
C ALA B 528 17.02 3.19 -27.23
N LYS B 529 17.37 4.46 -27.04
CA LYS B 529 16.68 5.54 -27.76
C LYS B 529 16.89 5.41 -29.26
N ALA B 530 18.11 5.08 -29.69
CA ALA B 530 18.37 4.91 -31.11
C ALA B 530 17.53 3.78 -31.69
N ILE B 531 17.42 2.67 -30.95
CA ILE B 531 16.58 1.56 -31.41
C ILE B 531 15.13 2.02 -31.53
N ALA B 532 14.63 2.72 -30.51
CA ALA B 532 13.25 3.16 -30.55
C ALA B 532 12.98 4.07 -31.73
N ASN B 533 13.92 4.97 -32.04
CA ASN B 533 13.70 5.93 -33.11
C ASN B 533 13.90 5.33 -34.50
N GLU B 534 14.82 4.38 -34.65
CA GLU B 534 15.19 3.86 -35.96
C GLU B 534 14.93 2.36 -36.09
N CYS B 535 13.93 1.85 -35.39
CA CYS B 535 13.51 0.46 -35.54
C CYS B 535 12.27 0.37 -36.42
N GLN B 536 12.17 -0.75 -37.13
CA GLN B 536 10.98 -1.05 -37.94
C GLN B 536 9.94 -1.82 -37.15
N ALA B 537 10.16 -2.04 -35.86
CA ALA B 537 9.23 -2.78 -35.01
C ALA B 537 8.77 -1.89 -33.86
N ASN B 538 7.58 -2.18 -33.35
CA ASN B 538 7.01 -1.39 -32.27
C ASN B 538 7.91 -1.46 -31.04
N PHE B 539 8.01 -0.34 -30.33
CA PHE B 539 8.86 -0.20 -29.16
C PHE B 539 8.01 0.02 -27.91
N ILE B 540 8.31 -0.72 -26.86
CA ILE B 540 7.63 -0.59 -25.57
C ILE B 540 8.67 -0.28 -24.51
N SER B 541 8.46 0.80 -23.77
CA SER B 541 9.37 1.21 -22.71
C SER B 541 8.69 0.98 -21.37
N ILE B 542 9.34 0.19 -20.51
CA ILE B 542 8.85 -0.07 -19.17
C ILE B 542 10.00 0.14 -18.20
N LYS B 543 9.75 0.95 -17.17
CA LYS B 543 10.76 1.19 -16.14
C LYS B 543 10.82 -0.01 -15.20
N GLY B 544 11.76 0.03 -14.26
CA GLY B 544 12.00 -1.11 -13.42
C GLY B 544 10.81 -1.46 -12.53
N PRO B 545 10.52 -0.63 -11.54
CA PRO B 545 9.42 -0.94 -10.61
C PRO B 545 8.05 -0.42 -11.00
N GLU B 546 7.83 -0.02 -12.24
CA GLU B 546 6.51 0.47 -12.64
C GLU B 546 5.44 -0.61 -12.63
N LEU B 547 5.82 -1.88 -12.54
CA LEU B 547 4.88 -3.00 -12.62
C LEU B 547 4.55 -3.59 -11.26
N LEU B 548 4.94 -2.94 -10.17
CA LEU B 548 4.70 -3.44 -8.83
C LEU B 548 3.62 -2.60 -8.15
N THR B 549 2.67 -3.26 -7.50
CA THR B 549 1.61 -2.57 -6.77
C THR B 549 1.38 -3.30 -5.45
N MET B 550 0.81 -2.57 -4.48
CA MET B 550 0.68 -3.08 -3.13
C MET B 550 -0.33 -4.23 -3.02
N TRP B 551 -1.25 -4.35 -3.98
CA TRP B 551 -2.24 -5.41 -3.88
C TRP B 551 -1.59 -6.76 -4.11
N PHE B 552 -2.30 -7.81 -3.68
CA PHE B 552 -1.77 -9.17 -3.73
C PHE B 552 -1.99 -9.76 -5.12
N GLY B 553 -0.90 -10.05 -5.83
CA GLY B 553 -0.97 -10.66 -7.14
C GLY B 553 -1.19 -9.69 -8.28
N GLU B 554 -1.51 -8.43 -8.00
CA GLU B 554 -1.73 -7.48 -9.09
C GLU B 554 -0.44 -7.18 -9.83
N SER B 555 0.72 -7.30 -9.17
CA SER B 555 1.97 -7.16 -9.89
C SER B 555 2.13 -8.25 -10.95
N GLU B 556 1.80 -9.49 -10.58
CA GLU B 556 1.83 -10.57 -11.57
C GLU B 556 0.80 -10.34 -12.65
N ALA B 557 -0.37 -9.80 -12.30
CA ALA B 557 -1.36 -9.48 -13.33
C ALA B 557 -0.82 -8.45 -14.31
N ASN B 558 -0.15 -7.41 -13.80
CA ASN B 558 0.43 -6.40 -14.68
C ASN B 558 1.51 -7.00 -15.58
N VAL B 559 2.34 -7.88 -15.02
CA VAL B 559 3.36 -8.53 -15.84
C VAL B 559 2.71 -9.35 -16.93
N ARG B 560 1.68 -10.11 -16.57
CA ARG B 560 0.98 -10.94 -17.56
C ARG B 560 0.42 -10.07 -18.67
N GLU B 561 -0.25 -8.97 -18.31
CA GLU B 561 -0.91 -8.17 -19.34
C GLU B 561 0.09 -7.44 -20.22
N ILE B 562 1.23 -7.01 -19.66
CA ILE B 562 2.23 -6.34 -20.49
C ILE B 562 2.85 -7.34 -21.47
N PHE B 563 3.19 -8.55 -21.01
CA PHE B 563 3.70 -9.54 -21.95
C PHE B 563 2.65 -9.93 -22.98
N ASP B 564 1.38 -10.01 -22.57
CA ASP B 564 0.33 -10.31 -23.54
C ASP B 564 0.22 -9.21 -24.59
N LYS B 565 0.30 -7.95 -24.17
CA LYS B 565 0.28 -6.84 -25.11
C LYS B 565 1.46 -6.92 -26.07
N ALA B 566 2.64 -7.24 -25.55
CA ALA B 566 3.82 -7.38 -26.41
C ALA B 566 3.60 -8.48 -27.44
N ARG B 567 3.11 -9.64 -27.00
CA ARG B 567 2.87 -10.74 -27.93
C ARG B 567 1.85 -10.34 -28.98
N GLN B 568 0.77 -9.68 -28.57
CA GLN B 568 -0.27 -9.29 -29.52
C GLN B 568 0.25 -8.30 -30.55
N ALA B 569 1.07 -7.35 -30.12
CA ALA B 569 1.59 -6.32 -31.00
C ALA B 569 2.90 -6.72 -31.68
N ALA B 570 3.35 -7.96 -31.48
CA ALA B 570 4.57 -8.46 -32.10
C ALA B 570 4.61 -8.09 -33.59
N PRO B 571 5.79 -7.82 -34.16
CA PRO B 571 7.09 -7.84 -33.49
C PRO B 571 7.33 -6.60 -32.63
N CYS B 572 7.67 -6.81 -31.36
CA CYS B 572 7.91 -5.72 -30.42
C CYS B 572 9.25 -5.94 -29.73
N VAL B 573 9.83 -4.84 -29.28
CA VAL B 573 11.08 -4.86 -28.51
C VAL B 573 10.76 -4.32 -27.11
N LEU B 574 11.03 -5.12 -26.10
CA LEU B 574 10.78 -4.75 -24.71
C LEU B 574 12.09 -4.28 -24.08
N PHE B 575 12.04 -3.11 -23.46
CA PHE B 575 13.20 -2.55 -22.78
C PHE B 575 12.91 -2.58 -21.27
N PHE B 576 13.28 -3.68 -20.64
CA PHE B 576 13.10 -3.84 -19.19
C PHE B 576 14.26 -3.12 -18.51
N ASP B 577 14.14 -1.80 -18.42
CA ASP B 577 15.18 -0.99 -17.81
C ASP B 577 15.32 -1.34 -16.33
N GLU B 578 16.56 -1.38 -15.87
CA GLU B 578 16.87 -1.69 -14.47
C GLU B 578 16.39 -3.09 -14.09
N LEU B 579 16.94 -4.09 -14.79
CA LEU B 579 16.69 -5.48 -14.43
C LEU B 579 17.10 -5.73 -12.98
N ASP B 580 18.06 -4.98 -12.46
CA ASP B 580 18.44 -5.11 -11.06
C ASP B 580 17.22 -4.88 -10.17
N SER B 581 16.49 -3.81 -10.43
CA SER B 581 15.28 -3.54 -9.66
C SER B 581 14.20 -4.57 -9.96
N ILE B 582 14.05 -4.94 -11.23
CA ILE B 582 12.94 -5.82 -11.60
C ILE B 582 13.08 -7.18 -10.94
N ALA B 583 14.30 -7.74 -10.93
CA ALA B 583 14.51 -9.12 -10.48
C ALA B 583 15.81 -9.19 -9.69
N LYS B 584 15.70 -9.51 -8.40
CA LYS B 584 16.86 -9.80 -7.58
C LYS B 584 17.28 -11.25 -7.79
N ALA B 585 18.32 -11.68 -7.09
CA ALA B 585 18.80 -13.06 -7.25
C ALA B 585 17.72 -14.05 -6.85
N ARG B 586 17.41 -14.11 -5.55
CA ARG B 586 16.30 -14.93 -5.07
C ARG B 586 16.04 -14.66 -3.60
N GLY B 587 14.78 -14.42 -3.24
CA GLY B 587 14.40 -14.21 -1.86
C GLY B 587 15.27 -13.17 -1.15
N GLY B 591 13.32 -13.80 5.77
CA GLY B 591 12.78 -12.48 6.02
C GLY B 591 12.40 -11.76 4.73
N ASP B 592 11.55 -12.40 3.93
CA ASP B 592 11.14 -11.81 2.67
C ASP B 592 10.31 -10.55 2.91
N GLY B 593 10.44 -9.61 1.99
CA GLY B 593 9.67 -8.38 2.04
C GLY B 593 8.33 -8.49 1.34
N GLY B 594 7.40 -9.22 1.96
CA GLY B 594 6.09 -9.44 1.40
C GLY B 594 5.96 -10.67 0.53
N GLY B 595 7.07 -11.33 0.20
CA GLY B 595 6.99 -12.54 -0.61
C GLY B 595 6.40 -12.33 -1.98
N ALA B 596 6.79 -11.24 -2.66
CA ALA B 596 6.30 -10.95 -4.00
C ALA B 596 7.40 -10.83 -5.04
N ALA B 597 8.62 -10.48 -4.65
CA ALA B 597 9.71 -10.39 -5.61
C ALA B 597 9.97 -11.75 -6.25
N ASP B 598 9.98 -12.82 -5.44
CA ASP B 598 10.21 -14.14 -5.99
C ASP B 598 9.11 -14.54 -6.96
N ARG B 599 7.85 -14.25 -6.60
CA ARG B 599 6.75 -14.58 -7.49
C ARG B 599 6.86 -13.82 -8.80
N VAL B 600 7.22 -12.53 -8.73
CA VAL B 600 7.37 -11.74 -9.95
C VAL B 600 8.49 -12.30 -10.82
N ILE B 601 9.61 -12.67 -10.20
CA ILE B 601 10.72 -13.21 -10.97
C ILE B 601 10.34 -14.51 -11.64
N ASN B 602 9.63 -15.39 -10.91
CA ASN B 602 9.17 -16.64 -11.51
C ASN B 602 8.21 -16.37 -12.66
N GLN B 603 7.32 -15.39 -12.49
CA GLN B 603 6.43 -14.98 -13.57
C GLN B 603 7.21 -14.59 -14.81
N ILE B 604 8.23 -13.73 -14.63
CA ILE B 604 9.03 -13.30 -15.76
C ILE B 604 9.71 -14.50 -16.43
N LEU B 605 10.31 -15.37 -15.62
CA LEU B 605 11.02 -16.51 -16.18
C LEU B 605 10.10 -17.39 -17.02
N THR B 606 8.95 -17.75 -16.47
CA THR B 606 8.07 -18.66 -17.18
C THR B 606 7.46 -18.00 -18.42
N GLU B 607 7.10 -16.71 -18.32
CA GLU B 607 6.55 -16.03 -19.50
C GLU B 607 7.59 -15.93 -20.60
N MET B 608 8.83 -15.63 -20.25
CA MET B 608 9.87 -15.51 -21.26
C MET B 608 10.18 -16.85 -21.90
N ASP B 609 10.26 -17.92 -21.10
CA ASP B 609 10.52 -19.27 -21.65
C ASP B 609 9.64 -20.27 -20.90
N GLY B 610 8.43 -20.48 -21.42
CA GLY B 610 7.55 -21.50 -20.91
C GLY B 610 6.79 -22.21 -22.01
N MET B 611 5.52 -22.53 -21.76
CA MET B 611 4.69 -23.23 -22.73
C MET B 611 4.03 -22.21 -23.67
N SER B 612 4.86 -21.63 -24.53
CA SER B 612 4.40 -20.64 -25.50
C SER B 612 5.25 -20.73 -26.75
N THR B 613 4.69 -20.24 -27.86
CA THR B 613 5.41 -20.28 -29.13
C THR B 613 6.48 -19.20 -29.23
N LYS B 614 6.25 -18.03 -28.61
CA LYS B 614 7.19 -16.91 -28.66
C LYS B 614 7.47 -16.51 -30.11
N LYS B 615 6.40 -16.01 -30.75
CA LYS B 615 6.45 -15.68 -32.17
C LYS B 615 7.57 -14.69 -32.47
N ASN B 616 7.43 -13.45 -31.96
CA ASN B 616 8.47 -12.44 -32.16
C ASN B 616 8.34 -11.41 -31.05
N VAL B 617 9.18 -11.52 -30.03
CA VAL B 617 9.27 -10.52 -28.98
C VAL B 617 10.71 -10.45 -28.51
N PHE B 618 11.36 -9.32 -28.71
CA PHE B 618 12.75 -9.13 -28.34
C PHE B 618 12.83 -8.42 -27.00
N ILE B 619 13.61 -8.98 -26.09
CA ILE B 619 13.77 -8.43 -24.74
C ILE B 619 15.15 -7.79 -24.64
N ILE B 620 15.19 -6.52 -24.25
CA ILE B 620 16.41 -5.77 -24.08
C ILE B 620 16.51 -5.34 -22.62
N GLY B 621 17.64 -5.61 -22.00
CA GLY B 621 17.85 -5.24 -20.61
C GLY B 621 19.05 -4.37 -20.41
N ALA B 622 18.87 -3.24 -19.72
CA ALA B 622 19.95 -2.32 -19.41
C ALA B 622 20.18 -2.32 -17.90
N THR B 623 21.44 -2.51 -17.50
CA THR B 623 21.77 -2.58 -16.08
C THR B 623 23.25 -2.26 -15.91
N ASN B 624 23.63 -2.03 -14.66
CA ASN B 624 25.02 -1.77 -14.31
C ASN B 624 25.51 -2.56 -13.10
N ARG B 625 24.69 -3.46 -12.56
CA ARG B 625 25.09 -4.36 -11.47
C ARG B 625 24.67 -5.78 -11.83
N PRO B 626 25.34 -6.39 -12.81
CA PRO B 626 24.92 -7.73 -13.25
C PRO B 626 25.02 -8.79 -12.18
N ASP B 627 25.84 -8.59 -11.15
CA ASP B 627 26.08 -9.63 -10.16
C ASP B 627 24.88 -9.87 -9.25
N ILE B 628 23.86 -9.03 -9.28
CA ILE B 628 22.67 -9.22 -8.45
C ILE B 628 21.51 -9.65 -9.33
N ILE B 629 21.81 -10.30 -10.45
CA ILE B 629 20.81 -10.81 -11.37
C ILE B 629 20.70 -12.31 -11.18
N ASP B 630 19.47 -12.81 -11.11
CA ASP B 630 19.25 -14.24 -10.91
C ASP B 630 19.93 -15.02 -12.03
N PRO B 631 20.62 -16.12 -11.72
CA PRO B 631 21.31 -16.86 -12.79
C PRO B 631 20.38 -17.37 -13.88
N ALA B 632 19.09 -17.58 -13.58
CA ALA B 632 18.18 -18.08 -14.60
C ALA B 632 18.03 -17.09 -15.75
N ILE B 633 17.94 -15.80 -15.43
CA ILE B 633 17.75 -14.79 -16.47
C ILE B 633 18.88 -14.85 -17.49
N LEU B 634 20.11 -15.02 -17.01
CA LEU B 634 21.27 -15.04 -17.89
C LEU B 634 21.33 -16.31 -18.73
N ARG B 635 20.48 -17.29 -18.46
CA ARG B 635 20.55 -18.55 -19.20
C ARG B 635 20.31 -18.30 -20.69
N PRO B 636 20.99 -19.03 -21.57
CA PRO B 636 20.71 -18.88 -23.00
C PRO B 636 19.25 -19.20 -23.31
N GLY B 637 18.72 -18.47 -24.28
CA GLY B 637 17.32 -18.56 -24.64
C GLY B 637 16.46 -17.48 -24.03
N ARG B 638 16.94 -16.80 -23.00
CA ARG B 638 16.25 -15.67 -22.39
C ARG B 638 17.03 -14.37 -22.58
N LEU B 639 18.29 -14.34 -22.15
CA LEU B 639 19.17 -13.19 -22.32
C LEU B 639 20.52 -13.66 -22.84
N ASP B 640 20.50 -14.49 -23.89
CA ASP B 640 21.72 -15.14 -24.36
C ASP B 640 22.80 -14.12 -24.70
N GLN B 641 22.43 -13.05 -25.40
CA GLN B 641 23.40 -12.05 -25.83
C GLN B 641 23.76 -11.16 -24.64
N LEU B 642 24.96 -11.37 -24.09
CA LEU B 642 25.50 -10.51 -23.04
C LEU B 642 26.46 -9.53 -23.71
N ILE B 643 26.02 -8.29 -23.86
CA ILE B 643 26.79 -7.25 -24.55
C ILE B 643 27.50 -6.40 -23.51
N TYR B 644 28.81 -6.27 -23.64
CA TYR B 644 29.62 -5.45 -22.74
C TYR B 644 30.03 -4.18 -23.46
N ILE B 645 29.84 -3.05 -22.79
CA ILE B 645 30.12 -1.73 -23.35
C ILE B 645 31.25 -1.12 -22.55
N PRO B 646 32.48 -1.17 -23.04
CA PRO B 646 33.62 -0.66 -22.28
C PRO B 646 33.70 0.86 -22.38
N LEU B 647 34.56 1.43 -21.53
CA LEU B 647 34.81 2.86 -21.58
C LEU B 647 35.48 3.22 -22.91
N PRO B 648 35.14 4.35 -23.51
CA PRO B 648 35.67 4.66 -24.84
C PRO B 648 37.18 4.74 -24.86
N ASP B 649 37.76 4.33 -25.99
CA ASP B 649 39.19 4.48 -26.25
C ASP B 649 39.43 5.82 -26.95
N GLU B 650 40.63 5.99 -27.52
CA GLU B 650 40.95 7.26 -28.18
C GLU B 650 39.99 7.52 -29.35
N LYS B 651 39.88 6.56 -30.25
CA LYS B 651 39.02 6.74 -31.42
C LYS B 651 37.57 6.91 -31.02
N SER B 652 37.11 6.10 -30.06
CA SER B 652 35.73 6.21 -29.62
C SER B 652 35.44 7.58 -28.99
N ARG B 653 36.38 8.09 -28.20
CA ARG B 653 36.19 9.42 -27.60
C ARG B 653 36.17 10.49 -28.67
N VAL B 654 37.06 10.40 -29.66
CA VAL B 654 37.05 11.38 -30.75
C VAL B 654 35.70 11.36 -31.46
N ALA B 655 35.21 10.16 -31.77
CA ALA B 655 33.92 10.06 -32.45
C ALA B 655 32.79 10.59 -31.59
N ILE B 656 32.83 10.31 -30.29
CA ILE B 656 31.77 10.77 -29.40
C ILE B 656 31.74 12.29 -29.34
N LEU B 657 32.92 12.90 -29.20
CA LEU B 657 32.97 14.36 -29.17
C LEU B 657 32.48 14.95 -30.49
N LYS B 658 32.92 14.38 -31.61
CA LYS B 658 32.50 14.91 -32.91
C LYS B 658 30.99 14.81 -33.07
N ALA B 659 30.40 13.68 -32.67
CA ALA B 659 28.95 13.52 -32.77
C ALA B 659 28.24 14.49 -31.85
N ASN B 660 28.78 14.71 -30.65
CA ASN B 660 28.15 15.62 -29.71
C ASN B 660 28.16 17.06 -30.24
N LEU B 661 29.27 17.47 -30.86
CA LEU B 661 29.38 18.80 -31.45
C LEU B 661 28.94 18.85 -32.90
N ARG B 662 28.05 17.94 -33.31
CA ARG B 662 27.65 17.88 -34.72
C ARG B 662 26.97 19.16 -35.16
N LYS B 663 26.04 19.66 -34.36
CA LYS B 663 25.26 20.85 -34.69
C LYS B 663 25.54 21.93 -33.65
N SER B 664 26.63 22.67 -33.85
CA SER B 664 26.99 23.77 -32.96
C SER B 664 28.14 24.56 -33.58
N PRO B 665 28.17 25.89 -33.38
CA PRO B 665 29.28 26.67 -33.93
C PRO B 665 30.57 26.47 -33.15
N VAL B 666 31.54 25.80 -33.75
CA VAL B 666 32.81 25.47 -33.11
C VAL B 666 33.94 26.04 -33.93
N ALA B 667 34.88 26.71 -33.28
CA ALA B 667 36.03 27.28 -33.96
C ALA B 667 36.98 26.18 -34.43
N LYS B 668 37.77 26.49 -35.45
CA LYS B 668 38.67 25.51 -36.03
C LYS B 668 39.90 25.24 -35.16
N ASP B 669 40.24 26.18 -34.27
CA ASP B 669 41.44 26.01 -33.46
C ASP B 669 41.36 24.79 -32.54
N VAL B 670 40.15 24.27 -32.31
CA VAL B 670 39.99 23.18 -31.35
C VAL B 670 40.71 21.94 -31.86
N ASP B 671 41.23 21.14 -30.93
CA ASP B 671 41.95 19.90 -31.24
C ASP B 671 41.23 18.75 -30.54
N LEU B 672 40.29 18.12 -31.27
CA LEU B 672 39.57 16.98 -30.71
C LEU B 672 40.52 15.83 -30.40
N GLU B 673 41.49 15.60 -31.28
CA GLU B 673 42.49 14.56 -31.01
C GLU B 673 43.27 14.87 -29.76
N PHE B 674 43.63 16.15 -29.56
CA PHE B 674 44.36 16.52 -28.34
C PHE B 674 43.51 16.29 -27.10
N LEU B 675 42.22 16.66 -27.15
CA LEU B 675 41.36 16.41 -26.01
C LEU B 675 41.24 14.92 -25.72
N ALA B 676 41.07 14.11 -26.77
CA ALA B 676 40.95 12.67 -26.58
C ALA B 676 42.22 12.09 -25.97
N LYS B 677 43.39 12.55 -26.44
CA LYS B 677 44.64 12.07 -25.88
C LYS B 677 44.78 12.47 -24.42
N MET B 678 44.41 13.71 -24.09
CA MET B 678 44.52 14.18 -22.71
C MET B 678 43.60 13.39 -21.78
N THR B 679 42.38 13.11 -22.22
CA THR B 679 41.41 12.38 -21.40
C THR B 679 41.53 10.89 -21.73
N ASN B 680 41.79 10.08 -20.71
CA ASN B 680 42.00 8.65 -20.88
C ASN B 680 40.87 7.82 -20.30
N GLY B 681 40.56 7.99 -19.02
CA GLY B 681 39.53 7.21 -18.37
C GLY B 681 38.14 7.80 -18.43
N PHE B 682 37.97 8.93 -19.11
CA PHE B 682 36.68 9.60 -19.13
C PHE B 682 35.63 8.71 -19.80
N SER B 683 34.38 9.16 -19.74
CA SER B 683 33.26 8.45 -20.34
C SER B 683 32.45 9.42 -21.21
N GLY B 684 31.45 8.86 -21.89
CA GLY B 684 30.59 9.70 -22.71
C GLY B 684 29.90 10.79 -21.91
N ALA B 685 29.44 10.44 -20.70
CA ALA B 685 28.81 11.44 -19.85
C ALA B 685 29.79 12.54 -19.49
N ASP B 686 31.05 12.18 -19.20
CA ASP B 686 32.05 13.19 -18.86
C ASP B 686 32.31 14.11 -20.05
N LEU B 687 32.42 13.55 -21.25
CA LEU B 687 32.66 14.38 -22.43
C LEU B 687 31.47 15.31 -22.68
N THR B 688 30.25 14.79 -22.55
CA THR B 688 29.07 15.63 -22.70
C THR B 688 29.05 16.75 -21.68
N GLU B 689 29.42 16.44 -20.43
CA GLU B 689 29.46 17.48 -19.41
C GLU B 689 30.50 18.54 -19.73
N ILE B 690 31.67 18.12 -20.24
CA ILE B 690 32.70 19.11 -20.60
C ILE B 690 32.17 20.04 -21.68
N CYS B 691 31.53 19.46 -22.70
CA CYS B 691 30.99 20.30 -23.76
C CYS B 691 29.91 21.24 -23.23
N GLN B 692 29.07 20.75 -22.32
CA GLN B 692 28.03 21.58 -21.73
C GLN B 692 28.64 22.73 -20.94
N ARG B 693 29.70 22.46 -20.18
CA ARG B 693 30.38 23.53 -19.45
C ARG B 693 30.90 24.58 -20.42
N ALA B 694 31.51 24.14 -21.51
CA ALA B 694 32.02 25.10 -22.49
C ALA B 694 30.89 25.95 -23.05
N CYS B 695 29.76 25.32 -23.37
CA CYS B 695 28.62 26.06 -23.92
C CYS B 695 28.09 27.07 -22.90
N LYS B 696 28.00 26.67 -21.64
CA LYS B 696 27.48 27.59 -20.63
C LYS B 696 28.42 28.77 -20.44
N LEU B 697 29.73 28.53 -20.46
CA LEU B 697 30.67 29.64 -20.36
C LEU B 697 30.53 30.59 -21.55
N ALA B 698 30.37 30.02 -22.75
CA ALA B 698 30.20 30.87 -23.93
C ALA B 698 28.92 31.72 -23.81
N ILE B 699 27.83 31.11 -23.34
CA ILE B 699 26.58 31.85 -23.22
C ILE B 699 26.70 32.93 -22.15
N ARG B 700 27.39 32.64 -21.05
CA ARG B 700 27.60 33.66 -20.03
C ARG B 700 28.41 34.83 -20.58
N GLU B 701 29.46 34.54 -21.34
CA GLU B 701 30.24 35.61 -21.95
C GLU B 701 29.38 36.43 -22.90
N SER B 702 28.55 35.76 -23.70
CA SER B 702 27.67 36.48 -24.61
C SER B 702 26.69 37.37 -23.86
N ILE B 703 26.11 36.86 -22.77
CA ILE B 703 25.13 37.63 -22.03
C ILE B 703 25.78 38.86 -21.40
N GLU B 704 26.94 38.67 -20.77
CA GLU B 704 27.60 39.82 -20.14
C GLU B 704 28.02 40.85 -21.18
N SER B 705 28.56 40.40 -22.32
CA SER B 705 28.93 41.35 -23.36
C SER B 705 27.71 42.11 -23.88
N GLU B 706 26.61 41.40 -24.10
CA GLU B 706 25.40 42.05 -24.63
C GLU B 706 24.85 43.07 -23.64
N ILE B 707 24.80 42.70 -22.35
CA ILE B 707 24.25 43.63 -21.36
C ILE B 707 25.17 44.84 -21.21
N ARG B 708 26.49 44.63 -21.22
CA ARG B 708 27.40 45.76 -21.15
C ARG B 708 27.24 46.69 -22.34
N ARG B 709 27.12 46.12 -23.54
CA ARG B 709 26.98 46.94 -24.73
C ARG B 709 25.67 47.73 -24.70
N GLU B 710 24.58 47.06 -24.29
CA GLU B 710 23.29 47.76 -24.20
C GLU B 710 23.34 48.88 -23.18
N ARG B 711 23.96 48.62 -22.02
CA ARG B 711 24.07 49.66 -21.00
C ARG B 711 24.88 50.84 -21.51
N GLU B 712 25.99 50.56 -22.21
CA GLU B 712 26.81 51.63 -22.76
C GLU B 712 26.03 52.46 -23.77
N ARG B 713 25.27 51.80 -24.65
CA ARG B 713 24.46 52.52 -25.61
C ARG B 713 23.40 53.38 -24.92
N GLN B 714 22.74 52.84 -23.90
CA GLN B 714 21.70 53.58 -23.20
C GLN B 714 22.31 54.52 -22.18
N ASP B 726 26.70 39.82 -32.40
CA ASP B 726 27.28 38.51 -32.17
C ASP B 726 28.69 38.62 -31.61
N PRO B 727 28.80 39.02 -30.33
CA PRO B 727 30.13 39.13 -29.72
C PRO B 727 30.92 37.84 -29.77
N VAL B 728 30.26 36.70 -29.61
CA VAL B 728 30.91 35.40 -29.70
C VAL B 728 30.03 34.48 -30.54
N PRO B 729 30.42 34.14 -31.77
CA PRO B 729 29.56 33.29 -32.61
C PRO B 729 29.82 31.81 -32.41
N GLU B 730 30.96 31.45 -31.81
CA GLU B 730 31.33 30.05 -31.67
C GLU B 730 32.14 29.86 -30.40
N ILE B 731 31.89 28.73 -29.72
CA ILE B 731 32.69 28.36 -28.58
C ILE B 731 34.15 28.24 -29.01
N ARG B 732 35.06 28.68 -28.14
CA ARG B 732 36.45 28.88 -28.51
C ARG B 732 37.39 28.06 -27.62
N ARG B 733 38.67 28.11 -28.00
CA ARG B 733 39.69 27.32 -27.31
C ARG B 733 39.80 27.73 -25.85
N ASP B 734 39.73 29.03 -25.56
CA ASP B 734 39.76 29.47 -24.17
C ASP B 734 38.58 28.91 -23.40
N HIS B 735 37.40 28.88 -24.02
CA HIS B 735 36.23 28.32 -23.35
C HIS B 735 36.43 26.85 -23.03
N PHE B 736 36.96 26.08 -24.00
CA PHE B 736 37.21 24.67 -23.74
C PHE B 736 38.25 24.49 -22.64
N GLU B 737 39.31 25.28 -22.66
CA GLU B 737 40.33 25.16 -21.62
C GLU B 737 39.74 25.44 -20.24
N GLU B 738 38.95 26.51 -20.13
CA GLU B 738 38.34 26.85 -18.85
C GLU B 738 37.40 25.74 -18.38
N ALA B 739 36.59 25.20 -19.29
CA ALA B 739 35.67 24.13 -18.92
C ALA B 739 36.42 22.88 -18.47
N MET B 740 37.46 22.49 -19.21
CA MET B 740 38.23 21.30 -18.88
C MET B 740 39.09 21.51 -17.63
N ARG B 741 39.26 22.76 -17.19
CA ARG B 741 40.10 23.03 -16.03
C ARG B 741 39.72 22.15 -14.84
N PHE B 742 38.42 21.94 -14.64
CA PHE B 742 37.96 21.14 -13.50
C PHE B 742 37.05 20.00 -13.95
N ALA B 743 37.46 19.26 -14.98
CA ALA B 743 36.77 18.04 -15.35
C ALA B 743 37.06 16.94 -14.34
N ARG B 744 36.08 16.06 -14.14
CA ARG B 744 36.19 14.97 -13.17
C ARG B 744 35.79 13.66 -13.80
N ARG B 745 36.45 12.58 -13.40
CA ARG B 745 36.07 11.25 -13.85
C ARG B 745 34.81 10.80 -13.12
N SER B 746 34.05 9.92 -13.77
CA SER B 746 32.76 9.48 -13.28
C SER B 746 32.75 8.06 -12.72
N VAL B 747 33.58 7.17 -13.25
CA VAL B 747 33.63 5.77 -12.83
C VAL B 747 35.02 5.48 -12.31
N SER B 748 35.09 4.84 -11.15
CA SER B 748 36.35 4.65 -10.45
C SER B 748 37.09 3.41 -10.96
N ASP B 749 38.39 3.38 -10.67
CA ASP B 749 39.22 2.25 -11.07
C ASP B 749 38.69 0.94 -10.48
N ASN B 750 38.26 0.98 -9.22
CA ASN B 750 37.73 -0.23 -8.59
C ASN B 750 36.48 -0.72 -9.31
N ASP B 751 35.57 0.18 -9.67
CA ASP B 751 34.35 -0.23 -10.35
C ASP B 751 34.65 -0.80 -11.73
N ILE B 752 35.51 -0.14 -12.50
CA ILE B 752 35.85 -0.66 -13.81
C ILE B 752 36.55 -2.01 -13.67
N ARG B 753 37.38 -2.18 -12.64
CA ARG B 753 38.02 -3.46 -12.41
C ARG B 753 36.99 -4.54 -12.11
N LYS B 754 35.97 -4.21 -11.32
CA LYS B 754 34.91 -5.18 -11.05
C LYS B 754 34.22 -5.59 -12.34
N TYR B 755 33.90 -4.61 -13.19
CA TYR B 755 33.23 -4.94 -14.45
C TYR B 755 34.10 -5.83 -15.33
N GLU B 756 35.40 -5.50 -15.42
CA GLU B 756 36.29 -6.32 -16.23
C GLU B 756 36.42 -7.72 -15.66
N MET B 757 36.45 -7.85 -14.32
CA MET B 757 36.50 -9.17 -13.71
C MET B 757 35.24 -9.97 -14.04
N PHE B 758 34.07 -9.33 -13.97
CA PHE B 758 32.84 -10.04 -14.31
C PHE B 758 32.86 -10.48 -15.76
N ALA B 759 33.39 -9.63 -16.65
CA ALA B 759 33.53 -10.02 -18.04
C ALA B 759 34.48 -11.21 -18.19
N GLN B 760 35.60 -11.18 -17.48
CA GLN B 760 36.61 -12.23 -17.61
C GLN B 760 36.09 -13.57 -17.13
N THR B 761 35.39 -13.60 -15.98
CA THR B 761 34.90 -14.87 -15.46
C THR B 761 33.95 -15.56 -16.43
N LEU B 762 33.31 -14.81 -17.33
CA LEU B 762 32.44 -15.41 -18.33
C LEU B 762 33.19 -15.75 -19.62
N GLN B 763 34.10 -14.86 -20.06
CA GLN B 763 34.88 -15.15 -21.26
C GLN B 763 35.75 -16.37 -21.06
N GLN B 764 36.38 -16.50 -19.89
CA GLN B 764 37.24 -17.64 -19.61
C GLN B 764 36.46 -18.95 -19.59
N SER B 765 35.15 -18.90 -19.37
CA SER B 765 34.33 -20.10 -19.34
C SER B 765 34.46 -20.89 -20.64
N LEU C 198 -24.00 38.47 -23.84
CA LEU C 198 -22.69 39.04 -24.11
C LEU C 198 -21.59 38.25 -23.43
N ASN C 199 -21.96 37.52 -22.37
CA ASN C 199 -21.00 36.72 -21.61
C ASN C 199 -20.83 35.31 -22.17
N GLU C 200 -21.55 34.95 -23.22
CA GLU C 200 -21.42 33.62 -23.79
C GLU C 200 -20.00 33.39 -24.29
N VAL C 201 -19.45 32.23 -23.95
CA VAL C 201 -18.09 31.90 -24.35
C VAL C 201 -18.06 31.59 -25.84
N GLY C 202 -17.02 32.09 -26.53
CA GLY C 202 -16.84 31.84 -27.93
C GLY C 202 -15.45 31.27 -28.21
N TYR C 203 -15.18 31.10 -29.51
CA TYR C 203 -13.88 30.57 -29.90
C TYR C 203 -12.75 31.53 -29.55
N ASP C 204 -13.00 32.84 -29.66
CA ASP C 204 -11.98 33.81 -29.27
C ASP C 204 -11.65 33.71 -27.78
N ASP C 205 -12.57 33.20 -26.97
CA ASP C 205 -12.34 33.07 -25.54
C ASP C 205 -11.29 32.02 -25.19
N ILE C 206 -10.90 31.18 -26.15
CA ILE C 206 -9.91 30.14 -25.90
C ILE C 206 -8.54 30.68 -26.29
N GLY C 207 -7.58 30.60 -25.36
CA GLY C 207 -6.24 31.06 -25.63
C GLY C 207 -5.23 30.06 -25.12
N GLY C 208 -4.01 30.17 -25.65
CA GLY C 208 -2.94 29.26 -25.29
C GLY C 208 -3.04 27.90 -25.91
N CYS C 209 -3.94 27.70 -26.87
CA CYS C 209 -4.07 26.40 -27.54
C CYS C 209 -4.50 26.69 -28.98
N ARG C 210 -3.52 26.66 -29.89
CA ARG C 210 -3.79 26.87 -31.31
C ARG C 210 -3.80 25.57 -32.10
N LYS C 211 -2.79 24.71 -31.91
CA LYS C 211 -2.77 23.45 -32.63
C LYS C 211 -3.93 22.56 -32.23
N GLN C 212 -4.23 22.49 -30.92
CA GLN C 212 -5.37 21.68 -30.48
C GLN C 212 -6.68 22.23 -31.03
N LEU C 213 -6.84 23.56 -31.03
CA LEU C 213 -8.05 24.14 -31.56
C LEU C 213 -8.19 23.86 -33.05
N ALA C 214 -7.08 23.95 -33.80
CA ALA C 214 -7.14 23.63 -35.22
C ALA C 214 -7.52 22.17 -35.44
N GLN C 215 -6.95 21.27 -34.63
CA GLN C 215 -7.29 19.86 -34.76
C GLN C 215 -8.76 19.61 -34.48
N ILE C 216 -9.30 20.27 -33.45
CA ILE C 216 -10.72 20.10 -33.14
C ILE C 216 -11.57 20.64 -34.28
N LYS C 217 -11.25 21.85 -34.75
CA LYS C 217 -12.08 22.48 -35.77
C LYS C 217 -12.07 21.69 -37.07
N GLU C 218 -10.90 21.18 -37.48
CA GLU C 218 -10.79 20.50 -38.76
C GLU C 218 -11.75 19.33 -38.87
N MET C 219 -12.15 18.72 -37.75
CA MET C 219 -13.06 17.60 -37.77
C MET C 219 -14.43 17.90 -37.18
N VAL C 220 -14.61 19.07 -36.56
CA VAL C 220 -15.91 19.46 -36.02
C VAL C 220 -16.68 20.35 -36.99
N GLU C 221 -16.00 21.27 -37.66
CA GLU C 221 -16.67 22.25 -38.50
C GLU C 221 -16.83 21.77 -39.94
N LEU C 222 -15.73 21.34 -40.56
CA LEU C 222 -15.78 20.97 -41.98
C LEU C 222 -16.87 19.96 -42.30
N PRO C 223 -17.03 18.86 -41.57
CA PRO C 223 -18.15 17.95 -41.87
C PRO C 223 -19.51 18.64 -41.81
N LEU C 224 -19.70 19.55 -40.85
CA LEU C 224 -20.98 20.25 -40.75
C LEU C 224 -21.01 21.47 -41.68
N ARG C 225 -19.86 22.04 -42.01
CA ARG C 225 -19.84 23.21 -42.88
C ARG C 225 -20.16 22.82 -44.31
N HIS C 226 -19.35 21.93 -44.89
CA HIS C 226 -19.61 21.48 -46.26
C HIS C 226 -18.95 20.13 -46.51
N PRO C 227 -19.70 19.03 -46.48
CA PRO C 227 -19.11 17.70 -46.70
C PRO C 227 -18.86 17.35 -48.15
N ALA C 228 -18.93 18.31 -49.07
CA ALA C 228 -18.70 18.00 -50.47
C ALA C 228 -17.29 17.50 -50.71
N LEU C 229 -16.30 18.13 -50.08
CA LEU C 229 -14.91 17.69 -50.25
C LEU C 229 -14.71 16.29 -49.69
N PHE C 230 -15.33 16.00 -48.54
CA PHE C 230 -15.21 14.66 -47.96
C PHE C 230 -15.86 13.63 -48.88
N LYS C 231 -17.02 13.95 -49.45
CA LYS C 231 -17.67 13.04 -50.37
C LYS C 231 -16.79 12.81 -51.60
N ALA C 232 -16.18 13.86 -52.12
CA ALA C 232 -15.29 13.72 -53.27
C ALA C 232 -14.10 12.84 -52.94
N ILE C 233 -13.51 13.03 -51.76
CA ILE C 233 -12.38 12.19 -51.36
C ILE C 233 -12.81 10.73 -51.24
N GLY C 234 -13.94 10.48 -50.58
CA GLY C 234 -14.49 9.15 -50.50
C GLY C 234 -14.54 8.58 -49.09
N VAL C 235 -13.49 8.82 -48.31
CA VAL C 235 -13.38 8.24 -46.97
C VAL C 235 -14.00 9.19 -45.95
N LYS C 236 -14.83 8.64 -45.07
CA LYS C 236 -15.49 9.46 -44.07
C LYS C 236 -14.48 10.02 -43.07
N PRO C 237 -14.75 11.19 -42.49
CA PRO C 237 -13.83 11.75 -41.52
C PRO C 237 -14.02 11.12 -40.15
N PRO C 238 -13.15 11.45 -39.19
CA PRO C 238 -13.35 10.94 -37.83
C PRO C 238 -14.67 11.43 -37.24
N ARG C 239 -15.27 10.57 -36.42
CA ARG C 239 -16.55 10.88 -35.78
C ARG C 239 -16.48 10.64 -34.28
N GLY C 240 -15.32 10.87 -33.68
CA GLY C 240 -15.17 10.75 -32.24
C GLY C 240 -13.84 11.28 -31.76
N ILE C 241 -13.86 12.12 -30.73
CA ILE C 241 -12.64 12.71 -30.19
C ILE C 241 -12.67 12.61 -28.67
N LEU C 242 -11.47 12.62 -28.08
CA LEU C 242 -11.31 12.54 -26.64
C LEU C 242 -10.35 13.65 -26.20
N LEU C 243 -10.76 14.43 -25.22
CA LEU C 243 -9.94 15.50 -24.67
C LEU C 243 -9.37 15.03 -23.34
N TYR C 244 -8.05 15.03 -23.23
CA TYR C 244 -7.38 14.61 -22.00
C TYR C 244 -6.23 15.54 -21.71
N GLY C 245 -6.04 15.84 -20.42
CA GLY C 245 -4.96 16.70 -19.98
C GLY C 245 -5.00 16.91 -18.48
N PRO C 246 -4.02 17.64 -17.95
CA PRO C 246 -4.03 17.91 -16.51
C PRO C 246 -5.24 18.72 -16.13
N PRO C 247 -5.73 18.58 -14.90
CA PRO C 247 -6.96 19.27 -14.52
C PRO C 247 -6.83 20.78 -14.65
N GLY C 248 -7.92 21.42 -15.06
CA GLY C 248 -7.94 22.86 -15.20
C GLY C 248 -7.11 23.39 -16.35
N THR C 249 -7.09 22.71 -17.49
CA THR C 249 -6.39 23.20 -18.66
C THR C 249 -7.31 23.91 -19.64
N GLY C 250 -8.59 23.57 -19.66
CA GLY C 250 -9.55 24.26 -20.49
C GLY C 250 -10.35 23.35 -21.41
N LYS C 251 -10.29 22.05 -21.18
CA LYS C 251 -11.04 21.12 -22.02
C LYS C 251 -12.54 21.36 -21.92
N THR C 252 -13.04 21.53 -20.71
CA THR C 252 -14.46 21.83 -20.56
C THR C 252 -14.82 23.17 -21.18
N LEU C 253 -13.92 24.15 -21.11
CA LEU C 253 -14.18 25.43 -21.75
C LEU C 253 -14.28 25.27 -23.27
N ILE C 254 -13.40 24.46 -23.85
CA ILE C 254 -13.46 24.19 -25.28
C ILE C 254 -14.78 23.51 -25.63
N ALA C 255 -15.19 22.55 -24.82
CA ALA C 255 -16.46 21.87 -25.08
C ALA C 255 -17.62 22.87 -25.01
N ARG C 256 -17.62 23.74 -24.01
CA ARG C 256 -18.68 24.73 -23.88
C ARG C 256 -18.70 25.67 -25.08
N ALA C 257 -17.53 26.13 -25.53
CA ALA C 257 -17.48 27.01 -26.68
C ALA C 257 -18.01 26.32 -27.92
N VAL C 258 -17.61 25.07 -28.14
CA VAL C 258 -18.09 24.34 -29.31
C VAL C 258 -19.61 24.17 -29.25
N ALA C 259 -20.13 23.86 -28.06
CA ALA C 259 -21.58 23.70 -27.91
C ALA C 259 -22.31 25.01 -28.19
N ASN C 260 -21.76 26.12 -27.71
CA ASN C 260 -22.42 27.41 -27.82
C ASN C 260 -22.17 28.11 -29.14
N GLU C 261 -21.31 27.56 -30.00
CA GLU C 261 -21.05 28.15 -31.31
C GLU C 261 -21.57 27.30 -32.46
N THR C 262 -21.45 25.97 -32.37
CA THR C 262 -21.86 25.11 -33.47
C THR C 262 -23.37 25.18 -33.67
N GLY C 263 -23.79 25.36 -34.92
CA GLY C 263 -25.20 25.44 -35.22
C GLY C 263 -25.95 24.15 -34.98
N ALA C 264 -25.29 23.01 -35.22
CA ALA C 264 -25.96 21.72 -35.11
C ALA C 264 -26.38 21.46 -33.66
N PHE C 265 -27.37 20.58 -33.51
CA PHE C 265 -27.89 20.25 -32.19
C PHE C 265 -26.79 19.70 -31.30
N PHE C 266 -26.83 20.08 -30.02
CA PHE C 266 -25.84 19.65 -29.04
C PHE C 266 -26.53 18.96 -27.88
N PHE C 267 -25.90 17.91 -27.37
CA PHE C 267 -26.40 17.17 -26.22
C PHE C 267 -25.26 16.92 -25.25
N LEU C 268 -25.57 16.94 -23.96
CA LEU C 268 -24.56 16.77 -22.91
C LEU C 268 -25.00 15.68 -21.95
N ILE C 269 -24.03 14.89 -21.48
CA ILE C 269 -24.28 13.80 -20.55
C ILE C 269 -23.22 13.87 -19.45
N ASN C 270 -23.63 14.26 -18.26
CA ASN C 270 -22.74 14.17 -17.11
C ASN C 270 -22.45 12.71 -16.81
N GLY C 271 -21.18 12.39 -16.56
CA GLY C 271 -20.77 11.01 -16.47
C GLY C 271 -21.50 10.24 -15.39
N PRO C 272 -21.20 10.53 -14.12
CA PRO C 272 -21.90 9.83 -13.04
C PRO C 272 -23.33 10.31 -12.84
N GLU C 273 -24.09 10.39 -13.94
CA GLU C 273 -25.48 10.83 -13.88
C GLU C 273 -26.42 9.90 -14.64
N ILE C 274 -25.93 9.09 -15.56
CA ILE C 274 -26.81 8.20 -16.32
C ILE C 274 -27.39 7.12 -15.42
N MET C 275 -26.67 6.72 -14.38
CA MET C 275 -27.09 5.59 -13.56
C MET C 275 -28.40 5.91 -12.84
N SER C 276 -29.17 4.87 -12.56
CA SER C 276 -30.42 4.99 -11.83
C SER C 276 -30.56 3.81 -10.88
N LYS C 277 -31.44 3.97 -9.88
CA LYS C 277 -31.58 2.95 -8.86
C LYS C 277 -32.16 1.65 -9.42
N LEU C 278 -33.08 1.76 -10.36
CA LEU C 278 -33.71 0.57 -10.92
C LEU C 278 -32.66 -0.31 -11.61
N ALA C 279 -33.10 -1.50 -12.02
CA ALA C 279 -32.24 -2.45 -12.69
C ALA C 279 -32.42 -2.33 -14.20
N GLY C 280 -31.32 -2.03 -14.90
CA GLY C 280 -31.36 -1.86 -16.34
C GLY C 280 -31.83 -0.51 -16.81
N GLU C 281 -32.10 0.43 -15.90
CA GLU C 281 -32.59 1.74 -16.32
C GLU C 281 -31.47 2.61 -16.90
N SER C 282 -30.23 2.42 -16.45
CA SER C 282 -29.14 3.22 -16.98
C SER C 282 -28.97 2.98 -18.47
N GLU C 283 -29.01 1.72 -18.91
CA GLU C 283 -28.92 1.42 -20.34
C GLU C 283 -30.10 2.02 -21.09
N SER C 284 -31.29 1.99 -20.49
CA SER C 284 -32.45 2.61 -21.14
C SER C 284 -32.22 4.10 -21.35
N ASN C 285 -31.72 4.79 -20.33
CA ASN C 285 -31.46 6.21 -20.45
C ASN C 285 -30.41 6.49 -21.53
N LEU C 286 -29.32 5.72 -21.53
CA LEU C 286 -28.25 5.93 -22.50
C LEU C 286 -28.76 5.70 -23.93
N ARG C 287 -29.51 4.61 -24.13
CA ARG C 287 -30.03 4.31 -25.45
C ARG C 287 -31.00 5.39 -25.91
N LYS C 288 -31.87 5.85 -25.02
CA LYS C 288 -32.81 6.91 -25.40
C LYS C 288 -32.06 8.18 -25.77
N ALA C 289 -31.04 8.53 -24.99
CA ALA C 289 -30.26 9.73 -25.30
C ALA C 289 -29.63 9.62 -26.68
N PHE C 290 -28.97 8.50 -26.96
CA PHE C 290 -28.33 8.34 -28.26
C PHE C 290 -29.36 8.36 -29.39
N GLU C 291 -30.49 7.69 -29.19
CA GLU C 291 -31.50 7.62 -30.24
C GLU C 291 -32.07 8.99 -30.56
N GLU C 292 -32.43 9.76 -29.53
CA GLU C 292 -32.97 11.09 -29.79
C GLU C 292 -31.90 12.01 -30.38
N ALA C 293 -30.64 11.87 -29.93
CA ALA C 293 -29.58 12.70 -30.48
C ALA C 293 -29.39 12.45 -31.97
N GLU C 294 -29.38 11.17 -32.37
CA GLU C 294 -29.19 10.87 -33.79
C GLU C 294 -30.42 11.25 -34.60
N LYS C 295 -31.62 11.04 -34.05
CA LYS C 295 -32.83 11.38 -34.77
C LYS C 295 -32.93 12.88 -35.01
N ASN C 296 -32.61 13.68 -33.99
CA ASN C 296 -32.85 15.12 -34.08
C ASN C 296 -32.10 15.74 -35.26
N ALA C 297 -30.80 15.49 -35.33
CA ALA C 297 -29.97 16.16 -36.31
C ALA C 297 -28.56 15.59 -36.25
N PRO C 298 -27.66 15.96 -37.17
CA PRO C 298 -26.25 15.58 -37.01
C PRO C 298 -25.66 16.28 -35.80
N ALA C 299 -26.01 15.79 -34.62
CA ALA C 299 -25.74 16.48 -33.37
C ALA C 299 -24.40 16.08 -32.78
N ILE C 300 -24.08 16.65 -31.62
CA ILE C 300 -22.85 16.38 -30.88
C ILE C 300 -23.23 15.90 -29.50
N ILE C 301 -22.63 14.80 -29.05
CA ILE C 301 -22.81 14.29 -27.71
C ILE C 301 -21.51 14.46 -26.95
N PHE C 302 -21.59 15.06 -25.76
CA PHE C 302 -20.44 15.29 -24.91
C PHE C 302 -20.62 14.54 -23.61
N ILE C 303 -19.64 13.70 -23.27
CA ILE C 303 -19.63 12.96 -22.01
C ILE C 303 -18.50 13.53 -21.17
N ASP C 304 -18.84 13.98 -19.96
CA ASP C 304 -17.88 14.65 -19.10
C ASP C 304 -17.39 13.68 -18.03
N GLU C 305 -16.07 13.52 -17.94
CA GLU C 305 -15.45 12.57 -17.01
C GLU C 305 -16.01 11.17 -17.22
N LEU C 306 -15.85 10.68 -18.45
CA LEU C 306 -16.32 9.34 -18.78
C LEU C 306 -15.53 8.26 -18.07
N ASP C 307 -14.38 8.60 -17.46
CA ASP C 307 -13.63 7.63 -16.68
C ASP C 307 -14.37 7.15 -15.45
N ALA C 308 -15.43 7.84 -15.05
CA ALA C 308 -16.26 7.41 -13.94
C ALA C 308 -17.37 6.45 -14.35
N ILE C 309 -17.60 6.28 -15.64
CA ILE C 309 -18.59 5.34 -16.15
C ILE C 309 -17.99 4.33 -17.12
N ALA C 310 -16.69 4.37 -17.36
CA ALA C 310 -16.00 3.40 -18.22
C ALA C 310 -14.78 2.86 -17.49
N PRO C 311 -14.98 2.03 -16.45
CA PRO C 311 -13.88 1.56 -15.62
C PRO C 311 -13.15 0.32 -16.17
N LYS C 312 -12.83 0.36 -17.46
CA LYS C 312 -11.95 -0.62 -18.08
C LYS C 312 -12.61 -1.99 -18.26
N ARG C 313 -13.79 -2.19 -17.68
CA ARG C 313 -14.59 -3.39 -17.94
C ARG C 313 -13.95 -4.67 -17.42
N GLU C 314 -12.72 -4.60 -16.92
CA GLU C 314 -11.99 -5.78 -16.50
C GLU C 314 -11.61 -5.77 -15.03
N LYS C 315 -10.96 -4.70 -14.56
CA LYS C 315 -10.58 -4.64 -13.15
C LYS C 315 -11.79 -4.43 -12.24
N THR C 316 -12.87 -3.86 -12.76
CA THR C 316 -14.06 -3.65 -11.94
C THR C 316 -14.64 -5.00 -11.51
N HIS C 317 -15.14 -5.04 -10.28
CA HIS C 317 -15.71 -6.25 -9.72
C HIS C 317 -17.23 -6.28 -9.75
N GLY C 318 -17.88 -5.13 -9.95
CA GLY C 318 -19.32 -5.07 -9.99
C GLY C 318 -19.86 -5.57 -11.31
N GLU C 319 -21.16 -5.36 -11.49
CA GLU C 319 -21.85 -5.78 -12.70
C GLU C 319 -22.57 -4.65 -13.42
N VAL C 320 -23.10 -3.66 -12.69
CA VAL C 320 -23.81 -2.57 -13.35
C VAL C 320 -22.88 -1.77 -14.23
N GLU C 321 -21.67 -1.46 -13.73
CA GLU C 321 -20.72 -0.71 -14.54
C GLU C 321 -20.28 -1.51 -15.76
N ARG C 322 -20.08 -2.82 -15.59
CA ARG C 322 -19.74 -3.66 -16.73
C ARG C 322 -20.83 -3.64 -17.79
N ARG C 323 -22.08 -3.75 -17.36
CA ARG C 323 -23.19 -3.72 -18.30
C ARG C 323 -23.26 -2.37 -19.01
N ILE C 324 -23.04 -1.29 -18.27
CA ILE C 324 -23.10 0.05 -18.87
C ILE C 324 -22.00 0.23 -19.91
N VAL C 325 -20.77 -0.20 -19.60
CA VAL C 325 -19.68 -0.03 -20.55
C VAL C 325 -19.92 -0.90 -21.78
N SER C 326 -20.43 -2.12 -21.59
CA SER C 326 -20.75 -2.95 -22.75
C SER C 326 -21.83 -2.31 -23.61
N GLN C 327 -22.84 -1.73 -22.97
CA GLN C 327 -23.89 -1.03 -23.72
C GLN C 327 -23.30 0.12 -24.52
N LEU C 328 -22.40 0.89 -23.91
CA LEU C 328 -21.79 2.02 -24.60
C LEU C 328 -20.98 1.55 -25.80
N LEU C 329 -20.17 0.50 -25.62
CA LEU C 329 -19.39 -0.05 -26.71
C LEU C 329 -20.30 -0.46 -27.87
N THR C 330 -21.31 -1.29 -27.58
CA THR C 330 -22.16 -1.80 -28.63
C THR C 330 -22.97 -0.68 -29.28
N LEU C 331 -23.29 0.37 -28.52
CA LEU C 331 -24.11 1.44 -29.06
C LEU C 331 -23.32 2.33 -30.01
N MET C 332 -22.07 2.67 -29.67
CA MET C 332 -21.28 3.47 -30.61
C MET C 332 -20.80 2.64 -31.79
N ASP C 333 -20.48 1.37 -31.58
CA ASP C 333 -19.98 0.51 -32.64
C ASP C 333 -20.87 -0.71 -32.77
N GLY C 334 -21.36 -0.95 -33.98
CA GLY C 334 -22.26 -2.05 -34.23
C GLY C 334 -23.12 -1.77 -35.44
N LEU C 335 -24.08 -2.66 -35.67
CA LEU C 335 -25.02 -2.46 -36.77
C LEU C 335 -25.83 -1.20 -36.53
N LYS C 336 -26.08 -0.46 -37.61
CA LYS C 336 -26.72 0.86 -37.52
C LYS C 336 -25.90 1.76 -36.60
N GLN C 337 -24.67 2.04 -37.03
CA GLN C 337 -23.67 2.61 -36.14
C GLN C 337 -23.91 4.08 -35.85
N ARG C 338 -24.01 4.92 -36.88
CA ARG C 338 -24.04 6.35 -36.67
C ARG C 338 -24.81 7.02 -37.81
N ALA C 339 -25.74 7.90 -37.45
CA ALA C 339 -26.41 8.75 -38.42
C ALA C 339 -25.76 10.13 -38.45
N HIS C 340 -24.48 10.14 -38.81
CA HIS C 340 -23.68 11.36 -38.86
C HIS C 340 -23.75 12.10 -37.53
N VAL C 341 -23.28 11.43 -36.48
CA VAL C 341 -23.29 11.96 -35.13
C VAL C 341 -21.88 11.88 -34.56
N ILE C 342 -21.40 12.99 -34.00
CA ILE C 342 -20.05 13.08 -33.45
C ILE C 342 -20.16 12.99 -31.93
N VAL C 343 -19.29 12.18 -31.33
CA VAL C 343 -19.24 12.02 -29.88
C VAL C 343 -17.97 12.68 -29.36
N MET C 344 -18.04 13.16 -28.13
CA MET C 344 -16.91 13.81 -27.48
C MET C 344 -16.78 13.30 -26.06
N ALA C 345 -15.58 13.42 -25.50
CA ALA C 345 -15.32 12.96 -24.15
C ALA C 345 -14.29 13.89 -23.51
N ALA C 346 -14.22 13.85 -22.19
CA ALA C 346 -13.29 14.69 -21.45
C ALA C 346 -12.96 14.00 -20.14
N THR C 347 -11.68 13.67 -19.95
CA THR C 347 -11.21 13.04 -18.73
C THR C 347 -9.85 13.62 -18.37
N ASN C 348 -9.64 13.88 -17.08
CA ASN C 348 -8.34 14.37 -16.63
C ASN C 348 -7.29 13.28 -16.71
N ARG C 349 -7.67 12.04 -16.41
CA ARG C 349 -6.78 10.89 -16.54
C ARG C 349 -7.40 9.88 -17.50
N PRO C 350 -6.84 9.67 -18.69
CA PRO C 350 -7.45 8.74 -19.65
C PRO C 350 -6.96 7.30 -19.55
N ASN C 351 -5.98 7.01 -18.70
CA ASN C 351 -5.48 5.64 -18.61
C ASN C 351 -6.56 4.69 -18.13
N SER C 352 -7.40 5.13 -17.19
CA SER C 352 -8.48 4.29 -16.67
C SER C 352 -9.70 4.35 -17.60
N ILE C 353 -9.49 3.88 -18.82
CA ILE C 353 -10.55 3.75 -19.81
C ILE C 353 -10.31 2.47 -20.59
N ASP C 354 -11.41 1.86 -21.03
CA ASP C 354 -11.31 0.56 -21.68
C ASP C 354 -10.52 0.68 -22.98
N PRO C 355 -9.57 -0.23 -23.25
CA PRO C 355 -8.88 -0.19 -24.55
C PRO C 355 -9.84 -0.30 -25.71
N ALA C 356 -10.92 -1.06 -25.58
CA ALA C 356 -11.91 -1.13 -26.64
C ALA C 356 -12.50 0.24 -26.92
N LEU C 357 -12.78 1.01 -25.87
CA LEU C 357 -13.25 2.38 -26.05
C LEU C 357 -12.19 3.22 -26.74
N ARG C 358 -10.94 3.10 -26.31
CA ARG C 358 -9.88 3.92 -26.88
C ARG C 358 -9.53 3.55 -28.32
N ARG C 359 -9.96 2.38 -28.78
CA ARG C 359 -9.67 1.96 -30.15
C ARG C 359 -10.38 2.86 -31.15
N PHE C 360 -9.80 2.95 -32.35
CA PHE C 360 -10.40 3.75 -33.42
C PHE C 360 -11.84 3.31 -33.68
N GLY C 361 -12.66 4.25 -34.15
CA GLY C 361 -14.05 4.03 -34.42
C GLY C 361 -14.96 4.44 -33.29
N ARG C 362 -14.44 4.52 -32.07
CA ARG C 362 -15.19 5.02 -30.91
C ARG C 362 -14.58 6.30 -30.37
N PHE C 363 -13.30 6.28 -30.01
CA PHE C 363 -12.54 7.48 -29.62
C PHE C 363 -11.18 7.35 -30.29
N ASP C 364 -11.06 7.89 -31.51
CA ASP C 364 -9.88 7.67 -32.31
C ASP C 364 -8.81 8.74 -32.07
N ARG C 365 -9.17 10.01 -32.20
CA ARG C 365 -8.21 11.10 -32.03
C ARG C 365 -8.24 11.58 -30.59
N GLU C 366 -7.13 11.36 -29.88
CA GLU C 366 -7.00 11.79 -28.48
C GLU C 366 -6.12 13.03 -28.46
N VAL C 367 -6.73 14.20 -28.65
CA VAL C 367 -5.98 15.45 -28.61
C VAL C 367 -5.53 15.71 -27.18
N ASP C 368 -4.25 16.05 -27.03
CA ASP C 368 -3.65 16.30 -25.72
C ASP C 368 -3.57 17.80 -25.51
N ILE C 369 -4.35 18.31 -24.56
CA ILE C 369 -4.34 19.73 -24.22
C ILE C 369 -3.33 19.88 -23.09
N GLY C 370 -2.08 20.18 -23.46
CA GLY C 370 -1.00 20.30 -22.50
C GLY C 370 -0.95 21.65 -21.83
N ILE C 371 0.09 21.83 -21.02
CA ILE C 371 0.30 23.06 -20.26
C ILE C 371 0.74 24.15 -21.23
N PRO C 372 0.38 25.41 -21.01
CA PRO C 372 0.76 26.46 -21.94
C PRO C 372 2.23 26.86 -21.80
N ASP C 373 2.63 27.83 -22.61
CA ASP C 373 3.96 28.40 -22.59
C ASP C 373 3.84 29.89 -22.26
N ALA C 374 4.94 30.63 -22.42
CA ALA C 374 4.91 32.05 -22.12
C ALA C 374 3.89 32.76 -22.99
N THR C 375 3.89 32.49 -24.30
CA THR C 375 2.93 33.12 -25.19
C THR C 375 1.51 32.72 -24.85
N GLY C 376 1.30 31.44 -24.51
CA GLY C 376 -0.03 31.00 -24.12
C GLY C 376 -0.52 31.71 -22.88
N ARG C 377 0.35 31.87 -21.89
CA ARG C 377 -0.05 32.59 -20.68
C ARG C 377 -0.36 34.05 -20.98
N LEU C 378 0.43 34.67 -21.87
CA LEU C 378 0.14 36.05 -22.26
C LEU C 378 -1.22 36.14 -22.92
N GLU C 379 -1.54 35.21 -23.81
CA GLU C 379 -2.85 35.23 -24.47
C GLU C 379 -3.97 35.01 -23.47
N ILE C 380 -3.78 34.10 -22.52
CA ILE C 380 -4.82 33.84 -21.53
C ILE C 380 -5.06 35.08 -20.68
N LEU C 381 -3.98 35.75 -20.27
CA LEU C 381 -4.14 36.97 -19.49
C LEU C 381 -4.85 38.05 -20.29
N GLN C 382 -4.49 38.20 -21.57
CA GLN C 382 -5.17 39.18 -22.40
C GLN C 382 -6.65 38.88 -22.52
N ILE C 383 -7.00 37.60 -22.68
CA ILE C 383 -8.40 37.21 -22.78
C ILE C 383 -9.14 37.52 -21.47
N HIS C 384 -8.52 37.19 -20.34
CA HIS C 384 -9.20 37.37 -19.06
C HIS C 384 -9.32 38.84 -18.68
N THR C 385 -8.39 39.68 -19.12
CA THR C 385 -8.39 41.09 -18.76
C THR C 385 -9.02 41.97 -19.83
N LYS C 386 -10.04 41.46 -20.52
CA LYS C 386 -10.75 42.23 -21.53
C LYS C 386 -11.89 43.06 -20.95
N ASN C 387 -12.17 42.94 -19.65
CA ASN C 387 -13.25 43.65 -18.99
C ASN C 387 -12.76 44.31 -17.72
N MET C 388 -11.62 45.01 -17.81
CA MET C 388 -11.05 45.71 -16.67
C MET C 388 -10.43 47.02 -17.15
N LYS C 389 -10.71 48.09 -16.41
CA LYS C 389 -10.08 49.39 -16.65
C LYS C 389 -8.80 49.49 -15.82
N LEU C 390 -7.85 48.61 -16.14
CA LEU C 390 -6.71 48.36 -15.26
C LEU C 390 -5.83 49.59 -15.07
N ALA C 391 -5.18 50.05 -16.14
CA ALA C 391 -4.19 51.12 -16.00
C ALA C 391 -3.62 51.51 -17.35
N ASP C 392 -2.72 52.50 -17.35
CA ASP C 392 -1.98 52.89 -18.54
C ASP C 392 -0.49 52.57 -18.43
N ASP C 393 -0.11 51.70 -17.49
CA ASP C 393 1.30 51.40 -17.27
C ASP C 393 1.60 49.92 -17.06
N VAL C 394 0.59 49.04 -17.12
CA VAL C 394 0.82 47.62 -16.87
C VAL C 394 1.42 46.96 -18.10
N ASP C 395 2.24 45.94 -17.87
CA ASP C 395 2.86 45.15 -18.94
C ASP C 395 2.54 43.68 -18.65
N LEU C 396 1.46 43.17 -19.24
CA LEU C 396 1.04 41.80 -18.99
C LEU C 396 2.08 40.80 -19.47
N GLU C 397 2.94 41.18 -20.43
CA GLU C 397 3.97 40.27 -20.89
C GLU C 397 4.91 39.88 -19.76
N GLN C 398 5.30 40.85 -18.93
CA GLN C 398 6.17 40.56 -17.80
C GLN C 398 5.50 39.63 -16.80
N VAL C 399 4.22 39.87 -16.51
CA VAL C 399 3.52 39.00 -15.57
C VAL C 399 3.43 37.59 -16.13
N ALA C 400 3.19 37.46 -17.43
CA ALA C 400 3.20 36.14 -18.05
C ALA C 400 4.56 35.49 -17.93
N ASN C 401 5.63 36.27 -18.10
CA ASN C 401 6.98 35.72 -18.00
C ASN C 401 7.22 35.14 -16.62
N GLU C 402 6.93 35.92 -15.56
CA GLU C 402 7.12 35.39 -14.21
C GLU C 402 6.21 34.20 -13.94
N THR C 403 4.95 34.25 -14.38
CA THR C 403 4.04 33.14 -14.19
C THR C 403 4.52 31.93 -14.99
N HIS C 404 4.88 30.84 -14.31
CA HIS C 404 5.57 29.73 -14.95
C HIS C 404 4.73 28.45 -14.99
N GLY C 405 4.30 27.94 -13.85
CA GLY C 405 3.61 26.66 -13.80
C GLY C 405 2.10 26.72 -13.91
N HIS C 406 1.54 27.91 -14.08
CA HIS C 406 0.09 28.06 -14.04
C HIS C 406 -0.54 27.48 -15.30
N VAL C 407 -1.83 27.13 -15.18
CA VAL C 407 -2.51 26.32 -16.19
C VAL C 407 -3.79 27.00 -16.66
N GLY C 408 -3.84 28.31 -16.62
CA GLY C 408 -5.03 29.04 -17.06
C GLY C 408 -6.05 29.27 -15.96
N ALA C 409 -6.47 28.20 -15.30
CA ALA C 409 -7.33 28.37 -14.13
C ALA C 409 -6.62 29.19 -13.07
N ASP C 410 -5.33 28.93 -12.86
CA ASP C 410 -4.58 29.72 -11.90
C ASP C 410 -4.36 31.14 -12.39
N LEU C 411 -4.27 31.36 -13.71
CA LEU C 411 -4.25 32.72 -14.22
C LEU C 411 -5.54 33.45 -13.88
N ALA C 412 -6.68 32.79 -14.04
CA ALA C 412 -7.95 33.39 -13.66
C ALA C 412 -7.98 33.69 -12.17
N ALA C 413 -7.46 32.77 -11.35
CA ALA C 413 -7.39 33.00 -9.91
C ALA C 413 -6.52 34.21 -9.59
N LEU C 414 -5.38 34.34 -10.28
CA LEU C 414 -4.51 35.48 -10.07
C LEU C 414 -5.21 36.78 -10.43
N CYS C 415 -5.93 36.80 -11.56
CA CYS C 415 -6.64 38.01 -11.95
C CYS C 415 -7.72 38.37 -10.92
N SER C 416 -8.46 37.36 -10.44
CA SER C 416 -9.49 37.62 -9.45
C SER C 416 -8.88 38.16 -8.16
N GLU C 417 -7.76 37.58 -7.72
CA GLU C 417 -7.11 38.04 -6.51
C GLU C 417 -6.60 39.48 -6.67
N ALA C 418 -6.06 39.80 -7.84
CA ALA C 418 -5.62 41.17 -8.09
C ALA C 418 -6.80 42.13 -8.03
N ALA C 419 -7.94 41.75 -8.61
CA ALA C 419 -9.12 42.60 -8.54
C ALA C 419 -9.58 42.79 -7.10
N LEU C 420 -9.57 41.71 -6.32
CA LEU C 420 -9.98 41.83 -4.91
C LEU C 420 -9.03 42.75 -4.15
N GLN C 421 -7.74 42.64 -4.39
CA GLN C 421 -6.79 43.52 -3.73
C GLN C 421 -7.03 44.98 -4.14
N ALA C 422 -7.28 45.22 -5.42
CA ALA C 422 -7.51 46.59 -5.88
C ALA C 422 -8.75 47.17 -5.24
N ILE C 423 -9.83 46.40 -5.15
CA ILE C 423 -11.05 46.91 -4.54
C ILE C 423 -10.86 47.12 -3.04
N ARG C 424 -10.13 46.22 -2.38
CA ARG C 424 -9.90 46.37 -0.96
C ARG C 424 -9.04 47.59 -0.65
N LYS C 425 -8.13 47.95 -1.57
CA LYS C 425 -7.29 49.12 -1.35
C LYS C 425 -8.10 50.39 -1.16
N LYS C 426 -9.34 50.42 -1.64
CA LYS C 426 -10.23 51.57 -1.47
C LYS C 426 -11.21 51.40 -0.32
N MET C 427 -10.86 50.57 0.67
CA MET C 427 -11.78 50.31 1.77
C MET C 427 -12.07 51.59 2.54
N ASP C 428 -11.05 52.44 2.74
CA ASP C 428 -11.24 53.66 3.52
C ASP C 428 -12.29 54.56 2.87
N LEU C 429 -12.21 54.72 1.54
CA LEU C 429 -13.21 55.52 0.83
C LEU C 429 -14.54 54.80 0.69
N ILE C 430 -14.54 53.47 0.78
CA ILE C 430 -15.77 52.71 0.68
C ILE C 430 -16.42 52.56 2.05
N GLU C 440 -18.36 58.20 -7.20
CA GLU C 440 -16.97 58.60 -7.42
C GLU C 440 -16.03 57.41 -7.27
N VAL C 441 -16.48 56.40 -6.53
CA VAL C 441 -15.67 55.21 -6.31
C VAL C 441 -15.89 54.18 -7.41
N MET C 442 -17.14 54.03 -7.87
CA MET C 442 -17.43 53.03 -8.90
C MET C 442 -16.67 53.33 -10.19
N ASN C 443 -16.61 54.61 -10.57
CA ASN C 443 -15.93 55.00 -11.80
C ASN C 443 -14.42 55.16 -11.64
N SER C 444 -13.90 55.06 -10.41
CA SER C 444 -12.48 55.22 -10.17
C SER C 444 -11.77 53.89 -9.90
N LEU C 445 -12.50 52.78 -9.89
CA LEU C 445 -11.86 51.49 -9.65
C LEU C 445 -10.93 51.14 -10.80
N ALA C 446 -9.79 50.54 -10.46
CA ALA C 446 -8.81 50.14 -11.46
C ALA C 446 -7.75 49.28 -10.79
N VAL C 447 -7.29 48.25 -11.49
CA VAL C 447 -6.25 47.36 -11.00
C VAL C 447 -4.91 47.83 -11.54
N THR C 448 -3.92 47.96 -10.66
CA THR C 448 -2.63 48.54 -11.00
C THR C 448 -1.54 47.48 -10.95
N MET C 449 -0.39 47.83 -11.53
CA MET C 449 0.75 46.92 -11.53
C MET C 449 1.12 46.49 -10.12
N ASP C 450 0.93 47.37 -9.13
CA ASP C 450 1.17 46.97 -7.74
C ASP C 450 0.22 45.87 -7.32
N ASP C 451 -1.06 45.99 -7.69
CA ASP C 451 -2.03 44.95 -7.36
C ASP C 451 -1.66 43.63 -8.04
N PHE C 452 -1.26 43.69 -9.30
CA PHE C 452 -0.83 42.46 -9.98
C PHE C 452 0.40 41.86 -9.32
N ARG C 453 1.35 42.70 -8.89
CA ARG C 453 2.52 42.19 -8.18
C ARG C 453 2.11 41.48 -6.90
N TRP C 454 1.21 42.08 -6.12
CA TRP C 454 0.78 41.46 -4.88
C TRP C 454 0.07 40.14 -5.14
N ALA C 455 -0.83 40.12 -6.13
CA ALA C 455 -1.54 38.88 -6.44
C ALA C 455 -0.59 37.80 -6.91
N LEU C 456 0.39 38.16 -7.76
CA LEU C 456 1.36 37.19 -8.24
C LEU C 456 2.21 36.65 -7.09
N SER C 457 2.62 37.52 -6.17
CA SER C 457 3.42 37.08 -5.04
C SER C 457 2.62 36.11 -4.17
N GLN C 458 1.34 36.38 -3.96
CA GLN C 458 0.54 35.52 -3.09
C GLN C 458 0.22 34.20 -3.78
N SER C 459 -0.10 34.23 -5.08
CA SER C 459 -0.63 33.06 -5.75
C SER C 459 0.44 31.99 -5.98
N ASN C 460 -0.02 30.75 -6.07
CA ASN C 460 0.83 29.60 -6.36
C ASN C 460 0.09 28.67 -7.31
N PRO C 461 0.81 27.89 -8.11
CA PRO C 461 0.13 26.99 -9.05
C PRO C 461 -0.69 25.94 -8.32
N SER C 462 -1.78 25.52 -8.96
CA SER C 462 -2.68 24.55 -8.34
C SER C 462 -2.01 23.20 -8.14
N ALA C 463 -1.18 22.78 -9.09
CA ALA C 463 -0.59 21.43 -9.02
C ALA C 463 0.27 21.28 -7.77
N LEU C 464 1.08 22.29 -7.45
CA LEU C 464 1.96 22.24 -6.30
C LEU C 464 1.28 22.67 -5.01
N ARG C 465 -0.05 22.77 -5.01
CA ARG C 465 -0.76 23.14 -3.79
C ARG C 465 -0.57 22.10 -2.71
N GLU C 466 -0.58 20.81 -3.08
CA GLU C 466 -0.46 19.75 -2.09
C GLU C 466 0.90 19.71 -1.42
N THR C 467 1.91 20.37 -1.99
CA THR C 467 3.27 20.37 -1.46
C THR C 467 3.72 21.78 -1.10
N VAL C 468 2.83 22.55 -0.47
CA VAL C 468 3.16 23.91 -0.05
C VAL C 468 3.63 23.86 1.39
N VAL C 469 4.77 24.51 1.66
CA VAL C 469 5.35 24.55 3.00
C VAL C 469 5.92 25.94 3.24
N GLU C 470 5.83 26.40 4.48
CA GLU C 470 6.41 27.69 4.84
C GLU C 470 7.92 27.64 4.70
N VAL C 471 8.49 28.75 4.24
CA VAL C 471 9.94 28.85 4.06
C VAL C 471 10.41 30.19 4.62
N PRO C 472 11.44 30.23 5.46
CA PRO C 472 11.92 31.51 5.97
C PRO C 472 12.40 32.41 4.84
N GLN C 473 12.24 33.71 5.04
CA GLN C 473 12.64 34.71 4.05
C GLN C 473 14.09 35.08 4.30
N VAL C 474 14.99 34.55 3.47
CA VAL C 474 16.41 34.87 3.53
C VAL C 474 16.87 35.25 2.13
N THR C 475 17.56 36.38 2.01
CA THR C 475 18.04 36.88 0.74
C THR C 475 19.49 36.48 0.54
N TRP C 476 20.07 36.91 -0.59
CA TRP C 476 21.46 36.60 -0.86
C TRP C 476 22.39 37.21 0.19
N GLU C 477 22.09 38.44 0.62
CA GLU C 477 22.95 39.12 1.58
C GLU C 477 23.05 38.36 2.90
N ASP C 478 22.06 37.53 3.24
CA ASP C 478 22.09 36.80 4.49
C ASP C 478 23.14 35.70 4.51
N ILE C 479 23.73 35.36 3.36
CA ILE C 479 24.76 34.34 3.27
C ILE C 479 26.10 35.05 3.11
N GLY C 480 27.04 34.77 4.02
CA GLY C 480 28.34 35.38 3.97
C GLY C 480 29.31 34.56 3.13
N GLY C 481 30.07 35.26 2.29
CA GLY C 481 31.01 34.56 1.43
C GLY C 481 30.29 33.72 0.40
N LEU C 482 30.99 32.70 -0.08
CA LEU C 482 30.46 31.78 -1.08
C LEU C 482 29.98 32.55 -2.32
N GLU C 483 30.71 33.61 -2.67
CA GLU C 483 30.31 34.42 -3.81
C GLU C 483 30.35 33.60 -5.10
N ASP C 484 31.39 32.80 -5.30
CA ASP C 484 31.49 32.01 -6.52
C ASP C 484 30.36 31.00 -6.61
N VAL C 485 30.05 30.32 -5.49
CA VAL C 485 28.96 29.35 -5.50
C VAL C 485 27.64 30.03 -5.80
N LYS C 486 27.39 31.19 -5.18
CA LYS C 486 26.15 31.91 -5.41
C LYS C 486 26.03 32.31 -6.88
N ARG C 487 27.11 32.84 -7.46
CA ARG C 487 27.07 33.26 -8.86
C ARG C 487 26.84 32.08 -9.79
N GLU C 488 27.56 30.97 -9.54
CA GLU C 488 27.39 29.80 -10.39
C GLU C 488 25.96 29.28 -10.33
N LEU C 489 25.40 29.21 -9.13
CA LEU C 489 24.04 28.70 -9.01
C LEU C 489 23.05 29.64 -9.69
N GLN C 490 23.24 30.95 -9.52
CA GLN C 490 22.36 31.91 -10.18
C GLN C 490 22.37 31.71 -11.69
N GLU C 491 23.57 31.60 -12.27
CA GLU C 491 23.67 31.35 -13.70
C GLU C 491 22.95 30.07 -14.08
N LEU C 492 23.19 29.00 -13.31
CA LEU C 492 22.63 27.69 -13.64
C LEU C 492 21.10 27.74 -13.62
N VAL C 493 20.51 28.42 -12.64
CA VAL C 493 19.06 28.42 -12.53
C VAL C 493 18.40 29.47 -13.40
N GLN C 494 19.15 30.47 -13.87
CA GLN C 494 18.57 31.55 -14.65
C GLN C 494 18.69 31.35 -16.15
N TYR C 495 19.88 30.98 -16.63
CA TYR C 495 20.08 30.95 -18.09
C TYR C 495 19.10 30.04 -18.80
N PRO C 496 18.86 28.79 -18.38
CA PRO C 496 17.92 27.95 -19.13
C PRO C 496 16.54 28.54 -19.24
N VAL C 497 16.06 29.22 -18.20
CA VAL C 497 14.72 29.81 -18.23
C VAL C 497 14.70 31.21 -18.81
N GLU C 498 15.82 31.95 -18.73
CA GLU C 498 15.86 33.33 -19.19
C GLU C 498 16.16 33.44 -20.67
N HIS C 499 17.17 32.70 -21.16
CA HIS C 499 17.62 32.80 -22.55
C HIS C 499 17.70 31.42 -23.17
N PRO C 500 16.57 30.73 -23.33
CA PRO C 500 16.58 29.47 -24.08
C PRO C 500 16.96 29.64 -25.53
N ASP C 501 16.80 30.84 -26.10
CA ASP C 501 17.15 31.06 -27.49
C ASP C 501 18.63 30.84 -27.74
N LYS C 502 19.48 31.34 -26.83
CA LYS C 502 20.92 31.16 -27.00
C LYS C 502 21.30 29.69 -26.89
N PHE C 503 20.68 28.96 -25.96
CA PHE C 503 20.95 27.54 -25.84
C PHE C 503 20.53 26.80 -27.10
N LEU C 504 19.38 27.16 -27.66
CA LEU C 504 18.94 26.55 -28.92
C LEU C 504 19.92 26.85 -30.04
N LYS C 505 20.42 28.09 -30.10
CA LYS C 505 21.39 28.45 -31.13
C LYS C 505 22.65 27.61 -30.99
N PHE C 506 23.16 27.48 -29.78
CA PHE C 506 24.34 26.65 -29.55
C PHE C 506 24.05 25.17 -29.70
N GLY C 507 22.78 24.78 -29.73
CA GLY C 507 22.42 23.40 -29.99
C GLY C 507 22.86 22.42 -28.92
N MET C 508 22.68 22.78 -27.65
CA MET C 508 23.02 21.88 -26.55
C MET C 508 22.16 22.20 -25.34
N THR C 509 21.57 21.15 -24.75
CA THR C 509 20.77 21.34 -23.56
C THR C 509 21.67 21.67 -22.36
N PRO C 510 21.20 22.47 -21.41
CA PRO C 510 22.03 22.84 -20.27
C PRO C 510 22.06 21.78 -19.19
N SER C 511 23.07 21.88 -18.33
CA SER C 511 23.17 21.00 -17.18
C SER C 511 22.07 21.32 -16.17
N LYS C 512 21.69 20.31 -15.39
CA LYS C 512 20.53 20.44 -14.50
C LYS C 512 20.76 19.86 -13.11
N GLY C 513 22.00 19.61 -12.70
CA GLY C 513 22.26 18.99 -11.41
C GLY C 513 23.37 19.70 -10.65
N VAL C 514 23.22 19.78 -9.34
CA VAL C 514 24.27 20.26 -8.45
C VAL C 514 24.13 19.51 -7.13
N LEU C 515 25.28 19.20 -6.51
CA LEU C 515 25.31 18.50 -5.24
C LEU C 515 26.10 19.31 -4.23
N PHE C 516 25.58 19.40 -3.01
CA PHE C 516 26.23 20.12 -1.92
C PHE C 516 26.73 19.09 -0.91
N TYR C 517 28.03 19.10 -0.64
CA TYR C 517 28.64 18.17 0.29
C TYR C 517 29.71 18.90 1.10
N GLY C 518 29.70 18.69 2.42
CA GLY C 518 30.66 19.32 3.29
C GLY C 518 30.33 19.10 4.75
N PRO C 519 31.20 19.56 5.64
CA PRO C 519 30.94 19.36 7.06
C PRO C 519 29.68 20.07 7.48
N PRO C 520 28.97 19.53 8.47
CA PRO C 520 27.69 20.14 8.87
C PRO C 520 27.89 21.56 9.37
N GLY C 521 26.93 22.43 9.05
CA GLY C 521 26.98 23.81 9.47
C GLY C 521 27.88 24.67 8.61
N CYS C 522 27.56 24.76 7.32
CA CYS C 522 28.32 25.62 6.41
C CYS C 522 27.48 26.45 5.46
N GLY C 523 26.20 26.15 5.29
CA GLY C 523 25.34 26.98 4.46
C GLY C 523 24.60 26.23 3.38
N LYS C 524 24.51 24.91 3.50
CA LYS C 524 23.82 24.12 2.48
C LYS C 524 22.32 24.35 2.51
N THR C 525 21.68 24.03 3.64
CA THR C 525 20.26 24.31 3.76
C THR C 525 19.99 25.80 3.71
N LEU C 526 20.95 26.62 4.11
CA LEU C 526 20.79 28.07 3.98
C LEU C 526 20.67 28.47 2.52
N LEU C 527 21.54 27.92 1.68
CA LEU C 527 21.44 28.19 0.25
C LEU C 527 20.13 27.67 -0.31
N ALA C 528 19.70 26.48 0.14
CA ALA C 528 18.43 25.95 -0.34
C ALA C 528 17.28 26.89 0.01
N LYS C 529 17.25 27.40 1.24
CA LYS C 529 16.21 28.35 1.64
C LYS C 529 16.30 29.62 0.80
N ALA C 530 17.52 30.12 0.58
CA ALA C 530 17.67 31.33 -0.22
C ALA C 530 17.10 31.14 -1.62
N ILE C 531 17.34 29.97 -2.22
CA ILE C 531 16.83 29.73 -3.56
C ILE C 531 15.31 29.63 -3.53
N ALA C 532 14.78 28.84 -2.60
CA ALA C 532 13.32 28.72 -2.50
C ALA C 532 12.67 30.08 -2.33
N ASN C 533 13.37 31.02 -1.69
CA ASN C 533 12.79 32.33 -1.42
C ASN C 533 12.91 33.27 -2.62
N GLU C 534 14.10 33.35 -3.22
CA GLU C 534 14.43 34.40 -4.18
C GLU C 534 14.61 33.87 -5.60
N CYS C 535 14.14 32.66 -5.89
CA CYS C 535 14.25 32.09 -7.23
C CYS C 535 12.93 32.24 -7.98
N GLN C 536 13.03 32.46 -9.28
CA GLN C 536 11.83 32.59 -10.10
C GLN C 536 11.11 31.26 -10.25
N ALA C 537 11.86 30.18 -10.44
CA ALA C 537 11.26 28.87 -10.66
C ALA C 537 10.57 28.37 -9.39
N ASN C 538 9.58 27.51 -9.59
CA ASN C 538 8.90 26.90 -8.44
C ASN C 538 9.86 26.03 -7.66
N PHE C 539 9.64 25.94 -6.35
CA PHE C 539 10.50 25.19 -5.46
C PHE C 539 9.70 24.09 -4.77
N ILE C 540 10.31 22.91 -4.68
CA ILE C 540 9.72 21.77 -3.98
C ILE C 540 10.76 21.25 -2.99
N SER C 541 10.41 21.26 -1.71
CA SER C 541 11.30 20.80 -0.65
C SER C 541 10.84 19.44 -0.17
N ILE C 542 11.73 18.45 -0.21
CA ILE C 542 11.44 17.10 0.22
C ILE C 542 12.58 16.64 1.12
N LYS C 543 12.24 16.19 2.32
CA LYS C 543 13.23 15.60 3.22
C LYS C 543 13.47 14.14 2.82
N GLY C 544 14.60 13.60 3.28
CA GLY C 544 15.07 12.33 2.79
C GLY C 544 14.04 11.22 2.81
N PRO C 545 13.65 10.75 4.00
CA PRO C 545 12.78 9.57 4.06
C PRO C 545 11.29 9.88 4.01
N GLU C 546 10.92 11.09 3.58
CA GLU C 546 9.50 11.43 3.54
C GLU C 546 8.72 10.54 2.58
N LEU C 547 9.37 10.03 1.53
CA LEU C 547 8.69 9.32 0.46
C LEU C 547 8.71 7.80 0.66
N LEU C 548 8.91 7.33 1.89
CA LEU C 548 8.97 5.90 2.18
C LEU C 548 7.72 5.47 2.92
N THR C 549 7.13 4.36 2.49
CA THR C 549 5.95 3.80 3.12
C THR C 549 6.11 2.29 3.24
N MET C 550 5.40 1.72 4.22
CA MET C 550 5.52 0.28 4.48
C MET C 550 4.85 -0.57 3.42
N TRP C 551 3.90 -0.01 2.67
CA TRP C 551 3.20 -0.78 1.66
C TRP C 551 4.16 -1.15 0.51
N PHE C 552 3.83 -2.21 -0.20
CA PHE C 552 4.69 -2.75 -1.24
C PHE C 552 4.52 -1.93 -2.52
N GLY C 553 5.58 -1.23 -2.91
CA GLY C 553 5.58 -0.44 -4.13
C GLY C 553 5.05 0.96 -3.98
N GLU C 554 4.46 1.31 -2.84
CA GLU C 554 3.94 2.66 -2.67
C GLU C 554 5.06 3.68 -2.60
N SER C 555 6.25 3.30 -2.14
CA SER C 555 7.38 4.22 -2.16
C SER C 555 7.74 4.59 -3.60
N GLU C 556 7.78 3.59 -4.49
CA GLU C 556 8.04 3.86 -5.90
C GLU C 556 6.93 4.70 -6.50
N ALA C 557 5.67 4.41 -6.13
CA ALA C 557 4.57 5.22 -6.62
C ALA C 557 4.75 6.68 -6.18
N ASN C 558 5.14 6.90 -4.94
CA ASN C 558 5.34 8.26 -4.45
C ASN C 558 6.47 8.96 -5.20
N VAL C 559 7.58 8.26 -5.43
CA VAL C 559 8.69 8.87 -6.15
C VAL C 559 8.26 9.26 -7.55
N ARG C 560 7.58 8.35 -8.25
CA ARG C 560 7.11 8.66 -9.60
C ARG C 560 6.14 9.82 -9.59
N GLU C 561 5.23 9.86 -8.63
CA GLU C 561 4.27 10.95 -8.56
C GLU C 561 4.97 12.28 -8.34
N ILE C 562 5.93 12.32 -7.43
CA ILE C 562 6.63 13.57 -7.13
C ILE C 562 7.39 14.06 -8.36
N PHE C 563 8.11 13.15 -9.02
CA PHE C 563 8.90 13.58 -10.18
C PHE C 563 8.01 13.98 -11.34
N ASP C 564 6.90 13.27 -11.55
CA ASP C 564 5.95 13.65 -12.60
C ASP C 564 5.37 15.02 -12.32
N LYS C 565 5.00 15.28 -11.07
CA LYS C 565 4.47 16.60 -10.71
C LYS C 565 5.51 17.68 -10.93
N ALA C 566 6.76 17.41 -10.57
CA ALA C 566 7.81 18.40 -10.75
C ALA C 566 8.00 18.73 -12.22
N ARG C 567 8.12 17.71 -13.07
CA ARG C 567 8.33 17.98 -14.50
C ARG C 567 7.10 18.64 -15.11
N GLN C 568 5.91 18.27 -14.65
CA GLN C 568 4.69 18.89 -15.15
C GLN C 568 4.63 20.37 -14.79
N ALA C 569 5.02 20.72 -13.57
CA ALA C 569 5.02 22.11 -13.14
C ALA C 569 6.29 22.85 -13.50
N ALA C 570 7.22 22.21 -14.21
CA ALA C 570 8.46 22.83 -14.62
C ALA C 570 8.19 24.19 -15.26
N PRO C 571 9.17 25.12 -15.24
CA PRO C 571 10.50 24.96 -14.66
C PRO C 571 10.49 25.10 -13.14
N CYS C 572 10.88 24.04 -12.44
CA CYS C 572 10.95 24.03 -10.98
C CYS C 572 12.25 23.40 -10.54
N VAL C 573 12.71 23.79 -9.36
CA VAL C 573 13.94 23.28 -8.78
C VAL C 573 13.56 22.32 -7.66
N LEU C 574 14.03 21.08 -7.77
CA LEU C 574 13.72 20.03 -6.80
C LEU C 574 14.91 19.90 -5.85
N PHE C 575 14.64 20.06 -4.56
CA PHE C 575 15.69 20.04 -3.54
C PHE C 575 15.57 18.77 -2.73
N PHE C 576 16.64 17.98 -2.71
CA PHE C 576 16.71 16.74 -1.94
C PHE C 576 17.59 16.98 -0.72
N ASP C 577 17.06 16.63 0.46
CA ASP C 577 17.80 16.73 1.70
C ASP C 577 18.04 15.33 2.25
N GLU C 578 19.23 15.11 2.80
CA GLU C 578 19.65 13.78 3.23
C GLU C 578 19.70 12.82 2.03
N LEU C 579 20.38 13.26 0.98
CA LEU C 579 20.53 12.42 -0.20
C LEU C 579 21.19 11.10 0.16
N ASP C 580 22.12 11.11 1.11
CA ASP C 580 22.71 9.86 1.57
C ASP C 580 21.67 8.96 2.21
N SER C 581 20.64 9.55 2.83
CA SER C 581 19.58 8.75 3.41
C SER C 581 18.68 8.16 2.33
N ILE C 582 18.29 8.96 1.35
CA ILE C 582 17.36 8.48 0.33
C ILE C 582 18.02 7.46 -0.58
N ALA C 583 19.25 7.74 -1.02
CA ALA C 583 19.94 6.90 -1.99
C ALA C 583 21.12 6.21 -1.29
N LYS C 584 20.83 5.05 -0.69
CA LYS C 584 21.88 4.25 -0.09
C LYS C 584 22.68 3.56 -1.18
N ALA C 585 23.85 3.05 -0.81
CA ALA C 585 24.69 2.34 -1.75
C ALA C 585 23.98 1.08 -2.24
N ARG C 586 24.61 0.38 -3.17
CA ARG C 586 24.06 -0.83 -3.77
C ARG C 586 24.82 -2.04 -3.24
N GLY C 587 24.07 -3.04 -2.78
CA GLY C 587 24.66 -4.26 -2.26
C GLY C 587 23.63 -5.26 -1.78
N GLY C 593 15.16 -5.13 4.13
CA GLY C 593 13.74 -5.39 4.16
C GLY C 593 13.11 -5.45 2.78
N GLY C 594 13.48 -6.47 2.01
CA GLY C 594 12.98 -6.62 0.66
C GLY C 594 13.67 -5.78 -0.38
N GLY C 595 14.81 -5.18 -0.05
CA GLY C 595 15.50 -4.32 -1.00
C GLY C 595 14.71 -3.10 -1.40
N ALA C 596 13.94 -2.53 -0.48
CA ALA C 596 13.18 -1.32 -0.79
C ALA C 596 14.11 -0.17 -1.14
N ALA C 597 15.24 -0.06 -0.43
CA ALA C 597 16.22 0.98 -0.75
C ALA C 597 16.74 0.80 -2.17
N ASP C 598 17.08 -0.43 -2.55
CA ASP C 598 17.57 -0.68 -3.90
C ASP C 598 16.50 -0.34 -4.93
N ARG C 599 15.26 -0.73 -4.68
CA ARG C 599 14.19 -0.45 -5.63
C ARG C 599 13.98 1.05 -5.79
N VAL C 600 14.00 1.79 -4.68
CA VAL C 600 13.74 3.23 -4.77
C VAL C 600 14.89 3.95 -5.47
N ILE C 601 16.13 3.55 -5.18
CA ILE C 601 17.26 4.18 -5.87
C ILE C 601 17.21 3.89 -7.36
N ASN C 602 16.86 2.65 -7.72
CA ASN C 602 16.73 2.31 -9.14
C ASN C 602 15.63 3.13 -9.80
N GLN C 603 14.50 3.29 -9.11
CA GLN C 603 13.40 4.08 -9.67
C GLN C 603 13.85 5.51 -9.89
N ILE C 604 14.53 6.10 -8.92
CA ILE C 604 15.00 7.48 -9.07
C ILE C 604 15.94 7.58 -10.27
N LEU C 605 16.92 6.69 -10.34
CA LEU C 605 17.87 6.72 -11.45
C LEU C 605 17.16 6.66 -12.79
N THR C 606 16.25 5.69 -12.93
CA THR C 606 15.67 5.44 -14.24
C THR C 606 14.70 6.54 -14.64
N GLU C 607 13.92 7.07 -13.70
CA GLU C 607 13.01 8.15 -14.06
C GLU C 607 13.73 9.48 -14.21
N MET C 608 14.96 9.60 -13.69
CA MET C 608 15.72 10.83 -13.86
C MET C 608 16.55 10.84 -15.13
N ASP C 609 16.99 9.68 -15.61
CA ASP C 609 17.79 9.61 -16.84
C ASP C 609 17.32 8.46 -17.73
N GLY C 610 16.02 8.34 -17.91
CA GLY C 610 15.47 7.29 -18.75
C GLY C 610 14.93 7.79 -20.08
N MET C 611 13.91 7.11 -20.60
CA MET C 611 13.33 7.44 -21.89
C MET C 611 12.29 8.55 -21.71
N SER C 612 12.80 9.72 -21.30
CA SER C 612 11.95 10.88 -21.05
C SER C 612 12.60 12.11 -21.67
N THR C 613 11.77 13.11 -21.95
CA THR C 613 12.26 14.34 -22.56
C THR C 613 13.04 15.20 -21.57
N LYS C 614 12.88 14.97 -20.27
CA LYS C 614 13.58 15.73 -19.23
C LYS C 614 13.53 17.22 -19.52
N LYS C 615 12.32 17.77 -19.52
CA LYS C 615 12.10 19.14 -19.96
C LYS C 615 12.94 20.12 -19.15
N ASN C 616 12.60 20.31 -17.87
CA ASN C 616 13.41 21.15 -16.99
C ASN C 616 13.05 20.83 -15.56
N VAL C 617 13.94 20.13 -14.86
CA VAL C 617 13.82 19.91 -13.42
C VAL C 617 15.23 19.93 -12.85
N PHE C 618 15.57 21.00 -12.14
CA PHE C 618 16.89 21.12 -11.55
C PHE C 618 16.90 20.45 -10.19
N ILE C 619 17.86 19.53 -10.00
CA ILE C 619 17.96 18.75 -8.78
C ILE C 619 19.10 19.32 -7.95
N ILE C 620 18.79 19.76 -6.73
CA ILE C 620 19.78 20.27 -5.80
C ILE C 620 19.92 19.24 -4.68
N GLY C 621 21.13 18.73 -4.49
CA GLY C 621 21.41 17.71 -3.49
C GLY C 621 22.18 18.30 -2.33
N ALA C 622 21.71 17.99 -1.12
CA ALA C 622 22.36 18.42 0.11
C ALA C 622 22.61 17.19 0.98
N THR C 623 23.84 17.06 1.47
CA THR C 623 24.21 15.94 2.32
C THR C 623 25.58 16.23 2.91
N ASN C 624 25.94 15.44 3.93
CA ASN C 624 27.26 15.54 4.55
C ASN C 624 27.93 14.17 4.68
N ARG C 625 27.49 13.17 3.93
CA ARG C 625 28.13 11.86 3.89
C ARG C 625 28.23 11.42 2.44
N PRO C 626 29.04 12.11 1.64
CA PRO C 626 29.08 11.82 0.20
C PRO C 626 29.51 10.41 -0.14
N ASP C 627 30.38 9.79 0.68
CA ASP C 627 30.91 8.48 0.31
C ASP C 627 29.82 7.42 0.22
N ILE C 628 28.78 7.54 1.03
CA ILE C 628 27.72 6.52 1.04
C ILE C 628 27.01 6.50 -0.31
N ILE C 629 26.70 7.66 -0.87
CA ILE C 629 25.93 7.73 -2.11
C ILE C 629 26.65 6.93 -3.19
N ASP C 630 25.91 6.11 -3.91
CA ASP C 630 26.49 5.24 -4.92
C ASP C 630 27.00 6.07 -6.10
N PRO C 631 27.99 5.57 -6.84
CA PRO C 631 28.54 6.36 -7.95
C PRO C 631 27.55 6.64 -9.06
N ALA C 632 26.47 5.87 -9.17
CA ALA C 632 25.54 6.08 -10.27
C ALA C 632 24.88 7.45 -10.19
N ILE C 633 24.46 7.86 -8.98
CA ILE C 633 23.80 9.15 -8.83
C ILE C 633 24.74 10.28 -9.22
N LEU C 634 25.99 10.22 -8.77
CA LEU C 634 26.96 11.28 -9.01
C LEU C 634 27.45 11.33 -10.44
N ARG C 635 26.94 10.49 -11.34
CA ARG C 635 27.40 10.53 -12.72
C ARG C 635 27.07 11.87 -13.34
N PRO C 636 27.92 12.42 -14.20
CA PRO C 636 27.55 13.63 -14.92
C PRO C 636 26.30 13.41 -15.74
N GLY C 637 25.43 14.42 -15.77
CA GLY C 637 24.14 14.33 -16.39
C GLY C 637 22.99 14.16 -15.43
N ARG C 638 23.26 13.76 -14.19
CA ARG C 638 22.25 13.73 -13.13
C ARG C 638 22.56 14.74 -12.04
N LEU C 639 23.75 14.67 -11.44
CA LEU C 639 24.22 15.59 -10.42
C LEU C 639 25.65 16.00 -10.71
N ASP C 640 25.89 16.41 -11.96
CA ASP C 640 27.26 16.62 -12.43
C ASP C 640 28.05 17.55 -11.51
N GLN C 641 27.49 18.72 -11.21
CA GLN C 641 28.21 19.71 -10.43
C GLN C 641 28.38 19.22 -9.00
N LEU C 642 29.63 19.05 -8.57
CA LEU C 642 29.95 18.67 -7.20
C LEU C 642 30.54 19.90 -6.51
N ILE C 643 29.66 20.71 -5.93
CA ILE C 643 30.07 21.93 -5.26
C ILE C 643 30.54 21.57 -3.85
N TYR C 644 31.73 22.05 -3.48
CA TYR C 644 32.30 21.81 -2.16
C TYR C 644 32.21 23.09 -1.34
N ILE C 645 31.69 22.98 -0.13
CA ILE C 645 31.50 24.11 0.77
C ILE C 645 32.37 23.90 2.00
N PRO C 646 33.57 24.48 2.02
CA PRO C 646 34.51 24.22 3.11
C PRO C 646 34.20 25.10 4.31
N LEU C 647 34.98 24.91 5.37
CA LEU C 647 34.86 25.76 6.54
C LEU C 647 35.31 27.18 6.21
N PRO C 648 34.73 28.19 6.83
CA PRO C 648 35.06 29.57 6.47
C PRO C 648 36.53 29.90 6.76
N ASP C 649 37.07 30.79 5.94
CA ASP C 649 38.38 31.38 6.19
C ASP C 649 38.18 32.67 6.99
N GLU C 650 39.24 33.48 7.12
CA GLU C 650 39.12 34.73 7.87
C GLU C 650 38.12 35.68 7.20
N LYS C 651 38.27 35.89 5.89
CA LYS C 651 37.36 36.78 5.19
C LYS C 651 35.93 36.27 5.23
N SER C 652 35.74 34.97 5.05
CA SER C 652 34.40 34.40 5.12
C SER C 652 33.80 34.58 6.51
N ARG C 653 34.60 34.39 7.55
CA ARG C 653 34.11 34.59 8.91
C ARG C 653 33.69 36.04 9.13
N VAL C 654 34.50 36.99 8.67
CA VAL C 654 34.14 38.39 8.81
C VAL C 654 32.84 38.67 8.08
N ALA C 655 32.71 38.16 6.85
CA ALA C 655 31.51 38.43 6.06
C ALA C 655 30.28 37.84 6.73
N ILE C 656 30.37 36.61 7.24
CA ILE C 656 29.22 35.99 7.87
C ILE C 656 28.86 36.72 9.16
N LEU C 657 29.86 37.18 9.91
CA LEU C 657 29.56 37.96 11.11
C LEU C 657 28.83 39.25 10.75
N LYS C 658 29.30 39.94 9.72
CA LYS C 658 28.64 41.17 9.28
C LYS C 658 27.20 40.88 8.85
N ALA C 659 27.00 39.81 8.10
CA ALA C 659 25.65 39.47 7.63
C ALA C 659 24.74 39.14 8.81
N ASN C 660 25.25 38.39 9.79
CA ASN C 660 24.43 38.00 10.93
C ASN C 660 24.15 39.15 11.87
N LEU C 661 25.00 40.18 11.88
CA LEU C 661 24.76 41.39 12.65
C LEU C 661 24.28 42.54 11.78
N ARG C 662 23.72 42.25 10.60
CA ARG C 662 23.26 43.31 9.71
C ARG C 662 22.15 44.13 10.34
N LYS C 663 21.20 43.48 11.00
CA LYS C 663 20.04 44.14 11.60
C LYS C 663 20.02 43.80 13.08
N SER C 664 20.73 44.59 13.88
CA SER C 664 20.75 44.43 15.33
C SER C 664 21.48 45.60 15.97
N PRO C 665 21.10 46.01 17.17
CA PRO C 665 21.81 47.13 17.84
C PRO C 665 23.13 46.65 18.41
N VAL C 666 24.22 47.07 17.78
CA VAL C 666 25.57 46.66 18.16
C VAL C 666 26.38 47.91 18.47
N ALA C 667 27.07 47.90 19.61
CA ALA C 667 27.91 49.02 19.99
C ALA C 667 29.09 49.15 19.04
N LYS C 668 29.51 50.40 18.82
CA LYS C 668 30.64 50.64 17.91
C LYS C 668 31.92 50.02 18.43
N ASP C 669 32.04 49.87 19.75
CA ASP C 669 33.26 49.28 20.33
C ASP C 669 33.47 47.84 19.87
N VAL C 670 32.41 47.16 19.44
CA VAL C 670 32.55 45.76 19.04
C VAL C 670 33.49 45.66 17.86
N ASP C 671 34.44 44.73 17.94
CA ASP C 671 35.39 44.46 16.87
C ASP C 671 35.08 43.09 16.29
N LEU C 672 34.84 43.04 14.99
CA LEU C 672 34.49 41.80 14.30
C LEU C 672 35.68 41.11 13.66
N GLU C 673 36.60 41.87 13.07
CA GLU C 673 37.79 41.26 12.49
C GLU C 673 38.62 40.57 13.56
N PHE C 674 38.68 41.15 14.76
CA PHE C 674 39.42 40.52 15.85
C PHE C 674 38.84 39.15 16.19
N LEU C 675 37.52 39.08 16.34
CA LEU C 675 36.88 37.80 16.63
C LEU C 675 37.10 36.81 15.49
N ALA C 676 36.97 37.29 14.24
CA ALA C 676 37.12 36.41 13.10
C ALA C 676 38.53 35.81 13.06
N LYS C 677 39.55 36.62 13.33
CA LYS C 677 40.91 36.09 13.34
C LYS C 677 41.16 35.20 14.54
N MET C 678 40.56 35.51 15.69
CA MET C 678 40.75 34.67 16.88
C MET C 678 40.16 33.29 16.66
N THR C 679 38.97 33.21 16.07
CA THR C 679 38.32 31.94 15.80
C THR C 679 38.76 31.46 14.41
N ASN C 680 39.36 30.28 14.35
CA ASN C 680 39.92 29.76 13.10
C ASN C 680 39.11 28.59 12.55
N GLY C 681 38.92 27.54 13.34
CA GLY C 681 38.14 26.41 12.90
C GLY C 681 36.65 26.54 13.05
N PHE C 682 36.18 27.64 13.65
CA PHE C 682 34.75 27.80 13.90
C PHE C 682 33.98 27.86 12.58
N SER C 683 32.76 27.36 12.60
CA SER C 683 31.88 27.35 11.44
C SER C 683 30.77 28.40 11.62
N GLY C 684 29.96 28.54 10.58
CA GLY C 684 28.88 29.51 10.63
C GLY C 684 27.91 29.21 11.77
N ALA C 685 27.67 27.93 12.04
CA ALA C 685 26.84 27.56 13.18
C ALA C 685 27.45 28.07 14.48
N ASP C 686 28.77 27.93 14.63
CA ASP C 686 29.43 28.43 15.83
C ASP C 686 29.29 29.94 15.94
N LEU C 687 29.48 30.66 14.83
CA LEU C 687 29.39 32.12 14.87
C LEU C 687 27.99 32.58 15.26
N THR C 688 26.97 31.98 14.64
CA THR C 688 25.60 32.36 14.99
C THR C 688 25.27 31.98 16.42
N GLU C 689 25.81 30.86 16.91
CA GLU C 689 25.59 30.51 18.32
C GLU C 689 26.24 31.54 19.24
N ILE C 690 27.43 32.01 18.89
CA ILE C 690 28.07 33.06 19.70
C ILE C 690 27.21 34.30 19.73
N CYS C 691 26.68 34.71 18.57
CA CYS C 691 25.81 35.87 18.53
C CYS C 691 24.56 35.66 19.38
N GLN C 692 23.96 34.47 19.29
CA GLN C 692 22.77 34.17 20.08
C GLN C 692 23.08 34.24 21.57
N ARG C 693 24.23 33.71 21.98
CA ARG C 693 24.60 33.77 23.39
C ARG C 693 24.79 35.21 23.86
N ALA C 694 25.45 36.03 23.04
CA ALA C 694 25.62 37.43 23.41
C ALA C 694 24.27 38.12 23.55
N CYS C 695 23.35 37.86 22.62
CA CYS C 695 22.02 38.45 22.72
C CYS C 695 21.29 37.99 23.97
N LYS C 696 21.42 36.70 24.30
CA LYS C 696 20.75 36.18 25.50
C LYS C 696 21.29 36.85 26.76
N LEU C 697 22.61 37.00 26.85
CA LEU C 697 23.18 37.68 28.02
C LEU C 697 22.72 39.13 28.09
N ALA C 698 22.67 39.82 26.94
CA ALA C 698 22.20 41.20 26.94
C ALA C 698 20.75 41.29 27.42
N ILE C 699 19.91 40.38 26.95
CA ILE C 699 18.50 40.41 27.34
C ILE C 699 18.35 40.07 28.82
N ARG C 700 19.17 39.14 29.33
CA ARG C 700 19.11 38.83 30.75
C ARG C 700 19.49 40.05 31.58
N GLU C 701 20.56 40.76 31.19
CA GLU C 701 20.94 41.96 31.90
C GLU C 701 19.83 43.01 31.84
N SER C 702 19.21 43.17 30.68
CA SER C 702 18.13 44.14 30.55
C SER C 702 16.97 43.79 31.46
N ILE C 703 16.59 42.51 31.50
CA ILE C 703 15.47 42.09 32.35
C ILE C 703 15.80 42.32 33.82
N GLU C 704 17.02 41.97 34.22
CA GLU C 704 17.42 42.18 35.61
C GLU C 704 17.35 43.65 35.98
N SER C 705 17.88 44.52 35.11
CA SER C 705 17.84 45.95 35.39
C SER C 705 16.40 46.43 35.48
N GLU C 706 15.54 45.99 34.55
CA GLU C 706 14.15 46.44 34.56
C GLU C 706 13.45 46.01 35.84
N ILE C 707 13.64 44.77 36.27
CA ILE C 707 12.93 44.29 37.45
C ILE C 707 13.45 44.99 38.70
N ARG C 708 14.76 45.20 38.81
CA ARG C 708 15.27 45.90 39.99
C ARG C 708 14.76 47.35 40.02
N ARG C 709 14.73 48.02 38.86
CA ARG C 709 14.20 49.37 38.81
C ARG C 709 12.72 49.40 39.21
N GLU C 710 11.94 48.44 38.70
CA GLU C 710 10.52 48.42 39.00
C GLU C 710 10.27 48.18 40.49
N ARG C 711 11.00 47.23 41.09
CA ARG C 711 10.80 46.96 42.51
C ARG C 711 11.31 48.10 43.38
N GLU C 712 12.33 48.83 42.90
CA GLU C 712 12.75 50.03 43.63
C GLU C 712 11.68 51.11 43.56
N ARG C 713 11.05 51.28 42.39
CA ARG C 713 9.97 52.24 42.26
C ARG C 713 8.80 51.88 43.16
N GLN C 714 8.45 50.59 43.20
CA GLN C 714 7.34 50.13 44.04
C GLN C 714 7.86 49.69 45.41
N ASP C 726 15.56 52.07 28.89
CA ASP C 726 16.56 51.67 27.91
C ASP C 726 17.90 51.39 28.58
N PRO C 727 17.92 50.42 29.49
CA PRO C 727 19.17 50.13 30.21
C PRO C 727 20.32 49.72 29.30
N VAL C 728 20.04 48.96 28.24
CA VAL C 728 21.06 48.49 27.33
C VAL C 728 20.60 48.71 25.88
N PRO C 729 20.66 49.95 25.38
CA PRO C 729 20.21 50.17 23.99
C PRO C 729 21.00 49.36 22.97
N GLU C 730 22.28 49.11 23.23
CA GLU C 730 23.14 48.37 22.31
C GLU C 730 23.94 47.32 23.06
N ILE C 731 24.33 46.28 22.34
CA ILE C 731 25.15 45.22 22.94
C ILE C 731 26.57 45.74 23.10
N ARG C 732 27.13 45.59 24.29
CA ARG C 732 28.46 46.07 24.58
C ARG C 732 29.49 44.96 24.35
N ARG C 733 30.75 45.22 24.71
CA ARG C 733 31.82 44.27 24.45
C ARG C 733 31.79 43.09 25.40
N ASP C 734 31.30 43.28 26.63
CA ASP C 734 31.40 42.24 27.65
C ASP C 734 30.58 41.00 27.28
N HIS C 735 29.40 41.19 26.68
CA HIS C 735 28.58 40.05 26.29
C HIS C 735 29.34 39.16 25.31
N PHE C 736 29.89 39.76 24.26
CA PHE C 736 30.66 38.99 23.29
C PHE C 736 31.89 38.38 23.95
N GLU C 737 32.51 39.12 24.88
CA GLU C 737 33.71 38.59 25.55
C GLU C 737 33.38 37.31 26.31
N GLU C 738 32.26 37.29 27.03
CA GLU C 738 31.86 36.08 27.75
C GLU C 738 31.46 34.97 26.80
N ALA C 739 30.75 35.33 25.72
CA ALA C 739 30.34 34.32 24.74
C ALA C 739 31.56 33.59 24.17
N MET C 740 32.58 34.35 23.78
CA MET C 740 33.82 33.71 23.31
C MET C 740 34.60 33.09 24.46
N ARG C 741 34.40 33.56 25.69
CA ARG C 741 35.08 32.97 26.83
C ARG C 741 34.68 31.52 27.01
N PHE C 742 33.39 31.22 26.87
CA PHE C 742 32.96 29.82 26.83
C PHE C 742 32.18 29.56 25.54
N ALA C 743 32.79 28.81 24.64
CA ALA C 743 32.18 28.35 23.39
C ALA C 743 32.83 27.01 23.03
N ARG C 744 32.64 26.57 21.79
CA ARG C 744 33.24 25.31 21.35
C ARG C 744 33.29 25.27 19.84
N ARG C 745 34.02 24.29 19.32
CA ARG C 745 34.14 24.04 17.89
C ARG C 745 33.32 22.81 17.52
N SER C 746 32.48 22.94 16.50
CA SER C 746 31.52 21.90 16.15
C SER C 746 32.14 20.75 15.34
N VAL C 747 33.18 21.02 14.56
CA VAL C 747 33.74 20.05 13.62
C VAL C 747 35.19 19.80 14.00
N SER C 748 35.59 18.54 13.99
CA SER C 748 36.93 18.16 14.41
C SER C 748 37.89 18.12 13.22
N ASP C 749 39.19 18.17 13.55
CA ASP C 749 40.22 18.15 12.52
C ASP C 749 40.16 16.87 11.69
N ASN C 750 39.94 15.72 12.32
CA ASN C 750 39.81 14.48 11.57
C ASN C 750 38.58 14.52 10.67
N ASP C 751 37.48 15.10 11.16
CA ASP C 751 36.27 15.18 10.35
C ASP C 751 36.51 16.02 9.10
N ILE C 752 37.21 17.15 9.23
CA ILE C 752 37.51 17.94 8.03
C ILE C 752 38.54 17.23 7.17
N ARG C 753 39.42 16.44 7.79
CA ARG C 753 40.41 15.69 7.02
C ARG C 753 39.76 14.67 6.10
N LYS C 754 38.68 14.03 6.55
CA LYS C 754 37.97 13.10 5.68
C LYS C 754 37.46 13.80 4.43
N TYR C 755 36.86 14.99 4.60
CA TYR C 755 36.36 15.73 3.46
C TYR C 755 37.52 16.22 2.57
N GLU C 756 38.65 16.57 3.18
CA GLU C 756 39.83 16.92 2.40
C GLU C 756 40.24 15.76 1.51
N MET C 757 40.26 14.55 2.07
CA MET C 757 40.58 13.37 1.26
C MET C 757 39.59 13.20 0.12
N PHE C 758 38.29 13.33 0.42
CA PHE C 758 37.29 13.13 -0.62
C PHE C 758 37.43 14.16 -1.73
N ALA C 759 37.71 15.41 -1.36
CA ALA C 759 37.90 16.45 -2.38
C ALA C 759 39.16 16.16 -3.20
N GLN C 760 40.22 15.70 -2.54
CA GLN C 760 41.47 15.44 -3.25
C GLN C 760 41.33 14.31 -4.26
N THR C 761 40.63 13.24 -3.89
CA THR C 761 40.58 12.07 -4.77
C THR C 761 39.97 12.40 -6.12
N LEU C 762 39.04 13.36 -6.18
CA LEU C 762 38.41 13.70 -7.46
C LEU C 762 39.41 14.32 -8.41
N GLN C 763 40.16 15.33 -7.95
CA GLN C 763 41.11 16.01 -8.82
C GLN C 763 42.21 15.07 -9.29
N GLN C 764 42.69 14.20 -8.40
CA GLN C 764 43.73 13.25 -8.78
C GLN C 764 43.25 12.31 -9.87
N SER C 765 41.95 12.03 -9.92
CA SER C 765 41.41 11.14 -10.95
C SER C 765 41.58 11.73 -12.35
N ARG C 766 41.70 13.05 -12.47
CA ARG C 766 41.88 13.69 -13.77
C ARG C 766 43.12 13.14 -14.47
N GLU D 200 -28.14 32.17 20.09
CA GLU D 200 -27.77 32.08 18.68
C GLU D 200 -26.35 32.59 18.45
N VAL D 201 -25.52 31.77 17.84
CA VAL D 201 -24.11 32.12 17.61
C VAL D 201 -24.03 33.22 16.57
N GLY D 202 -22.86 33.84 16.46
CA GLY D 202 -22.68 34.92 15.52
C GLY D 202 -21.30 35.53 15.67
N TYR D 203 -21.07 36.64 14.96
CA TYR D 203 -19.78 37.30 15.04
C TYR D 203 -19.43 37.71 16.46
N ASP D 204 -20.44 37.95 17.30
CA ASP D 204 -20.17 38.25 18.70
C ASP D 204 -19.60 37.02 19.41
N ASP D 205 -20.07 35.83 19.04
CA ASP D 205 -19.70 34.60 19.72
C ASP D 205 -18.48 33.93 19.12
N ILE D 206 -17.81 34.54 18.15
CA ILE D 206 -16.63 33.99 17.52
C ILE D 206 -15.46 34.94 17.80
N GLY D 207 -14.32 34.38 18.21
CA GLY D 207 -13.16 35.18 18.50
C GLY D 207 -11.89 34.38 18.29
N GLY D 208 -10.76 35.08 18.35
CA GLY D 208 -9.46 34.47 18.15
C GLY D 208 -9.05 34.28 16.71
N CYS D 209 -9.91 34.66 15.76
CA CYS D 209 -9.61 34.52 14.33
C CYS D 209 -10.15 35.77 13.63
N ARG D 210 -9.27 36.75 13.45
CA ARG D 210 -9.68 38.02 12.85
C ARG D 210 -9.42 38.06 11.34
N LYS D 211 -8.25 37.61 10.90
CA LYS D 211 -7.93 37.68 9.48
C LYS D 211 -8.77 36.69 8.67
N GLN D 212 -8.85 35.44 9.14
CA GLN D 212 -9.65 34.44 8.43
C GLN D 212 -11.11 34.84 8.42
N LEU D 213 -11.63 35.31 9.56
CA LEU D 213 -13.02 35.75 9.60
C LEU D 213 -13.25 36.94 8.69
N ALA D 214 -12.29 37.87 8.62
CA ALA D 214 -12.43 39.01 7.73
C ALA D 214 -12.49 38.56 6.28
N GLN D 215 -11.62 37.63 5.89
CA GLN D 215 -11.63 37.13 4.52
C GLN D 215 -12.97 36.47 4.20
N ILE D 216 -13.44 35.60 5.09
CA ILE D 216 -14.72 34.92 4.86
C ILE D 216 -15.85 35.94 4.76
N LYS D 217 -15.86 36.92 5.67
CA LYS D 217 -16.94 37.90 5.71
C LYS D 217 -16.97 38.73 4.44
N GLU D 218 -15.81 39.25 4.03
CA GLU D 218 -15.80 40.04 2.80
C GLU D 218 -16.25 39.19 1.62
N MET D 219 -15.73 37.97 1.51
CA MET D 219 -16.07 37.14 0.35
C MET D 219 -17.57 36.86 0.30
N VAL D 220 -18.19 36.55 1.44
CA VAL D 220 -19.57 36.08 1.44
C VAL D 220 -20.56 37.18 1.83
N GLU D 221 -20.12 38.44 1.90
CA GLU D 221 -21.06 39.53 2.09
C GLU D 221 -20.90 40.69 1.10
N LEU D 222 -19.72 40.93 0.54
CA LEU D 222 -19.61 41.97 -0.48
C LEU D 222 -20.51 41.70 -1.67
N PRO D 223 -20.45 40.53 -2.32
CA PRO D 223 -21.41 40.26 -3.39
C PRO D 223 -22.86 40.26 -2.91
N LEU D 224 -23.10 39.80 -1.69
CA LEU D 224 -24.46 39.83 -1.15
C LEU D 224 -24.89 41.24 -0.79
N ARG D 225 -23.99 42.01 -0.15
CA ARG D 225 -24.34 43.37 0.25
C ARG D 225 -24.62 44.23 -0.98
N HIS D 226 -23.80 44.12 -2.01
CA HIS D 226 -24.08 44.80 -3.27
C HIS D 226 -23.16 44.27 -4.37
N PRO D 227 -23.69 43.93 -5.55
CA PRO D 227 -22.84 43.49 -6.65
C PRO D 227 -22.42 44.59 -7.62
N ALA D 228 -22.71 45.86 -7.31
CA ALA D 228 -22.37 46.94 -8.23
C ALA D 228 -20.86 47.05 -8.40
N LEU D 229 -20.10 46.89 -7.33
CA LEU D 229 -18.65 46.99 -7.42
C LEU D 229 -18.09 45.92 -8.35
N PHE D 230 -18.56 44.68 -8.20
CA PHE D 230 -18.08 43.60 -9.04
C PHE D 230 -18.56 43.77 -10.49
N LYS D 231 -19.76 44.31 -10.68
CA LYS D 231 -20.21 44.59 -12.03
C LYS D 231 -19.32 45.62 -12.70
N ALA D 232 -18.95 46.67 -11.97
CA ALA D 232 -18.06 47.69 -12.54
C ALA D 232 -16.68 47.11 -12.83
N ILE D 233 -16.15 46.30 -11.91
CA ILE D 233 -14.82 45.72 -12.10
C ILE D 233 -14.82 44.79 -13.31
N GLY D 234 -15.84 43.96 -13.43
CA GLY D 234 -15.88 42.95 -14.48
C GLY D 234 -15.22 41.65 -14.11
N VAL D 235 -15.21 41.29 -12.82
CA VAL D 235 -14.55 40.09 -12.34
C VAL D 235 -15.55 39.28 -11.54
N LYS D 236 -15.58 37.98 -11.77
CA LYS D 236 -16.44 37.09 -10.98
C LYS D 236 -15.80 36.86 -9.62
N PRO D 237 -16.49 37.14 -8.52
CA PRO D 237 -15.89 36.95 -7.19
C PRO D 237 -15.69 35.47 -6.89
N PRO D 238 -14.84 35.14 -5.92
CA PRO D 238 -14.63 33.73 -5.58
C PRO D 238 -15.92 33.04 -5.20
N ARG D 239 -16.03 31.77 -5.58
CA ARG D 239 -17.22 30.96 -5.35
C ARG D 239 -16.84 29.63 -4.72
N GLY D 240 -16.02 29.69 -3.67
CA GLY D 240 -15.62 28.47 -2.97
C GLY D 240 -14.68 28.73 -1.82
N ILE D 241 -14.86 28.02 -0.71
CA ILE D 241 -13.99 28.13 0.45
C ILE D 241 -13.77 26.75 1.03
N LEU D 242 -12.55 26.49 1.49
CA LEU D 242 -12.19 25.21 2.10
C LEU D 242 -11.66 25.50 3.51
N LEU D 243 -12.51 25.29 4.51
CA LEU D 243 -12.16 25.54 5.90
C LEU D 243 -11.34 24.35 6.40
N TYR D 244 -10.04 24.53 6.58
CA TYR D 244 -9.17 23.47 7.02
C TYR D 244 -8.31 23.93 8.18
N GLY D 245 -8.14 23.05 9.17
CA GLY D 245 -7.34 23.34 10.34
C GLY D 245 -7.34 22.19 11.32
N PRO D 246 -6.62 22.34 12.42
CA PRO D 246 -6.60 21.27 13.42
C PRO D 246 -7.98 21.05 13.99
N PRO D 247 -8.29 19.83 14.42
CA PRO D 247 -9.65 19.52 14.85
C PRO D 247 -10.09 20.39 16.01
N GLY D 248 -11.36 20.77 16.01
CA GLY D 248 -11.95 21.51 17.10
C GLY D 248 -11.38 22.90 17.27
N THR D 249 -11.22 23.64 16.17
CA THR D 249 -10.73 25.01 16.23
C THR D 249 -11.83 26.05 16.09
N GLY D 250 -12.96 25.70 15.48
CA GLY D 250 -14.07 26.62 15.37
C GLY D 250 -14.59 26.79 13.95
N LYS D 251 -14.18 25.91 13.05
CA LYS D 251 -14.67 26.00 11.67
C LYS D 251 -16.17 25.78 11.59
N THR D 252 -16.69 24.78 12.31
CA THR D 252 -18.12 24.56 12.32
C THR D 252 -18.85 25.73 12.97
N LEU D 253 -18.25 26.33 14.00
CA LEU D 253 -18.86 27.50 14.61
C LEU D 253 -18.94 28.65 13.61
N ILE D 254 -17.89 28.87 12.84
CA ILE D 254 -17.90 29.93 11.83
C ILE D 254 -18.98 29.64 10.79
N ALA D 255 -19.09 28.39 10.35
CA ALA D 255 -20.11 28.03 9.38
C ALA D 255 -21.50 28.28 9.93
N ARG D 256 -21.74 27.88 11.18
CA ARG D 256 -23.04 28.08 11.79
C ARG D 256 -23.37 29.56 11.91
N ALA D 257 -22.40 30.37 12.31
CA ALA D 257 -22.64 31.81 12.46
C ALA D 257 -22.97 32.44 11.11
N VAL D 258 -22.17 32.16 10.08
CA VAL D 258 -22.43 32.76 8.78
C VAL D 258 -23.75 32.23 8.21
N ALA D 259 -24.15 31.02 8.60
CA ALA D 259 -25.43 30.49 8.14
C ALA D 259 -26.60 31.21 8.78
N ASN D 260 -26.55 31.40 10.10
CA ASN D 260 -27.70 31.94 10.83
C ASN D 260 -27.69 33.46 10.90
N GLU D 261 -26.67 34.13 10.37
CA GLU D 261 -26.66 35.59 10.34
C GLU D 261 -27.14 36.15 9.00
N THR D 262 -26.70 35.57 7.89
CA THR D 262 -27.00 36.13 6.58
C THR D 262 -28.43 35.79 6.17
N GLY D 263 -29.07 36.74 5.48
CA GLY D 263 -30.41 36.52 4.99
C GLY D 263 -30.49 35.56 3.81
N ALA D 264 -29.37 35.28 3.16
CA ALA D 264 -29.38 34.34 2.04
C ALA D 264 -29.69 32.94 2.54
N PHE D 265 -30.44 32.19 1.72
CA PHE D 265 -30.86 30.86 2.11
C PHE D 265 -29.63 29.96 2.31
N PHE D 266 -29.69 29.11 3.34
CA PHE D 266 -28.59 28.24 3.71
C PHE D 266 -29.09 26.80 3.78
N PHE D 267 -28.24 25.86 3.37
CA PHE D 267 -28.63 24.46 3.33
C PHE D 267 -27.40 23.61 3.64
N LEU D 268 -27.25 23.22 4.91
CA LEU D 268 -26.13 22.41 5.31
C LEU D 268 -26.27 20.99 4.77
N ILE D 269 -25.14 20.39 4.41
CA ILE D 269 -25.07 19.00 3.99
C ILE D 269 -23.93 18.34 4.77
N ASN D 270 -24.21 17.18 5.36
CA ASN D 270 -23.22 16.42 6.09
C ASN D 270 -22.65 15.33 5.20
N GLY D 271 -21.34 15.12 5.29
CA GLY D 271 -20.64 14.23 4.40
C GLY D 271 -21.25 12.85 4.32
N PRO D 272 -21.19 12.09 5.42
CA PRO D 272 -21.63 10.68 5.41
C PRO D 272 -23.14 10.50 5.57
N GLU D 273 -23.91 11.25 4.79
CA GLU D 273 -25.36 11.07 4.73
C GLU D 273 -25.91 11.00 3.32
N ILE D 274 -25.10 11.29 2.29
CA ILE D 274 -25.58 11.23 0.92
C ILE D 274 -25.85 9.78 0.53
N MET D 275 -24.96 8.87 0.88
CA MET D 275 -25.05 7.50 0.44
C MET D 275 -26.33 6.84 0.94
N SER D 276 -26.92 6.00 0.10
CA SER D 276 -28.15 5.28 0.41
C SER D 276 -27.98 3.81 0.07
N LYS D 277 -28.99 3.01 0.42
CA LYS D 277 -28.91 1.57 0.18
C LYS D 277 -28.78 1.26 -1.31
N LEU D 278 -29.58 1.93 -2.13
CA LEU D 278 -29.58 1.63 -3.56
C LEU D 278 -28.30 2.17 -4.21
N ALA D 279 -28.04 1.68 -5.43
CA ALA D 279 -26.89 2.10 -6.21
C ALA D 279 -27.32 3.17 -7.19
N GLY D 280 -26.69 4.34 -7.12
CA GLY D 280 -27.03 5.46 -7.97
C GLY D 280 -27.93 6.49 -7.34
N GLU D 281 -28.22 6.39 -6.05
CA GLU D 281 -29.07 7.36 -5.37
C GLU D 281 -28.29 8.47 -4.68
N SER D 282 -27.02 8.23 -4.34
CA SER D 282 -26.20 9.28 -3.75
C SER D 282 -26.00 10.44 -4.73
N GLU D 283 -25.73 10.11 -6.00
CA GLU D 283 -25.63 11.15 -7.01
C GLU D 283 -26.95 11.89 -7.14
N SER D 284 -28.07 11.17 -7.06
CA SER D 284 -29.37 11.84 -7.11
C SER D 284 -29.54 12.80 -5.94
N ASN D 285 -29.12 12.39 -4.75
CA ASN D 285 -29.23 13.26 -3.59
C ASN D 285 -28.42 14.53 -3.78
N LEU D 286 -27.15 14.39 -4.19
CA LEU D 286 -26.33 15.57 -4.41
C LEU D 286 -26.92 16.47 -5.49
N ARG D 287 -27.37 15.87 -6.59
CA ARG D 287 -27.93 16.65 -7.68
C ARG D 287 -29.13 17.44 -7.21
N LYS D 288 -30.08 16.78 -6.56
CA LYS D 288 -31.30 17.47 -6.14
C LYS D 288 -30.99 18.54 -5.09
N ALA D 289 -30.02 18.28 -4.22
CA ALA D 289 -29.61 19.30 -3.27
C ALA D 289 -29.12 20.55 -3.99
N PHE D 290 -28.27 20.36 -5.00
CA PHE D 290 -27.76 21.50 -5.74
C PHE D 290 -28.88 22.23 -6.49
N GLU D 291 -29.81 21.49 -7.10
CA GLU D 291 -30.91 22.16 -7.80
C GLU D 291 -31.74 22.98 -6.83
N GLU D 292 -32.07 22.41 -5.67
CA GLU D 292 -32.85 23.15 -4.69
C GLU D 292 -32.12 24.41 -4.26
N ALA D 293 -30.83 24.29 -3.96
CA ALA D 293 -30.08 25.46 -3.52
C ALA D 293 -30.02 26.52 -4.60
N GLU D 294 -29.79 26.12 -5.85
CA GLU D 294 -29.66 27.09 -6.93
C GLU D 294 -30.99 27.78 -7.22
N LYS D 295 -32.08 27.03 -7.27
CA LYS D 295 -33.36 27.62 -7.63
C LYS D 295 -33.97 28.44 -6.50
N ASN D 296 -33.76 28.03 -5.25
CA ASN D 296 -34.41 28.72 -4.14
C ASN D 296 -33.99 30.18 -4.08
N ALA D 297 -32.68 30.44 -4.07
CA ALA D 297 -32.18 31.79 -3.91
C ALA D 297 -30.67 31.82 -4.12
N PRO D 298 -30.04 33.00 -4.15
CA PRO D 298 -28.57 33.04 -4.13
C PRO D 298 -28.04 32.53 -2.80
N ALA D 299 -28.07 31.21 -2.64
CA ALA D 299 -27.87 30.56 -1.36
C ALA D 299 -26.40 30.25 -1.11
N ILE D 300 -26.14 29.64 0.05
CA ILE D 300 -24.82 29.17 0.44
C ILE D 300 -24.94 27.71 0.83
N ILE D 301 -24.06 26.88 0.28
CA ILE D 301 -24.05 25.44 0.54
C ILE D 301 -22.82 25.13 1.37
N PHE D 302 -23.02 24.41 2.47
CA PHE D 302 -21.93 24.01 3.36
C PHE D 302 -21.90 22.50 3.44
N ILE D 303 -20.75 21.92 3.06
CA ILE D 303 -20.52 20.48 3.11
C ILE D 303 -19.40 20.24 4.11
N ASP D 304 -19.67 19.44 5.14
CA ASP D 304 -18.73 19.20 6.21
C ASP D 304 -18.15 17.79 6.10
N GLU D 305 -16.89 17.66 6.50
CA GLU D 305 -16.19 16.37 6.41
C GLU D 305 -16.18 15.83 4.99
N LEU D 306 -15.92 16.72 4.01
CA LEU D 306 -15.87 16.27 2.64
C LEU D 306 -14.71 15.32 2.39
N ASP D 307 -13.74 15.26 3.30
CA ASP D 307 -12.68 14.27 3.20
C ASP D 307 -13.20 12.86 3.35
N ALA D 308 -14.41 12.69 3.87
CA ALA D 308 -15.02 11.38 4.01
C ALA D 308 -15.80 10.96 2.77
N ILE D 309 -15.97 11.85 1.79
CA ILE D 309 -16.72 11.51 0.58
C ILE D 309 -15.92 11.91 -0.66
N ALA D 310 -14.69 12.37 -0.47
CA ALA D 310 -13.78 12.71 -1.57
C ALA D 310 -12.41 12.09 -1.31
N PRO D 311 -12.28 10.75 -1.47
CA PRO D 311 -11.01 10.07 -1.19
C PRO D 311 -10.00 10.12 -2.34
N LYS D 312 -9.84 11.31 -2.92
CA LYS D 312 -8.82 11.55 -3.94
C LYS D 312 -9.16 10.90 -5.28
N ARG D 313 -10.22 10.09 -5.32
CA ARG D 313 -10.70 9.51 -6.57
C ARG D 313 -9.67 8.60 -7.25
N GLU D 314 -8.51 8.39 -6.62
CA GLU D 314 -7.48 7.55 -7.18
C GLU D 314 -7.15 6.34 -6.32
N LYS D 315 -6.84 6.56 -5.04
CA LYS D 315 -6.54 5.43 -4.15
C LYS D 315 -7.78 4.56 -3.95
N THR D 316 -8.95 5.17 -3.80
CA THR D 316 -10.16 4.42 -3.52
C THR D 316 -10.52 3.51 -4.69
N HIS D 317 -11.03 2.33 -4.38
CA HIS D 317 -11.44 1.36 -5.37
C HIS D 317 -12.95 1.18 -5.47
N GLY D 318 -13.70 1.55 -4.43
CA GLY D 318 -15.14 1.38 -4.47
C GLY D 318 -15.76 2.17 -5.61
N GLU D 319 -16.71 1.53 -6.31
CA GLU D 319 -17.36 2.20 -7.43
C GLU D 319 -18.11 3.43 -6.98
N VAL D 320 -18.85 3.33 -5.87
CA VAL D 320 -19.62 4.47 -5.39
C VAL D 320 -18.69 5.59 -4.95
N GLU D 321 -17.60 5.25 -4.26
CA GLU D 321 -16.65 6.27 -3.82
C GLU D 321 -16.03 6.98 -5.01
N ARG D 322 -15.69 6.24 -6.06
CA ARG D 322 -15.10 6.87 -7.25
C ARG D 322 -16.13 7.70 -8.01
N ARG D 323 -17.41 7.28 -7.99
CA ARG D 323 -18.44 8.02 -8.71
C ARG D 323 -18.84 9.30 -7.99
N ILE D 324 -18.79 9.31 -6.65
CA ILE D 324 -19.19 10.50 -5.90
C ILE D 324 -18.33 11.69 -6.29
N VAL D 325 -17.02 11.48 -6.38
CA VAL D 325 -16.12 12.60 -6.67
C VAL D 325 -16.42 13.17 -8.04
N SER D 326 -16.61 12.30 -9.04
CA SER D 326 -16.89 12.79 -10.39
C SER D 326 -18.24 13.49 -10.44
N GLN D 327 -19.24 12.97 -9.73
CA GLN D 327 -20.54 13.62 -9.69
C GLN D 327 -20.42 15.01 -9.11
N LEU D 328 -19.71 15.15 -7.99
CA LEU D 328 -19.52 16.46 -7.38
C LEU D 328 -18.78 17.40 -8.32
N LEU D 329 -17.73 16.89 -8.98
CA LEU D 329 -16.96 17.72 -9.89
C LEU D 329 -17.85 18.27 -11.01
N THR D 330 -18.57 17.39 -11.69
CA THR D 330 -19.40 17.85 -12.80
C THR D 330 -20.57 18.70 -12.31
N LEU D 331 -21.01 18.50 -11.07
CA LEU D 331 -22.14 19.26 -10.54
C LEU D 331 -21.74 20.69 -10.20
N MET D 332 -20.58 20.87 -9.57
CA MET D 332 -20.14 22.20 -9.17
C MET D 332 -19.27 22.89 -10.22
N ASP D 333 -18.95 22.20 -11.32
CA ASP D 333 -18.25 22.83 -12.43
C ASP D 333 -18.59 22.09 -13.71
N GLY D 334 -18.74 22.84 -14.80
CA GLY D 334 -19.08 22.28 -16.09
C GLY D 334 -20.00 23.23 -16.83
N LEU D 335 -20.68 22.70 -17.84
CA LEU D 335 -21.63 23.49 -18.58
C LEU D 335 -22.72 24.01 -17.65
N LYS D 336 -22.99 25.31 -17.73
CA LYS D 336 -23.92 25.96 -16.80
C LYS D 336 -23.47 25.73 -15.35
N GLN D 337 -22.29 26.26 -15.05
CA GLN D 337 -21.57 25.84 -13.85
C GLN D 337 -22.36 26.13 -12.58
N ARG D 338 -22.80 27.37 -12.39
CA ARG D 338 -23.42 27.76 -11.13
C ARG D 338 -24.06 29.12 -11.28
N ALA D 339 -25.29 29.26 -10.79
CA ALA D 339 -26.02 30.52 -10.82
C ALA D 339 -25.93 31.18 -9.45
N HIS D 340 -24.76 31.76 -9.17
CA HIS D 340 -24.53 32.53 -7.95
C HIS D 340 -24.82 31.68 -6.70
N VAL D 341 -24.02 30.63 -6.54
CA VAL D 341 -24.08 29.77 -5.37
C VAL D 341 -22.66 29.58 -4.84
N ILE D 342 -22.49 29.73 -3.53
CA ILE D 342 -21.20 29.65 -2.88
C ILE D 342 -21.13 28.35 -2.08
N VAL D 343 -20.07 27.58 -2.30
CA VAL D 343 -19.89 26.28 -1.66
C VAL D 343 -18.77 26.41 -0.64
N MET D 344 -19.01 25.92 0.57
CA MET D 344 -18.03 25.93 1.65
C MET D 344 -17.76 24.51 2.12
N ALA D 345 -16.50 24.21 2.41
CA ALA D 345 -16.08 22.88 2.82
C ALA D 345 -15.34 22.96 4.14
N ALA D 346 -15.54 21.96 4.99
CA ALA D 346 -14.89 21.88 6.29
C ALA D 346 -14.24 20.51 6.44
N THR D 347 -12.97 20.51 6.84
CA THR D 347 -12.24 19.26 7.04
C THR D 347 -11.07 19.54 7.97
N ASN D 348 -10.65 18.50 8.69
CA ASN D 348 -9.51 18.59 9.59
C ASN D 348 -8.21 18.10 8.97
N ARG D 349 -8.22 17.74 7.69
CA ARG D 349 -7.00 17.38 6.98
C ARG D 349 -7.19 17.62 5.48
N PRO D 350 -6.45 18.56 4.88
CA PRO D 350 -6.65 18.86 3.46
C PRO D 350 -5.85 17.99 2.50
N ASN D 351 -4.89 17.22 3.00
CA ASN D 351 -4.06 16.42 2.10
C ASN D 351 -4.89 15.41 1.33
N SER D 352 -5.82 14.75 2.00
CA SER D 352 -6.62 13.70 1.35
C SER D 352 -7.85 14.30 0.68
N ILE D 353 -7.59 15.18 -0.28
CA ILE D 353 -8.62 15.79 -1.10
C ILE D 353 -8.17 15.73 -2.56
N ASP D 354 -9.12 15.52 -3.46
CA ASP D 354 -8.79 15.38 -4.87
C ASP D 354 -8.17 16.67 -5.39
N PRO D 355 -7.01 16.61 -6.05
CA PRO D 355 -6.45 17.83 -6.64
C PRO D 355 -7.42 18.53 -7.58
N ALA D 356 -8.26 17.77 -8.28
CA ALA D 356 -9.28 18.39 -9.12
C ALA D 356 -10.17 19.30 -8.30
N LEU D 357 -10.62 18.83 -7.14
CA LEU D 357 -11.41 19.69 -6.25
C LEU D 357 -10.58 20.86 -5.76
N ARG D 358 -9.32 20.63 -5.42
CA ARG D 358 -8.47 21.72 -4.92
C ARG D 358 -8.24 22.78 -5.98
N ARG D 359 -8.44 22.46 -7.26
CA ARG D 359 -8.26 23.41 -8.35
C ARG D 359 -9.06 24.68 -8.11
N PHE D 360 -8.64 25.79 -8.72
CA PHE D 360 -9.41 27.01 -8.68
C PHE D 360 -10.74 26.82 -9.41
N GLY D 361 -11.78 27.50 -8.93
CA GLY D 361 -13.09 27.40 -9.51
C GLY D 361 -14.03 26.56 -8.65
N ARG D 362 -13.51 25.48 -8.09
CA ARG D 362 -14.29 24.65 -7.18
C ARG D 362 -14.08 25.06 -5.73
N PHE D 363 -12.85 24.96 -5.25
CA PHE D 363 -12.45 25.43 -3.92
C PHE D 363 -11.16 26.22 -4.12
N ASP D 364 -11.31 27.51 -4.40
CA ASP D 364 -10.16 28.33 -4.79
C ASP D 364 -9.41 28.88 -3.59
N ARG D 365 -10.10 29.54 -2.68
CA ARG D 365 -9.47 30.18 -1.54
C ARG D 365 -9.50 29.24 -0.34
N GLU D 366 -8.31 28.95 0.20
CA GLU D 366 -8.16 28.11 1.38
C GLU D 366 -7.71 28.97 2.55
N VAL D 367 -8.39 28.85 3.68
CA VAL D 367 -8.10 29.61 4.88
C VAL D 367 -7.67 28.65 5.97
N ASP D 368 -6.54 28.95 6.62
CA ASP D 368 -6.00 28.12 7.68
C ASP D 368 -6.40 28.74 9.01
N ILE D 369 -7.27 28.07 9.74
CA ILE D 369 -7.65 28.47 11.10
C ILE D 369 -6.81 27.63 12.04
N GLY D 370 -5.64 28.15 12.41
CA GLY D 370 -4.70 27.43 13.23
C GLY D 370 -4.87 27.73 14.70
N ILE D 371 -3.82 27.42 15.47
CA ILE D 371 -3.85 27.62 16.91
C ILE D 371 -3.93 29.11 17.21
N PRO D 372 -4.77 29.55 18.15
CA PRO D 372 -4.83 30.98 18.47
C PRO D 372 -3.63 31.43 19.28
N ASP D 373 -3.44 32.74 19.30
CA ASP D 373 -2.36 33.35 20.05
C ASP D 373 -2.86 33.73 21.45
N ALA D 374 -2.04 34.46 22.22
CA ALA D 374 -2.45 34.87 23.55
C ALA D 374 -3.69 35.78 23.49
N THR D 375 -3.68 36.74 22.56
CA THR D 375 -4.85 37.60 22.40
C THR D 375 -6.08 36.80 22.01
N GLY D 376 -5.90 35.82 21.11
CA GLY D 376 -7.02 34.98 20.73
C GLY D 376 -7.59 34.20 21.90
N ARG D 377 -6.71 33.64 22.73
CA ARG D 377 -7.18 32.92 23.91
C ARG D 377 -7.91 33.85 24.87
N LEU D 378 -7.39 35.06 25.03
CA LEU D 378 -8.07 36.04 25.88
C LEU D 378 -9.47 36.33 25.35
N GLU D 379 -9.60 36.53 24.04
CA GLU D 379 -10.92 36.80 23.47
C GLU D 379 -11.86 35.62 23.63
N ILE D 380 -11.35 34.40 23.43
CA ILE D 380 -12.17 33.21 23.61
C ILE D 380 -12.70 33.15 25.05
N LEU D 381 -11.80 33.34 26.02
CA LEU D 381 -12.23 33.31 27.41
C LEU D 381 -13.24 34.40 27.70
N GLN D 382 -13.01 35.60 27.16
CA GLN D 382 -13.94 36.70 27.40
C GLN D 382 -15.33 36.37 26.87
N ILE D 383 -15.42 35.86 25.65
CA ILE D 383 -16.73 35.57 25.08
C ILE D 383 -17.41 34.44 25.84
N HIS D 384 -16.65 33.42 26.26
CA HIS D 384 -17.27 32.33 26.99
C HIS D 384 -17.74 32.76 28.38
N THR D 385 -17.01 33.64 29.05
CA THR D 385 -17.35 34.06 30.40
C THR D 385 -18.28 35.25 30.44
N LYS D 386 -18.58 35.87 29.30
CA LYS D 386 -19.46 37.03 29.30
C LYS D 386 -20.88 36.69 29.74
N ASN D 387 -21.26 35.42 29.70
CA ASN D 387 -22.64 35.01 29.97
C ASN D 387 -22.93 34.78 31.44
N MET D 388 -21.93 34.87 32.32
CA MET D 388 -22.12 34.60 33.73
C MET D 388 -21.32 35.58 34.57
N LYS D 389 -21.83 35.89 35.76
CA LYS D 389 -21.06 36.67 36.72
C LYS D 389 -19.81 35.90 37.09
N LEU D 390 -18.65 36.55 36.96
CA LEU D 390 -17.37 35.85 37.03
C LEU D 390 -16.70 35.97 38.39
N ALA D 391 -16.34 37.20 38.79
CA ALA D 391 -15.60 37.40 40.03
C ALA D 391 -15.30 38.88 40.24
N ASP D 392 -14.69 39.21 41.37
CA ASP D 392 -14.33 40.60 41.67
C ASP D 392 -12.93 40.97 41.19
N ASP D 393 -11.99 40.02 41.17
CA ASP D 393 -10.59 40.35 40.91
C ASP D 393 -9.88 39.39 39.97
N VAL D 394 -10.54 38.33 39.47
CA VAL D 394 -9.85 37.38 38.62
C VAL D 394 -9.38 38.08 37.35
N ASP D 395 -8.14 37.82 36.96
CA ASP D 395 -7.54 38.41 35.78
C ASP D 395 -7.49 37.36 34.68
N LEU D 396 -8.13 37.65 33.54
CA LEU D 396 -8.10 36.72 32.42
C LEU D 396 -6.78 36.75 31.66
N GLU D 397 -6.02 37.84 31.77
CA GLU D 397 -4.74 37.92 31.06
C GLU D 397 -3.78 36.84 31.55
N GLN D 398 -3.71 36.64 32.87
CA GLN D 398 -2.81 35.62 33.41
C GLN D 398 -3.22 34.24 32.95
N VAL D 399 -4.52 33.95 32.96
CA VAL D 399 -4.99 32.64 32.52
C VAL D 399 -4.66 32.43 31.05
N ALA D 400 -4.89 33.45 30.22
CA ALA D 400 -4.59 33.33 28.80
C ALA D 400 -3.11 33.09 28.58
N ASN D 401 -2.25 33.82 29.30
CA ASN D 401 -0.82 33.63 29.17
C ASN D 401 -0.41 32.23 29.59
N GLU D 402 -0.99 31.73 30.69
CA GLU D 402 -0.67 30.38 31.14
C GLU D 402 -1.08 29.34 30.10
N THR D 403 -2.26 29.49 29.51
CA THR D 403 -2.69 28.57 28.47
C THR D 403 -1.85 28.77 27.22
N HIS D 404 -1.28 27.68 26.71
CA HIS D 404 -0.34 27.77 25.60
C HIS D 404 -0.82 27.04 24.36
N GLY D 405 -1.18 25.76 24.47
CA GLY D 405 -1.51 24.95 23.33
C GLY D 405 -2.99 24.75 23.07
N HIS D 406 -3.86 25.27 23.92
CA HIS D 406 -5.28 25.01 23.76
C HIS D 406 -5.82 25.69 22.51
N VAL D 407 -6.89 25.11 21.96
CA VAL D 407 -7.40 25.49 20.65
C VAL D 407 -8.81 26.05 20.76
N GLY D 408 -9.10 26.73 21.87
CA GLY D 408 -10.44 27.30 22.06
C GLY D 408 -11.46 26.34 22.60
N ALA D 409 -11.58 25.16 21.97
CA ALA D 409 -12.47 24.14 22.53
C ALA D 409 -12.01 23.74 23.93
N ASP D 410 -10.70 23.57 24.12
CA ASP D 410 -10.17 23.24 25.43
C ASP D 410 -10.33 24.40 26.40
N LEU D 411 -10.26 25.64 25.93
CA LEU D 411 -10.53 26.78 26.79
C LEU D 411 -11.98 26.79 27.27
N ALA D 412 -12.92 26.48 26.37
CA ALA D 412 -14.30 26.36 26.77
C ALA D 412 -14.47 25.23 27.79
N ALA D 413 -13.78 24.12 27.57
CA ALA D 413 -13.82 23.02 28.53
C ALA D 413 -13.29 23.47 29.89
N LEU D 414 -12.22 24.27 29.88
CA LEU D 414 -11.66 24.77 31.13
C LEU D 414 -12.65 25.66 31.86
N CYS D 415 -13.32 26.56 31.13
CA CYS D 415 -14.31 27.42 31.77
C CYS D 415 -15.46 26.62 32.35
N SER D 416 -15.95 25.63 31.59
CA SER D 416 -17.03 24.78 32.10
C SER D 416 -16.59 24.00 33.33
N GLU D 417 -15.36 23.50 33.32
CA GLU D 417 -14.86 22.75 34.47
C GLU D 417 -14.73 23.66 35.69
N ALA D 418 -14.29 24.91 35.49
CA ALA D 418 -14.23 25.85 36.60
C ALA D 418 -15.61 26.13 37.17
N ALA D 419 -16.61 26.28 36.30
CA ALA D 419 -17.96 26.48 36.78
C ALA D 419 -18.44 25.27 37.58
N LEU D 420 -18.14 24.06 37.09
CA LEU D 420 -18.52 22.86 37.81
C LEU D 420 -17.82 22.78 39.17
N GLN D 421 -16.55 23.21 39.23
CA GLN D 421 -15.82 23.20 40.49
C GLN D 421 -16.42 24.19 41.47
N ALA D 422 -16.85 25.36 40.99
CA ALA D 422 -17.52 26.31 41.88
C ALA D 422 -18.83 25.72 42.39
N ILE D 423 -19.58 25.02 41.53
CA ILE D 423 -20.80 24.36 41.98
C ILE D 423 -20.48 23.32 43.04
N ARG D 424 -19.39 22.57 42.84
CA ARG D 424 -18.98 21.59 43.85
C ARG D 424 -18.64 22.26 45.17
N LYS D 425 -17.96 23.41 45.11
CA LYS D 425 -17.66 24.15 46.33
C LYS D 425 -18.94 24.54 47.05
N LYS D 426 -19.92 25.05 46.32
CA LYS D 426 -21.20 25.42 46.93
C LYS D 426 -22.02 24.21 47.34
N MET D 427 -21.66 23.02 46.87
CA MET D 427 -22.40 21.81 47.25
C MET D 427 -22.47 21.65 48.75
N ASP D 428 -21.47 22.15 49.49
CA ASP D 428 -21.48 22.03 50.94
C ASP D 428 -22.78 22.59 51.52
N LEU D 429 -23.16 23.80 51.10
CA LEU D 429 -24.43 24.36 51.54
C LEU D 429 -25.61 23.81 50.76
N ILE D 430 -25.44 23.55 49.46
CA ILE D 430 -26.52 23.05 48.64
C ILE D 430 -26.80 21.59 48.99
N GLU D 440 -30.73 32.69 47.87
CA GLU D 440 -29.54 33.20 48.55
C GLU D 440 -28.28 32.65 47.90
N VAL D 441 -28.23 31.34 47.70
CA VAL D 441 -27.06 30.73 47.07
C VAL D 441 -27.01 31.07 45.58
N MET D 442 -28.16 31.04 44.90
CA MET D 442 -28.15 31.13 43.45
C MET D 442 -27.49 32.42 42.96
N ASN D 443 -27.72 33.53 43.64
CA ASN D 443 -27.08 34.78 43.25
C ASN D 443 -25.67 34.92 43.79
N SER D 444 -25.22 34.01 44.64
CA SER D 444 -23.89 34.06 45.23
C SER D 444 -22.86 33.24 44.46
N LEU D 445 -23.27 32.53 43.40
CA LEU D 445 -22.33 31.74 42.63
C LEU D 445 -21.30 32.63 41.96
N ALA D 446 -20.04 32.18 41.98
CA ALA D 446 -18.96 32.89 41.32
C ALA D 446 -17.72 32.00 41.33
N VAL D 447 -17.04 31.95 40.18
CA VAL D 447 -15.81 31.17 40.04
C VAL D 447 -14.64 32.10 40.35
N THR D 448 -13.72 31.62 41.18
CA THR D 448 -12.66 32.44 41.74
C THR D 448 -11.31 31.99 41.16
N MET D 449 -10.30 32.85 41.37
CA MET D 449 -8.96 32.56 40.87
C MET D 449 -8.47 31.20 41.31
N ASP D 450 -8.81 30.78 42.53
CA ASP D 450 -8.43 29.45 42.99
C ASP D 450 -9.07 28.37 42.13
N ASP D 451 -10.36 28.54 41.81
CA ASP D 451 -11.04 27.57 40.95
C ASP D 451 -10.40 27.53 39.57
N PHE D 452 -10.06 28.69 39.01
CA PHE D 452 -9.43 28.72 37.70
C PHE D 452 -8.06 28.07 37.74
N ARG D 453 -7.30 28.29 38.82
CA ARG D 453 -6.01 27.63 38.96
C ARG D 453 -6.18 26.11 39.02
N TRP D 454 -7.18 25.64 39.76
CA TRP D 454 -7.45 24.21 39.83
C TRP D 454 -7.77 23.65 38.45
N ALA D 455 -8.65 24.34 37.73
CA ALA D 455 -9.04 23.87 36.40
C ALA D 455 -7.85 23.86 35.45
N LEU D 456 -7.01 24.89 35.51
CA LEU D 456 -5.83 24.94 34.65
C LEU D 456 -4.86 23.81 34.99
N SER D 457 -4.69 23.54 36.29
CA SER D 457 -3.80 22.46 36.69
C SER D 457 -4.29 21.11 36.17
N GLN D 458 -5.60 20.87 36.26
CA GLN D 458 -6.16 19.62 35.76
C GLN D 458 -6.73 19.75 34.35
N SER D 459 -6.24 20.69 33.56
CA SER D 459 -6.60 20.81 32.15
C SER D 459 -5.36 20.57 31.29
N ASN D 460 -5.57 19.92 30.15
CA ASN D 460 -4.51 19.61 29.21
C ASN D 460 -5.02 19.84 27.79
N PRO D 461 -4.13 20.18 26.86
CA PRO D 461 -4.58 20.41 25.48
C PRO D 461 -5.11 19.13 24.84
N SER D 462 -6.05 19.31 23.91
CA SER D 462 -6.68 18.16 23.27
C SER D 462 -5.68 17.41 22.39
N ALA D 463 -4.76 18.12 21.75
CA ALA D 463 -3.83 17.48 20.83
C ALA D 463 -2.95 16.46 21.55
N LEU D 464 -2.51 16.77 22.76
CA LEU D 464 -1.57 15.95 23.49
C LEU D 464 -2.24 14.87 24.32
N ARG D 465 -3.56 14.75 24.27
CA ARG D 465 -4.25 13.77 25.09
C ARG D 465 -3.77 12.34 24.80
N GLU D 466 -3.24 12.10 23.61
CA GLU D 466 -2.71 10.78 23.27
C GLU D 466 -1.30 10.55 23.79
N THR D 467 -0.61 11.60 24.24
CA THR D 467 0.75 11.50 24.74
C THR D 467 0.83 12.13 26.14
N VAL D 468 -0.10 11.75 27.00
CA VAL D 468 -0.16 12.25 28.36
C VAL D 468 0.46 11.21 29.29
N VAL D 469 1.34 11.65 30.17
CA VAL D 469 2.01 10.77 31.12
C VAL D 469 1.91 11.40 32.50
N GLU D 470 2.03 10.55 33.52
CA GLU D 470 1.98 10.98 34.91
C GLU D 470 3.41 11.05 35.46
N VAL D 471 3.76 12.20 36.04
CA VAL D 471 5.09 12.41 36.59
C VAL D 471 4.95 12.96 38.00
N PRO D 472 5.66 12.41 38.99
CA PRO D 472 5.59 12.98 40.34
C PRO D 472 6.06 14.43 40.36
N GLN D 473 5.45 15.22 41.24
CA GLN D 473 5.83 16.62 41.38
C GLN D 473 7.11 16.71 42.20
N VAL D 474 8.07 17.48 41.70
CA VAL D 474 9.34 17.71 42.39
C VAL D 474 9.60 19.21 42.37
N THR D 475 9.72 19.79 43.56
CA THR D 475 9.96 21.22 43.67
C THR D 475 11.39 21.55 43.23
N TRP D 476 11.60 22.81 42.83
CA TRP D 476 12.93 23.25 42.46
C TRP D 476 13.93 23.04 43.59
N GLU D 477 13.47 23.18 44.84
CA GLU D 477 14.35 22.98 45.98
C GLU D 477 14.81 21.53 46.12
N ASP D 478 14.10 20.59 45.49
CA ASP D 478 14.48 19.19 45.61
C ASP D 478 15.81 18.87 44.95
N ILE D 479 16.31 19.77 44.11
CA ILE D 479 17.58 19.57 43.40
C ILE D 479 18.66 20.32 44.14
N GLY D 480 19.65 19.58 44.66
CA GLY D 480 20.75 20.19 45.38
C GLY D 480 21.88 20.58 44.43
N GLY D 481 22.43 21.77 44.66
CA GLY D 481 23.49 22.25 43.80
C GLY D 481 22.99 22.54 42.39
N LEU D 482 23.91 22.47 41.43
CA LEU D 482 23.58 22.69 40.03
C LEU D 482 22.94 24.07 39.84
N GLU D 483 23.44 25.06 40.57
CA GLU D 483 22.86 26.40 40.49
C GLU D 483 22.99 26.98 39.08
N ASP D 484 24.17 26.85 38.48
CA ASP D 484 24.38 27.40 37.15
C ASP D 484 23.49 26.70 36.13
N VAL D 485 23.39 25.38 36.20
CA VAL D 485 22.55 24.64 35.26
C VAL D 485 21.10 25.06 35.42
N LYS D 486 20.63 25.17 36.67
CA LYS D 486 19.25 25.59 36.90
C LYS D 486 19.00 26.97 36.33
N ARG D 487 19.91 27.91 36.57
CA ARG D 487 19.73 29.27 36.09
C ARG D 487 19.69 29.31 34.57
N GLU D 488 20.62 28.61 33.92
CA GLU D 488 20.67 28.61 32.47
C GLU D 488 19.40 28.01 31.87
N LEU D 489 18.95 26.88 32.42
CA LEU D 489 17.76 26.24 31.88
C LEU D 489 16.53 27.12 32.09
N GLN D 490 16.41 27.73 33.27
CA GLN D 490 15.28 28.62 33.52
C GLN D 490 15.30 29.79 32.55
N GLU D 491 16.46 30.38 32.31
CA GLU D 491 16.55 31.49 31.37
C GLU D 491 16.09 31.06 29.98
N LEU D 492 16.65 29.96 29.48
CA LEU D 492 16.36 29.56 28.10
C LEU D 492 14.92 29.09 27.93
N VAL D 493 14.27 28.64 29.00
CA VAL D 493 12.88 28.20 28.90
C VAL D 493 11.87 29.30 29.22
N GLN D 494 12.31 30.39 29.87
CA GLN D 494 11.43 31.49 30.24
C GLN D 494 11.50 32.65 29.27
N TYR D 495 12.70 33.12 28.93
CA TYR D 495 12.81 34.33 28.11
C TYR D 495 12.08 34.21 26.78
N PRO D 496 12.27 33.16 25.97
CA PRO D 496 11.62 33.14 24.65
C PRO D 496 10.10 33.11 24.71
N VAL D 497 9.51 32.75 25.85
CA VAL D 497 8.05 32.66 25.96
C VAL D 497 7.50 33.91 26.61
N GLU D 498 8.26 34.51 27.53
CA GLU D 498 7.76 35.63 28.34
C GLU D 498 8.16 36.99 27.80
N HIS D 499 9.31 37.11 27.12
CA HIS D 499 9.79 38.39 26.61
C HIS D 499 10.19 38.23 25.15
N PRO D 500 9.22 37.96 24.26
CA PRO D 500 9.55 37.93 22.83
C PRO D 500 9.75 39.32 22.23
N ASP D 501 9.24 40.36 22.88
CA ASP D 501 9.45 41.71 22.37
C ASP D 501 10.93 42.08 22.37
N LYS D 502 11.65 41.71 23.42
CA LYS D 502 13.08 42.00 23.46
C LYS D 502 13.84 41.25 22.37
N PHE D 503 13.49 39.99 22.14
CA PHE D 503 14.12 39.23 21.08
C PHE D 503 13.83 39.86 19.73
N LEU D 504 12.60 40.28 19.50
CA LEU D 504 12.26 40.94 18.23
C LEU D 504 13.04 42.24 18.07
N LYS D 505 13.16 43.02 19.15
CA LYS D 505 13.91 44.26 19.08
C LYS D 505 15.38 44.00 18.74
N PHE D 506 15.98 43.00 19.37
CA PHE D 506 17.35 42.64 19.03
C PHE D 506 17.46 41.96 17.68
N GLY D 507 16.34 41.55 17.09
CA GLY D 507 16.32 41.06 15.73
C GLY D 507 17.09 39.78 15.48
N MET D 508 16.92 38.78 16.33
CA MET D 508 17.56 37.50 16.07
C MET D 508 16.98 36.44 16.99
N THR D 509 16.73 35.26 16.43
CA THR D 509 16.03 34.20 17.15
C THR D 509 16.90 33.64 18.27
N PRO D 510 16.29 33.08 19.33
CA PRO D 510 17.07 32.53 20.44
C PRO D 510 17.50 31.08 20.22
N SER D 511 18.17 30.52 21.22
CA SER D 511 18.62 29.13 21.17
C SER D 511 17.54 28.20 21.70
N LYS D 512 17.60 26.94 21.26
CA LYS D 512 16.58 25.96 21.60
C LYS D 512 17.12 24.60 22.06
N GLY D 513 18.36 24.25 21.72
CA GLY D 513 18.86 22.94 22.06
C GLY D 513 19.58 22.91 23.41
N VAL D 514 19.64 21.71 23.98
CA VAL D 514 20.37 21.49 25.23
C VAL D 514 20.53 19.99 25.46
N LEU D 515 21.68 19.59 25.99
CA LEU D 515 22.00 18.18 26.20
C LEU D 515 22.59 17.99 27.59
N PHE D 516 22.30 16.83 28.18
CA PHE D 516 22.81 16.46 29.50
C PHE D 516 23.63 15.18 29.36
N TYR D 517 24.82 15.19 29.96
CA TYR D 517 25.67 14.01 29.95
C TYR D 517 26.50 13.96 31.21
N GLY D 518 26.57 12.78 31.84
CA GLY D 518 27.31 12.61 33.06
C GLY D 518 27.21 11.19 33.57
N PRO D 519 27.77 10.93 34.76
CA PRO D 519 27.72 9.58 35.30
C PRO D 519 26.29 9.17 35.56
N PRO D 520 25.99 7.87 35.49
CA PRO D 520 24.60 7.43 35.60
C PRO D 520 23.97 7.86 36.91
N GLY D 521 22.70 8.27 36.84
CA GLY D 521 21.97 8.65 38.02
C GLY D 521 22.62 9.75 38.83
N CYS D 522 22.66 10.96 38.28
CA CYS D 522 23.20 12.10 38.99
C CYS D 522 22.28 13.31 38.96
N GLY D 523 21.15 13.25 38.26
CA GLY D 523 20.18 14.34 38.31
C GLY D 523 19.56 14.71 36.99
N LYS D 524 19.88 13.99 35.91
CA LYS D 524 19.32 14.32 34.61
C LYS D 524 17.81 14.12 34.58
N THR D 525 17.35 12.93 34.98
CA THR D 525 15.91 12.69 35.01
C THR D 525 15.22 13.55 36.06
N LEU D 526 15.90 13.84 37.17
CA LEU D 526 15.32 14.72 38.17
C LEU D 526 15.11 16.12 37.60
N LEU D 527 16.08 16.63 36.85
CA LEU D 527 15.90 17.92 36.19
C LEU D 527 14.77 17.87 35.18
N ALA D 528 14.67 16.77 34.43
CA ALA D 528 13.59 16.63 33.48
C ALA D 528 12.23 16.71 34.19
N LYS D 529 12.10 15.99 35.31
CA LYS D 529 10.86 16.04 36.07
C LYS D 529 10.58 17.43 36.60
N ALA D 530 11.63 18.11 37.11
CA ALA D 530 11.44 19.44 37.65
C ALA D 530 10.93 20.40 36.58
N ILE D 531 11.49 20.31 35.37
CA ILE D 531 11.02 21.18 34.29
C ILE D 531 9.60 20.82 33.91
N ALA D 532 9.32 19.53 33.73
CA ALA D 532 7.96 19.12 33.37
C ALA D 532 6.96 19.58 34.40
N ASN D 533 7.38 19.75 35.65
CA ASN D 533 6.46 20.14 36.72
C ASN D 533 6.31 21.65 36.84
N GLU D 534 7.40 22.41 36.71
CA GLU D 534 7.38 23.85 36.98
C GLU D 534 7.95 24.64 35.81
N CYS D 535 7.59 24.26 34.59
CA CYS D 535 7.88 25.06 33.42
C CYS D 535 6.63 25.82 32.98
N GLN D 536 6.79 26.67 31.97
CA GLN D 536 5.70 27.44 31.40
C GLN D 536 5.42 27.02 29.97
N ALA D 537 5.49 25.72 29.71
CA ALA D 537 5.21 25.19 28.38
C ALA D 537 4.84 23.71 28.51
N ASN D 538 4.19 23.20 27.48
CA ASN D 538 3.82 21.79 27.47
C ASN D 538 5.07 20.92 27.44
N PHE D 539 4.94 19.71 27.98
CA PHE D 539 6.05 18.77 28.07
C PHE D 539 5.69 17.47 27.37
N ILE D 540 6.68 16.88 26.71
CA ILE D 540 6.54 15.59 26.05
C ILE D 540 7.60 14.65 26.59
N SER D 541 7.18 13.48 27.06
CA SER D 541 8.08 12.47 27.60
C SER D 541 8.13 11.32 26.61
N ILE D 542 9.26 11.20 25.91
CA ILE D 542 9.47 10.14 24.92
C ILE D 542 10.71 9.35 25.32
N LYS D 543 10.57 8.04 25.42
CA LYS D 543 11.70 7.18 25.73
C LYS D 543 12.67 7.17 24.55
N GLY D 544 13.80 6.51 24.75
CA GLY D 544 14.83 6.47 23.74
C GLY D 544 14.36 5.79 22.47
N PRO D 545 14.15 4.47 22.54
CA PRO D 545 13.72 3.71 21.36
C PRO D 545 12.21 3.57 21.18
N GLU D 546 11.41 4.35 21.90
CA GLU D 546 9.97 4.14 21.86
C GLU D 546 9.37 4.42 20.48
N LEU D 547 10.11 5.09 19.60
CA LEU D 547 9.60 5.51 18.29
C LEU D 547 10.21 4.70 17.16
N LEU D 548 10.40 3.39 17.37
CA LEU D 548 10.88 2.47 16.34
C LEU D 548 9.84 1.40 16.11
N THR D 549 9.69 0.99 14.85
CA THR D 549 8.73 -0.04 14.48
C THR D 549 9.35 -0.97 13.45
N MET D 550 8.90 -2.23 13.46
CA MET D 550 9.46 -3.22 12.55
C MET D 550 9.16 -2.88 11.09
N TRP D 551 7.97 -2.33 10.83
CA TRP D 551 7.59 -2.03 9.46
C TRP D 551 8.59 -1.07 8.84
N PHE D 552 8.50 -0.94 7.51
CA PHE D 552 9.45 -0.14 6.75
C PHE D 552 8.91 1.27 6.58
N GLY D 553 9.65 2.26 7.10
CA GLY D 553 9.27 3.65 7.00
C GLY D 553 8.32 4.14 8.07
N GLU D 554 7.71 3.23 8.85
CA GLU D 554 6.83 3.68 9.91
C GLU D 554 7.59 4.37 11.02
N SER D 555 8.86 4.04 11.23
CA SER D 555 9.68 4.78 12.18
C SER D 555 9.83 6.23 11.75
N GLU D 556 10.10 6.46 10.47
CA GLU D 556 10.17 7.82 9.95
C GLU D 556 8.83 8.52 10.07
N ALA D 557 7.74 7.80 9.80
CA ALA D 557 6.42 8.39 9.95
C ALA D 557 6.18 8.82 11.40
N ASN D 558 6.57 7.98 12.36
CA ASN D 558 6.40 8.33 13.77
C ASN D 558 7.24 9.54 14.14
N VAL D 559 8.48 9.60 13.66
CA VAL D 559 9.34 10.74 13.96
C VAL D 559 8.71 12.02 13.44
N ARG D 560 8.27 12.00 12.18
CA ARG D 560 7.64 13.19 11.61
C ARG D 560 6.38 13.56 12.38
N GLU D 561 5.57 12.56 12.74
CA GLU D 561 4.34 12.85 13.46
C GLU D 561 4.62 13.50 14.81
N ILE D 562 5.60 12.99 15.54
CA ILE D 562 5.86 13.53 16.87
C ILE D 562 6.42 14.95 16.77
N PHE D 563 7.35 15.19 15.85
CA PHE D 563 7.88 16.55 15.72
C PHE D 563 6.81 17.52 15.23
N ASP D 564 5.95 17.08 14.32
CA ASP D 564 4.86 17.94 13.87
C ASP D 564 3.90 18.26 15.01
N LYS D 565 3.60 17.26 15.84
CA LYS D 565 2.74 17.50 16.99
C LYS D 565 3.36 18.51 17.95
N ALA D 566 4.66 18.36 18.22
CA ALA D 566 5.33 19.31 19.11
C ALA D 566 5.31 20.72 18.52
N ARG D 567 5.58 20.84 17.21
CA ARG D 567 5.58 22.15 16.59
C ARG D 567 4.19 22.79 16.66
N GLN D 568 3.16 22.00 16.40
CA GLN D 568 1.79 22.54 16.46
C GLN D 568 1.44 22.96 17.89
N ALA D 569 1.87 22.19 18.88
CA ALA D 569 1.55 22.50 20.27
C ALA D 569 2.51 23.51 20.87
N ALA D 570 3.50 23.98 20.11
CA ALA D 570 4.45 24.98 20.60
C ALA D 570 3.73 26.12 21.31
N PRO D 571 4.35 26.77 22.31
CA PRO D 571 5.69 26.48 22.80
C PRO D 571 5.73 25.19 23.62
N CYS D 572 6.80 24.41 23.46
CA CYS D 572 6.88 23.12 24.11
C CYS D 572 8.34 22.72 24.25
N VAL D 573 8.62 21.85 25.22
CA VAL D 573 9.94 21.29 25.44
C VAL D 573 9.83 19.80 25.16
N LEU D 574 10.64 19.29 24.24
CA LEU D 574 10.63 17.89 23.85
C LEU D 574 11.85 17.23 24.47
N PHE D 575 11.62 16.29 25.39
CA PHE D 575 12.70 15.66 26.14
C PHE D 575 12.98 14.28 25.55
N PHE D 576 14.20 14.11 25.03
CA PHE D 576 14.65 12.83 24.50
C PHE D 576 15.49 12.13 25.57
N ASP D 577 15.00 11.00 26.06
CA ASP D 577 15.69 10.24 27.10
C ASP D 577 16.50 9.13 26.45
N GLU D 578 17.77 9.02 26.85
CA GLU D 578 18.70 8.04 26.27
C GLU D 578 18.84 8.30 24.76
N LEU D 579 19.27 9.52 24.45
CA LEU D 579 19.40 9.92 23.05
C LEU D 579 20.38 9.04 22.29
N ASP D 580 21.33 8.43 22.99
CA ASP D 580 22.34 7.62 22.32
C ASP D 580 21.72 6.45 21.58
N SER D 581 20.73 5.79 22.21
CA SER D 581 20.11 4.63 21.58
C SER D 581 19.45 5.00 20.26
N ILE D 582 18.71 6.11 20.24
CA ILE D 582 17.99 6.49 19.04
C ILE D 582 18.94 7.03 17.98
N ALA D 583 19.98 7.77 18.40
CA ALA D 583 20.87 8.45 17.47
C ALA D 583 22.30 7.91 17.64
N LYS D 584 22.62 6.88 16.87
CA LYS D 584 23.99 6.36 16.82
C LYS D 584 24.76 7.09 15.73
N ALA D 585 26.04 6.75 15.59
CA ALA D 585 26.89 7.35 14.57
C ALA D 585 26.67 6.65 13.24
N ARG D 586 26.42 7.44 12.20
CA ARG D 586 26.20 6.85 10.88
C ARG D 586 27.48 6.18 10.37
N GLY D 587 27.31 5.06 9.69
CA GLY D 587 28.44 4.32 9.15
C GLY D 587 28.21 2.82 9.19
N GLY D 593 21.08 -2.30 12.41
CA GLY D 593 20.38 -3.48 11.94
C GLY D 593 19.21 -3.13 11.05
N GLY D 594 19.26 -3.63 9.81
CA GLY D 594 18.21 -3.35 8.84
C GLY D 594 18.37 -2.03 8.11
N GLY D 595 19.41 -1.27 8.38
CA GLY D 595 19.61 0.00 7.70
C GLY D 595 18.50 1.00 7.94
N ALA D 596 17.94 0.99 9.15
CA ALA D 596 16.90 1.94 9.52
C ALA D 596 17.36 3.00 10.51
N ALA D 597 18.42 2.74 11.27
CA ALA D 597 18.93 3.75 12.18
C ALA D 597 19.40 4.97 11.42
N ASP D 598 20.07 4.77 10.29
CA ASP D 598 20.53 5.91 9.49
C ASP D 598 19.36 6.75 9.01
N ARG D 599 18.30 6.10 8.53
CA ARG D 599 17.13 6.85 8.07
C ARG D 599 16.48 7.59 9.22
N VAL D 600 16.36 6.95 10.38
CA VAL D 600 15.71 7.61 11.52
C VAL D 600 16.51 8.83 11.95
N ILE D 601 17.83 8.69 12.06
CA ILE D 601 18.64 9.81 12.50
C ILE D 601 18.63 10.94 11.47
N ASN D 602 18.64 10.58 10.18
CA ASN D 602 18.56 11.62 9.15
C ASN D 602 17.23 12.37 9.23
N GLN D 603 16.13 11.64 9.43
CA GLN D 603 14.84 12.30 9.57
C GLN D 603 14.82 13.22 10.78
N ILE D 604 15.36 12.77 11.91
CA ILE D 604 15.41 13.62 13.09
C ILE D 604 16.23 14.87 12.81
N LEU D 605 17.39 14.71 12.18
CA LEU D 605 18.24 15.86 11.90
C LEU D 605 17.52 16.87 11.02
N THR D 606 16.91 16.40 9.94
CA THR D 606 16.23 17.31 9.03
C THR D 606 15.05 17.99 9.70
N GLU D 607 14.27 17.25 10.50
CA GLU D 607 13.14 17.87 11.18
C GLU D 607 13.60 18.90 12.19
N MET D 608 14.68 18.63 12.92
CA MET D 608 15.19 19.60 13.88
C MET D 608 15.68 20.86 13.19
N ASP D 609 16.41 20.71 12.07
CA ASP D 609 16.90 21.87 11.33
C ASP D 609 16.84 21.57 9.83
N GLY D 610 15.73 21.92 9.20
CA GLY D 610 15.60 21.84 7.77
C GLY D 610 14.88 23.03 7.18
N MET D 611 14.01 22.79 6.19
CA MET D 611 13.25 23.86 5.55
C MET D 611 11.94 24.09 6.31
N SER D 612 12.11 24.55 7.55
CA SER D 612 10.98 24.79 8.44
C SER D 612 11.19 26.11 9.17
N THR D 613 10.07 26.67 9.65
CA THR D 613 10.12 27.95 10.35
C THR D 613 10.55 27.80 11.81
N LYS D 614 10.51 26.58 12.36
CA LYS D 614 10.98 26.30 13.71
C LYS D 614 10.46 27.33 14.71
N LYS D 615 9.13 27.34 14.88
CA LYS D 615 8.48 28.36 15.68
C LYS D 615 9.02 28.35 17.12
N ASN D 616 8.73 27.29 17.87
CA ASN D 616 9.21 27.16 19.24
C ASN D 616 9.19 25.68 19.62
N VAL D 617 10.37 25.07 19.68
CA VAL D 617 10.50 23.71 20.21
C VAL D 617 11.88 23.61 20.87
N PHE D 618 11.89 23.30 22.17
CA PHE D 618 13.13 23.14 22.90
C PHE D 618 13.39 21.66 23.09
N ILE D 619 14.56 21.20 22.66
CA ILE D 619 14.92 19.79 22.71
C ILE D 619 15.89 19.59 23.86
N ILE D 620 15.53 18.74 24.81
CA ILE D 620 16.37 18.38 25.94
C ILE D 620 16.74 16.92 25.76
N GLY D 621 18.04 16.63 25.73
CA GLY D 621 18.54 15.29 25.53
C GLY D 621 19.24 14.79 26.79
N ALA D 622 19.04 13.51 27.11
CA ALA D 622 19.67 12.86 28.24
C ALA D 622 20.42 11.64 27.75
N THR D 623 21.69 11.52 28.15
CA THR D 623 22.49 10.37 27.75
C THR D 623 23.77 10.30 28.59
N ASN D 624 24.06 9.12 29.13
CA ASN D 624 25.26 8.90 29.92
C ASN D 624 26.41 8.34 29.10
N ARG D 625 26.24 8.20 27.79
CA ARG D 625 27.27 7.70 26.89
C ARG D 625 27.39 8.64 25.70
N PRO D 626 27.97 9.83 25.91
CA PRO D 626 27.98 10.84 24.85
C PRO D 626 29.06 10.65 23.80
N ASP D 627 29.88 9.60 23.90
CA ASP D 627 30.96 9.39 22.96
C ASP D 627 30.50 8.77 21.65
N ILE D 628 29.28 8.25 21.59
CA ILE D 628 28.78 7.55 20.41
C ILE D 628 27.65 8.32 19.74
N ILE D 629 27.50 9.60 20.04
CA ILE D 629 26.45 10.42 19.46
C ILE D 629 26.93 10.95 18.12
N ASP D 630 26.03 10.99 17.15
CA ASP D 630 26.38 11.47 15.82
C ASP D 630 26.82 12.93 15.89
N PRO D 631 28.00 13.27 15.37
CA PRO D 631 28.45 14.67 15.48
C PRO D 631 27.52 15.68 14.83
N ALA D 632 26.71 15.27 13.86
CA ALA D 632 25.80 16.21 13.22
C ALA D 632 24.79 16.77 14.22
N ILE D 633 24.25 15.90 15.09
CA ILE D 633 23.24 16.35 16.04
C ILE D 633 23.82 17.32 17.06
N LEU D 634 25.12 17.20 17.34
CA LEU D 634 25.75 18.06 18.34
C LEU D 634 26.13 19.43 17.80
N ARG D 635 25.89 19.70 16.52
CA ARG D 635 26.21 20.99 15.96
C ARG D 635 25.35 22.08 16.60
N PRO D 636 25.88 23.31 16.72
CA PRO D 636 25.06 24.40 17.24
C PRO D 636 23.82 24.61 16.37
N GLY D 637 22.72 24.98 17.03
CA GLY D 637 21.43 25.10 16.39
C GLY D 637 20.55 23.87 16.55
N ARG D 638 21.13 22.74 16.95
CA ARG D 638 20.37 21.53 17.23
C ARG D 638 20.45 21.14 18.70
N LEU D 639 21.65 20.97 19.23
CA LEU D 639 21.88 20.70 20.65
C LEU D 639 23.05 21.56 21.13
N ASP D 640 22.97 22.86 20.82
CA ASP D 640 24.13 23.74 21.00
C ASP D 640 24.72 23.64 22.40
N GLN D 641 23.87 23.70 23.42
CA GLN D 641 24.34 23.70 24.80
C GLN D 641 24.72 22.29 25.23
N LEU D 642 25.94 22.12 25.71
CA LEU D 642 26.45 20.84 26.21
C LEU D 642 26.76 21.01 27.69
N ILE D 643 25.75 20.78 28.53
CA ILE D 643 25.91 20.89 29.97
C ILE D 643 26.47 19.59 30.52
N TYR D 644 27.40 19.72 31.45
CA TYR D 644 28.03 18.58 32.11
C TYR D 644 27.58 18.54 33.56
N ILE D 645 27.08 17.39 34.00
CA ILE D 645 26.60 17.23 35.37
C ILE D 645 27.60 16.34 36.12
N PRO D 646 28.46 16.89 36.97
CA PRO D 646 29.51 16.08 37.58
C PRO D 646 29.10 15.45 38.90
N LEU D 647 29.99 14.64 39.47
CA LEU D 647 29.71 14.06 40.78
C LEU D 647 29.59 15.18 41.82
N PRO D 648 28.67 15.08 42.76
CA PRO D 648 28.49 16.17 43.73
C PRO D 648 29.76 16.41 44.53
N ASP D 649 30.02 17.69 44.81
CA ASP D 649 31.11 18.08 45.69
C ASP D 649 30.62 18.03 47.14
N GLU D 650 31.39 18.57 48.07
CA GLU D 650 30.97 18.55 49.47
C GLU D 650 29.76 19.44 49.70
N LYS D 651 29.80 20.67 49.18
CA LYS D 651 28.66 21.56 49.34
C LYS D 651 27.42 21.00 48.64
N SER D 652 27.60 20.43 47.45
CA SER D 652 26.48 19.83 46.74
C SER D 652 25.93 18.63 47.51
N ARG D 653 26.79 17.86 48.14
CA ARG D 653 26.33 16.72 48.94
C ARG D 653 25.52 17.21 50.13
N VAL D 654 25.98 18.26 50.79
CA VAL D 654 25.20 18.83 51.89
C VAL D 654 23.85 19.31 51.39
N ALA D 655 23.84 20.00 50.25
CA ALA D 655 22.58 20.53 49.72
C ALA D 655 21.62 19.41 49.35
N ILE D 656 22.12 18.35 48.71
CA ILE D 656 21.26 17.25 48.31
C ILE D 656 20.70 16.54 49.54
N LEU D 657 21.53 16.33 50.57
CA LEU D 657 21.02 15.72 51.79
C LEU D 657 19.93 16.58 52.43
N LYS D 658 20.17 17.89 52.50
CA LYS D 658 19.16 18.77 53.11
C LYS D 658 17.87 18.76 52.30
N ALA D 659 17.97 18.80 50.97
CA ALA D 659 16.77 18.79 50.14
C ALA D 659 16.02 17.48 50.28
N ASN D 660 16.74 16.34 50.31
CA ASN D 660 16.07 15.05 50.44
C ASN D 660 15.39 14.93 51.79
N LEU D 661 16.02 15.43 52.86
CA LEU D 661 15.45 15.39 54.19
C LEU D 661 14.56 16.59 54.49
N ARG D 662 14.08 17.29 53.45
CA ARG D 662 13.32 18.52 53.67
C ARG D 662 12.05 18.24 54.46
N LYS D 663 11.32 17.19 54.11
CA LYS D 663 10.06 16.84 54.76
C LYS D 663 10.25 15.50 55.47
N SER D 664 10.75 15.57 56.70
CA SER D 664 10.93 14.38 57.53
C SER D 664 11.38 14.79 58.92
N PRO D 665 11.03 14.03 59.96
CA PRO D 665 11.50 14.36 61.32
C PRO D 665 12.90 13.81 61.55
N VAL D 666 13.84 14.70 61.82
CA VAL D 666 15.24 14.34 62.04
C VAL D 666 15.72 15.00 63.32
N ALA D 667 16.46 14.25 64.13
CA ALA D 667 16.99 14.79 65.37
C ALA D 667 18.14 15.76 65.08
N LYS D 668 18.54 16.50 66.10
CA LYS D 668 19.59 17.49 65.97
C LYS D 668 20.99 16.89 66.05
N ASP D 669 21.11 15.63 66.48
CA ASP D 669 22.43 15.01 66.62
C ASP D 669 23.04 14.62 65.28
N VAL D 670 22.24 14.54 64.22
CA VAL D 670 22.77 14.14 62.92
C VAL D 670 23.79 15.15 62.44
N ASP D 671 24.91 14.66 61.91
CA ASP D 671 25.99 15.50 61.41
C ASP D 671 25.99 15.39 59.88
N LEU D 672 25.17 16.23 59.25
CA LEU D 672 25.09 16.23 57.80
C LEU D 672 26.43 16.62 57.17
N GLU D 673 27.09 17.63 57.74
CA GLU D 673 28.40 18.02 57.23
C GLU D 673 29.41 16.90 57.40
N PHE D 674 29.36 16.20 58.53
CA PHE D 674 30.27 15.07 58.75
C PHE D 674 30.04 13.99 57.70
N LEU D 675 28.78 13.65 57.45
CA LEU D 675 28.48 12.65 56.44
C LEU D 675 28.94 13.11 55.06
N ALA D 676 28.74 14.38 54.74
CA ALA D 676 29.15 14.89 53.44
C ALA D 676 30.66 14.81 53.27
N LYS D 677 31.42 15.17 54.31
CA LYS D 677 32.87 15.13 54.19
C LYS D 677 33.39 13.69 54.14
N MET D 678 32.75 12.78 54.88
CA MET D 678 33.18 11.39 54.85
C MET D 678 32.86 10.73 53.52
N THR D 679 31.72 11.08 52.91
CA THR D 679 31.32 10.52 51.63
C THR D 679 31.85 11.40 50.51
N ASN D 680 32.69 10.82 49.65
CA ASN D 680 33.31 11.55 48.55
C ASN D 680 32.82 11.07 47.19
N GLY D 681 32.93 9.78 46.90
CA GLY D 681 32.54 9.26 45.61
C GLY D 681 31.07 8.97 45.45
N PHE D 682 30.31 8.94 46.55
CA PHE D 682 28.89 8.63 46.44
C PHE D 682 28.18 9.71 45.63
N SER D 683 27.20 9.29 44.84
CA SER D 683 26.40 10.18 44.03
C SER D 683 25.02 10.36 44.65
N GLY D 684 24.16 11.11 43.95
CA GLY D 684 22.82 11.35 44.46
C GLY D 684 22.06 10.06 44.72
N ALA D 685 22.22 9.08 43.82
CA ALA D 685 21.54 7.80 44.01
C ALA D 685 22.00 7.12 45.29
N ASP D 686 23.31 7.11 45.55
CA ASP D 686 23.82 6.49 46.76
C ASP D 686 23.33 7.22 48.00
N LEU D 687 23.33 8.55 47.97
CA LEU D 687 22.85 9.30 49.14
C LEU D 687 21.38 9.03 49.40
N THR D 688 20.56 9.03 48.35
CA THR D 688 19.13 8.83 48.56
C THR D 688 18.83 7.41 49.01
N GLU D 689 19.57 6.42 48.50
CA GLU D 689 19.32 5.06 48.97
C GLU D 689 19.83 4.85 50.39
N ILE D 690 20.89 5.57 50.79
CA ILE D 690 21.32 5.52 52.19
C ILE D 690 20.21 6.08 53.07
N CYS D 691 19.64 7.21 52.68
CA CYS D 691 18.53 7.78 53.45
C CYS D 691 17.34 6.83 53.48
N GLN D 692 17.06 6.17 52.35
CA GLN D 692 15.97 5.20 52.31
C GLN D 692 16.21 4.05 53.27
N ARG D 693 17.43 3.52 53.30
CA ARG D 693 17.73 2.43 54.23
C ARG D 693 17.60 2.89 55.67
N ALA D 694 18.07 4.10 55.97
CA ALA D 694 17.94 4.61 57.33
C ALA D 694 16.48 4.71 57.74
N CYS D 695 15.64 5.26 56.86
CA CYS D 695 14.23 5.37 57.16
C CYS D 695 13.58 4.00 57.31
N LYS D 696 13.97 3.05 56.47
CA LYS D 696 13.40 1.71 56.55
C LYS D 696 13.75 1.06 57.89
N LEU D 697 14.99 1.21 58.33
CA LEU D 697 15.37 0.63 59.63
C LEU D 697 14.64 1.35 60.77
N ALA D 698 14.47 2.66 60.67
CA ALA D 698 13.75 3.39 61.71
C ALA D 698 12.32 2.89 61.81
N ILE D 699 11.64 2.73 60.67
CA ILE D 699 10.26 2.24 60.70
C ILE D 699 10.21 0.79 61.17
N ARG D 700 11.21 -0.02 60.82
CA ARG D 700 11.25 -1.39 61.31
C ARG D 700 11.30 -1.41 62.83
N GLU D 701 12.18 -0.60 63.42
CA GLU D 701 12.25 -0.51 64.87
C GLU D 701 10.93 0.00 65.45
N SER D 702 10.32 1.00 64.80
CA SER D 702 9.08 1.56 65.31
C SER D 702 7.99 0.50 65.35
N ILE D 703 7.84 -0.28 64.27
CA ILE D 703 6.79 -1.29 64.25
C ILE D 703 7.13 -2.41 65.23
N GLU D 704 8.41 -2.73 65.38
CA GLU D 704 8.79 -3.74 66.37
C GLU D 704 8.33 -3.31 67.76
N SER D 705 8.57 -2.04 68.11
CA SER D 705 8.09 -1.52 69.38
C SER D 705 6.58 -1.57 69.46
N GLU D 706 5.90 -1.22 68.37
CA GLU D 706 4.43 -1.21 68.38
C GLU D 706 3.88 -2.60 68.65
N ILE D 707 4.42 -3.61 67.98
CA ILE D 707 3.94 -4.98 68.19
C ILE D 707 4.30 -5.44 69.60
N ARG D 708 5.45 -5.02 70.12
CA ARG D 708 5.80 -5.37 71.50
C ARG D 708 4.78 -4.82 72.47
N ARG D 709 4.44 -3.54 72.35
CA ARG D 709 3.42 -2.96 73.24
C ARG D 709 2.08 -3.66 73.05
N GLU D 710 1.69 -3.94 71.81
CA GLU D 710 0.39 -4.57 71.59
C GLU D 710 0.34 -5.94 72.26
N ARG D 711 1.39 -6.75 72.07
CA ARG D 711 1.38 -8.10 72.63
C ARG D 711 1.44 -8.05 74.16
N GLU D 712 2.22 -7.14 74.74
CA GLU D 712 2.31 -7.10 76.19
C GLU D 712 1.04 -6.54 76.81
N ARG D 713 0.34 -5.63 76.12
CA ARG D 713 -0.93 -5.14 76.62
C ARG D 713 -2.02 -6.20 76.52
N GLN D 714 -2.04 -6.94 75.40
CA GLN D 714 -3.03 -7.99 75.20
C GLN D 714 -2.36 -9.35 75.09
N ASP D 726 4.37 7.35 70.02
CA ASP D 726 5.48 7.54 69.09
C ASP D 726 6.81 7.63 69.84
N PRO D 727 7.30 6.50 70.33
CA PRO D 727 8.59 6.50 71.04
C PRO D 727 9.75 6.96 70.17
N VAL D 728 9.64 6.87 68.85
CA VAL D 728 10.72 7.21 67.94
C VAL D 728 10.20 8.17 66.87
N PRO D 729 9.87 9.41 67.23
CA PRO D 729 9.36 10.36 66.23
C PRO D 729 10.43 10.92 65.30
N GLU D 730 11.71 10.75 65.64
CA GLU D 730 12.80 11.32 64.85
C GLU D 730 13.86 10.25 64.63
N ILE D 731 14.61 10.41 63.54
CA ILE D 731 15.69 9.48 63.21
C ILE D 731 16.92 9.85 64.04
N ARG D 732 17.47 8.86 64.73
CA ARG D 732 18.62 9.08 65.60
C ARG D 732 19.92 8.87 64.83
N ARG D 733 21.02 9.33 65.44
CA ARG D 733 22.32 9.20 64.81
C ARG D 733 22.75 7.74 64.65
N ASP D 734 22.25 6.85 65.51
CA ASP D 734 22.63 5.45 65.43
C ASP D 734 22.18 4.83 64.11
N HIS D 735 21.00 5.22 63.63
CA HIS D 735 20.51 4.69 62.36
C HIS D 735 21.48 5.01 61.23
N PHE D 736 21.89 6.28 61.13
CA PHE D 736 22.86 6.66 60.11
C PHE D 736 24.20 5.96 60.32
N GLU D 737 24.62 5.84 61.58
CA GLU D 737 25.90 5.21 61.87
C GLU D 737 25.93 3.77 61.36
N GLU D 738 24.88 3.02 61.63
CA GLU D 738 24.83 1.64 61.18
C GLU D 738 24.56 1.54 59.68
N ALA D 739 23.86 2.51 59.10
CA ALA D 739 23.55 2.45 57.68
C ALA D 739 24.78 2.73 56.82
N MET D 740 25.65 3.65 57.27
CA MET D 740 26.81 4.01 56.47
C MET D 740 27.93 2.99 56.56
N ARG D 741 27.75 1.91 57.31
CA ARG D 741 28.82 0.92 57.48
C ARG D 741 29.19 0.30 56.15
N PHE D 742 28.20 -0.07 55.34
CA PHE D 742 28.44 -0.83 54.11
C PHE D 742 28.05 -0.06 52.85
N ALA D 743 27.94 1.27 52.94
CA ALA D 743 27.60 2.05 51.76
C ALA D 743 28.61 1.80 50.65
N ARG D 744 28.10 1.58 49.44
CA ARG D 744 28.93 1.24 48.28
C ARG D 744 28.76 2.30 47.21
N ARG D 745 29.86 2.67 46.57
CA ARG D 745 29.82 3.62 45.47
C ARG D 745 29.24 2.95 44.23
N SER D 746 28.32 3.65 43.56
CA SER D 746 27.67 3.12 42.37
C SER D 746 28.39 3.49 41.09
N VAL D 747 29.45 4.28 41.16
CA VAL D 747 30.22 4.70 39.99
C VAL D 747 31.70 4.47 40.27
N SER D 748 32.38 3.83 39.33
CA SER D 748 33.81 3.57 39.47
C SER D 748 34.62 4.74 38.93
N ASP D 749 35.80 4.94 39.53
CA ASP D 749 36.65 6.04 39.11
C ASP D 749 37.05 5.90 37.64
N ASN D 750 37.31 4.67 37.20
CA ASN D 750 37.62 4.44 35.80
C ASN D 750 36.45 4.86 34.91
N ASP D 751 35.22 4.55 35.33
CA ASP D 751 34.05 4.99 34.58
C ASP D 751 33.97 6.52 34.54
N ILE D 752 34.25 7.17 35.66
CA ILE D 752 34.21 8.63 35.71
C ILE D 752 35.24 9.22 34.77
N ARG D 753 36.41 8.58 34.66
CA ARG D 753 37.51 9.16 33.90
C ARG D 753 37.12 9.44 32.45
N LYS D 754 36.22 8.64 31.89
CA LYS D 754 35.80 8.86 30.51
C LYS D 754 35.12 10.22 30.36
N TYR D 755 34.23 10.55 31.30
CA TYR D 755 33.54 11.83 31.23
C TYR D 755 34.50 13.00 31.44
N GLU D 756 35.49 12.82 32.33
CA GLU D 756 36.49 13.85 32.50
C GLU D 756 37.26 14.08 31.20
N MET D 757 37.64 13.01 30.52
CA MET D 757 38.33 13.14 29.24
C MET D 757 37.44 13.84 28.22
N PHE D 758 36.17 13.46 28.16
CA PHE D 758 35.26 14.07 27.19
C PHE D 758 35.11 15.57 27.47
N ALA D 759 34.99 15.96 28.74
CA ALA D 759 34.92 17.37 29.07
C ALA D 759 36.21 18.09 28.68
N GLN D 760 37.35 17.45 28.92
CA GLN D 760 38.63 18.09 28.62
C GLN D 760 38.79 18.34 27.13
N THR D 761 38.42 17.36 26.30
CA THR D 761 38.64 17.51 24.86
C THR D 761 37.82 18.69 24.30
N LEU D 762 36.60 18.87 24.79
CA LEU D 762 35.81 20.03 24.37
C LEU D 762 36.49 21.33 24.78
N GLN D 763 37.03 21.39 25.99
CA GLN D 763 37.67 22.62 26.46
C GLN D 763 38.91 22.97 25.65
N GLN D 764 39.49 22.01 24.93
CA GLN D 764 40.66 22.31 24.12
C GLN D 764 40.32 23.30 23.01
N SER D 765 39.16 23.14 22.38
CA SER D 765 38.73 24.02 21.31
C SER D 765 38.39 25.41 21.86
N GLY E 202 -30.21 -0.57 40.79
CA GLY E 202 -29.82 0.19 41.96
C GLY E 202 -28.30 0.27 42.12
N TYR E 203 -27.84 1.29 42.85
CA TYR E 203 -26.41 1.47 43.06
C TYR E 203 -25.82 0.41 44.00
N ASP E 204 -26.67 -0.24 44.79
CA ASP E 204 -26.18 -1.27 45.72
C ASP E 204 -25.63 -2.48 45.00
N ASP E 205 -25.88 -2.64 43.70
CA ASP E 205 -25.38 -3.77 42.94
C ASP E 205 -23.96 -3.58 42.45
N ILE E 206 -23.37 -2.41 42.66
CA ILE E 206 -22.02 -2.10 42.18
C ILE E 206 -21.15 -1.74 43.37
N GLY E 207 -19.93 -2.29 43.38
CA GLY E 207 -18.99 -2.01 44.44
C GLY E 207 -17.57 -2.05 43.94
N GLY E 208 -16.67 -1.51 44.76
CA GLY E 208 -15.26 -1.45 44.43
C GLY E 208 -14.84 -0.25 43.61
N CYS E 209 -15.78 0.61 43.23
CA CYS E 209 -15.49 1.79 42.43
C CYS E 209 -16.21 3.00 43.03
N ARG E 210 -16.04 3.18 44.34
CA ARG E 210 -16.81 4.22 45.06
C ARG E 210 -16.59 5.59 44.44
N LYS E 211 -15.33 5.99 44.26
CA LYS E 211 -15.05 7.35 43.81
C LYS E 211 -15.60 7.60 42.41
N GLN E 212 -15.28 6.73 41.46
CA GLN E 212 -15.75 6.92 40.09
C GLN E 212 -17.26 6.84 40.00
N LEU E 213 -17.86 5.87 40.71
CA LEU E 213 -19.31 5.71 40.68
C LEU E 213 -19.99 6.96 41.22
N ALA E 214 -19.50 7.48 42.34
CA ALA E 214 -20.09 8.69 42.92
C ALA E 214 -19.92 9.88 41.99
N GLN E 215 -18.73 10.02 41.38
CA GLN E 215 -18.49 11.14 40.48
C GLN E 215 -19.45 11.10 39.29
N ILE E 216 -19.59 9.93 38.67
CA ILE E 216 -20.51 9.80 37.54
C ILE E 216 -21.94 10.06 38.00
N LYS E 217 -22.31 9.51 39.15
CA LYS E 217 -23.67 9.71 39.66
C LYS E 217 -23.99 11.19 39.80
N GLU E 218 -23.10 11.94 40.46
CA GLU E 218 -23.37 13.36 40.65
C GLU E 218 -23.38 14.09 39.31
N MET E 219 -22.37 13.83 38.47
CA MET E 219 -22.26 14.55 37.20
C MET E 219 -23.43 14.29 36.28
N VAL E 220 -24.11 13.16 36.41
CA VAL E 220 -25.26 12.85 35.55
C VAL E 220 -26.59 13.11 36.22
N GLU E 221 -26.62 13.27 37.54
CA GLU E 221 -27.88 13.48 38.27
C GLU E 221 -28.13 14.94 38.60
N LEU E 222 -27.12 15.69 39.02
CA LEU E 222 -27.32 17.10 39.34
C LEU E 222 -27.97 17.88 38.20
N PRO E 223 -27.55 17.72 36.94
CA PRO E 223 -28.27 18.42 35.86
C PRO E 223 -29.73 18.04 35.78
N LEU E 224 -30.04 16.74 35.77
CA LEU E 224 -31.43 16.31 35.74
C LEU E 224 -32.17 16.75 37.00
N ARG E 225 -31.51 16.66 38.16
CA ARG E 225 -32.17 17.03 39.41
C ARG E 225 -32.56 18.50 39.40
N HIS E 226 -31.67 19.37 38.91
CA HIS E 226 -31.92 20.81 38.97
C HIS E 226 -31.10 21.52 37.89
N PRO E 227 -31.56 21.54 36.64
CA PRO E 227 -30.80 22.21 35.58
C PRO E 227 -30.91 23.72 35.60
N ALA E 228 -31.74 24.30 36.47
CA ALA E 228 -31.85 25.75 36.54
C ALA E 228 -30.54 26.39 37.01
N LEU E 229 -29.82 25.71 37.91
CA LEU E 229 -28.53 26.25 38.34
C LEU E 229 -27.56 26.34 37.17
N PHE E 230 -27.53 25.31 36.33
CA PHE E 230 -26.65 25.34 35.16
C PHE E 230 -27.11 26.39 34.17
N LYS E 231 -28.43 26.53 33.99
CA LYS E 231 -28.94 27.57 33.10
C LYS E 231 -28.53 28.95 33.57
N ALA E 232 -28.60 29.19 34.89
CA ALA E 232 -28.25 30.50 35.43
C ALA E 232 -26.75 30.75 35.34
N ILE E 233 -25.93 29.75 35.64
CA ILE E 233 -24.48 29.93 35.65
C ILE E 233 -23.84 29.75 34.29
N GLY E 234 -24.62 29.42 33.26
CA GLY E 234 -24.14 29.40 31.89
C GLY E 234 -23.05 28.39 31.59
N VAL E 235 -23.23 27.14 32.03
CA VAL E 235 -22.31 26.06 31.71
C VAL E 235 -23.13 24.91 31.14
N LYS E 236 -22.66 24.34 30.03
CA LYS E 236 -23.35 23.21 29.42
C LYS E 236 -22.91 21.92 30.10
N PRO E 237 -23.81 21.15 30.69
CA PRO E 237 -23.42 19.87 31.29
C PRO E 237 -22.82 18.95 30.24
N PRO E 238 -21.82 18.15 30.59
CA PRO E 238 -21.17 17.31 29.58
C PRO E 238 -22.15 16.33 28.95
N ARG E 239 -22.03 16.16 27.64
CA ARG E 239 -22.81 15.17 26.90
C ARG E 239 -21.95 14.01 26.41
N GLY E 240 -20.70 13.93 26.85
CA GLY E 240 -19.82 12.84 26.47
C GLY E 240 -19.03 12.29 27.63
N ILE E 241 -19.19 11.01 27.92
CA ILE E 241 -18.49 10.33 29.01
C ILE E 241 -17.94 9.02 28.46
N LEU E 242 -16.66 8.77 28.71
CA LEU E 242 -15.96 7.61 28.18
C LEU E 242 -15.47 6.75 29.33
N LEU E 243 -15.80 5.46 29.28
CA LEU E 243 -15.32 4.48 30.27
C LEU E 243 -14.31 3.56 29.59
N TYR E 244 -13.15 3.38 30.23
CA TYR E 244 -12.12 2.52 29.69
C TYR E 244 -11.47 1.74 30.83
N GLY E 245 -10.92 0.58 30.47
CA GLY E 245 -10.29 -0.29 31.43
C GLY E 245 -10.20 -1.71 30.92
N PRO E 246 -9.84 -2.64 31.81
CA PRO E 246 -9.79 -4.04 31.39
C PRO E 246 -11.17 -4.55 31.03
N PRO E 247 -11.26 -5.53 30.11
CA PRO E 247 -12.57 -6.00 29.69
C PRO E 247 -13.32 -6.66 30.82
N GLY E 248 -14.66 -6.57 30.77
CA GLY E 248 -15.50 -7.19 31.76
C GLY E 248 -15.26 -6.69 33.16
N THR E 249 -15.19 -5.36 33.32
CA THR E 249 -14.94 -4.75 34.63
C THR E 249 -16.21 -4.31 35.34
N GLY E 250 -17.24 -3.92 34.59
CA GLY E 250 -18.49 -3.49 35.20
C GLY E 250 -19.01 -2.17 34.66
N LYS E 251 -18.42 -1.68 33.57
CA LYS E 251 -18.91 -0.45 32.97
C LYS E 251 -20.35 -0.61 32.47
N THR E 252 -20.67 -1.75 31.87
CA THR E 252 -22.04 -2.00 31.44
C THR E 252 -22.98 -2.05 32.63
N LEU E 253 -22.55 -2.64 33.74
CA LEU E 253 -23.38 -2.68 34.94
C LEU E 253 -23.62 -1.27 35.48
N ILE E 254 -22.58 -0.43 35.47
CA ILE E 254 -22.74 0.95 35.90
C ILE E 254 -23.74 1.67 35.01
N ALA E 255 -23.64 1.46 33.69
CA ALA E 255 -24.57 2.08 32.77
C ALA E 255 -26.00 1.63 33.05
N ARG E 256 -26.20 0.33 33.25
CA ARG E 256 -27.54 -0.18 33.53
C ARG E 256 -28.09 0.41 34.81
N ALA E 257 -27.26 0.52 35.85
CA ALA E 257 -27.72 1.09 37.12
C ALA E 257 -28.09 2.55 36.97
N VAL E 258 -27.21 3.35 36.34
CA VAL E 258 -27.49 4.78 36.22
C VAL E 258 -28.70 5.01 35.32
N ALA E 259 -28.97 4.09 34.39
CA ALA E 259 -30.18 4.22 33.58
C ALA E 259 -31.41 3.84 34.39
N ASN E 260 -31.33 2.77 35.17
CA ASN E 260 -32.49 2.33 35.94
C ASN E 260 -32.89 3.38 36.97
N GLU E 261 -31.92 3.99 37.64
CA GLU E 261 -32.26 4.98 38.66
C GLU E 261 -32.97 6.17 38.04
N THR E 262 -32.52 6.62 36.87
CA THR E 262 -33.21 7.67 36.14
C THR E 262 -34.38 7.16 35.31
N GLY E 263 -34.31 5.90 34.86
CA GLY E 263 -35.36 5.36 34.02
C GLY E 263 -35.51 6.09 32.70
N ALA E 264 -34.40 6.54 32.14
CA ALA E 264 -34.43 7.31 30.89
C ALA E 264 -34.25 6.43 29.67
N PHE E 265 -35.05 5.37 29.58
CA PHE E 265 -35.15 4.54 28.37
C PHE E 265 -33.77 4.18 27.82
N PHE E 266 -33.04 3.40 28.61
CA PHE E 266 -31.69 2.98 28.24
C PHE E 266 -31.66 2.43 26.82
N PHE E 267 -30.51 2.57 26.17
CA PHE E 267 -30.25 2.01 24.86
C PHE E 267 -28.91 1.30 24.86
N LEU E 268 -28.82 0.23 24.08
CA LEU E 268 -27.60 -0.54 23.94
C LEU E 268 -27.27 -0.71 22.46
N ILE E 269 -26.07 -0.32 22.07
CA ILE E 269 -25.58 -0.48 20.71
C ILE E 269 -24.34 -1.34 20.76
N ASN E 270 -24.39 -2.51 20.12
CA ASN E 270 -23.24 -3.40 20.09
C ASN E 270 -22.19 -2.86 19.12
N GLY E 271 -20.94 -3.24 19.38
CA GLY E 271 -19.84 -2.80 18.56
C GLY E 271 -19.89 -3.40 17.16
N PRO E 272 -19.75 -4.72 17.06
CA PRO E 272 -19.71 -5.40 15.75
C PRO E 272 -21.08 -5.77 15.21
N GLU E 273 -22.00 -4.80 15.19
CA GLU E 273 -23.29 -4.98 14.52
C GLU E 273 -23.56 -3.81 13.59
N ILE E 274 -22.97 -2.65 13.89
CA ILE E 274 -23.12 -1.49 13.02
C ILE E 274 -22.49 -1.75 11.66
N MET E 275 -21.27 -2.31 11.65
CA MET E 275 -20.59 -2.56 10.40
C MET E 275 -21.31 -3.64 9.59
N SER E 276 -21.35 -3.46 8.28
CA SER E 276 -22.01 -4.41 7.39
C SER E 276 -21.38 -4.31 6.01
N LYS E 277 -21.59 -5.36 5.21
CA LYS E 277 -21.03 -5.37 3.86
C LYS E 277 -21.59 -4.24 3.01
N LEU E 278 -22.90 -4.01 3.09
CA LEU E 278 -23.52 -2.97 2.29
C LEU E 278 -23.03 -1.60 2.73
N ALA E 279 -22.83 -0.71 1.76
CA ALA E 279 -22.35 0.64 2.03
C ALA E 279 -23.54 1.57 2.22
N GLY E 280 -23.59 2.25 3.37
CA GLY E 280 -24.64 3.19 3.69
C GLY E 280 -25.69 2.67 4.64
N GLU E 281 -25.76 1.36 4.85
CA GLU E 281 -26.75 0.82 5.78
C GLU E 281 -26.40 1.16 7.22
N SER E 282 -25.12 1.06 7.58
CA SER E 282 -24.72 1.34 8.96
C SER E 282 -24.99 2.80 9.34
N GLU E 283 -24.73 3.72 8.41
CA GLU E 283 -24.96 5.12 8.70
C GLU E 283 -26.43 5.40 8.96
N SER E 284 -27.31 4.82 8.12
CA SER E 284 -28.74 4.97 8.35
C SER E 284 -29.15 4.32 9.67
N ASN E 285 -28.53 3.18 10.01
CA ASN E 285 -28.84 2.53 11.28
C ASN E 285 -28.53 3.45 12.46
N LEU E 286 -27.34 4.05 12.45
CA LEU E 286 -26.99 4.97 13.53
C LEU E 286 -27.91 6.17 13.55
N ARG E 287 -28.23 6.73 12.38
CA ARG E 287 -29.10 7.90 12.34
C ARG E 287 -30.46 7.57 12.94
N LYS E 288 -31.03 6.43 12.56
CA LYS E 288 -32.32 6.03 13.10
C LYS E 288 -32.23 5.80 14.60
N ALA E 289 -31.18 5.14 15.06
CA ALA E 289 -31.04 4.88 16.50
C ALA E 289 -30.97 6.18 17.28
N PHE E 290 -30.12 7.11 16.84
CA PHE E 290 -29.99 8.38 17.55
C PHE E 290 -31.30 9.17 17.50
N GLU E 291 -31.96 9.19 16.35
CA GLU E 291 -33.21 9.93 16.23
C GLU E 291 -34.27 9.38 17.17
N GLU E 292 -34.43 8.06 17.20
CA GLU E 292 -35.44 7.45 18.06
C GLU E 292 -35.09 7.65 19.54
N ALA E 293 -33.80 7.57 19.88
CA ALA E 293 -33.40 7.79 21.26
C ALA E 293 -33.69 9.22 21.70
N GLU E 294 -33.37 10.20 20.85
CA GLU E 294 -33.51 11.59 21.24
C GLU E 294 -34.97 12.04 21.25
N LYS E 295 -35.75 11.66 20.24
CA LYS E 295 -37.10 12.20 20.11
C LYS E 295 -37.99 11.78 21.27
N ASN E 296 -37.89 10.51 21.69
CA ASN E 296 -38.83 10.00 22.70
C ASN E 296 -38.67 10.74 24.02
N ALA E 297 -37.43 10.96 24.46
CA ALA E 297 -37.17 11.58 25.75
C ALA E 297 -35.67 11.79 25.93
N PRO E 298 -35.24 12.60 26.92
CA PRO E 298 -33.80 12.74 27.15
C PRO E 298 -33.20 11.46 27.70
N ALA E 299 -33.05 10.47 26.82
CA ALA E 299 -32.62 9.13 27.22
C ALA E 299 -31.10 9.07 27.34
N ILE E 300 -30.60 7.87 27.60
CA ILE E 300 -29.17 7.60 27.70
C ILE E 300 -28.83 6.56 26.65
N ILE E 301 -27.83 6.87 25.82
CA ILE E 301 -27.37 5.97 24.77
C ILE E 301 -25.98 5.47 25.16
N PHE E 302 -25.83 4.16 25.22
CA PHE E 302 -24.56 3.54 25.57
C PHE E 302 -24.04 2.75 24.36
N ILE E 303 -22.82 3.05 23.94
CA ILE E 303 -22.18 2.38 22.81
C ILE E 303 -21.03 1.55 23.36
N ASP E 304 -21.00 0.27 23.02
CA ASP E 304 -20.02 -0.67 23.54
C ASP E 304 -19.00 -0.99 22.46
N GLU E 305 -17.72 -0.95 22.83
CA GLU E 305 -16.62 -1.31 21.95
C GLU E 305 -16.60 -0.41 20.71
N LEU E 306 -16.49 0.89 20.95
CA LEU E 306 -16.36 1.86 19.86
C LEU E 306 -14.97 1.83 19.24
N ASP E 307 -14.02 1.11 19.84
CA ASP E 307 -12.69 1.02 19.26
C ASP E 307 -12.72 0.38 17.87
N ALA E 308 -13.53 -0.67 17.72
CA ALA E 308 -13.62 -1.35 16.43
C ALA E 308 -14.18 -0.46 15.34
N ILE E 309 -14.96 0.56 15.70
CA ILE E 309 -15.61 1.43 14.72
C ILE E 309 -14.97 2.80 14.65
N ALA E 310 -13.96 3.08 15.47
CA ALA E 310 -13.22 4.34 15.42
C ALA E 310 -11.73 4.06 15.45
N PRO E 311 -11.18 3.45 14.37
CA PRO E 311 -9.76 3.11 14.32
C PRO E 311 -8.88 4.23 13.74
N LYS E 312 -9.03 5.44 14.27
CA LYS E 312 -8.24 6.62 13.93
C LYS E 312 -8.57 7.19 12.55
N ARG E 313 -9.43 6.54 11.77
CA ARG E 313 -9.94 7.11 10.52
C ARG E 313 -8.88 7.14 9.42
N GLU E 314 -7.64 6.79 9.74
CA GLU E 314 -6.57 6.85 8.74
C GLU E 314 -5.83 5.52 8.59
N LYS E 315 -5.57 4.80 9.68
CA LYS E 315 -4.79 3.58 9.59
C LYS E 315 -5.52 2.51 8.79
N THR E 316 -6.83 2.38 8.99
CA THR E 316 -7.60 1.37 8.27
C THR E 316 -7.77 1.78 6.82
N HIS E 317 -7.25 0.96 5.90
CA HIS E 317 -7.35 1.27 4.49
C HIS E 317 -8.78 1.24 3.99
N GLY E 318 -9.67 0.53 4.69
CA GLY E 318 -11.05 0.43 4.29
C GLY E 318 -11.74 1.78 4.28
N GLU E 319 -12.90 1.80 3.61
CA GLU E 319 -13.68 3.01 3.47
C GLU E 319 -14.89 3.03 4.40
N VAL E 320 -15.43 1.87 4.75
CA VAL E 320 -16.54 1.83 5.69
C VAL E 320 -16.12 2.40 7.04
N GLU E 321 -14.88 2.15 7.45
CA GLU E 321 -14.38 2.69 8.71
C GLU E 321 -14.36 4.21 8.68
N ARG E 322 -13.85 4.78 7.58
CA ARG E 322 -13.84 6.24 7.46
C ARG E 322 -15.26 6.79 7.46
N ARG E 323 -16.16 6.14 6.74
CA ARG E 323 -17.55 6.62 6.70
C ARG E 323 -18.16 6.61 8.09
N ILE E 324 -18.01 5.50 8.82
CA ILE E 324 -18.63 5.37 10.12
C ILE E 324 -18.06 6.38 11.10
N VAL E 325 -16.73 6.55 11.11
CA VAL E 325 -16.14 7.49 12.06
C VAL E 325 -16.55 8.92 11.73
N SER E 326 -16.53 9.29 10.44
CA SER E 326 -16.93 10.65 10.07
C SER E 326 -18.38 10.91 10.44
N GLN E 327 -19.26 9.94 10.20
CA GLN E 327 -20.66 10.10 10.59
C GLN E 327 -20.79 10.26 12.09
N LEU E 328 -20.03 9.49 12.86
CA LEU E 328 -20.09 9.61 14.32
C LEU E 328 -19.68 11.01 14.77
N LEU E 329 -18.56 11.51 14.22
CA LEU E 329 -18.13 12.86 14.58
C LEU E 329 -19.19 13.90 14.23
N THR E 330 -19.68 13.88 13.00
CA THR E 330 -20.62 14.91 12.59
C THR E 330 -21.94 14.80 13.33
N LEU E 331 -22.31 13.59 13.77
CA LEU E 331 -23.56 13.43 14.51
C LEU E 331 -23.42 13.90 15.95
N MET E 332 -22.28 13.63 16.59
CA MET E 332 -22.08 14.12 17.95
C MET E 332 -21.87 15.63 17.97
N ASP E 333 -21.29 16.19 16.92
CA ASP E 333 -21.11 17.64 16.82
C ASP E 333 -21.36 18.14 15.40
N ALA E 339 -28.75 18.86 21.86
CA ALA E 339 -29.90 18.75 22.76
C ALA E 339 -29.47 18.16 24.10
N HIS E 340 -30.45 17.83 24.94
CA HIS E 340 -30.19 17.26 26.26
C HIS E 340 -30.16 15.74 26.15
N VAL E 341 -29.03 15.23 25.67
CA VAL E 341 -28.80 13.80 25.54
C VAL E 341 -27.38 13.50 25.96
N ILE E 342 -27.18 12.36 26.63
CA ILE E 342 -25.87 11.92 27.10
C ILE E 342 -25.54 10.59 26.43
N VAL E 343 -24.35 10.51 25.84
CA VAL E 343 -23.89 9.30 25.17
C VAL E 343 -22.72 8.74 25.97
N MET E 344 -22.80 7.44 26.28
CA MET E 344 -21.78 6.75 27.07
C MET E 344 -21.04 5.79 26.17
N ALA E 345 -19.71 5.82 26.23
CA ALA E 345 -18.85 4.97 25.42
C ALA E 345 -18.04 4.04 26.31
N ALA E 346 -17.80 2.83 25.81
CA ALA E 346 -17.02 1.83 26.52
C ALA E 346 -15.96 1.25 25.59
N THR E 347 -14.78 0.99 26.13
CA THR E 347 -13.70 0.43 25.35
C THR E 347 -12.72 -0.26 26.29
N ASN E 348 -11.94 -1.18 25.73
CA ASN E 348 -10.88 -1.84 26.48
C ASN E 348 -9.59 -1.02 26.51
N ARG E 349 -9.46 -0.01 25.65
CA ARG E 349 -8.30 0.85 25.63
C ARG E 349 -8.59 2.11 24.83
N PRO E 350 -8.34 3.30 25.35
CA PRO E 350 -8.59 4.52 24.58
C PRO E 350 -7.39 5.04 23.80
N ASN E 351 -6.25 4.35 23.85
CA ASN E 351 -5.06 4.84 23.13
C ASN E 351 -5.31 4.89 21.63
N SER E 352 -5.96 3.86 21.08
CA SER E 352 -6.23 3.78 19.65
C SER E 352 -7.62 4.32 19.33
N ILE E 353 -7.82 5.60 19.63
CA ILE E 353 -9.06 6.31 19.33
C ILE E 353 -8.70 7.61 18.64
N ASP E 354 -9.58 8.05 17.76
CA ASP E 354 -9.30 9.24 16.97
C ASP E 354 -9.17 10.46 17.88
N PRO E 355 -8.12 11.28 17.72
CA PRO E 355 -8.02 12.48 18.56
C PRO E 355 -9.19 13.42 18.38
N ALA E 356 -9.73 13.53 17.16
CA ALA E 356 -10.90 14.36 16.95
C ALA E 356 -12.08 13.86 17.75
N LEU E 357 -12.27 12.54 17.80
CA LEU E 357 -13.34 11.98 18.61
C LEU E 357 -13.08 12.22 20.10
N ARG E 358 -11.83 12.11 20.53
CA ARG E 358 -11.50 12.34 21.93
C ARG E 358 -11.54 13.81 22.33
N ARG E 359 -11.62 14.72 21.36
CA ARG E 359 -11.67 16.13 21.65
C ARG E 359 -12.91 16.47 22.49
N PHE E 360 -12.82 17.57 23.23
CA PHE E 360 -13.95 18.04 24.03
C PHE E 360 -15.20 18.16 23.16
N GLY E 361 -16.36 17.99 23.80
CA GLY E 361 -17.64 18.10 23.17
C GLY E 361 -18.21 16.78 22.70
N ARG E 362 -17.36 15.79 22.46
CA ARG E 362 -17.79 14.45 22.06
C ARG E 362 -17.44 13.42 23.12
N PHE E 363 -16.17 13.33 23.49
CA PHE E 363 -15.71 12.47 24.59
C PHE E 363 -14.58 13.23 25.29
N ASP E 364 -14.93 14.00 26.31
CA ASP E 364 -13.97 14.91 26.94
C ASP E 364 -13.24 14.26 28.10
N ARG E 365 -13.97 13.66 29.03
CA ARG E 365 -13.41 13.11 30.25
C ARG E 365 -13.39 11.59 30.17
N GLU E 366 -12.26 11.00 30.52
CA GLU E 366 -12.10 9.55 30.54
C GLU E 366 -11.92 9.10 31.99
N VAL E 367 -12.76 8.15 32.42
CA VAL E 367 -12.75 7.64 33.78
C VAL E 367 -12.30 6.19 33.73
N ASP E 368 -11.29 5.85 34.53
CA ASP E 368 -10.77 4.49 34.56
C ASP E 368 -11.60 3.62 35.51
N ILE E 369 -11.73 2.35 35.16
CA ILE E 369 -12.44 1.39 36.00
C ILE E 369 -11.65 0.08 36.05
N PRO E 372 -9.76 -3.94 40.54
CA PRO E 372 -10.35 -3.94 41.88
C PRO E 372 -9.38 -4.47 42.93
N ASP E 373 -9.18 -3.70 44.00
CA ASP E 373 -8.26 -4.08 45.07
C ASP E 373 -8.94 -5.09 46.00
N ALA E 374 -8.28 -5.42 47.11
CA ALA E 374 -8.81 -6.44 48.02
C ALA E 374 -10.15 -6.02 48.60
N THR E 375 -10.24 -4.78 49.09
CA THR E 375 -11.49 -4.31 49.66
C THR E 375 -12.59 -4.26 48.60
N GLY E 376 -12.24 -3.87 47.38
CA GLY E 376 -13.22 -3.87 46.31
C GLY E 376 -13.74 -5.27 46.00
N ARG E 377 -12.85 -6.25 45.93
CA ARG E 377 -13.28 -7.62 45.69
C ARG E 377 -14.15 -8.12 46.82
N LEU E 378 -13.79 -7.81 48.06
CA LEU E 378 -14.60 -8.19 49.21
C LEU E 378 -16.00 -7.60 49.11
N GLU E 379 -16.07 -6.30 48.78
CA GLU E 379 -17.37 -5.65 48.67
C GLU E 379 -18.20 -6.25 47.55
N ILE E 380 -17.58 -6.53 46.41
CA ILE E 380 -18.32 -7.10 45.29
C ILE E 380 -18.87 -8.47 45.66
N LEU E 381 -18.05 -9.31 46.29
CA LEU E 381 -18.51 -10.63 46.68
C LEU E 381 -19.64 -10.54 47.71
N GLN E 382 -19.51 -9.64 48.68
CA GLN E 382 -20.57 -9.47 49.67
C GLN E 382 -21.86 -9.02 49.01
N ILE E 383 -21.78 -8.06 48.09
CA ILE E 383 -22.98 -7.57 47.42
C ILE E 383 -23.64 -8.69 46.64
N HIS E 384 -22.84 -9.46 45.89
CA HIS E 384 -23.43 -10.50 45.06
C HIS E 384 -24.03 -11.61 45.90
N THR E 385 -23.36 -11.99 47.00
CA THR E 385 -23.85 -13.10 47.81
C THR E 385 -25.03 -12.70 48.70
N LYS E 386 -25.14 -11.42 49.06
CA LYS E 386 -26.20 -10.99 49.96
C LYS E 386 -27.59 -11.23 49.37
N ASN E 387 -27.70 -11.37 48.05
CA ASN E 387 -29.01 -11.56 47.44
C ASN E 387 -29.66 -12.85 47.91
N MET E 388 -28.89 -13.92 48.02
CA MET E 388 -29.40 -15.23 48.41
C MET E 388 -28.63 -15.73 49.63
N LYS E 389 -29.36 -16.30 50.59
CA LYS E 389 -28.72 -16.88 51.76
C LYS E 389 -27.82 -18.03 51.34
N LEU E 390 -26.63 -18.08 51.95
CA LEU E 390 -25.63 -19.09 51.61
C LEU E 390 -25.30 -20.00 52.77
N ALA E 391 -24.96 -19.46 53.94
CA ALA E 391 -24.62 -20.26 55.10
C ALA E 391 -24.49 -19.32 56.29
N ASP E 392 -24.09 -19.90 57.43
CA ASP E 392 -23.89 -19.14 58.66
C ASP E 392 -22.43 -19.08 59.11
N ASP E 393 -21.54 -19.80 58.44
CA ASP E 393 -20.12 -19.87 58.82
C ASP E 393 -19.25 -19.50 57.62
N VAL E 394 -19.62 -18.41 56.94
CA VAL E 394 -18.93 -17.95 55.74
C VAL E 394 -18.29 -16.61 56.04
N ASP E 395 -16.99 -16.51 55.82
CA ASP E 395 -16.26 -15.24 55.93
C ASP E 395 -15.70 -14.90 54.56
N LEU E 396 -16.02 -13.70 54.07
CA LEU E 396 -15.62 -13.30 52.73
C LEU E 396 -14.19 -12.75 52.68
N GLU E 397 -13.55 -12.53 53.83
CA GLU E 397 -12.20 -11.99 53.82
C GLU E 397 -11.23 -12.95 53.16
N GLN E 398 -11.36 -14.25 53.41
CA GLN E 398 -10.41 -15.21 52.86
C GLN E 398 -10.63 -15.40 51.37
N VAL E 399 -11.89 -15.38 50.90
CA VAL E 399 -12.12 -15.43 49.46
C VAL E 399 -11.57 -14.19 48.79
N ALA E 400 -11.71 -13.02 49.43
CA ALA E 400 -11.13 -11.81 48.88
C ALA E 400 -9.61 -11.92 48.81
N ASN E 401 -8.99 -12.47 49.85
CA ASN E 401 -7.53 -12.62 49.85
C ASN E 401 -7.07 -13.56 48.75
N GLU E 402 -7.77 -14.69 48.56
CA GLU E 402 -7.37 -15.66 47.56
C GLU E 402 -7.82 -15.29 46.15
N THR E 403 -8.66 -14.26 46.01
CA THR E 403 -9.15 -13.80 44.71
C THR E 403 -8.18 -12.74 44.19
N HIS E 404 -7.35 -13.11 43.22
CA HIS E 404 -6.32 -12.22 42.70
C HIS E 404 -6.54 -11.85 41.24
N GLY E 405 -6.64 -12.84 40.35
CA GLY E 405 -6.77 -12.58 38.94
C GLY E 405 -8.17 -12.22 38.48
N HIS E 406 -9.17 -12.43 39.31
CA HIS E 406 -10.54 -12.11 38.93
C HIS E 406 -10.72 -10.61 38.77
N VAL E 407 -11.53 -10.21 37.79
CA VAL E 407 -11.71 -8.81 37.45
C VAL E 407 -13.01 -8.24 38.01
N GLY E 408 -13.75 -9.01 38.79
CA GLY E 408 -14.98 -8.55 39.40
C GLY E 408 -16.23 -8.93 38.63
N ALA E 409 -16.12 -9.28 37.36
CA ALA E 409 -17.26 -9.74 36.58
C ALA E 409 -17.46 -11.24 36.67
N ASP E 410 -16.37 -12.00 36.75
CA ASP E 410 -16.48 -13.45 36.87
C ASP E 410 -16.76 -13.90 38.31
N LEU E 411 -16.70 -13.00 39.28
CA LEU E 411 -17.03 -13.38 40.65
C LEU E 411 -18.47 -13.85 40.74
N ALA E 412 -19.39 -13.16 40.05
CA ALA E 412 -20.77 -13.61 40.02
C ALA E 412 -20.87 -15.01 39.45
N ALA E 413 -20.10 -15.30 38.39
CA ALA E 413 -20.06 -16.66 37.85
C ALA E 413 -19.51 -17.63 38.88
N LEU E 414 -18.46 -17.24 39.59
CA LEU E 414 -17.88 -18.11 40.62
C LEU E 414 -18.90 -18.44 41.69
N CYS E 415 -19.63 -17.42 42.17
CA CYS E 415 -20.65 -17.66 43.19
C CYS E 415 -21.77 -18.54 42.65
N SER E 416 -22.18 -18.29 41.40
CA SER E 416 -23.22 -19.13 40.80
C SER E 416 -22.78 -20.57 40.71
N GLU E 417 -21.51 -20.80 40.35
CA GLU E 417 -20.98 -22.16 40.32
C GLU E 417 -21.01 -22.79 41.71
N ALA E 418 -20.67 -22.01 42.73
CA ALA E 418 -20.73 -22.53 44.10
C ALA E 418 -22.15 -22.93 44.47
N ALA E 419 -23.13 -22.11 44.09
CA ALA E 419 -24.53 -22.47 44.34
C ALA E 419 -24.90 -23.75 43.61
N LEU E 420 -24.42 -23.91 42.37
CA LEU E 420 -24.71 -25.12 41.62
C LEU E 420 -24.14 -26.35 42.33
N GLN E 421 -22.91 -26.25 42.84
CA GLN E 421 -22.31 -27.37 43.56
C GLN E 421 -23.11 -27.71 44.80
N ALA E 422 -23.54 -26.69 45.56
CA ALA E 422 -24.32 -26.95 46.76
C ALA E 422 -25.63 -27.64 46.41
N ILE E 423 -26.30 -27.19 45.36
CA ILE E 423 -27.52 -27.87 44.89
C ILE E 423 -27.18 -29.28 44.42
N ARG E 424 -26.07 -29.43 43.68
CA ARG E 424 -25.67 -30.74 43.21
C ARG E 424 -25.36 -31.68 44.38
N LYS E 425 -24.93 -31.13 45.52
CA LYS E 425 -24.64 -31.97 46.68
C LYS E 425 -25.89 -32.72 47.15
N LYS E 426 -27.07 -32.17 46.88
CA LYS E 426 -28.33 -32.77 47.30
C LYS E 426 -28.95 -33.63 46.21
N MET E 427 -28.12 -34.22 45.35
CA MET E 427 -28.64 -35.08 44.29
C MET E 427 -29.31 -36.33 44.84
N ASP E 428 -28.99 -36.71 46.09
CA ASP E 428 -29.59 -37.91 46.66
C ASP E 428 -31.11 -37.77 46.77
N LEU E 429 -31.57 -36.60 47.21
CA LEU E 429 -33.01 -36.35 47.34
C LEU E 429 -33.60 -35.83 46.04
N ALA E 446 -27.31 -25.21 52.89
CA ALA E 446 -26.30 -24.16 52.93
C ALA E 446 -25.07 -24.57 52.12
N VAL E 447 -24.17 -23.62 51.89
CA VAL E 447 -22.96 -23.85 51.12
C VAL E 447 -21.78 -23.93 52.08
N THR E 448 -20.94 -24.94 51.89
CA THR E 448 -19.78 -25.16 52.74
C THR E 448 -18.51 -24.65 52.05
N MET E 449 -17.44 -24.60 52.83
CA MET E 449 -16.16 -24.13 52.29
C MET E 449 -15.67 -25.03 51.16
N ASP E 450 -16.08 -26.30 51.17
CA ASP E 450 -15.64 -27.22 50.12
C ASP E 450 -16.13 -26.76 48.75
N ASP E 451 -17.39 -26.31 48.67
CA ASP E 451 -17.90 -25.82 47.39
C ASP E 451 -17.12 -24.61 46.89
N PHE E 452 -16.81 -23.68 47.80
CA PHE E 452 -16.03 -22.50 47.41
C PHE E 452 -14.64 -22.90 46.94
N ARG E 453 -14.00 -23.83 47.66
CA ARG E 453 -12.66 -24.28 47.25
C ARG E 453 -12.72 -24.95 45.88
N TRP E 454 -13.72 -25.78 45.64
CA TRP E 454 -13.87 -26.40 44.33
C TRP E 454 -14.07 -25.35 43.25
N ALA E 455 -14.90 -24.35 43.52
CA ALA E 455 -15.12 -23.28 42.54
C ALA E 455 -13.82 -22.55 42.24
N LEU E 456 -13.01 -22.29 43.28
CA LEU E 456 -11.70 -21.70 43.05
C LEU E 456 -10.83 -22.59 42.18
N SER E 457 -10.90 -23.91 42.39
CA SER E 457 -10.14 -24.87 41.61
C SER E 457 -10.78 -25.16 40.26
N GLN E 458 -11.99 -24.68 40.01
CA GLN E 458 -12.65 -24.92 38.73
C GLN E 458 -12.07 -24.02 37.64
N TRP E 476 6.18 -21.35 53.16
CA TRP E 476 7.63 -21.31 53.05
C TRP E 476 8.25 -22.62 53.53
N GLU E 477 7.41 -23.61 53.82
CA GLU E 477 7.91 -24.91 54.26
C GLU E 477 8.82 -25.54 53.22
N ASP E 478 8.70 -25.15 51.95
CA ASP E 478 9.58 -25.64 50.90
C ASP E 478 10.93 -24.94 50.89
N ILE E 479 11.11 -23.92 51.72
CA ILE E 479 12.35 -23.16 51.79
C ILE E 479 13.03 -23.46 53.11
N GLY E 480 14.29 -23.82 53.06
CA GLY E 480 15.08 -24.13 54.26
C GLY E 480 16.14 -23.07 54.49
N GLY E 481 16.28 -22.66 55.74
CA GLY E 481 17.29 -21.69 56.09
C GLY E 481 17.02 -20.35 55.43
N LEU E 482 18.11 -19.59 55.19
CA LEU E 482 18.02 -18.29 54.53
C LEU E 482 17.09 -17.36 55.29
N GLU E 483 17.16 -17.42 56.63
CA GLU E 483 16.22 -16.66 57.45
C GLU E 483 16.41 -15.16 57.29
N ASP E 484 17.67 -14.71 57.19
CA ASP E 484 17.92 -13.27 57.10
C ASP E 484 17.32 -12.69 55.84
N VAL E 485 17.62 -13.29 54.69
CA VAL E 485 17.07 -12.79 53.43
C VAL E 485 15.55 -12.97 53.42
N LYS E 486 15.06 -14.07 54.01
CA LYS E 486 13.63 -14.29 54.10
C LYS E 486 12.94 -13.11 54.80
N ARG E 487 13.44 -12.74 55.98
CA ARG E 487 12.81 -11.67 56.74
C ARG E 487 12.98 -10.32 56.06
N GLU E 488 14.15 -10.07 55.45
CA GLU E 488 14.36 -8.81 54.76
C GLU E 488 13.38 -8.68 53.59
N LEU E 489 13.23 -9.73 52.80
CA LEU E 489 12.32 -9.69 51.67
C LEU E 489 10.87 -9.57 52.13
N GLN E 490 10.52 -10.23 53.23
CA GLN E 490 9.18 -10.08 53.78
C GLN E 490 8.92 -8.63 54.18
N GLU E 491 9.89 -8.02 54.87
CA GLU E 491 9.80 -6.59 55.17
C GLU E 491 9.51 -5.79 53.91
N LEU E 492 10.38 -5.93 52.90
CA LEU E 492 10.28 -5.11 51.70
C LEU E 492 8.94 -5.30 50.99
N VAL E 493 8.49 -6.54 50.86
CA VAL E 493 7.25 -6.80 50.13
C VAL E 493 6.04 -6.31 50.92
N GLN E 494 6.01 -6.57 52.22
CA GLN E 494 4.80 -6.35 53.00
C GLN E 494 4.63 -4.88 53.36
N TYR E 495 5.64 -4.29 54.00
CA TYR E 495 5.40 -3.02 54.68
C TYR E 495 4.94 -1.91 53.75
N PRO E 496 5.47 -1.75 52.53
CA PRO E 496 4.89 -0.74 51.63
C PRO E 496 3.40 -0.92 51.40
N VAL E 497 2.93 -2.17 51.33
CA VAL E 497 1.50 -2.43 51.16
C VAL E 497 0.79 -2.62 52.49
N GLU E 498 1.53 -2.75 53.59
CA GLU E 498 0.92 -2.98 54.90
C GLU E 498 0.64 -1.66 55.64
N HIS E 499 1.63 -0.79 55.72
CA HIS E 499 1.51 0.48 56.45
C HIS E 499 2.05 1.62 55.61
N PRO E 500 1.35 2.00 54.53
CA PRO E 500 1.73 3.22 53.82
C PRO E 500 1.58 4.47 54.66
N ASP E 501 0.76 4.42 55.72
CA ASP E 501 0.58 5.59 56.57
C ASP E 501 1.89 6.00 57.22
N LYS E 502 2.65 5.05 57.73
CA LYS E 502 3.93 5.38 58.36
C LYS E 502 4.92 5.95 57.35
N PHE E 503 4.97 5.39 56.15
CA PHE E 503 5.85 5.93 55.12
C PHE E 503 5.49 7.37 54.77
N LEU E 504 4.20 7.63 54.54
CA LEU E 504 3.81 9.01 54.22
C LEU E 504 3.99 9.94 55.40
N LYS E 505 3.96 9.40 56.63
CA LYS E 505 4.23 10.22 57.80
C LYS E 505 5.71 10.61 57.84
N PHE E 506 6.60 9.65 57.65
CA PHE E 506 8.03 9.95 57.59
C PHE E 506 8.36 10.83 56.39
N GLY E 507 7.54 10.82 55.35
CA GLY E 507 7.70 11.73 54.24
C GLY E 507 8.68 11.26 53.18
N MET E 508 8.43 10.08 52.61
CA MET E 508 9.25 9.57 51.52
C MET E 508 8.60 8.29 51.00
N THR E 509 9.22 7.72 49.98
CA THR E 509 8.69 6.55 49.29
C THR E 509 9.67 5.39 49.36
N PRO E 510 9.20 4.17 49.63
CA PRO E 510 10.12 3.03 49.75
C PRO E 510 10.73 2.66 48.41
N SER E 511 11.89 2.01 48.50
CA SER E 511 12.59 1.52 47.32
C SER E 511 11.97 0.22 46.83
N LYS E 512 12.30 -0.13 45.57
CA LYS E 512 11.71 -1.30 44.93
C LYS E 512 12.75 -2.10 44.16
N GLY E 513 13.99 -2.12 44.63
CA GLY E 513 15.08 -2.81 43.94
C GLY E 513 15.63 -3.96 44.78
N VAL E 514 15.96 -5.06 44.11
CA VAL E 514 16.60 -6.20 44.76
C VAL E 514 17.16 -7.10 43.67
N LEU E 515 18.32 -7.68 43.94
CA LEU E 515 19.00 -8.53 42.97
C LEU E 515 19.52 -9.78 43.67
N PHE E 516 19.30 -10.93 43.04
CA PHE E 516 19.78 -12.22 43.53
C PHE E 516 20.87 -12.71 42.59
N TYR E 517 22.06 -12.93 43.13
CA TYR E 517 23.18 -13.44 42.36
C TYR E 517 23.84 -14.58 43.13
N GLY E 518 24.10 -15.69 42.44
CA GLY E 518 24.70 -16.84 43.06
C GLY E 518 24.77 -18.02 42.10
N PRO E 519 25.39 -19.11 42.53
CA PRO E 519 25.52 -20.27 41.66
C PRO E 519 24.15 -20.84 41.32
N PRO E 520 24.00 -21.43 40.14
CA PRO E 520 22.69 -21.95 39.76
C PRO E 520 22.27 -23.12 40.63
N GLY E 521 20.95 -23.30 40.76
CA GLY E 521 20.39 -24.37 41.54
C GLY E 521 20.20 -24.06 43.01
N CYS E 522 20.55 -22.85 43.46
CA CYS E 522 20.40 -22.51 44.85
C CYS E 522 18.98 -22.11 45.23
N GLY E 523 18.10 -21.96 44.24
CA GLY E 523 16.70 -21.71 44.50
C GLY E 523 16.26 -20.27 44.40
N LYS E 524 16.87 -19.46 43.54
CA LYS E 524 16.40 -18.09 43.37
C LYS E 524 14.98 -18.06 42.83
N THR E 525 14.71 -18.86 41.79
CA THR E 525 13.37 -18.92 41.24
C THR E 525 12.38 -19.50 42.25
N LEU E 526 12.81 -20.50 43.02
CA LEU E 526 11.93 -21.06 44.03
C LEU E 526 11.59 -20.03 45.09
N LEU E 527 12.56 -19.22 45.50
CA LEU E 527 12.29 -18.17 46.47
C LEU E 527 11.34 -17.12 45.89
N ALA E 528 11.54 -16.77 44.62
CA ALA E 528 10.62 -15.83 43.97
C ALA E 528 9.20 -16.38 43.95
N LYS E 529 9.05 -17.67 43.62
CA LYS E 529 7.72 -18.28 43.62
C LYS E 529 7.14 -18.32 45.02
N ALA E 530 7.98 -18.56 46.03
CA ALA E 530 7.50 -18.59 47.41
C ALA E 530 6.95 -17.22 47.82
N ILE E 531 7.67 -16.15 47.48
CA ILE E 531 7.16 -14.82 47.80
C ILE E 531 5.91 -14.53 46.99
N ALA E 532 5.85 -15.00 45.75
CA ALA E 532 4.64 -14.83 44.95
C ALA E 532 3.45 -15.45 45.65
N ASN E 533 3.62 -16.67 46.16
CA ASN E 533 2.54 -17.36 46.86
C ASN E 533 2.17 -16.63 48.14
N GLU E 534 3.18 -16.22 48.92
CA GLU E 534 2.90 -15.60 50.22
C GLU E 534 2.19 -14.25 50.04
N CYS E 535 2.76 -13.37 49.23
CA CYS E 535 2.18 -12.05 49.03
C CYS E 535 0.94 -12.13 48.15
N GLN E 536 0.09 -11.12 48.28
CA GLN E 536 -1.15 -11.07 47.51
C GLN E 536 -0.94 -10.56 46.10
N ALA E 537 0.22 -9.99 45.79
CA ALA E 537 0.46 -9.44 44.46
C ALA E 537 0.67 -10.56 43.45
N ASN E 538 0.24 -10.31 42.21
CA ASN E 538 0.42 -11.27 41.14
C ASN E 538 1.91 -11.37 40.78
N PHE E 539 2.28 -12.51 40.20
CA PHE E 539 3.66 -12.82 39.89
C PHE E 539 3.80 -13.13 38.40
N ILE E 540 4.76 -12.47 37.75
CA ILE E 540 5.05 -12.67 36.33
C ILE E 540 6.51 -13.06 36.20
N SER E 541 6.78 -14.15 35.49
CA SER E 541 8.13 -14.64 35.26
C SER E 541 8.48 -14.50 33.79
N ILE E 542 9.68 -13.98 33.51
CA ILE E 542 10.15 -13.76 32.15
C ILE E 542 11.57 -14.27 32.04
N LYS E 543 11.87 -14.94 30.92
CA LYS E 543 13.20 -15.44 30.63
C LYS E 543 13.91 -14.49 29.68
N GLY E 544 15.22 -14.39 29.84
CA GLY E 544 16.03 -13.53 29.01
C GLY E 544 15.78 -13.74 27.53
N PRO E 545 16.14 -14.92 27.01
CA PRO E 545 15.93 -15.17 25.57
C PRO E 545 14.47 -15.11 25.16
N GLU E 546 13.54 -15.31 26.08
CA GLU E 546 12.11 -15.26 25.75
C GLU E 546 11.65 -13.88 25.32
N LEU E 547 12.45 -12.84 25.58
CA LEU E 547 12.05 -11.45 25.33
C LEU E 547 12.91 -10.82 24.23
N LEU E 548 13.16 -11.57 23.15
CA LEU E 548 13.94 -11.07 22.02
C LEU E 548 13.29 -11.53 20.73
N THR E 549 13.58 -10.79 19.66
CA THR E 549 13.07 -11.11 18.34
C THR E 549 14.04 -10.58 17.30
N MET E 550 13.99 -11.18 16.10
CA MET E 550 14.89 -10.79 15.03
C MET E 550 14.41 -9.56 14.27
N TRP E 551 13.17 -9.11 14.50
CA TRP E 551 12.69 -7.91 13.83
C TRP E 551 13.39 -6.68 14.40
N PHE E 552 12.99 -5.51 13.90
CA PHE E 552 13.59 -4.25 14.30
C PHE E 552 12.61 -3.53 15.23
N GLY E 553 12.95 -3.45 16.51
CA GLY E 553 12.14 -2.78 17.49
C GLY E 553 11.08 -3.63 18.16
N GLU E 554 10.92 -4.89 17.74
CA GLU E 554 9.91 -5.73 18.36
C GLU E 554 10.30 -6.11 19.79
N SER E 555 11.59 -6.25 20.07
CA SER E 555 12.02 -6.47 21.45
C SER E 555 11.63 -5.29 22.33
N GLU E 556 11.84 -4.07 21.84
CA GLU E 556 11.44 -2.89 22.60
C GLU E 556 9.92 -2.86 22.78
N ALA E 557 9.17 -3.23 21.73
CA ALA E 557 7.72 -3.27 21.86
C ALA E 557 7.30 -4.27 22.93
N ASN E 558 7.92 -5.45 22.94
CA ASN E 558 7.59 -6.45 23.96
C ASN E 558 7.90 -5.93 25.35
N VAL E 559 9.06 -5.28 25.52
CA VAL E 559 9.42 -4.73 26.82
C VAL E 559 8.38 -3.71 27.27
N ARG E 560 8.03 -2.78 26.37
CA ARG E 560 7.08 -1.73 26.72
C ARG E 560 5.74 -2.34 27.11
N GLU E 561 5.23 -3.28 26.31
CA GLU E 561 3.90 -3.82 26.57
C GLU E 561 3.89 -4.65 27.85
N ILE E 562 4.97 -5.39 28.13
CA ILE E 562 4.98 -6.21 29.34
C ILE E 562 5.07 -5.32 30.58
N PHE E 563 5.91 -4.28 30.55
CA PHE E 563 5.96 -3.37 31.69
C PHE E 563 4.62 -2.65 31.89
N ASP E 564 3.97 -2.28 30.78
CA ASP E 564 2.67 -1.64 30.90
C ASP E 564 1.64 -2.59 31.52
N LYS E 565 1.66 -3.86 31.10
CA LYS E 565 0.73 -4.83 31.66
C LYS E 565 0.99 -5.04 33.15
N ALA E 566 2.26 -5.16 33.53
CA ALA E 566 2.58 -5.33 34.95
C ALA E 566 2.12 -4.12 35.76
N ARG E 567 2.36 -2.91 35.25
CA ARG E 567 1.95 -1.73 35.98
C ARG E 567 0.44 -1.67 36.13
N GLN E 568 -0.29 -1.86 35.03
CA GLN E 568 -1.75 -1.77 35.10
C GLN E 568 -2.36 -2.89 35.92
N ALA E 569 -1.67 -4.03 36.05
CA ALA E 569 -2.12 -5.10 36.92
C ALA E 569 -1.59 -4.97 38.34
N ALA E 570 -0.77 -3.96 38.61
CA ALA E 570 -0.20 -3.73 39.94
C ALA E 570 -1.28 -3.82 41.01
N PRO E 571 -0.94 -4.23 42.25
CA PRO E 571 0.41 -4.60 42.67
C PRO E 571 0.88 -5.92 42.11
N CYS E 572 2.15 -5.99 41.71
CA CYS E 572 2.71 -7.18 41.10
C CYS E 572 4.19 -7.25 41.43
N VAL E 573 4.75 -8.44 41.26
CA VAL E 573 6.19 -8.67 41.43
C VAL E 573 6.73 -9.25 40.13
N LEU E 574 7.78 -8.64 39.60
CA LEU E 574 8.39 -9.07 38.37
C LEU E 574 9.68 -9.81 38.68
N PHE E 575 9.83 -10.99 38.09
CA PHE E 575 11.02 -11.83 38.27
C PHE E 575 11.73 -11.98 36.94
N PHE E 576 12.99 -11.59 36.89
CA PHE E 576 13.81 -11.70 35.69
C PHE E 576 14.97 -12.66 35.97
N ASP E 577 15.14 -13.65 35.10
CA ASP E 577 16.25 -14.58 35.16
C ASP E 577 17.22 -14.29 34.02
N GLU E 578 18.41 -14.89 34.12
CA GLU E 578 19.52 -14.61 33.21
C GLU E 578 19.56 -13.14 32.85
N LEU E 579 19.51 -12.29 33.88
CA LEU E 579 19.63 -10.86 33.67
C LEU E 579 20.91 -10.52 32.93
N ASP E 580 21.98 -11.27 33.18
CA ASP E 580 23.21 -11.05 32.42
C ASP E 580 22.97 -11.29 30.95
N SER E 581 22.22 -12.34 30.61
CA SER E 581 21.93 -12.61 29.20
C SER E 581 21.09 -11.51 28.58
N ILE E 582 20.04 -11.07 29.29
CA ILE E 582 19.13 -10.09 28.68
C ILE E 582 19.83 -8.73 28.54
N ALA E 583 20.61 -8.34 29.53
CA ALA E 583 21.29 -7.04 29.52
C ALA E 583 22.78 -7.28 29.71
N LYS E 584 23.57 -6.82 28.73
CA LYS E 584 25.02 -6.94 28.80
C LYS E 584 25.59 -5.69 29.46
N ALA E 585 26.92 -5.55 29.44
CA ALA E 585 27.54 -4.35 30.00
C ALA E 585 27.09 -3.10 29.25
N ARG E 586 27.40 -3.03 27.97
CA ARG E 586 26.95 -1.92 27.12
C ARG E 586 27.37 -2.15 25.68
N GLY E 595 23.67 -3.88 18.32
CA GLY E 595 22.88 -2.70 18.61
C GLY E 595 21.56 -3.02 19.29
N ALA E 596 21.00 -4.19 18.98
CA ALA E 596 19.74 -4.59 19.59
C ALA E 596 19.88 -4.73 21.10
N ALA E 597 20.98 -5.31 21.57
CA ALA E 597 21.20 -5.44 23.00
C ALA E 597 21.26 -4.08 23.67
N ASP E 598 21.99 -3.14 23.06
CA ASP E 598 22.08 -1.79 23.63
C ASP E 598 20.70 -1.13 23.68
N ARG E 599 19.93 -1.25 22.60
CA ARG E 599 18.61 -0.63 22.57
C ARG E 599 17.70 -1.23 23.63
N VAL E 600 17.72 -2.55 23.79
CA VAL E 600 16.81 -3.17 24.76
C VAL E 600 17.22 -2.81 26.18
N ILE E 601 18.52 -2.76 26.46
CA ILE E 601 18.92 -2.38 27.81
C ILE E 601 18.55 -0.92 28.09
N ASN E 602 18.69 -0.05 27.08
CA ASN E 602 18.28 1.34 27.27
C ASN E 602 16.78 1.43 27.54
N GLN E 603 15.98 0.67 26.79
CA GLN E 603 14.53 0.69 27.01
C GLN E 603 14.19 0.20 28.40
N ILE E 604 14.80 -0.90 28.84
CA ILE E 604 14.57 -1.40 30.19
C ILE E 604 14.92 -0.33 31.21
N LEU E 605 16.09 0.28 31.06
CA LEU E 605 16.55 1.25 32.05
C LEU E 605 15.58 2.43 32.14
N THR E 606 15.23 3.02 30.98
CA THR E 606 14.39 4.20 31.00
C THR E 606 12.99 3.88 31.52
N GLU E 607 12.41 2.75 31.11
CA GLU E 607 11.06 2.43 31.56
C GLU E 607 11.05 2.06 33.03
N MET E 608 12.14 1.47 33.53
CA MET E 608 12.20 1.15 34.95
C MET E 608 12.34 2.40 35.80
N ASP E 609 13.19 3.35 35.38
CA ASP E 609 13.34 4.62 36.11
C ASP E 609 13.41 5.76 35.09
N GLY E 610 12.25 6.28 34.72
CA GLY E 610 12.17 7.50 33.94
C GLY E 610 11.04 8.39 34.43
N MET E 611 10.21 8.86 33.50
CA MET E 611 9.06 9.69 33.86
C MET E 611 7.86 8.78 34.12
N SER E 612 7.97 8.00 35.19
CA SER E 612 6.93 7.05 35.58
C SER E 612 6.57 7.25 37.04
N THR E 613 5.30 7.02 37.36
CA THR E 613 4.82 7.19 38.73
C THR E 613 5.38 6.12 39.66
N LYS E 614 5.56 4.90 39.15
CA LYS E 614 6.04 3.78 39.97
C LYS E 614 5.09 3.52 41.14
N LYS E 615 3.80 3.37 40.81
CA LYS E 615 2.78 3.22 41.84
C LYS E 615 3.10 2.04 42.76
N ASN E 616 3.11 0.82 42.22
CA ASN E 616 3.39 -0.35 43.03
C ASN E 616 3.94 -1.45 42.11
N VAL E 617 5.26 -1.62 42.13
CA VAL E 617 5.92 -2.70 41.40
C VAL E 617 7.18 -3.06 42.15
N PHE E 618 7.50 -4.35 42.19
CA PHE E 618 8.67 -4.85 42.88
C PHE E 618 9.41 -5.78 41.93
N ILE E 619 10.64 -5.41 41.56
CA ILE E 619 11.41 -6.13 40.55
C ILE E 619 12.47 -6.97 41.25
N ILE E 620 12.52 -8.26 40.88
CA ILE E 620 13.50 -9.19 41.42
C ILE E 620 14.33 -9.71 40.26
N GLY E 621 15.65 -9.60 40.37
CA GLY E 621 16.57 -10.03 39.33
C GLY E 621 17.38 -11.23 39.79
N ALA E 622 17.51 -12.21 38.89
CA ALA E 622 18.28 -13.41 39.15
C ALA E 622 19.28 -13.61 38.03
N THR E 623 20.54 -13.89 38.39
CA THR E 623 21.58 -14.09 37.40
C THR E 623 22.70 -14.92 38.01
N ASN E 624 23.53 -15.48 37.14
CA ASN E 624 24.68 -16.28 37.54
C ASN E 624 26.01 -15.61 37.24
N ARG E 625 26.03 -14.58 36.41
CA ARG E 625 27.26 -13.87 36.03
C ARG E 625 27.05 -12.38 36.23
N PRO E 626 27.01 -11.92 37.48
CA PRO E 626 26.74 -10.48 37.73
C PRO E 626 27.82 -9.56 37.20
N ASP E 627 29.02 -10.07 36.91
CA ASP E 627 30.12 -9.20 36.51
C ASP E 627 29.78 -8.44 35.22
N ILE E 628 29.20 -9.14 34.23
CA ILE E 628 28.87 -8.50 32.97
C ILE E 628 27.72 -7.52 33.08
N ILE E 629 26.99 -7.52 34.19
CA ILE E 629 25.81 -6.65 34.32
C ILE E 629 26.23 -5.20 34.19
N ASP E 630 25.41 -4.43 33.48
CA ASP E 630 25.68 -3.01 33.28
C ASP E 630 25.67 -2.29 34.63
N PRO E 631 26.67 -1.46 34.93
CA PRO E 631 26.61 -0.68 36.18
C PRO E 631 25.39 0.23 36.26
N ALA E 632 24.82 0.63 35.13
CA ALA E 632 23.67 1.54 35.16
C ALA E 632 22.48 0.91 35.87
N ILE E 633 22.13 -0.32 35.48
CA ILE E 633 20.96 -0.97 36.06
C ILE E 633 21.19 -1.28 37.53
N LEU E 634 22.43 -1.64 37.88
CA LEU E 634 22.76 -1.95 39.26
C LEU E 634 22.73 -0.71 40.17
N ARG E 635 22.60 0.48 39.60
CA ARG E 635 22.60 1.69 40.39
C ARG E 635 21.41 1.69 41.36
N PRO E 636 21.54 2.33 42.51
CA PRO E 636 20.40 2.41 43.44
C PRO E 636 19.22 3.11 42.80
N GLY E 637 18.03 2.70 43.23
CA GLY E 637 16.78 3.16 42.65
C GLY E 637 16.17 2.21 41.65
N ARG E 638 16.98 1.31 41.08
CA ARG E 638 16.48 0.25 40.21
C ARG E 638 16.73 -1.12 40.80
N LEU E 639 17.98 -1.45 41.12
CA LEU E 639 18.38 -2.74 41.70
C LEU E 639 19.31 -2.49 42.89
N ASP E 640 18.90 -1.60 43.79
CA ASP E 640 19.79 -1.16 44.86
C ASP E 640 20.31 -2.33 45.68
N GLN E 641 19.42 -3.20 46.12
CA GLN E 641 19.81 -4.29 47.01
C GLN E 641 20.37 -5.46 46.21
N LEU E 642 21.55 -5.93 46.61
CA LEU E 642 22.23 -7.06 45.97
C LEU E 642 22.35 -8.17 47.00
N ILE E 643 21.32 -9.00 47.10
CA ILE E 643 21.34 -10.12 48.03
C ILE E 643 22.18 -11.25 47.43
N TYR E 644 23.05 -11.82 48.24
CA TYR E 644 23.91 -12.92 47.82
C TYR E 644 23.34 -14.24 48.33
N ILE E 645 23.24 -15.23 47.45
CA ILE E 645 22.76 -16.55 47.81
C ILE E 645 23.95 -17.49 47.88
N PRO E 646 24.60 -17.62 49.04
CA PRO E 646 25.79 -18.48 49.12
C PRO E 646 25.44 -19.95 48.97
N LEU E 647 26.44 -20.73 48.57
CA LEU E 647 26.24 -22.16 48.44
C LEU E 647 25.85 -22.74 49.80
N PRO E 648 24.83 -23.60 49.87
CA PRO E 648 24.34 -24.04 51.18
C PRO E 648 25.44 -24.72 52.00
N ASP E 649 25.44 -24.44 53.30
CA ASP E 649 26.34 -25.08 54.23
C ASP E 649 25.71 -26.38 54.74
N GLU E 650 26.32 -27.00 55.75
CA GLU E 650 25.77 -28.25 56.28
C GLU E 650 24.39 -28.03 56.90
N LYS E 651 24.24 -26.97 57.69
CA LYS E 651 22.95 -26.70 58.31
C LYS E 651 21.90 -26.36 57.27
N SER E 652 22.26 -25.55 56.28
CA SER E 652 21.32 -25.21 55.22
C SER E 652 20.91 -26.44 54.43
N ARG E 653 21.85 -27.38 54.22
CA ARG E 653 21.50 -28.59 53.49
C ARG E 653 20.63 -29.52 54.31
N VAL E 654 20.85 -29.59 55.63
CA VAL E 654 19.92 -30.30 56.48
C VAL E 654 18.53 -29.68 56.37
N ALA E 655 18.46 -28.35 56.39
CA ALA E 655 17.18 -27.67 56.28
C ALA E 655 16.51 -27.95 54.94
N ILE E 656 17.26 -27.95 53.86
CA ILE E 656 16.67 -28.17 52.53
C ILE E 656 16.20 -29.62 52.40
N LEU E 657 16.96 -30.56 52.97
CA LEU E 657 16.49 -31.95 52.99
C LEU E 657 15.19 -32.07 53.77
N LYS E 658 15.10 -31.41 54.93
CA LYS E 658 13.86 -31.42 55.69
C LYS E 658 12.73 -30.83 54.86
N ALA E 659 12.99 -29.71 54.19
CA ALA E 659 11.94 -29.06 53.39
C ALA E 659 11.46 -29.99 52.28
N ASN E 660 12.38 -30.67 51.59
CA ASN E 660 11.99 -31.59 50.52
C ASN E 660 11.34 -32.85 51.06
N LEU E 661 11.54 -33.17 52.34
CA LEU E 661 10.94 -34.34 52.96
C LEU E 661 9.82 -33.99 53.94
N ARG E 662 9.23 -32.80 53.80
CA ARG E 662 8.15 -32.40 54.70
C ARG E 662 6.95 -33.32 54.55
N LYS E 663 6.59 -33.66 53.32
CA LYS E 663 5.41 -34.48 53.01
C LYS E 663 5.87 -35.64 52.14
N SER E 664 6.29 -36.73 52.78
CA SER E 664 6.72 -37.93 52.08
C SER E 664 6.87 -39.08 53.07
N PRO E 665 6.43 -40.29 52.73
CA PRO E 665 6.55 -41.42 53.65
C PRO E 665 7.98 -41.95 53.68
N VAL E 666 8.68 -41.68 54.77
CA VAL E 666 10.08 -42.07 54.95
C VAL E 666 10.22 -42.76 56.29
N ALA E 667 10.92 -43.89 56.31
CA ALA E 667 11.19 -44.59 57.56
C ALA E 667 12.11 -43.77 58.44
N LYS E 668 11.85 -43.79 59.75
CA LYS E 668 12.65 -43.00 60.68
C LYS E 668 14.08 -43.48 60.78
N ASP E 669 14.38 -44.71 60.34
CA ASP E 669 15.73 -45.24 60.44
C ASP E 669 16.71 -44.47 59.57
N VAL E 670 16.23 -43.67 58.62
CA VAL E 670 17.11 -42.90 57.76
C VAL E 670 17.61 -41.68 58.53
N ASP E 671 18.93 -41.49 58.55
CA ASP E 671 19.57 -40.39 59.24
C ASP E 671 20.09 -39.41 58.18
N LEU E 672 19.34 -38.32 57.98
CA LEU E 672 19.74 -37.32 57.01
C LEU E 672 20.99 -36.56 57.44
N GLU E 673 21.35 -36.62 58.72
CA GLU E 673 22.58 -35.94 59.16
C GLU E 673 23.80 -36.55 58.50
N PHE E 674 23.84 -37.88 58.36
CA PHE E 674 24.97 -38.52 57.71
C PHE E 674 25.06 -38.10 56.25
N LEU E 675 23.92 -38.03 55.55
CA LEU E 675 23.93 -37.58 54.17
C LEU E 675 24.41 -36.14 54.07
N ALA E 676 23.94 -35.27 54.96
CA ALA E 676 24.39 -33.88 54.93
C ALA E 676 25.88 -33.79 55.15
N LYS E 677 26.42 -34.57 56.09
CA LYS E 677 27.86 -34.57 56.33
C LYS E 677 28.61 -35.06 55.11
N MET E 678 28.13 -36.12 54.48
CA MET E 678 28.86 -36.72 53.36
C MET E 678 28.86 -35.79 52.14
N THR E 679 27.70 -35.27 51.76
CA THR E 679 27.60 -34.40 50.60
C THR E 679 28.15 -33.02 50.92
N ASN E 680 29.07 -32.54 50.09
CA ASN E 680 29.63 -31.20 50.22
C ASN E 680 29.36 -30.32 49.02
N GLY E 681 29.69 -30.80 47.82
CA GLY E 681 29.54 -30.01 46.61
C GLY E 681 28.21 -30.13 45.90
N PHE E 682 27.29 -30.94 46.41
CA PHE E 682 25.99 -31.10 45.78
C PHE E 682 25.06 -29.97 46.21
N SER E 683 24.39 -29.36 45.25
CA SER E 683 23.54 -28.21 45.50
C SER E 683 22.11 -28.65 45.80
N GLY E 684 21.25 -27.67 46.08
CA GLY E 684 19.86 -27.98 46.39
C GLY E 684 19.16 -28.71 45.25
N ALA E 685 19.46 -28.33 44.01
CA ALA E 685 18.88 -29.04 42.88
C ALA E 685 19.31 -30.50 42.86
N ASP E 686 20.60 -30.76 43.13
CA ASP E 686 21.06 -32.14 43.17
C ASP E 686 20.38 -32.92 44.29
N LEU E 687 20.22 -32.30 45.46
CA LEU E 687 19.57 -32.98 46.57
C LEU E 687 18.11 -33.31 46.24
N THR E 688 17.42 -32.36 45.61
CA THR E 688 16.04 -32.62 45.18
C THR E 688 16.00 -33.73 44.14
N GLU E 689 16.99 -33.77 43.25
CA GLU E 689 17.05 -34.85 42.27
C GLU E 689 17.23 -36.20 42.95
N ILE E 690 18.09 -36.26 43.97
CA ILE E 690 18.30 -37.51 44.69
C ILE E 690 17.00 -37.93 45.38
N CYS E 691 16.30 -36.98 46.00
CA CYS E 691 15.04 -37.29 46.65
C CYS E 691 14.02 -37.81 45.64
N GLN E 692 13.95 -37.18 44.47
CA GLN E 692 13.01 -37.62 43.43
C GLN E 692 13.37 -39.02 42.94
N ARG E 693 14.67 -39.31 42.79
CA ARG E 693 15.08 -40.64 42.38
C ARG E 693 14.67 -41.68 43.41
N ALA E 694 14.87 -41.37 44.70
CA ALA E 694 14.46 -42.30 45.74
C ALA E 694 12.96 -42.53 45.72
N CYS E 695 12.18 -41.45 45.55
CA CYS E 695 10.73 -41.58 45.49
C CYS E 695 10.31 -42.43 44.30
N LYS E 696 10.92 -42.22 43.14
CA LYS E 696 10.57 -42.99 41.95
C LYS E 696 10.91 -44.46 42.14
N LEU E 697 12.07 -44.75 42.75
CA LEU E 697 12.44 -46.14 43.00
C LEU E 697 11.47 -46.80 43.97
N ALA E 698 11.05 -46.07 45.01
CA ALA E 698 10.08 -46.61 45.95
C ALA E 698 8.74 -46.88 45.25
N ILE E 699 8.32 -45.98 44.38
CA ILE E 699 7.08 -46.18 43.63
C ILE E 699 7.20 -47.40 42.73
N ARG E 700 8.36 -47.58 42.09
CA ARG E 700 8.56 -48.74 41.23
C ARG E 700 8.50 -50.02 42.05
N GLU E 701 9.12 -50.03 43.23
CA GLU E 701 9.07 -51.22 44.08
C GLU E 701 7.64 -51.51 44.52
N SER E 702 6.88 -50.47 44.88
CA SER E 702 5.49 -50.68 45.27
C SER E 702 4.68 -51.24 44.11
N ILE E 703 4.91 -50.74 42.89
CA ILE E 703 4.21 -51.25 41.73
C ILE E 703 4.55 -52.72 41.50
N GLU E 704 5.84 -53.06 41.62
CA GLU E 704 6.24 -54.44 41.45
C GLU E 704 5.57 -55.34 42.47
N SER E 705 5.54 -54.90 43.74
CA SER E 705 4.92 -55.70 44.78
C SER E 705 3.42 -55.88 44.53
N GLU E 706 2.74 -54.80 44.13
CA GLU E 706 1.30 -54.89 43.93
C GLU E 706 0.96 -55.78 42.73
N ILE E 707 1.74 -55.71 41.65
CA ILE E 707 1.47 -56.57 40.51
C ILE E 707 1.79 -58.02 40.87
N ARG E 708 2.85 -58.25 41.66
CA ARG E 708 3.16 -59.60 42.08
C ARG E 708 2.05 -60.19 42.94
N ARG E 709 1.49 -59.40 43.84
CA ARG E 709 0.39 -59.86 44.69
C ARG E 709 -0.89 -60.01 43.89
N ARG E 732 12.37 -46.83 52.28
CA ARG E 732 13.35 -47.52 53.09
C ARG E 732 14.77 -47.05 52.74
N ARG E 733 15.70 -47.25 53.68
CA ARG E 733 17.07 -46.80 53.45
C ARG E 733 17.68 -47.43 52.20
N ASP E 734 17.16 -48.58 51.77
CA ASP E 734 17.67 -49.22 50.57
C ASP E 734 17.46 -48.33 49.34
N HIS E 735 16.29 -47.68 49.26
CA HIS E 735 16.02 -46.81 48.12
C HIS E 735 17.00 -45.64 48.08
N PHE E 736 17.25 -45.01 49.23
CA PHE E 736 18.19 -43.90 49.26
C PHE E 736 19.60 -44.36 48.93
N GLU E 737 20.00 -45.53 49.43
CA GLU E 737 21.32 -46.05 49.10
C GLU E 737 21.44 -46.29 47.60
N GLU E 738 20.42 -46.89 46.99
CA GLU E 738 20.46 -47.13 45.55
C GLU E 738 20.53 -45.83 44.77
N ALA E 739 19.75 -44.83 45.19
CA ALA E 739 19.75 -43.55 44.48
C ALA E 739 21.10 -42.86 44.59
N MET E 740 21.71 -42.87 45.79
CA MET E 740 22.97 -42.16 45.97
C MET E 740 24.12 -42.90 45.29
N ARG E 741 24.09 -44.23 45.30
CA ARG E 741 25.13 -45.02 44.67
C ARG E 741 25.26 -44.67 43.19
N VAL E 747 28.93 -28.09 41.15
CA VAL E 747 29.54 -27.22 40.16
C VAL E 747 31.00 -26.94 40.54
N SER E 748 31.73 -26.30 39.64
CA SER E 748 33.16 -26.17 39.79
C SER E 748 33.53 -25.13 40.84
N ASP E 749 34.48 -25.51 41.71
CA ASP E 749 35.05 -24.53 42.62
C ASP E 749 35.67 -23.37 41.86
N ASN E 750 36.09 -23.62 40.62
CA ASN E 750 36.55 -22.52 39.77
C ASN E 750 35.45 -21.51 39.52
N ASP E 751 34.23 -22.00 39.30
CA ASP E 751 33.10 -21.08 39.16
C ASP E 751 32.75 -20.42 40.49
N ILE E 752 32.92 -21.16 41.59
CA ILE E 752 32.61 -20.60 42.90
C ILE E 752 33.53 -19.42 43.23
N ARG E 753 34.83 -19.58 42.99
CA ARG E 753 35.79 -18.56 43.38
C ARG E 753 35.47 -17.23 42.70
N LYS E 754 34.89 -17.27 41.51
CA LYS E 754 34.44 -16.04 40.87
C LYS E 754 33.36 -15.36 41.69
N TYR E 755 32.42 -16.15 42.23
CA TYR E 755 31.38 -15.58 43.08
C TYR E 755 31.98 -14.95 44.32
N GLU E 756 32.94 -15.64 44.96
CA GLU E 756 33.57 -15.04 46.13
C GLU E 756 34.33 -13.76 45.76
N MET E 757 34.99 -13.75 44.61
CA MET E 757 35.70 -12.55 44.19
C MET E 757 34.75 -11.39 43.99
N PHE E 758 33.62 -11.64 43.32
CA PHE E 758 32.64 -10.58 43.12
C PHE E 758 32.07 -10.09 44.44
N ALA E 759 31.78 -11.02 45.36
CA ALA E 759 31.27 -10.61 46.66
C ALA E 759 32.28 -9.73 47.40
N GLN E 760 33.56 -10.10 47.35
CA GLN E 760 34.58 -9.28 47.97
C GLN E 760 34.68 -7.91 47.31
N THR E 761 34.47 -7.84 45.99
CA THR E 761 34.56 -6.57 45.29
C THR E 761 33.55 -5.57 45.84
N LEU E 762 32.32 -6.02 46.10
CA LEU E 762 31.28 -5.12 46.58
C LEU E 762 31.66 -4.52 47.93
N GLN E 763 32.15 -5.36 48.84
CA GLN E 763 32.50 -4.88 50.18
C GLN E 763 33.62 -3.85 50.12
N GLN E 764 34.64 -4.10 49.30
CA GLN E 764 35.78 -3.18 49.23
C GLN E 764 35.35 -1.78 48.83
N SER E 765 34.30 -1.66 48.01
CA SER E 765 33.81 -0.36 47.59
C SER E 765 33.14 0.37 48.74
N UNK F 1 -46.43 -6.04 -11.24
CA UNK F 1 -46.08 -4.60 -11.02
C UNK F 1 -45.06 -4.47 -9.90
N UNK F 2 -44.14 -5.43 -9.83
CA UNK F 2 -43.07 -5.43 -8.84
C UNK F 2 -41.76 -5.05 -9.52
N UNK F 3 -41.08 -4.05 -8.97
CA UNK F 3 -39.84 -3.54 -9.53
C UNK F 3 -38.66 -4.10 -8.74
N UNK F 4 -37.66 -4.59 -9.47
CA UNK F 4 -36.46 -5.17 -8.86
C UNK F 4 -35.33 -4.16 -8.94
N UNK F 5 -34.62 -3.98 -7.82
CA UNK F 5 -33.52 -3.04 -7.73
C UNK F 5 -32.24 -3.79 -7.35
N UNK F 6 -31.14 -3.39 -7.97
CA UNK F 6 -29.84 -4.00 -7.74
C UNK F 6 -28.96 -3.04 -6.95
N UNK F 7 -28.35 -3.53 -5.87
CA UNK F 7 -27.51 -2.73 -5.00
C UNK F 7 -26.08 -3.26 -5.04
N UNK F 8 -25.13 -2.36 -5.24
CA UNK F 8 -23.72 -2.77 -5.28
C UNK F 8 -23.21 -3.08 -3.88
N UNK F 9 -22.34 -4.08 -3.80
CA UNK F 9 -21.75 -4.51 -2.53
C UNK F 9 -20.25 -4.68 -2.70
N UNK F 10 -19.49 -4.17 -1.73
CA UNK F 10 -18.04 -4.27 -1.77
C UNK F 10 -17.60 -5.71 -1.56
N UNK F 11 -16.48 -6.07 -2.19
CA UNK F 11 -15.94 -7.43 -2.12
C UNK F 11 -14.67 -7.51 -1.29
N UNK F 12 -14.28 -6.43 -0.61
CA UNK F 12 -13.09 -6.44 0.22
C UNK F 12 -11.83 -6.73 -0.58
N UNK F 13 -10.67 -6.62 0.04
CA UNK F 13 -9.39 -6.87 -0.62
C UNK F 13 -8.34 -7.14 0.44
N UNK F 14 -7.20 -7.65 -0.01
CA UNK F 14 -6.07 -7.96 0.85
C UNK F 14 -4.85 -7.20 0.34
N UNK F 15 -4.14 -6.53 1.24
CA UNK F 15 -2.95 -5.78 0.90
C UNK F 15 -1.70 -6.57 1.27
N UNK F 16 -0.55 -6.02 0.89
CA UNK F 16 0.75 -6.63 1.17
C UNK F 16 1.63 -5.58 1.83
N UNK F 17 2.27 -5.94 2.94
CA UNK F 17 3.14 -5.05 3.69
C UNK F 17 4.59 -5.49 3.53
N UNK F 18 5.50 -4.65 4.03
CA UNK F 18 6.92 -4.91 3.99
C UNK F 18 7.49 -4.75 5.40
N UNK F 19 8.30 -5.71 5.83
CA UNK F 19 8.90 -5.70 7.14
C UNK F 19 10.41 -5.57 7.03
N UNK F 20 11.05 -5.24 8.16
CA UNK F 20 12.49 -5.06 8.25
C UNK F 20 13.03 -6.07 9.24
N UNK F 21 14.08 -6.78 8.84
CA UNK F 21 14.71 -7.81 9.66
C UNK F 21 16.06 -7.31 10.17
N UNK F 22 16.28 -7.47 11.47
CA UNK F 22 17.54 -7.05 12.08
C UNK F 22 18.59 -8.14 11.93
PB ADP G . 13.85 -24.91 -18.16
O1B ADP G . 14.83 -23.89 -17.46
O2B ADP G . 13.23 -25.88 -17.23
O3B ADP G . 12.77 -24.05 -18.84
PA ADP G . 14.38 -26.18 -20.67
O1A ADP G . 13.57 -25.07 -21.36
O2A ADP G . 13.62 -27.43 -20.50
O3A ADP G . 14.76 -25.63 -19.23
O5' ADP G . 15.80 -26.30 -21.33
C5' ADP G . 16.48 -25.13 -21.82
C4' ADP G . 16.29 -25.04 -23.30
O4' ADP G . 17.55 -25.33 -23.96
C3' ADP G . 15.29 -26.03 -23.90
O3' ADP G . 13.98 -25.48 -23.90
C2' ADP G . 15.85 -26.18 -25.31
O2' ADP G . 15.53 -25.08 -26.14
C1' ADP G . 17.34 -26.28 -25.00
N9 ADP G . 17.76 -27.57 -24.48
C8 ADP G . 18.11 -27.86 -23.19
N7 ADP G . 18.45 -29.11 -22.99
C5 ADP G . 18.31 -29.69 -24.25
C6 ADP G . 18.53 -30.99 -24.71
N6 ADP G . 18.93 -32.00 -23.93
N1 ADP G . 18.30 -31.24 -26.02
C2 ADP G . 17.89 -30.23 -26.80
N3 ADP G . 17.67 -28.96 -26.47
C4 ADP G . 17.89 -28.75 -25.17
BE BEF H . 14.39 -22.85 -16.33
F1 BEF H . 12.93 -23.09 -15.91
F2 BEF H . 15.37 -23.01 -15.15
F3 BEF H . 14.52 -21.51 -17.10
MG MG I . 11.76 -24.61 -16.58
PB ADP J . -26.96 -31.53 -20.55
O1B ADP J . -25.80 -31.37 -19.47
O2B ADP J . -28.32 -31.46 -19.99
O3B ADP J . -26.73 -30.40 -21.57
PA ADP J . -27.21 -33.56 -22.54
O1A ADP J . -28.35 -34.45 -22.23
O2A ADP J . -27.60 -32.38 -23.44
O3A ADP J . -26.67 -32.95 -21.18
O5' ADP J . -25.92 -34.26 -23.10
C5' ADP J . -25.07 -33.58 -24.03
C4' ADP J . -25.36 -34.09 -25.40
O4' ADP J . -24.38 -35.10 -25.76
C3' ADP J . -26.72 -34.78 -25.59
O3' ADP J . -27.72 -33.82 -25.92
C2' ADP J . -26.42 -35.73 -26.74
O2' ADP J . -26.44 -35.06 -27.99
C1' ADP J . -25.03 -36.21 -26.34
N9 ADP J . -25.02 -37.29 -25.36
C8 ADP J . -24.97 -37.15 -24.00
N7 ADP J . -24.97 -38.29 -23.35
C5 ADP J . -25.02 -39.25 -24.35
C6 ADP J . -25.03 -40.65 -24.32
N6 ADP J . -25.02 -41.37 -23.19
N1 ADP J . -25.08 -41.30 -25.50
C2 ADP J . -25.10 -40.58 -26.63
N3 ADP J . -25.09 -39.26 -26.79
C4 ADP J . -25.05 -38.64 -25.60
BE BEF K . -25.51 -30.04 -18.64
F1 BEF K . -26.75 -29.15 -18.53
F2 BEF K . -24.97 -30.48 -17.26
F3 BEF K . -24.44 -29.39 -19.54
MG MG L . -28.59 -29.56 -19.29
PB ADP M . 22.71 5.50 -18.82
O1B ADP M . 22.65 6.73 -17.89
O2B ADP M . 21.35 5.02 -19.13
O3B ADP M . 23.60 4.45 -18.05
PA ADP M . 23.19 6.85 -21.28
O1A ADP M . 22.02 7.70 -20.78
O2A ADP M . 22.85 6.08 -22.50
O3A ADP M . 23.53 5.82 -20.13
O5' ADP M . 24.50 7.70 -21.34
C5' ADP M . 24.59 8.91 -20.57
C4' ADP M . 24.67 10.07 -21.54
O4' ADP M . 26.02 10.25 -21.99
C3' ADP M . 23.84 9.91 -22.82
O3' ADP M . 22.49 10.31 -22.59
C2' ADP M . 24.58 10.87 -23.75
O2' ADP M . 24.19 12.21 -23.55
C1' ADP M . 26.03 10.60 -23.36
N9 ADP M . 26.68 9.53 -24.08
C8 ADP M . 26.98 8.29 -23.60
N7 ADP M . 27.56 7.50 -24.46
C5 ADP M . 27.63 8.27 -25.61
C6 ADP M . 28.14 8.02 -26.89
N6 ADP M . 28.70 6.86 -27.26
N1 ADP M . 28.06 9.01 -27.81
C2 ADP M . 27.50 10.17 -27.45
N3 ADP M . 27.00 10.53 -26.27
C4 ADP M . 27.09 9.53 -25.39
BE BEF N . 23.31 3.93 -16.57
F1 BEF N . 21.82 3.60 -16.38
F2 BEF N . 24.20 2.71 -16.32
F3 BEF N . 23.69 5.18 -15.76
MG MG O . 20.30 4.11 -17.65
PB ADP P . -15.53 -4.62 -33.63
O1B ADP P . -15.47 -3.18 -33.10
O2B ADP P . -16.88 -5.19 -33.47
O3B ADP P . -14.41 -5.40 -32.81
PA ADP P . -15.38 -3.79 -36.35
O1A ADP P . -15.66 -2.38 -35.80
O2A ADP P . -16.54 -4.37 -37.05
O3A ADP P . -15.02 -4.71 -35.11
O5' ADP P . -14.02 -3.80 -37.12
C5' ADP P . -13.13 -2.67 -37.03
C4' ADP P . -13.37 -1.79 -38.23
O4' ADP P . -12.18 -1.76 -39.03
C3' ADP P . -14.49 -2.27 -39.16
O3' ADP P . -15.73 -1.67 -38.80
C2' ADP P . -13.98 -1.77 -40.51
O2' ADP P . -14.26 -0.40 -40.69
C1' ADP P . -12.49 -2.07 -40.37
N9 ADP P . -12.11 -3.45 -40.60
C8 ADP P . -11.89 -4.40 -39.65
N7 ADP P . -11.55 -5.58 -40.13
C5 ADP P . -11.57 -5.38 -41.50
C6 ADP P . -11.29 -6.24 -42.58
N6 ADP P . -10.95 -7.53 -42.44
N1 ADP P . -11.39 -5.72 -43.83
C2 ADP P . -11.73 -4.43 -43.98
N3 ADP P . -12.01 -3.53 -43.03
C4 ADP P . -11.90 -4.07 -41.81
BE BEF Q . -14.39 -5.61 -31.23
F1 BEF Q . -15.78 -5.49 -30.60
F2 BEF Q . -13.75 -6.98 -30.98
F3 BEF Q . -13.51 -4.42 -30.81
MG MG R . -17.55 -5.15 -31.55
PB ADP S . 22.97 22.30 7.73
O1B ADP S . 22.69 22.11 9.23
O2B ADP S . 21.74 22.19 6.93
O3B ADP S . 24.06 21.20 7.40
PA ADP S . 23.12 25.12 7.32
O1A ADP S . 21.66 25.04 7.78
O2A ADP S . 23.26 25.56 5.92
O3A ADP S . 23.71 23.67 7.45
O5' ADP S . 23.98 25.90 8.38
C5' ADP S . 23.61 25.87 9.77
C4' ADP S . 23.06 27.22 10.16
O4' ADP S . 24.14 28.08 10.56
C3' ADP S . 22.32 27.97 9.05
O3' ADP S . 20.96 27.56 9.01
C2' ADP S . 22.49 29.41 9.53
O2' ADP S . 21.57 29.73 10.55
C1' ADP S . 23.94 29.38 10.04
N9 ADP S . 24.95 29.59 9.02
C8 ADP S . 25.91 28.71 8.65
N7 ADP S . 26.71 29.14 7.70
C5 ADP S . 26.24 30.42 7.44
C6 ADP S . 26.65 31.42 6.53
N6 ADP S . 27.68 31.27 5.70
N1 ADP S . 25.96 32.57 6.52
C2 ADP S . 24.93 32.72 7.36
N3 ADP S . 24.45 31.85 8.25
C4 ADP S . 25.15 30.72 8.24
BE BEF T . 23.92 19.65 7.68
F1 BEF T . 22.48 19.17 7.43
F2 BEF T . 24.93 18.91 6.79
F3 BEF T . 24.24 19.61 9.18
MG MG U . 20.86 20.35 7.05
PB ADP V . -11.97 21.93 -16.25
O1B ADP V . -11.70 22.18 -14.76
O2B ADP V . -13.40 21.66 -16.51
O3B ADP V . -11.04 20.71 -16.63
PA ADP V . -12.13 24.52 -17.40
O1A ADP V . -13.26 24.68 -16.37
O2A ADP V . -12.61 24.57 -18.80
O3A ADP V . -11.46 23.12 -17.14
O5' ADP V . -10.96 25.50 -17.04
C5' ADP V . -11.00 26.25 -15.80
C4' ADP V . -11.33 27.67 -16.13
O4' ADP V . -10.13 28.42 -16.35
C3' ADP V . -12.17 27.86 -17.40
O3' ADP V . -13.56 27.73 -17.11
C2' ADP V . -11.79 29.30 -17.77
O2' ADP V . -12.47 30.23 -16.96
C1' ADP V . -10.29 29.26 -17.49
N9 ADP V . -9.48 28.70 -18.56
C8 ADP V . -8.90 27.45 -18.57
N7 ADP V . -8.22 27.20 -19.66
C5 ADP V . -8.36 28.35 -20.41
C6 ADP V . -7.87 28.71 -21.68
N6 ADP V . -7.11 27.92 -22.44
N1 ADP V . -8.18 29.95 -22.15
C2 ADP V . -8.94 30.75 -21.39
N3 ADP V . -9.46 30.50 -20.18
C4 ADP V . -9.13 29.28 -19.75
BE BEF W . -11.19 19.24 -16.06
F1 BEF W . -12.65 18.72 -16.16
F2 BEF W . -10.21 18.34 -16.84
F3 BEF W . -10.80 19.46 -14.59
MG MG X . -14.30 19.83 -16.59
PB ADP Y . 19.12 9.37 36.18
O1B ADP Y . 18.58 8.07 36.81
O2B ADP Y . 18.22 9.88 35.14
O3B ADP Y . 20.58 9.00 35.66
PA ADP Y . 18.48 11.01 38.45
O1A ADP Y . 18.32 12.46 38.28
O2A ADP Y . 17.15 10.24 38.36
O3A ADP Y . 19.41 10.46 37.30
O5' ADP Y . 19.26 10.56 39.73
C5' ADP Y . 18.80 9.42 40.50
C4' ADP Y . 18.05 9.92 41.70
O4' ADP Y . 18.97 10.38 42.71
C3' ADP Y . 17.12 11.11 41.45
O3' ADP Y . 15.87 10.67 40.93
C2' ADP Y . 16.99 11.65 42.88
O2' ADP Y . 16.07 10.90 43.64
C1' ADP Y . 18.44 11.51 43.37
N9 ADP Y . 19.29 12.65 43.07
C8 ADP Y . 20.30 12.68 42.15
N7 ADP Y . 20.93 13.83 42.07
C5 ADP Y . 20.27 14.61 43.01
C6 ADP Y . 20.44 15.95 43.40
N6 ADP Y . 21.38 16.76 42.89
N1 ADP Y . 19.63 16.43 44.36
C2 ADP Y . 18.69 15.62 44.88
N3 ADP Y . 18.43 14.35 44.58
C4 ADP Y . 19.26 13.90 43.62
BE BEF Z . 20.92 7.82 34.66
F1 BEF Z . 19.71 7.46 33.79
F2 BEF Z . 22.13 8.27 33.81
F3 BEF Z . 21.24 6.69 35.66
MG MG AA . 18.01 8.58 33.59
PB ADP BA . -15.54 21.36 15.02
O1B ADP BA . -15.64 20.15 15.96
O2B ADP BA . -16.59 21.30 13.98
O3B ADP BA . -14.07 21.33 14.46
PA ADP BA . -16.61 23.16 16.96
O1A ADP BA . -17.11 21.88 17.63
O2A ADP BA . -17.70 23.95 16.34
O3A ADP BA . -15.60 22.72 15.82
O5' ADP BA . -15.67 23.94 17.94
C5' ADP BA . -15.47 23.45 19.27
C4' ADP BA . -16.40 24.17 20.19
O4' ADP BA . -15.62 24.95 21.12
C3' ADP BA . -17.36 25.15 19.52
O3' ADP BA . -18.59 24.52 19.21
C2' ADP BA . -17.50 26.22 20.59
O2' ADP BA . -18.41 25.83 21.60
C1' ADP BA . -16.06 26.30 21.08
N9 ADP BA . -15.15 27.02 20.22
C8 ADP BA . -14.16 26.48 19.43
N7 ADP BA . -13.48 27.37 18.75
C5 ADP BA . -14.06 28.58 19.11
C6 ADP BA . -13.79 29.90 18.74
N6 ADP BA . -12.83 30.24 17.86
N1 ADP BA . -14.54 30.87 19.28
C2 ADP BA . -15.51 30.54 20.14
N3 ADP BA . -15.86 29.32 20.57
C4 ADP BA . -15.08 28.37 20.02
BE BEF CA . -13.42 20.14 13.60
F1 BEF CA . -14.47 19.34 12.82
F2 BEF CA . -12.37 20.79 12.68
F3 BEF CA . -12.82 19.29 14.74
MG MG DA . -16.48 19.60 12.86
PB ADP EA . 17.51 -22.46 39.45
O1B ADP EA . 18.03 -22.77 40.84
O2B ADP EA . 18.25 -23.15 38.34
O3B ADP EA . 17.25 -20.99 39.21
PA ADP EA . 15.07 -23.00 40.69
O1A ADP EA . 15.57 -21.83 41.52
O2A ADP EA . 13.65 -23.02 40.20
O3A ADP EA . 16.04 -23.12 39.42
O5' ADP EA . 15.33 -24.37 41.49
C5' ADP EA . 16.20 -25.38 40.98
C4' ADP EA . 16.02 -26.66 41.79
O4' ADP EA . 16.69 -26.56 43.04
C3' ADP EA . 14.55 -26.97 42.07
O3' ADP EA . 14.19 -28.24 41.50
C2' ADP EA . 14.42 -27.00 43.57
O2' ADP EA . 13.72 -28.17 44.02
C1' ADP EA . 15.84 -26.98 44.12
N9 ADP EA . 15.95 -26.03 45.25
C8 ADP EA . 16.72 -24.92 45.27
N7 ADP EA . 16.60 -24.28 46.45
C5 ADP EA . 15.75 -24.99 47.22
C6 ADP EA . 15.19 -24.86 48.58
N6 ADP EA . 15.53 -23.82 49.38
N1 ADP EA . 14.33 -25.82 48.99
C2 ADP EA . 13.98 -26.86 48.21
N3 ADP EA . 14.46 -27.02 46.96
C4 ADP EA . 15.33 -26.14 46.42
PB ADP FA . -18.55 -6.10 29.68
O1B ADP FA . -17.29 -5.32 29.98
O2B ADP FA . -19.08 -5.91 28.28
O3B ADP FA . -18.52 -7.53 30.15
PA ADP FA . -19.43 -5.20 32.19
O1A ADP FA . -20.00 -3.85 32.56
O2A ADP FA . -17.98 -5.49 32.50
O3A ADP FA . -19.67 -5.39 30.60
O5' ADP FA . -20.36 -6.33 32.88
C5' ADP FA . -20.28 -7.70 32.52
C4' ADP FA . -20.84 -8.57 33.64
O4' ADP FA . -19.92 -8.57 34.75
C3' ADP FA . -22.19 -8.09 34.16
O3' ADP FA . -23.23 -8.99 33.78
C2' ADP FA . -22.05 -8.02 35.67
O2' ADP FA . -22.99 -8.88 36.31
C1' ADP FA . -20.62 -8.45 35.99
N9 ADP FA . -19.96 -7.42 36.84
C8 ADP FA . -19.01 -6.56 36.42
N7 ADP FA . -18.61 -5.75 37.44
C5 ADP FA . -19.32 -6.09 38.53
C6 ADP FA . -19.39 -5.63 39.93
N6 ADP FA . -18.61 -4.63 40.38
N1 ADP FA . -20.27 -6.26 40.74
C2 ADP FA . -21.06 -7.26 40.32
N3 ADP FA . -21.04 -7.72 39.06
C4 ADP FA . -20.21 -7.19 38.13
#